data_7FS8
#
_entry.id   7FS8
#
_cell.length_a   206.748
_cell.length_b   112.962
_cell.length_c   187.947
_cell.angle_alpha   90.000
_cell.angle_beta   92.360
_cell.angle_gamma   90.000
#
_symmetry.space_group_name_H-M   'C 1 2 1'
#
loop_
_entity.id
_entity.type
_entity.pdbx_description
1 polymer 'Pyruvate kinase PKLR'
2 non-polymer 1,6-di-O-phosphono-beta-D-fructofuranose
3 non-polymer 'OXALATE ION'
4 non-polymer 'MAGNESIUM ION'
5 non-polymer 'POTASSIUM ION'
6 non-polymer 4-[4-(3-aminobenzene-1-sulfonyl)piperazine-1-sulfonyl]benzene-1,2-diol
7 water water
#
_entity_poly.entity_id   1
_entity_poly.type   'polypeptide(L)'
_entity_poly.pdbx_seq_one_letter_code
;GSMEGPAGYLRRADVAQLTQELGTAFFQQQQLPAAMADTFLEHLCLLDIDSEPVAARSTSIIATIGPASRSVERLKEMIK
AGMNIARLNFSHGSHEYHAESIANVREAVESFAGSPLSYRPVAIALDTKGPGSGPGLSEQDVRDLRFGVEHGVDIVFASF
VRKASDVAAVRAALGPEGHGIKIISKIENHEGVKRFDEILEVSDGIMVARGDLGIEIPAEKVFLAQKMMIGRCNLAGKPV
VCATQMLESMITKPRPTRAETSDVANAVLDGADCIMLSGETAKGNFPVEAVKMQHAIAREAEAAVYHRQLFEELRRAAPL
SRDPTEVTAIGAVEAAFKCCAAAIIVLTTTGRSAQLLSRYRPRAAVIAVTRSAQAARQVHLCRGVFPLLYREPPEAIWAD
DVDRRVQFGIESGKLRGFLRVGDLVIVVTGWRPGSGYTNIMRVLSIS
;
_entity_poly.pdbx_strand_id   A,B,C,D,E,F,G,H
#
# COMPACT_ATOMS: atom_id res chain seq x y z
N ALA A 25 25.56 20.23 10.69
CA ALA A 25 25.11 21.61 10.53
C ALA A 25 25.89 22.32 9.44
N PHE A 26 27.19 22.05 9.34
CA PHE A 26 28.06 22.64 8.32
C PHE A 26 27.59 22.24 6.93
N PHE A 27 27.25 20.94 6.76
CA PHE A 27 26.83 20.41 5.48
C PHE A 27 25.38 20.72 5.09
N GLN A 28 24.63 21.42 5.95
CA GLN A 28 23.26 21.85 5.62
C GLN A 28 23.23 23.32 5.12
N GLN A 29 24.25 24.12 5.50
CA GLN A 29 24.39 25.52 5.09
C GLN A 29 24.99 25.63 3.67
N GLN A 30 25.01 26.87 3.12
CA GLN A 30 25.54 27.27 1.81
C GLN A 30 25.23 26.30 0.65
N GLN A 31 24.00 25.76 0.63
CA GLN A 31 23.49 24.82 -0.38
C GLN A 31 24.41 23.63 -0.61
N LEU A 32 25.05 23.12 0.47
CA LEU A 32 25.95 21.97 0.34
C LEU A 32 25.22 20.67 -0.06
N PRO A 33 23.97 20.38 0.39
CA PRO A 33 23.27 19.19 -0.15
C PRO A 33 23.08 19.29 -1.68
N ALA A 34 22.74 20.50 -2.19
CA ALA A 34 22.59 20.73 -3.63
C ALA A 34 23.93 20.68 -4.37
N ALA A 35 25.03 21.09 -3.69
CA ALA A 35 26.38 21.07 -4.27
C ALA A 35 26.92 19.65 -4.45
N MET A 36 26.46 18.69 -3.59
CA MET A 36 26.90 17.30 -3.66
C MET A 36 26.12 16.47 -4.73
N ALA A 37 25.09 17.04 -5.37
CA ALA A 37 24.28 16.32 -6.34
C ALA A 37 25.05 15.83 -7.57
N ASP A 38 24.63 14.68 -8.12
CA ASP A 38 25.31 14.04 -9.26
C ASP A 38 24.88 14.57 -10.64
N THR A 39 23.75 15.27 -10.70
CA THR A 39 23.26 15.88 -11.93
C THR A 39 22.81 17.31 -11.63
N PHE A 40 22.76 18.16 -12.66
CA PHE A 40 22.28 19.53 -12.49
C PHE A 40 20.79 19.52 -12.08
N LEU A 41 20.01 18.59 -12.63
CA LEU A 41 18.59 18.47 -12.32
C LEU A 41 18.40 18.17 -10.82
N GLU A 42 19.20 17.22 -10.26
CA GLU A 42 19.13 16.89 -8.84
C GLU A 42 19.62 18.06 -7.96
N HIS A 43 20.62 18.82 -8.45
CA HIS A 43 21.13 20.01 -7.80
C HIS A 43 20.00 21.03 -7.64
N LEU A 44 19.21 21.24 -8.72
CA LEU A 44 18.08 22.19 -8.66
C LEU A 44 17.06 21.73 -7.63
N CYS A 45 16.68 20.44 -7.66
CA CYS A 45 15.71 19.84 -6.75
C CYS A 45 16.11 19.97 -5.29
N LEU A 46 17.41 20.00 -5.00
CA LEU A 46 17.93 20.10 -3.65
C LEU A 46 18.18 21.52 -3.14
N LEU A 47 17.92 22.56 -3.95
CA LEU A 47 18.08 23.95 -3.49
C LEU A 47 17.10 24.20 -2.33
N ASP A 48 17.58 24.83 -1.25
CA ASP A 48 16.79 24.98 -0.04
C ASP A 48 16.78 26.43 0.40
N ILE A 49 15.58 27.01 0.54
CA ILE A 49 15.46 28.40 1.01
C ILE A 49 15.94 28.57 2.48
N ASP A 50 15.95 27.48 3.26
CA ASP A 50 16.40 27.48 4.64
C ASP A 50 17.91 27.25 4.80
N SER A 51 18.62 26.93 3.72
CA SER A 51 20.06 26.75 3.75
C SER A 51 20.70 28.15 3.64
N GLU A 52 21.20 28.69 4.77
CA GLU A 52 21.77 30.04 4.79
C GLU A 52 23.16 30.17 4.20
N PRO A 53 23.42 31.28 3.48
CA PRO A 53 24.77 31.50 2.94
C PRO A 53 25.76 31.80 4.07
N VAL A 54 26.93 31.19 4.02
CA VAL A 54 27.95 31.40 5.04
C VAL A 54 29.15 32.16 4.49
N ALA A 55 29.57 31.83 3.27
CA ALA A 55 30.70 32.49 2.63
C ALA A 55 30.49 33.97 2.35
N ALA A 56 31.60 34.74 2.28
CA ALA A 56 31.54 36.16 1.99
C ALA A 56 31.11 36.35 0.54
N ARG A 57 30.43 37.47 0.26
CA ARG A 57 29.95 37.77 -1.07
C ARG A 57 31.13 38.01 -2.04
N SER A 58 31.19 37.19 -3.11
CA SER A 58 32.25 37.14 -4.12
C SER A 58 32.08 38.04 -5.34
N THR A 59 30.85 38.35 -5.73
CA THR A 59 30.60 39.16 -6.92
C THR A 59 30.66 40.62 -6.54
N SER A 60 31.56 41.40 -7.14
CA SER A 60 31.68 42.82 -6.80
C SER A 60 30.52 43.66 -7.25
N ILE A 61 30.24 44.73 -6.49
CA ILE A 61 29.17 45.64 -6.81
C ILE A 61 29.78 46.95 -7.28
N ILE A 62 29.40 47.38 -8.49
CA ILE A 62 29.83 48.64 -9.04
C ILE A 62 28.65 49.59 -8.86
N ALA A 63 28.86 50.72 -8.16
CA ALA A 63 27.78 51.68 -7.97
C ALA A 63 28.11 52.97 -8.68
N THR A 64 27.15 53.52 -9.43
CA THR A 64 27.37 54.77 -10.15
C THR A 64 27.19 55.94 -9.18
N ILE A 65 28.18 56.84 -9.16
CA ILE A 65 28.15 58.01 -8.30
C ILE A 65 27.42 59.17 -9.00
N GLY A 66 26.48 59.78 -8.28
CA GLY A 66 25.69 60.90 -8.77
C GLY A 66 25.11 61.73 -7.64
N PRO A 67 24.13 62.60 -7.92
CA PRO A 67 23.53 63.42 -6.86
C PRO A 67 23.02 62.66 -5.64
N ALA A 68 22.49 61.45 -5.84
CA ALA A 68 21.97 60.64 -4.73
C ALA A 68 23.04 59.90 -3.92
N SER A 69 24.28 59.88 -4.39
CA SER A 69 25.34 59.13 -3.73
C SER A 69 26.67 59.90 -3.73
N ARG A 70 26.61 61.23 -3.61
CA ARG A 70 27.81 62.05 -3.68
C ARG A 70 28.41 62.47 -2.33
N SER A 71 27.59 62.61 -1.27
CA SER A 71 28.08 63.05 0.03
C SER A 71 28.99 62.02 0.70
N VAL A 72 29.98 62.48 1.48
CA VAL A 72 30.93 61.61 2.17
C VAL A 72 30.18 60.66 3.12
N GLU A 73 29.14 61.15 3.79
CA GLU A 73 28.35 60.36 4.73
C GLU A 73 27.54 59.26 4.00
N ARG A 74 26.97 59.59 2.83
CA ARG A 74 26.22 58.64 2.02
C ARG A 74 27.18 57.57 1.48
N LEU A 75 28.36 57.99 0.98
CA LEU A 75 29.39 57.10 0.46
C LEU A 75 29.92 56.13 1.52
N LYS A 76 30.02 56.56 2.78
CA LYS A 76 30.44 55.68 3.87
C LYS A 76 29.42 54.57 4.07
N GLU A 77 28.11 54.91 3.97
CA GLU A 77 27.02 53.96 4.10
C GLU A 77 27.02 52.96 2.96
N MET A 78 27.35 53.42 1.74
CA MET A 78 27.41 52.55 0.57
CA MET A 78 27.41 52.54 0.57
C MET A 78 28.59 51.58 0.64
N ILE A 79 29.71 52.02 1.25
CA ILE A 79 30.87 51.15 1.44
C ILE A 79 30.50 50.05 2.44
N LYS A 80 29.79 50.41 3.52
CA LYS A 80 29.35 49.43 4.51
C LYS A 80 28.29 48.46 3.92
N ALA A 81 27.44 48.94 3.00
CA ALA A 81 26.44 48.12 2.32
C ALA A 81 27.07 47.13 1.31
N GLY A 82 28.29 47.40 0.84
CA GLY A 82 28.98 46.49 -0.07
C GLY A 82 29.55 47.03 -1.36
N MET A 83 29.54 48.35 -1.58
CA MET A 83 30.09 48.92 -2.81
C MET A 83 31.60 48.67 -2.89
N ASN A 84 32.07 48.11 -4.02
CA ASN A 84 33.50 47.80 -4.22
C ASN A 84 34.15 48.68 -5.26
N ILE A 85 33.38 49.15 -6.24
CA ILE A 85 33.86 49.99 -7.32
C ILE A 85 32.89 51.15 -7.51
N ALA A 86 33.43 52.37 -7.56
CA ALA A 86 32.65 53.60 -7.75
C ALA A 86 32.77 54.00 -9.21
N ARG A 87 31.64 54.09 -9.91
CA ARG A 87 31.64 54.45 -11.33
C ARG A 87 31.30 55.92 -11.56
N LEU A 88 32.16 56.64 -12.27
CA LEU A 88 31.89 58.04 -12.62
C LEU A 88 31.45 58.07 -14.06
N ASN A 89 30.20 58.43 -14.32
CA ASN A 89 29.69 58.47 -15.68
C ASN A 89 30.04 59.81 -16.33
N PHE A 90 31.07 59.80 -17.19
CA PHE A 90 31.49 61.02 -17.88
C PHE A 90 30.55 61.47 -19.01
N SER A 91 29.41 60.80 -19.17
CA SER A 91 28.38 61.25 -20.12
C SER A 91 27.65 62.50 -19.55
N HIS A 92 27.72 62.73 -18.22
CA HIS A 92 27.10 63.86 -17.53
C HIS A 92 28.11 64.47 -16.55
N GLY A 93 27.97 65.76 -16.29
CA GLY A 93 28.84 66.47 -15.35
C GLY A 93 30.16 66.96 -15.90
N SER A 94 30.73 67.96 -15.23
CA SER A 94 31.99 68.57 -15.61
C SER A 94 33.19 67.85 -14.95
N HIS A 95 34.42 68.20 -15.36
CA HIS A 95 35.62 67.64 -14.74
C HIS A 95 35.68 68.05 -13.26
N GLU A 96 35.24 69.28 -12.92
CA GLU A 96 35.22 69.76 -11.55
C GLU A 96 34.25 68.93 -10.70
N TYR A 97 33.09 68.59 -11.28
CA TYR A 97 32.08 67.75 -10.62
C TYR A 97 32.65 66.36 -10.32
N HIS A 98 33.29 65.72 -11.31
CA HIS A 98 33.89 64.40 -11.14
C HIS A 98 35.08 64.39 -10.20
N ALA A 99 35.90 65.47 -10.18
CA ALA A 99 37.03 65.57 -9.25
C ALA A 99 36.53 65.62 -7.81
N GLU A 100 35.39 66.31 -7.58
CA GLU A 100 34.79 66.39 -6.25
C GLU A 100 34.24 65.01 -5.85
N SER A 101 33.63 64.28 -6.80
CA SER A 101 33.11 62.93 -6.56
C SER A 101 34.27 62.00 -6.14
N ILE A 102 35.42 62.07 -6.87
CA ILE A 102 36.62 61.28 -6.58
C ILE A 102 37.14 61.58 -5.17
N ALA A 103 37.22 62.87 -4.83
CA ALA A 103 37.71 63.31 -3.51
C ALA A 103 36.81 62.81 -2.38
N ASN A 104 35.48 62.82 -2.60
CA ASN A 104 34.51 62.36 -1.61
C ASN A 104 34.58 60.86 -1.42
N VAL A 105 34.80 60.10 -2.51
CA VAL A 105 34.95 58.66 -2.43
C VAL A 105 36.20 58.35 -1.63
N ARG A 106 37.33 58.97 -1.98
CA ARG A 106 38.59 58.75 -1.26
C ARG A 106 38.51 59.13 0.23
N GLU A 107 37.79 60.22 0.57
CA GLU A 107 37.62 60.62 1.95
C GLU A 107 36.82 59.57 2.72
N ALA A 108 35.70 59.09 2.13
CA ALA A 108 34.88 58.06 2.77
C ALA A 108 35.65 56.74 2.92
N VAL A 109 36.43 56.34 1.91
CA VAL A 109 37.24 55.11 1.96
C VAL A 109 38.29 55.19 3.05
N GLU A 110 39.02 56.33 3.12
CA GLU A 110 40.08 56.50 4.12
C GLU A 110 39.58 56.72 5.54
N SER A 111 38.29 56.98 5.74
CA SER A 111 37.73 57.12 7.09
C SER A 111 37.73 55.78 7.87
N PHE A 112 37.95 54.64 7.18
CA PHE A 112 38.03 53.31 7.79
C PHE A 112 39.48 52.78 7.87
N ALA A 113 40.48 53.56 7.37
CA ALA A 113 41.90 53.17 7.35
C ALA A 113 42.56 53.03 8.74
N GLY A 114 41.89 53.51 9.78
CA GLY A 114 42.37 53.40 11.16
C GLY A 114 42.44 51.97 11.66
N SER A 115 41.68 51.06 11.03
CA SER A 115 41.69 49.64 11.38
C SER A 115 42.17 48.86 10.13
N PRO A 116 43.50 48.67 10.00
CA PRO A 116 44.04 48.01 8.79
C PRO A 116 43.59 46.57 8.51
N LEU A 117 43.26 45.81 9.56
CA LEU A 117 42.79 44.43 9.36
C LEU A 117 41.35 44.38 8.82
N SER A 118 40.59 45.51 8.81
CA SER A 118 39.23 45.52 8.29
C SER A 118 38.98 46.54 7.14
N TYR A 119 40.00 47.38 6.81
CA TYR A 119 39.93 48.39 5.75
C TYR A 119 39.53 47.78 4.39
N ARG A 120 38.59 48.44 3.70
CA ARG A 120 38.14 47.97 2.40
C ARG A 120 38.52 48.91 1.27
N PRO A 121 39.42 48.47 0.36
CA PRO A 121 39.77 49.32 -0.79
C PRO A 121 38.58 49.49 -1.73
N VAL A 122 38.42 50.65 -2.38
CA VAL A 122 37.32 50.87 -3.33
C VAL A 122 37.93 51.39 -4.63
N ALA A 123 37.72 50.68 -5.74
CA ALA A 123 38.26 51.12 -7.03
C ALA A 123 37.47 52.28 -7.60
N ILE A 124 38.12 53.11 -8.40
CA ILE A 124 37.46 54.22 -9.07
C ILE A 124 37.50 53.98 -10.57
N ALA A 125 36.34 53.89 -11.19
CA ALA A 125 36.24 53.62 -12.61
C ALA A 125 35.67 54.81 -13.38
N LEU A 126 36.27 55.14 -14.50
CA LEU A 126 35.82 56.24 -15.34
C LEU A 126 35.06 55.65 -16.53
N ASP A 127 33.77 55.97 -16.66
CA ASP A 127 32.99 55.48 -17.79
C ASP A 127 32.96 56.61 -18.83
N THR A 128 33.54 56.39 -20.03
CA THR A 128 33.61 57.42 -21.05
C THR A 128 32.27 57.74 -21.71
N LYS A 129 32.16 58.96 -22.28
CA LYS A 129 30.97 59.44 -22.99
C LYS A 129 30.75 58.64 -24.28
N GLY A 130 31.83 58.34 -24.99
CA GLY A 130 31.74 57.56 -26.21
C GLY A 130 32.01 58.30 -27.51
N PRO A 131 32.06 57.55 -28.62
CA PRO A 131 32.32 58.18 -29.92
C PRO A 131 31.17 58.98 -30.51
N GLY A 132 29.94 58.66 -30.08
CA GLY A 132 28.73 59.30 -30.58
C GLY A 132 28.52 59.02 -32.05
N SER A 133 28.39 60.09 -32.85
CA SER A 133 28.23 59.98 -34.30
C SER A 133 29.55 59.63 -35.05
N GLY A 134 30.68 59.82 -34.38
CA GLY A 134 32.00 59.56 -34.95
C GLY A 134 32.37 58.10 -35.13
N GLY A 136 35.69 56.83 -34.40
CA GLY A 136 36.63 56.38 -33.38
C GLY A 136 36.61 57.24 -32.13
N LEU A 137 37.78 57.36 -31.47
CA LEU A 137 37.91 58.11 -30.22
C LEU A 137 37.62 59.60 -30.38
N SER A 138 36.63 60.10 -29.64
CA SER A 138 36.25 61.50 -29.69
C SER A 138 37.26 62.38 -28.95
N GLU A 139 37.23 63.70 -29.20
CA GLU A 139 38.15 64.63 -28.56
C GLU A 139 37.81 64.83 -27.08
N GLN A 140 36.53 64.73 -26.72
CA GLN A 140 36.12 64.80 -25.31
C GLN A 140 36.63 63.57 -24.55
N ASP A 141 36.60 62.39 -25.20
CA ASP A 141 37.12 61.17 -24.59
C ASP A 141 38.62 61.28 -24.32
N VAL A 142 39.39 61.91 -25.23
CA VAL A 142 40.82 62.10 -25.01
C VAL A 142 41.08 62.99 -23.78
N ARG A 143 40.28 64.05 -23.61
CA ARG A 143 40.41 64.95 -22.46
C ARG A 143 39.99 64.28 -21.16
N ASP A 144 38.92 63.47 -21.21
CA ASP A 144 38.41 62.74 -20.04
C ASP A 144 39.37 61.62 -19.62
N LEU A 145 39.96 60.92 -20.59
CA LEU A 145 40.95 59.88 -20.29
C LEU A 145 42.20 60.49 -19.67
N ARG A 146 42.61 61.68 -20.14
CA ARG A 146 43.74 62.38 -19.56
C ARG A 146 43.42 62.84 -18.13
N PHE A 147 42.16 63.24 -17.88
CA PHE A 147 41.68 63.61 -16.54
C PHE A 147 41.82 62.41 -15.61
N GLY A 148 41.43 61.22 -16.09
CA GLY A 148 41.48 59.98 -15.33
C GLY A 148 42.90 59.61 -14.92
N VAL A 149 43.85 59.76 -15.84
CA VAL A 149 45.25 59.47 -15.54
C VAL A 149 45.76 60.43 -14.48
N GLU A 150 45.45 61.73 -14.64
CA GLU A 150 45.86 62.78 -13.70
C GLU A 150 45.24 62.61 -12.33
N HIS A 151 44.04 62.04 -12.25
CA HIS A 151 43.37 61.82 -10.97
C HIS A 151 43.54 60.41 -10.39
N GLY A 152 44.36 59.57 -11.03
CA GLY A 152 44.67 58.23 -10.55
C GLY A 152 43.53 57.22 -10.55
N VAL A 153 42.68 57.23 -11.60
CA VAL A 153 41.61 56.23 -11.69
C VAL A 153 42.22 54.84 -11.93
N ASP A 154 41.50 53.80 -11.52
CA ASP A 154 42.01 52.43 -11.64
C ASP A 154 41.51 51.73 -12.88
N ILE A 155 40.28 52.03 -13.31
CA ILE A 155 39.64 51.36 -14.43
C ILE A 155 39.00 52.35 -15.40
N VAL A 156 38.95 51.98 -16.68
CA VAL A 156 38.23 52.75 -17.68
C VAL A 156 37.16 51.82 -18.27
N PHE A 157 35.90 52.24 -18.25
CA PHE A 157 34.82 51.51 -18.89
C PHE A 157 34.68 52.25 -20.22
N ALA A 158 35.29 51.71 -21.27
CA ALA A 158 35.30 52.34 -22.58
C ALA A 158 33.98 52.13 -23.34
N SER A 159 33.19 53.20 -23.52
CA SER A 159 31.92 53.13 -24.23
C SER A 159 32.03 52.81 -25.72
N PHE A 160 31.02 52.11 -26.24
CA PHE A 160 30.82 51.70 -27.62
C PHE A 160 32.07 51.15 -28.34
N VAL A 161 32.72 50.13 -27.77
CA VAL A 161 33.88 49.52 -28.43
C VAL A 161 33.35 48.63 -29.54
N ARG A 162 33.85 48.81 -30.77
CA ARG A 162 33.42 48.08 -31.97
C ARG A 162 34.48 47.20 -32.60
N LYS A 163 35.74 47.41 -32.27
CA LYS A 163 36.86 46.66 -32.84
C LYS A 163 38.10 46.81 -31.96
N ALA A 164 39.13 45.99 -32.20
CA ALA A 164 40.37 46.02 -31.42
C ALA A 164 41.09 47.37 -31.48
N SER A 165 41.00 48.08 -32.62
CA SER A 165 41.65 49.38 -32.78
C SER A 165 41.06 50.47 -31.87
N ASP A 166 39.79 50.31 -31.44
CA ASP A 166 39.15 51.25 -30.51
C ASP A 166 39.82 51.12 -29.12
N VAL A 167 40.16 49.88 -28.71
CA VAL A 167 40.84 49.62 -27.44
C VAL A 167 42.24 50.21 -27.47
N ALA A 168 42.94 50.04 -28.62
CA ALA A 168 44.30 50.59 -28.80
C ALA A 168 44.29 52.12 -28.74
N ALA A 169 43.22 52.75 -29.26
CA ALA A 169 43.07 54.21 -29.20
C ALA A 169 42.94 54.67 -27.74
N VAL A 170 42.14 53.95 -26.94
CA VAL A 170 41.96 54.27 -25.51
C VAL A 170 43.29 54.09 -24.77
N ARG A 171 44.02 53.02 -25.08
CA ARG A 171 45.31 52.75 -24.47
C ARG A 171 46.32 53.87 -24.78
N ALA A 172 46.32 54.36 -26.03
CA ALA A 172 47.21 55.44 -26.45
C ALA A 172 46.84 56.75 -25.74
N ALA A 173 45.54 57.04 -25.63
CA ALA A 173 45.07 58.26 -24.94
C ALA A 173 45.40 58.27 -23.43
N LEU A 174 45.60 57.08 -22.83
CA LEU A 174 45.99 56.99 -21.42
C LEU A 174 47.49 57.36 -21.22
N GLY A 175 48.28 57.27 -22.29
CA GLY A 175 49.69 57.63 -22.30
C GLY A 175 50.60 56.75 -21.47
N PRO A 176 51.86 57.19 -21.28
CA PRO A 176 52.81 56.38 -20.48
C PRO A 176 52.51 56.40 -18.98
N GLU A 177 51.91 57.49 -18.48
CA GLU A 177 51.57 57.60 -17.05
C GLU A 177 50.39 56.69 -16.64
N GLY A 178 49.59 56.25 -17.62
CA GLY A 178 48.44 55.38 -17.37
C GLY A 178 48.56 53.96 -17.92
N HIS A 179 49.75 53.35 -17.79
CA HIS A 179 50.01 51.99 -18.25
C HIS A 179 49.26 50.93 -17.40
N GLY A 180 49.13 51.22 -16.11
CA GLY A 180 48.51 50.31 -15.14
C GLY A 180 47.01 50.32 -15.05
N ILE A 181 46.35 51.23 -15.77
CA ILE A 181 44.89 51.33 -15.75
C ILE A 181 44.24 50.17 -16.55
N LYS A 182 43.20 49.52 -15.99
CA LYS A 182 42.52 48.43 -16.67
C LYS A 182 41.49 48.99 -17.65
N ILE A 183 41.45 48.44 -18.87
CA ILE A 183 40.47 48.87 -19.86
C ILE A 183 39.41 47.76 -19.98
N ILE A 184 38.18 48.06 -19.57
CA ILE A 184 37.05 47.15 -19.67
C ILE A 184 36.22 47.67 -20.84
N SER A 185 36.16 46.92 -21.95
CA SER A 185 35.43 47.35 -23.14
C SER A 185 33.93 47.12 -23.03
N LYS A 186 33.14 48.18 -23.26
CA LYS A 186 31.68 48.05 -23.23
C LYS A 186 31.18 47.61 -24.59
N ILE A 187 30.48 46.46 -24.65
CA ILE A 187 29.88 45.95 -25.88
C ILE A 187 28.45 46.44 -25.88
N GLU A 188 28.13 47.39 -26.80
CA GLU A 188 26.81 48.03 -26.83
C GLU A 188 26.10 47.96 -28.17
N ASN A 189 26.68 47.29 -29.18
CA ASN A 189 26.04 47.24 -30.49
C ASN A 189 26.34 45.93 -31.25
N HIS A 190 25.69 45.71 -32.40
CA HIS A 190 25.88 44.50 -33.18
C HIS A 190 27.34 44.27 -33.57
N GLU A 191 28.06 45.33 -33.96
CA GLU A 191 29.45 45.19 -34.38
C GLU A 191 30.36 44.73 -33.25
N GLY A 192 30.15 45.25 -32.05
CA GLY A 192 30.91 44.85 -30.88
C GLY A 192 30.70 43.38 -30.56
N VAL A 193 29.44 42.90 -30.70
CA VAL A 193 29.11 41.50 -30.48
C VAL A 193 29.80 40.62 -31.53
N LYS A 194 29.76 41.04 -32.81
CA LYS A 194 30.35 40.26 -33.89
C LYS A 194 31.87 40.24 -33.85
N ARG A 195 32.47 41.34 -33.42
CA ARG A 195 33.93 41.40 -33.31
C ARG A 195 34.43 41.13 -31.88
N PHE A 196 33.58 40.49 -31.03
CA PHE A 196 33.87 40.20 -29.63
C PHE A 196 35.24 39.57 -29.38
N ASP A 197 35.60 38.52 -30.12
CA ASP A 197 36.87 37.83 -29.90
C ASP A 197 38.08 38.72 -30.02
N GLU A 198 38.11 39.59 -31.03
CA GLU A 198 39.26 40.49 -31.21
C GLU A 198 39.31 41.57 -30.15
N ILE A 199 38.14 42.03 -29.67
CA ILE A 199 38.04 43.04 -28.62
C ILE A 199 38.49 42.45 -27.27
N LEU A 200 38.00 41.26 -26.92
CA LEU A 200 38.38 40.58 -25.67
C LEU A 200 39.87 40.30 -25.62
N GLU A 201 40.46 39.89 -26.75
CA GLU A 201 41.87 39.60 -26.83
C GLU A 201 42.76 40.77 -26.41
N VAL A 202 42.38 42.00 -26.77
CA VAL A 202 43.17 43.17 -26.42
C VAL A 202 42.67 43.95 -25.20
N SER A 203 41.51 43.59 -24.64
CA SER A 203 40.98 44.27 -23.46
C SER A 203 41.35 43.53 -22.18
N ASP A 204 41.24 44.20 -21.04
CA ASP A 204 41.47 43.57 -19.75
C ASP A 204 40.18 42.81 -19.28
N GLY A 205 39.02 43.21 -19.81
CA GLY A 205 37.72 42.65 -19.50
C GLY A 205 36.62 43.28 -20.33
N ILE A 206 35.37 42.88 -20.04
CA ILE A 206 34.22 43.32 -20.82
C ILE A 206 33.06 43.77 -19.95
N MET A 207 32.23 44.68 -20.47
CA MET A 207 31.00 45.05 -19.81
C MET A 207 29.87 44.77 -20.79
N VAL A 208 28.85 44.02 -20.35
CA VAL A 208 27.67 43.78 -21.16
C VAL A 208 26.78 44.97 -20.87
N ALA A 209 26.87 46.00 -21.70
CA ALA A 209 26.14 47.26 -21.55
C ALA A 209 24.76 47.09 -22.18
N ARG A 210 23.85 46.45 -21.44
CA ARG A 210 22.52 46.06 -21.91
C ARG A 210 21.58 47.21 -22.32
N GLY A 211 21.76 48.41 -21.78
CA GLY A 211 20.93 49.56 -22.15
C GLY A 211 21.00 49.88 -23.63
N ASP A 212 22.18 50.25 -24.13
CA ASP A 212 22.35 50.53 -25.55
C ASP A 212 22.23 49.26 -26.38
N LEU A 213 22.75 48.13 -25.88
CA LEU A 213 22.67 46.86 -26.59
C LEU A 213 21.21 46.47 -26.91
N GLY A 214 20.30 46.72 -25.99
CA GLY A 214 18.88 46.47 -26.16
C GLY A 214 18.16 47.39 -27.13
N ILE A 215 18.83 48.46 -27.55
CA ILE A 215 18.31 49.40 -28.54
C ILE A 215 18.96 49.10 -29.92
N GLU A 216 20.25 48.70 -29.92
CA GLU A 216 21.00 48.37 -31.12
C GLU A 216 20.61 47.02 -31.74
N ILE A 217 20.28 46.03 -30.89
CA ILE A 217 19.84 44.70 -31.32
C ILE A 217 18.43 44.45 -30.76
N PRO A 218 17.64 43.50 -31.28
CA PRO A 218 16.30 43.27 -30.72
C PRO A 218 16.37 42.95 -29.22
N ALA A 219 15.48 43.55 -28.42
CA ALA A 219 15.49 43.37 -26.97
C ALA A 219 15.48 41.89 -26.53
N GLU A 220 14.76 41.03 -27.26
CA GLU A 220 14.63 39.61 -26.97
C GLU A 220 15.90 38.79 -27.25
N LYS A 221 16.96 39.42 -27.79
CA LYS A 221 18.22 38.75 -28.08
C LYS A 221 19.35 39.17 -27.11
N VAL A 222 19.12 40.17 -26.23
CA VAL A 222 20.15 40.63 -25.32
C VAL A 222 20.64 39.52 -24.38
N PHE A 223 19.71 38.70 -23.85
CA PHE A 223 20.10 37.59 -22.97
C PHE A 223 21.09 36.61 -23.64
N LEU A 224 20.97 36.39 -24.97
CA LEU A 224 21.89 35.51 -25.70
C LEU A 224 23.28 36.13 -25.74
N ALA A 225 23.34 37.45 -26.00
CA ALA A 225 24.60 38.18 -26.06
C ALA A 225 25.28 38.18 -24.68
N GLN A 226 24.50 38.43 -23.62
CA GLN A 226 25.01 38.42 -22.25
C GLN A 226 25.62 37.04 -21.89
N LYS A 227 24.86 35.96 -22.10
CA LYS A 227 25.34 34.62 -21.78
C LYS A 227 26.56 34.22 -22.59
N MET A 228 26.60 34.60 -23.88
CA MET A 228 27.74 34.27 -24.74
C MET A 228 29.00 34.99 -24.26
N MET A 229 28.90 36.30 -23.99
CA MET A 229 30.05 37.09 -23.55
C MET A 229 30.55 36.66 -22.19
N ILE A 230 29.63 36.35 -21.26
CA ILE A 230 30.04 35.86 -19.94
C ILE A 230 30.80 34.53 -20.06
N GLY A 231 30.27 33.62 -20.87
CA GLY A 231 30.92 32.34 -21.11
C GLY A 231 32.31 32.48 -21.70
N ARG A 232 32.45 33.34 -22.72
CA ARG A 232 33.75 33.56 -23.35
C ARG A 232 34.76 34.23 -22.42
N CYS A 233 34.28 35.16 -21.55
CA CYS A 233 35.16 35.82 -20.58
C CYS A 233 35.60 34.83 -19.53
N ASN A 234 34.69 33.94 -19.09
CA ASN A 234 35.02 32.90 -18.11
C ASN A 234 36.07 31.95 -18.69
N LEU A 235 35.94 31.61 -19.97
CA LEU A 235 36.87 30.75 -20.68
CA LEU A 235 36.87 30.75 -20.70
C LEU A 235 38.24 31.44 -20.79
N ALA A 236 38.26 32.74 -21.12
CA ALA A 236 39.50 33.53 -21.23
C ALA A 236 40.14 33.89 -19.87
N GLY A 237 39.39 33.75 -18.77
CA GLY A 237 39.85 34.12 -17.45
C GLY A 237 39.95 35.62 -17.26
N LYS A 238 39.06 36.38 -17.95
CA LYS A 238 39.05 37.84 -17.88
C LYS A 238 37.75 38.36 -17.28
N PRO A 239 37.80 39.45 -16.47
CA PRO A 239 36.56 39.92 -15.83
C PRO A 239 35.43 40.35 -16.76
N VAL A 240 34.20 40.06 -16.36
CA VAL A 240 33.02 40.45 -17.13
C VAL A 240 32.00 41.09 -16.16
N VAL A 241 31.45 42.22 -16.57
CA VAL A 241 30.50 42.97 -15.76
C VAL A 241 29.11 42.87 -16.40
N CYS A 242 28.06 42.60 -15.60
CA CYS A 242 26.70 42.66 -16.13
C CYS A 242 26.15 44.01 -15.70
N ALA A 243 25.62 44.78 -16.65
CA ALA A 243 25.16 46.13 -16.36
C ALA A 243 23.78 46.46 -16.91
N THR A 244 23.14 47.48 -16.29
CA THR A 244 21.94 48.24 -16.65
C THR A 244 20.59 47.59 -16.38
N GLN A 245 19.75 48.35 -15.64
CA GLN A 245 18.37 48.07 -15.24
C GLN A 245 18.22 46.81 -14.38
N MET A 246 19.29 46.40 -13.68
CA MET A 246 19.24 45.22 -12.82
C MET A 246 18.22 45.37 -11.70
N LEU A 247 18.15 46.56 -11.07
CA LEU A 247 17.17 46.84 -10.01
C LEU A 247 16.47 48.18 -10.30
N GLU A 248 16.18 48.46 -11.58
CA GLU A 248 15.58 49.70 -12.07
C GLU A 248 14.46 50.29 -11.22
N SER A 249 13.46 49.49 -10.86
CA SER A 249 12.32 49.98 -10.07
C SER A 249 12.72 50.59 -8.71
N MET A 250 13.88 50.17 -8.18
CA MET A 250 14.36 50.71 -6.92
C MET A 250 14.84 52.19 -7.00
N ILE A 251 14.78 52.80 -8.22
CA ILE A 251 15.05 54.23 -8.37
C ILE A 251 13.95 55.02 -7.58
N THR A 252 12.70 54.53 -7.60
CA THR A 252 11.60 55.18 -6.90
C THR A 252 10.97 54.32 -5.78
N LYS A 253 11.12 52.97 -5.84
CA LYS A 253 10.50 52.08 -4.84
C LYS A 253 11.51 51.43 -3.89
N PRO A 254 11.15 51.19 -2.61
CA PRO A 254 12.12 50.59 -1.66
C PRO A 254 12.46 49.11 -1.86
N ARG A 255 11.64 48.40 -2.64
CA ARG A 255 11.84 46.99 -2.91
C ARG A 255 11.84 46.76 -4.42
N PRO A 256 12.65 45.80 -4.92
CA PRO A 256 12.63 45.53 -6.37
C PRO A 256 11.50 44.59 -6.79
N THR A 257 11.31 44.44 -8.10
CA THR A 257 10.31 43.52 -8.64
C THR A 257 10.87 42.08 -8.62
N ARG A 258 10.02 41.08 -8.85
CA ARG A 258 10.43 39.69 -8.92
C ARG A 258 11.36 39.41 -10.11
N ALA A 259 11.21 40.16 -11.21
CA ALA A 259 12.07 40.02 -12.36
C ALA A 259 13.46 40.56 -12.09
N GLU A 260 13.56 41.64 -11.30
CA GLU A 260 14.82 42.28 -10.96
C GLU A 260 15.70 41.43 -10.05
N THR A 261 15.12 40.82 -9.00
CA THR A 261 15.91 39.94 -8.13
C THR A 261 16.39 38.72 -8.93
N SER A 262 15.52 38.18 -9.80
CA SER A 262 15.83 37.05 -10.65
C SER A 262 17.00 37.42 -11.60
N ASP A 263 16.95 38.63 -12.19
CA ASP A 263 18.00 39.12 -13.08
C ASP A 263 19.37 39.17 -12.42
N VAL A 264 19.44 39.69 -11.18
CA VAL A 264 20.70 39.77 -10.45
C VAL A 264 21.22 38.37 -10.16
N ALA A 265 20.34 37.50 -9.69
CA ALA A 265 20.70 36.12 -9.36
C ALA A 265 21.23 35.38 -10.60
N ASN A 266 20.55 35.57 -11.74
CA ASN A 266 20.93 34.92 -12.99
C ASN A 266 22.21 35.46 -13.55
N ALA A 267 22.55 36.73 -13.34
CA ALA A 267 23.81 37.28 -13.83
C ALA A 267 24.97 36.60 -13.07
N VAL A 268 24.80 36.39 -11.75
CA VAL A 268 25.79 35.68 -10.94
C VAL A 268 25.87 34.22 -11.39
N LEU A 269 24.72 33.55 -11.57
CA LEU A 269 24.70 32.15 -12.04
C LEU A 269 25.27 31.98 -13.46
N ASP A 270 25.16 32.99 -14.32
CA ASP A 270 25.74 32.98 -15.68
C ASP A 270 27.27 32.98 -15.59
N GLY A 271 27.83 33.63 -14.58
CA GLY A 271 29.26 33.67 -14.37
C GLY A 271 29.86 35.06 -14.33
N ALA A 272 29.02 36.11 -14.16
CA ALA A 272 29.52 37.50 -14.08
C ALA A 272 30.43 37.73 -12.88
N ASP A 273 31.53 38.43 -13.11
CA ASP A 273 32.45 38.80 -12.03
C ASP A 273 31.89 39.98 -11.22
N CYS A 274 31.24 40.93 -11.91
CA CYS A 274 30.69 42.13 -11.29
C CYS A 274 29.27 42.36 -11.73
N ILE A 275 28.51 43.02 -10.86
CA ILE A 275 27.15 43.46 -11.14
C ILE A 275 27.13 44.97 -10.91
N MET A 276 26.31 45.69 -11.67
CA MET A 276 26.31 47.14 -11.62
C MET A 276 24.97 47.78 -11.31
N LEU A 277 25.02 48.95 -10.68
CA LEU A 277 23.87 49.80 -10.42
C LEU A 277 24.14 51.13 -11.12
N SER A 278 23.18 51.64 -11.90
CA SER A 278 23.36 52.91 -12.60
C SER A 278 22.50 54.02 -11.96
N GLY A 279 21.30 54.29 -12.49
CA GLY A 279 20.36 55.26 -11.94
C GLY A 279 19.93 54.92 -10.52
N GLU A 280 19.92 53.61 -10.17
CA GLU A 280 19.53 53.10 -8.86
C GLU A 280 20.36 53.75 -7.74
N THR A 281 21.64 54.04 -8.02
CA THR A 281 22.52 54.68 -7.03
C THR A 281 22.84 56.14 -7.40
N ALA A 282 22.96 56.44 -8.70
CA ALA A 282 23.30 57.78 -9.14
C ALA A 282 22.22 58.82 -8.88
N LYS A 283 20.94 58.48 -9.10
CA LYS A 283 19.85 59.45 -8.93
C LYS A 283 18.62 58.96 -8.17
N GLY A 284 18.60 57.70 -7.78
CA GLY A 284 17.44 57.13 -7.10
C GLY A 284 17.26 57.52 -5.66
N ASN A 285 16.08 57.20 -5.12
CA ASN A 285 15.72 57.49 -3.73
C ASN A 285 16.28 56.46 -2.74
N PHE A 286 16.75 55.29 -3.23
CA PHE A 286 17.24 54.24 -2.33
C PHE A 286 18.62 53.69 -2.74
N PRO A 287 19.66 54.56 -2.84
CA PRO A 287 20.98 54.05 -3.27
C PRO A 287 21.62 53.02 -2.35
N VAL A 288 21.52 53.21 -1.03
CA VAL A 288 22.09 52.27 -0.08
C VAL A 288 21.32 50.94 -0.11
N GLU A 289 19.98 51.01 -0.21
CA GLU A 289 19.11 49.85 -0.26
C GLU A 289 19.36 49.01 -1.53
N ALA A 290 19.69 49.67 -2.65
CA ALA A 290 19.99 48.99 -3.92
C ALA A 290 21.26 48.19 -3.76
N VAL A 291 22.29 48.77 -3.12
CA VAL A 291 23.56 48.08 -2.87
C VAL A 291 23.32 46.87 -1.94
N LYS A 292 22.55 47.08 -0.87
CA LYS A 292 22.22 46.02 0.09
C LYS A 292 21.49 44.86 -0.59
N MET A 293 20.58 45.17 -1.52
CA MET A 293 19.80 44.17 -2.24
C MET A 293 20.71 43.35 -3.17
N GLN A 294 21.60 44.00 -3.93
CA GLN A 294 22.54 43.29 -4.78
C GLN A 294 23.46 42.40 -3.95
N HIS A 295 23.89 42.88 -2.77
CA HIS A 295 24.73 42.13 -1.87
C HIS A 295 23.99 40.85 -1.42
N ALA A 296 22.74 40.99 -0.97
CA ALA A 296 21.95 39.87 -0.47
C ALA A 296 21.68 38.81 -1.54
N ILE A 297 21.31 39.25 -2.77
CA ILE A 297 21.03 38.33 -3.87
C ILE A 297 22.28 37.58 -4.30
N ALA A 298 23.39 38.31 -4.51
CA ALA A 298 24.66 37.71 -4.92
C ALA A 298 25.14 36.64 -3.97
N ARG A 299 25.05 36.86 -2.65
CA ARG A 299 25.44 35.83 -1.67
C ARG A 299 24.60 34.56 -1.82
N GLU A 300 23.28 34.71 -2.03
CA GLU A 300 22.39 33.58 -2.20
C GLU A 300 22.71 32.83 -3.49
N ALA A 301 22.94 33.57 -4.60
CA ALA A 301 23.24 32.98 -5.90
C ALA A 301 24.59 32.30 -5.93
N GLU A 302 25.59 32.86 -5.25
CA GLU A 302 26.92 32.23 -5.19
C GLU A 302 26.89 30.87 -4.47
N ALA A 303 26.06 30.73 -3.43
CA ALA A 303 25.95 29.45 -2.72
C ALA A 303 25.23 28.40 -3.59
N ALA A 304 24.36 28.84 -4.52
CA ALA A 304 23.62 27.97 -5.42
C ALA A 304 24.42 27.56 -6.68
N VAL A 305 25.66 28.01 -6.83
CA VAL A 305 26.49 27.66 -7.98
C VAL A 305 26.82 26.14 -7.94
N TYR A 306 26.68 25.46 -9.08
CA TYR A 306 26.94 24.03 -9.16
C TYR A 306 28.43 23.82 -9.47
N HIS A 307 29.29 24.01 -8.45
CA HIS A 307 30.74 23.88 -8.58
C HIS A 307 31.21 22.57 -9.17
N ARG A 308 30.48 21.48 -8.91
CA ARG A 308 30.87 20.17 -9.40
C ARG A 308 31.05 20.15 -10.94
N GLN A 309 30.05 20.68 -11.68
CA GLN A 309 30.18 20.74 -13.12
C GLN A 309 31.00 21.95 -13.58
N LEU A 310 30.79 23.10 -12.93
CA LEU A 310 31.51 24.33 -13.27
C LEU A 310 33.03 24.15 -13.23
N PHE A 311 33.58 23.63 -12.12
CA PHE A 311 35.02 23.44 -11.99
C PHE A 311 35.51 22.44 -13.00
N GLU A 312 34.78 21.34 -13.20
CA GLU A 312 35.19 20.33 -14.18
C GLU A 312 35.30 20.92 -15.59
N GLU A 313 34.32 21.75 -15.99
CA GLU A 313 34.31 22.37 -17.29
C GLU A 313 35.38 23.45 -17.43
N LEU A 314 35.62 24.26 -16.37
CA LEU A 314 36.66 25.28 -16.42
C LEU A 314 38.02 24.61 -16.51
N ARG A 315 38.22 23.54 -15.74
CA ARG A 315 39.42 22.74 -15.74
C ARG A 315 39.68 22.13 -17.14
N ARG A 316 38.65 21.50 -17.75
CA ARG A 316 38.75 20.85 -19.06
C ARG A 316 38.98 21.84 -20.20
N ALA A 317 38.32 23.01 -20.13
CA ALA A 317 38.41 24.03 -21.17
C ALA A 317 39.69 24.83 -21.12
N ALA A 318 40.30 24.97 -19.94
CA ALA A 318 41.53 25.74 -19.81
C ALA A 318 42.64 24.99 -20.46
N PRO A 319 43.43 25.65 -21.32
CA PRO A 319 44.50 24.94 -22.00
C PRO A 319 45.63 24.51 -21.10
N LEU A 320 46.43 23.55 -21.56
CA LEU A 320 47.62 23.12 -20.83
C LEU A 320 48.60 24.31 -20.79
N SER A 321 49.39 24.39 -19.72
CA SER A 321 50.27 25.53 -19.59
C SER A 321 51.57 25.19 -18.99
N ARG A 322 52.63 25.87 -19.43
CA ARG A 322 53.95 25.70 -18.82
CA ARG A 322 53.95 25.70 -18.84
C ARG A 322 54.33 26.90 -17.94
N ASP A 323 53.36 27.79 -17.63
CA ASP A 323 53.56 28.94 -16.78
C ASP A 323 53.35 28.47 -15.34
N PRO A 324 54.37 28.60 -14.47
CA PRO A 324 54.24 28.12 -13.08
C PRO A 324 53.10 28.77 -12.29
N THR A 325 52.72 30.01 -12.59
CA THR A 325 51.62 30.67 -11.87
C THR A 325 50.31 29.96 -12.20
N GLU A 326 50.12 29.67 -13.51
CA GLU A 326 48.95 28.97 -14.06
C GLU A 326 48.87 27.54 -13.47
N VAL A 327 50.00 26.84 -13.42
CA VAL A 327 50.10 25.49 -12.88
C VAL A 327 49.84 25.48 -11.37
N THR A 328 50.36 26.45 -10.63
CA THR A 328 50.17 26.51 -9.18
C THR A 328 48.73 26.84 -8.86
N ALA A 329 48.09 27.73 -9.66
CA ALA A 329 46.70 28.13 -9.47
C ALA A 329 45.72 26.95 -9.52
N ILE A 330 45.88 26.05 -10.54
CA ILE A 330 45.00 24.90 -10.66
C ILE A 330 45.27 23.90 -9.53
N GLY A 331 46.53 23.72 -9.16
CA GLY A 331 46.89 22.83 -8.04
C GLY A 331 46.28 23.32 -6.75
N ALA A 332 46.31 24.64 -6.51
CA ALA A 332 45.78 25.24 -5.30
C ALA A 332 44.25 25.17 -5.25
N VAL A 333 43.56 25.40 -6.37
CA VAL A 333 42.08 25.32 -6.38
C VAL A 333 41.64 23.87 -6.19
N GLU A 334 42.35 22.93 -6.81
CA GLU A 334 42.07 21.51 -6.64
C GLU A 334 42.24 21.10 -5.17
N ALA A 335 43.34 21.56 -4.53
CA ALA A 335 43.63 21.27 -3.11
C ALA A 335 42.59 21.90 -2.19
N ALA A 336 42.15 23.13 -2.49
CA ALA A 336 41.13 23.81 -1.70
C ALA A 336 39.81 23.03 -1.72
N PHE A 337 39.41 22.48 -2.88
CA PHE A 337 38.18 21.68 -2.96
C PHE A 337 38.32 20.34 -2.19
N LYS A 338 39.50 19.73 -2.22
CA LYS A 338 39.77 18.46 -1.54
C LYS A 338 39.60 18.53 -0.01
N CYS A 339 39.98 19.66 0.61
CA CYS A 339 39.88 19.80 2.06
C CYS A 339 38.78 20.77 2.52
N CYS A 340 37.95 21.31 1.60
CA CYS A 340 36.95 22.33 1.94
C CYS A 340 37.62 23.51 2.63
N ALA A 341 38.76 23.96 2.05
CA ALA A 341 39.54 25.07 2.59
C ALA A 341 38.68 26.31 2.73
N ALA A 342 38.81 27.00 3.86
CA ALA A 342 38.05 28.22 4.10
C ALA A 342 38.52 29.35 3.16
N ALA A 343 39.82 29.35 2.81
CA ALA A 343 40.38 30.39 1.97
C ALA A 343 41.67 29.94 1.27
N ILE A 344 42.06 30.67 0.23
CA ILE A 344 43.32 30.53 -0.47
C ILE A 344 43.96 31.91 -0.26
N ILE A 345 45.07 31.96 0.44
CA ILE A 345 45.76 33.22 0.70
C ILE A 345 46.87 33.32 -0.32
N VAL A 346 46.85 34.38 -1.13
CA VAL A 346 47.84 34.54 -2.18
C VAL A 346 48.57 35.86 -2.06
N LEU A 347 49.89 35.84 -2.28
CA LEU A 347 50.69 37.07 -2.24
C LEU A 347 50.79 37.52 -3.69
N THR A 348 50.35 38.73 -3.98
CA THR A 348 50.37 39.23 -5.35
C THR A 348 50.87 40.69 -5.44
N THR A 349 51.64 40.99 -6.50
CA THR A 349 52.15 42.35 -6.71
C THR A 349 51.17 43.10 -7.62
N THR A 350 50.84 42.53 -8.79
CA THR A 350 49.96 43.11 -9.82
C THR A 350 48.50 42.64 -9.75
N GLY A 351 48.23 41.61 -8.95
CA GLY A 351 46.90 40.99 -8.87
C GLY A 351 46.78 39.73 -9.73
N ARG A 352 47.73 39.49 -10.66
CA ARG A 352 47.69 38.36 -11.59
C ARG A 352 47.54 36.99 -10.93
N SER A 353 48.32 36.68 -9.88
CA SER A 353 48.22 35.38 -9.23
C SER A 353 46.82 35.15 -8.63
N ALA A 354 46.17 36.22 -8.14
CA ALA A 354 44.82 36.10 -7.60
C ALA A 354 43.80 35.92 -8.77
N GLN A 355 44.03 36.59 -9.90
CA GLN A 355 43.18 36.45 -11.08
C GLN A 355 43.18 35.00 -11.61
N LEU A 356 44.36 34.36 -11.66
CA LEU A 356 44.49 32.99 -12.14
C LEU A 356 43.85 31.97 -11.19
N LEU A 357 43.73 32.31 -9.89
CA LEU A 357 43.03 31.45 -8.94
C LEU A 357 41.50 31.62 -9.19
N SER A 358 41.06 32.88 -9.32
CA SER A 358 39.68 33.31 -9.56
C SER A 358 39.03 32.67 -10.80
N ARG A 359 39.81 32.46 -11.85
CA ARG A 359 39.29 31.89 -13.10
C ARG A 359 38.74 30.46 -12.93
N TYR A 360 39.18 29.74 -11.89
CA TYR A 360 38.68 28.38 -11.64
C TYR A 360 37.48 28.34 -10.70
N ARG A 361 36.96 29.50 -10.29
CA ARG A 361 35.79 29.67 -9.44
C ARG A 361 35.81 28.79 -8.19
N PRO A 362 36.87 28.92 -7.35
CA PRO A 362 36.88 28.12 -6.12
C PRO A 362 35.75 28.54 -5.18
N ARG A 363 35.26 27.61 -4.35
CA ARG A 363 34.29 27.96 -3.31
C ARG A 363 35.05 28.72 -2.17
N ALA A 364 36.36 28.42 -1.97
CA ALA A 364 37.21 29.08 -1.01
C ALA A 364 37.47 30.53 -1.43
N ALA A 365 37.39 31.47 -0.47
CA ALA A 365 37.65 32.87 -0.75
C ALA A 365 39.13 33.04 -1.12
N VAL A 366 39.41 33.91 -2.10
CA VAL A 366 40.80 34.19 -2.47
C VAL A 366 41.22 35.48 -1.78
N ILE A 367 41.97 35.35 -0.68
CA ILE A 367 42.44 36.50 0.08
C ILE A 367 43.78 36.94 -0.52
N ALA A 368 43.77 38.07 -1.23
CA ALA A 368 44.96 38.56 -1.91
C ALA A 368 45.67 39.62 -1.08
N VAL A 369 46.87 39.29 -0.55
CA VAL A 369 47.66 40.23 0.24
C VAL A 369 48.65 40.98 -0.69
N THR A 370 48.45 42.29 -0.85
CA THR A 370 49.31 43.08 -1.73
C THR A 370 49.77 44.38 -1.06
N ARG A 371 50.95 44.85 -1.46
CA ARG A 371 51.45 46.16 -1.05
C ARG A 371 50.88 47.24 -2.01
N SER A 372 50.57 46.89 -3.28
CA SER A 372 50.08 47.83 -4.27
C SER A 372 48.64 48.25 -4.01
N ALA A 373 48.43 49.53 -3.69
CA ALA A 373 47.10 50.07 -3.47
C ALA A 373 46.25 50.00 -4.75
N GLN A 374 46.88 50.22 -5.92
CA GLN A 374 46.17 50.13 -7.17
C GLN A 374 45.73 48.69 -7.46
N ALA A 375 46.62 47.69 -7.25
CA ALA A 375 46.27 46.29 -7.46
C ALA A 375 45.15 45.88 -6.51
N ALA A 376 45.21 46.32 -5.25
CA ALA A 376 44.16 46.03 -4.26
C ALA A 376 42.80 46.55 -4.73
N ARG A 377 42.76 47.72 -5.36
CA ARG A 377 41.52 48.28 -5.87
C ARG A 377 41.05 47.53 -7.13
N GLN A 378 41.98 47.26 -8.06
CA GLN A 378 41.64 46.61 -9.31
C GLN A 378 41.21 45.13 -9.20
N VAL A 379 41.69 44.37 -8.20
CA VAL A 379 41.29 42.97 -8.09
C VAL A 379 39.82 42.77 -7.67
N HIS A 380 39.08 43.86 -7.42
CA HIS A 380 37.64 43.78 -7.21
C HIS A 380 36.96 43.36 -8.56
N LEU A 381 37.65 43.50 -9.70
CA LEU A 381 37.12 43.08 -10.99
C LEU A 381 36.99 41.54 -11.07
N CYS A 382 37.79 40.79 -10.28
CA CYS A 382 37.79 39.32 -10.29
C CYS A 382 36.95 38.74 -9.19
N ARG A 383 35.97 37.90 -9.57
CA ARG A 383 35.09 37.28 -8.59
C ARG A 383 35.81 36.41 -7.54
N GLY A 384 35.44 36.61 -6.29
CA GLY A 384 35.99 35.83 -5.18
C GLY A 384 37.34 36.27 -4.67
N VAL A 385 37.84 37.43 -5.13
CA VAL A 385 39.11 37.96 -4.66
C VAL A 385 38.83 39.07 -3.66
N PHE A 386 39.34 38.90 -2.44
CA PHE A 386 39.18 39.82 -1.32
C PHE A 386 40.56 40.46 -1.10
N PRO A 387 40.73 41.70 -1.57
CA PRO A 387 42.04 42.35 -1.42
C PRO A 387 42.34 42.89 -0.02
N LEU A 388 43.57 42.66 0.45
CA LEU A 388 44.05 43.19 1.71
C LEU A 388 45.27 44.03 1.42
N LEU A 389 45.21 45.33 1.76
CA LEU A 389 46.35 46.21 1.51
C LEU A 389 47.29 46.13 2.69
N TYR A 390 48.50 45.57 2.46
CA TYR A 390 49.52 45.35 3.47
C TYR A 390 50.26 46.66 3.80
N ARG A 391 50.00 47.18 5.01
CA ARG A 391 50.63 48.40 5.49
C ARG A 391 51.40 48.18 6.79
N GLU A 392 51.89 46.95 7.03
CA GLU A 392 52.64 46.66 8.23
CA GLU A 392 52.66 46.61 8.21
C GLU A 392 54.15 46.79 7.93
N PRO A 393 54.99 47.04 8.96
CA PRO A 393 56.45 47.20 8.72
C PRO A 393 57.13 46.03 8.00
N PRO A 394 58.18 46.29 7.20
CA PRO A 394 58.89 45.19 6.52
C PRO A 394 59.76 44.32 7.42
N GLU A 395 60.03 43.11 6.97
CA GLU A 395 60.96 42.22 7.66
C GLU A 395 62.28 42.26 6.86
N ALA A 396 63.40 42.20 7.56
CA ALA A 396 64.72 42.27 6.93
C ALA A 396 64.98 41.01 6.06
N ILE A 397 64.59 39.84 6.56
CA ILE A 397 64.74 38.56 5.86
C ILE A 397 63.50 38.32 4.99
N TRP A 398 63.70 38.12 3.67
CA TRP A 398 62.59 37.94 2.72
C TRP A 398 61.61 36.83 3.09
N ALA A 399 62.09 35.66 3.47
CA ALA A 399 61.23 34.55 3.88
C ALA A 399 60.35 34.92 5.10
N ASP A 400 60.87 35.75 6.01
CA ASP A 400 60.10 36.21 7.18
C ASP A 400 59.07 37.25 6.74
N ASP A 401 59.43 38.09 5.77
CA ASP A 401 58.51 39.10 5.27
C ASP A 401 57.28 38.42 4.61
N VAL A 402 57.56 37.34 3.82
CA VAL A 402 56.57 36.53 3.15
C VAL A 402 55.64 35.91 4.19
N ASP A 403 56.22 35.23 5.23
CA ASP A 403 55.47 34.59 6.31
CA ASP A 403 55.43 34.60 6.29
C ASP A 403 54.58 35.60 7.03
N ARG A 404 55.10 36.83 7.22
CA ARG A 404 54.33 37.87 7.89
C ARG A 404 53.09 38.28 7.08
N ARG A 405 53.22 38.34 5.74
CA ARG A 405 52.07 38.66 4.89
C ARG A 405 51.01 37.54 4.91
N VAL A 406 51.45 36.30 5.06
CA VAL A 406 50.54 35.15 5.19
C VAL A 406 49.81 35.28 6.53
N GLN A 407 50.54 35.65 7.61
CA GLN A 407 49.93 35.89 8.93
C GLN A 407 48.99 37.08 8.90
N PHE A 408 49.28 38.09 8.11
CA PHE A 408 48.40 39.25 7.97
C PHE A 408 47.05 38.81 7.36
N GLY A 409 47.14 37.94 6.34
CA GLY A 409 45.96 37.41 5.65
C GLY A 409 45.14 36.56 6.59
N ILE A 410 45.82 35.75 7.43
CA ILE A 410 45.14 34.88 8.40
C ILE A 410 44.45 35.72 9.49
N GLU A 411 45.12 36.76 10.01
CA GLU A 411 44.55 37.63 11.03
C GLU A 411 43.38 38.46 10.51
N SER A 412 43.48 38.99 9.27
CA SER A 412 42.35 39.73 8.70
C SER A 412 41.19 38.78 8.42
N GLY A 413 41.49 37.57 7.98
CA GLY A 413 40.49 36.55 7.70
C GLY A 413 39.75 36.15 8.96
N LYS A 414 40.46 36.00 10.09
CA LYS A 414 39.85 35.66 11.37
C LYS A 414 38.95 36.80 11.86
N LEU A 415 39.47 38.04 11.79
CA LEU A 415 38.73 39.23 12.20
C LEU A 415 37.44 39.42 11.38
N ARG A 416 37.50 39.17 10.06
CA ARG A 416 36.36 39.38 9.18
C ARG A 416 35.39 38.20 9.09
N GLY A 417 35.69 37.08 9.75
CA GLY A 417 34.81 35.92 9.74
C GLY A 417 35.08 34.87 8.69
N PHE A 418 36.09 35.08 7.83
CA PHE A 418 36.44 34.11 6.80
C PHE A 418 37.03 32.83 7.39
N LEU A 419 37.79 32.97 8.49
CA LEU A 419 38.52 31.84 9.07
C LEU A 419 38.29 31.68 10.55
N ARG A 420 38.44 30.45 11.03
CA ARG A 420 38.39 30.10 12.45
C ARG A 420 39.54 29.13 12.74
N VAL A 421 39.91 28.98 14.02
CA VAL A 421 40.94 28.04 14.44
C VAL A 421 40.50 26.62 14.07
N GLY A 422 41.40 25.85 13.46
CA GLY A 422 41.06 24.51 13.02
C GLY A 422 40.79 24.41 11.54
N ASP A 423 40.50 25.55 10.86
CA ASP A 423 40.25 25.56 9.41
C ASP A 423 41.54 25.24 8.63
N LEU A 424 41.40 24.78 7.40
CA LEU A 424 42.55 24.57 6.52
C LEU A 424 42.55 25.70 5.47
N VAL A 425 43.73 26.21 5.15
CA VAL A 425 43.90 27.22 4.12
C VAL A 425 44.98 26.79 3.17
N ILE A 426 44.90 27.30 1.94
CA ILE A 426 45.92 27.03 0.95
C ILE A 426 46.68 28.33 0.81
N VAL A 427 48.01 28.30 0.87
CA VAL A 427 48.80 29.52 0.76
C VAL A 427 49.61 29.48 -0.53
N VAL A 428 49.47 30.51 -1.34
CA VAL A 428 50.14 30.57 -2.64
C VAL A 428 51.18 31.69 -2.64
N THR A 429 52.47 31.33 -2.76
CA THR A 429 53.59 32.25 -2.75
C THR A 429 54.59 31.93 -3.92
N GLY A 430 55.68 32.68 -4.01
CA GLY A 430 56.72 32.52 -5.02
C GLY A 430 58.07 32.19 -4.42
N TRP A 431 59.03 31.90 -5.29
CA TRP A 431 60.37 31.52 -4.84
C TRP A 431 61.35 32.73 -4.71
N ARG A 432 61.03 33.86 -5.34
CA ARG A 432 61.84 35.06 -5.30
C ARG A 432 60.93 36.30 -5.44
N PRO A 433 61.34 37.49 -4.95
CA PRO A 433 60.45 38.66 -5.01
C PRO A 433 60.24 39.23 -6.42
N GLY A 434 59.21 40.05 -6.55
CA GLY A 434 58.84 40.63 -7.84
C GLY A 434 57.74 39.81 -8.47
N SER A 435 56.90 40.44 -9.30
CA SER A 435 55.80 39.76 -9.97
C SER A 435 56.27 38.69 -11.00
N GLY A 436 55.43 37.67 -11.23
CA GLY A 436 55.68 36.62 -12.21
C GLY A 436 56.40 35.38 -11.73
N TYR A 437 56.57 35.20 -10.40
CA TYR A 437 57.30 34.03 -9.89
C TYR A 437 56.51 33.11 -8.97
N THR A 438 55.17 33.21 -8.91
CA THR A 438 54.37 32.31 -8.05
C THR A 438 54.58 30.86 -8.50
N ASN A 439 54.95 29.98 -7.58
CA ASN A 439 55.23 28.58 -7.92
C ASN A 439 55.05 27.62 -6.70
N ILE A 440 54.52 28.14 -5.56
CA ILE A 440 54.40 27.34 -4.36
C ILE A 440 52.99 27.34 -3.81
N MET A 441 52.54 26.17 -3.37
CA MET A 441 51.25 26.01 -2.73
CA MET A 441 51.23 25.94 -2.78
C MET A 441 51.45 25.22 -1.44
N ARG A 442 50.92 25.74 -0.32
CA ARG A 442 51.11 25.10 0.98
C ARG A 442 49.78 24.84 1.65
N VAL A 443 49.67 23.71 2.34
CA VAL A 443 48.45 23.41 3.09
C VAL A 443 48.74 23.78 4.54
N LEU A 444 47.98 24.73 5.08
CA LEU A 444 48.21 25.26 6.42
C LEU A 444 46.98 25.11 7.30
N SER A 445 47.20 24.72 8.56
CA SER A 445 46.12 24.61 9.53
C SER A 445 46.06 25.92 10.32
N ILE A 446 44.88 26.50 10.49
CA ILE A 446 44.72 27.75 11.22
C ILE A 446 44.86 27.55 12.72
N SER A 447 45.84 28.29 13.27
CA SER A 447 46.31 28.33 14.65
C SER A 447 46.93 26.99 15.03
N ARG B 12 41.06 21.14 -29.18
CA ARG B 12 42.24 21.66 -29.88
C ARG B 12 42.77 22.96 -29.26
N ALA B 13 41.87 23.88 -28.84
CA ALA B 13 42.29 25.13 -28.19
C ALA B 13 42.88 24.87 -26.79
N ASP B 14 42.47 23.78 -26.12
CA ASP B 14 43.00 23.39 -24.81
C ASP B 14 44.41 22.74 -24.89
N VAL B 15 44.96 22.56 -26.09
CA VAL B 15 46.31 22.02 -26.29
C VAL B 15 47.11 22.82 -27.33
N ALA B 16 46.50 23.84 -28.00
CA ALA B 16 47.13 24.61 -29.08
C ALA B 16 48.48 25.26 -28.71
N GLN B 17 48.54 26.07 -27.62
CA GLN B 17 49.80 26.72 -27.26
C GLN B 17 50.84 25.71 -26.81
N LEU B 18 50.43 24.64 -26.11
CA LEU B 18 51.38 23.60 -25.71
C LEU B 18 51.84 22.74 -26.89
N THR B 19 51.04 22.67 -27.97
CA THR B 19 51.37 21.94 -29.21
C THR B 19 52.38 22.76 -30.00
N GLN B 20 52.20 24.10 -30.03
CA GLN B 20 53.14 25.00 -30.66
C GLN B 20 54.48 24.94 -29.92
N GLU B 21 54.44 24.88 -28.57
CA GLU B 21 55.63 24.82 -27.72
C GLU B 21 56.36 23.49 -27.72
N LEU B 22 55.67 22.39 -27.38
CA LEU B 22 56.30 21.07 -27.31
C LEU B 22 56.42 20.36 -28.66
N GLY B 23 55.63 20.79 -29.65
CA GLY B 23 55.66 20.25 -30.99
C GLY B 23 54.65 19.16 -31.27
N THR B 24 54.33 18.93 -32.55
CA THR B 24 53.39 17.89 -32.95
C THR B 24 53.97 16.51 -32.69
N ALA B 25 55.28 16.32 -32.84
CA ALA B 25 55.91 15.02 -32.58
C ALA B 25 55.73 14.59 -31.12
N PHE B 26 55.79 15.53 -30.18
CA PHE B 26 55.60 15.22 -28.77
C PHE B 26 54.19 14.69 -28.53
N PHE B 27 53.19 15.34 -29.15
CA PHE B 27 51.80 14.97 -28.98
C PHE B 27 51.36 13.76 -29.80
N GLN B 28 52.25 13.14 -30.61
CA GLN B 28 51.96 11.92 -31.35
C GLN B 28 52.45 10.69 -30.57
N GLN B 29 53.46 10.84 -29.69
CA GLN B 29 54.03 9.78 -28.89
C GLN B 29 53.17 9.48 -27.65
N GLN B 30 53.49 8.38 -26.92
CA GLN B 30 52.85 7.88 -25.70
C GLN B 30 51.30 7.94 -25.71
N GLN B 31 50.68 7.63 -26.87
CA GLN B 31 49.24 7.63 -27.08
C GLN B 31 48.55 8.92 -26.64
N LEU B 32 49.23 10.07 -26.84
CA LEU B 32 48.66 11.34 -26.43
C LEU B 32 47.43 11.72 -27.25
N PRO B 33 47.30 11.44 -28.58
CA PRO B 33 46.02 11.73 -29.25
C PRO B 33 44.87 10.93 -28.62
N ALA B 34 45.11 9.67 -28.24
CA ALA B 34 44.10 8.83 -27.59
C ALA B 34 43.79 9.33 -26.16
N ALA B 35 44.80 9.88 -25.47
CA ALA B 35 44.66 10.43 -24.12
C ALA B 35 43.81 11.72 -24.09
N MET B 36 43.83 12.52 -25.17
CA MET B 36 43.06 13.75 -25.25
C MET B 36 41.60 13.54 -25.72
N ALA B 37 41.19 12.29 -26.02
CA ALA B 37 39.84 11.99 -26.50
C ALA B 37 38.76 12.32 -25.48
N ASP B 38 37.58 12.72 -25.96
CA ASP B 38 36.47 13.12 -25.10
C ASP B 38 35.61 11.97 -24.58
N THR B 39 35.70 10.78 -25.23
CA THR B 39 34.99 9.58 -24.80
C THR B 39 35.94 8.39 -24.80
N PHE B 40 35.60 7.34 -24.04
CA PHE B 40 36.40 6.10 -24.03
C PHE B 40 36.38 5.43 -25.42
N LEU B 41 35.25 5.52 -26.12
CA LEU B 41 35.11 4.95 -27.45
C LEU B 41 36.08 5.63 -28.42
N GLU B 42 36.15 6.98 -28.39
CA GLU B 42 37.08 7.75 -29.23
C GLU B 42 38.54 7.49 -28.84
N HIS B 43 38.79 7.27 -27.53
CA HIS B 43 40.12 6.92 -27.02
C HIS B 43 40.57 5.61 -27.66
N LEU B 44 39.69 4.59 -27.72
CA LEU B 44 40.01 3.30 -28.35
C LEU B 44 40.35 3.50 -29.80
N CYS B 45 39.49 4.23 -30.55
CA CYS B 45 39.64 4.52 -31.98
C CYS B 45 40.96 5.20 -32.30
N LEU B 46 41.50 6.01 -31.37
CA LEU B 46 42.72 6.75 -31.57
C LEU B 46 43.99 6.04 -31.13
N LEU B 47 43.90 4.81 -30.59
CA LEU B 47 45.11 4.05 -30.21
C LEU B 47 45.95 3.78 -31.47
N ASP B 48 47.26 3.97 -31.41
CA ASP B 48 48.11 3.89 -32.58
C ASP B 48 49.31 3.01 -32.31
N ILE B 49 49.51 1.97 -33.11
CA ILE B 49 50.67 1.09 -32.96
C ILE B 49 52.01 1.81 -33.24
N ASP B 50 51.96 2.92 -34.01
CA ASP B 50 53.12 3.74 -34.34
C ASP B 50 53.44 4.80 -33.30
N SER B 51 52.57 4.99 -32.29
CA SER B 51 52.79 5.94 -31.21
C SER B 51 53.68 5.26 -30.18
N GLU B 52 54.98 5.59 -30.15
CA GLU B 52 55.92 4.94 -29.24
C GLU B 52 55.86 5.40 -27.79
N PRO B 53 55.99 4.45 -26.84
CA PRO B 53 56.04 4.85 -25.42
C PRO B 53 57.34 5.62 -25.10
N VAL B 54 57.23 6.72 -24.36
CA VAL B 54 58.36 7.57 -23.99
C VAL B 54 58.68 7.42 -22.51
N ALA B 55 57.64 7.40 -21.65
CA ALA B 55 57.79 7.30 -20.21
C ALA B 55 58.48 6.01 -19.72
N ALA B 56 59.10 6.06 -18.54
CA ALA B 56 59.73 4.91 -17.93
C ALA B 56 58.59 3.95 -17.46
N ARG B 57 58.86 2.65 -17.46
CA ARG B 57 57.87 1.65 -17.11
C ARG B 57 57.52 1.77 -15.64
N SER B 58 56.24 1.98 -15.35
CA SER B 58 55.79 2.22 -13.99
C SER B 58 55.22 1.00 -13.24
N THR B 59 54.76 -0.04 -13.92
CA THR B 59 54.22 -1.24 -13.26
C THR B 59 55.40 -2.13 -12.91
N SER B 60 55.56 -2.46 -11.63
CA SER B 60 56.68 -3.28 -11.20
C SER B 60 56.57 -4.73 -11.63
N ILE B 61 57.71 -5.37 -11.81
CA ILE B 61 57.77 -6.76 -12.19
C ILE B 61 58.28 -7.57 -11.00
N ILE B 62 57.51 -8.56 -10.56
CA ILE B 62 57.90 -9.46 -9.50
C ILE B 62 58.34 -10.74 -10.19
N ALA B 63 59.58 -11.17 -9.96
CA ALA B 63 60.06 -12.41 -10.58
C ALA B 63 60.33 -13.45 -9.50
N THR B 64 59.83 -14.67 -9.69
CA THR B 64 60.06 -15.74 -8.73
C THR B 64 61.47 -16.32 -8.93
N ILE B 65 62.23 -16.40 -7.83
CA ILE B 65 63.59 -16.92 -7.86
C ILE B 65 63.56 -18.43 -7.67
N GLY B 66 64.26 -19.12 -8.55
CA GLY B 66 64.38 -20.58 -8.51
C GLY B 66 65.62 -21.05 -9.25
N PRO B 67 65.71 -22.36 -9.58
CA PRO B 67 66.89 -22.87 -10.28
C PRO B 67 67.26 -22.15 -11.56
N ALA B 68 66.26 -21.66 -12.30
CA ALA B 68 66.52 -20.94 -13.54
C ALA B 68 66.99 -19.48 -13.36
N SER B 69 66.88 -18.94 -12.15
CA SER B 69 67.20 -17.53 -11.91
C SER B 69 67.94 -17.30 -10.57
N ARG B 70 68.83 -18.22 -10.21
CA ARG B 70 69.51 -18.14 -8.92
C ARG B 70 70.92 -17.59 -8.94
N SER B 71 71.66 -17.82 -10.03
CA SER B 71 73.04 -17.37 -10.13
C SER B 71 73.16 -15.86 -10.10
N VAL B 72 74.25 -15.33 -9.52
CA VAL B 72 74.48 -13.90 -9.41
C VAL B 72 74.52 -13.24 -10.80
N GLU B 73 75.10 -13.94 -11.78
CA GLU B 73 75.21 -13.43 -13.15
C GLU B 73 73.83 -13.37 -13.84
N ARG B 74 72.98 -14.40 -13.61
CA ARG B 74 71.62 -14.46 -14.16
C ARG B 74 70.77 -13.35 -13.49
N LEU B 75 70.89 -13.17 -12.17
CA LEU B 75 70.20 -12.14 -11.41
C LEU B 75 70.57 -10.73 -11.85
N LYS B 76 71.84 -10.50 -12.24
CA LYS B 76 72.25 -9.20 -12.76
C LYS B 76 71.54 -8.91 -14.07
N GLU B 77 71.38 -9.95 -14.93
CA GLU B 77 70.69 -9.80 -16.21
C GLU B 77 69.20 -9.52 -16.01
N MET B 78 68.59 -10.13 -14.99
CA MET B 78 67.19 -9.92 -14.69
CA MET B 78 67.19 -9.92 -14.69
C MET B 78 66.94 -8.51 -14.13
N ILE B 79 67.91 -7.96 -13.37
CA ILE B 79 67.81 -6.61 -12.85
C ILE B 79 67.87 -5.64 -14.04
N LYS B 80 68.78 -5.89 -14.99
CA LYS B 80 68.90 -5.05 -16.18
C LYS B 80 67.65 -5.15 -17.09
N ALA B 81 67.00 -6.33 -17.13
CA ALA B 81 65.77 -6.55 -17.90
C ALA B 81 64.54 -5.87 -17.29
N GLY B 82 64.60 -5.57 -15.97
CA GLY B 82 63.51 -4.85 -15.31
C GLY B 82 62.94 -5.43 -14.04
N MET B 83 63.52 -6.50 -13.47
CA MET B 83 63.00 -7.08 -12.22
C MET B 83 63.13 -6.07 -11.06
N ASN B 84 62.02 -5.82 -10.32
CA ASN B 84 61.98 -4.88 -9.21
C ASN B 84 61.82 -5.57 -7.87
N ILE B 85 61.16 -6.74 -7.85
CA ILE B 85 60.89 -7.49 -6.65
C ILE B 85 61.24 -8.97 -6.91
N ALA B 86 62.02 -9.58 -6.02
CA ALA B 86 62.40 -10.99 -6.11
C ALA B 86 61.50 -11.79 -5.17
N ARG B 87 60.77 -12.76 -5.70
CA ARG B 87 59.85 -13.56 -4.88
C ARG B 87 60.46 -14.92 -4.52
N LEU B 88 60.46 -15.25 -3.22
CA LEU B 88 60.95 -16.54 -2.77
C LEU B 88 59.75 -17.37 -2.41
N ASN B 89 59.53 -18.47 -3.13
CA ASN B 89 58.36 -19.30 -2.87
C ASN B 89 58.71 -20.34 -1.82
N PHE B 90 58.24 -20.11 -0.58
CA PHE B 90 58.49 -21.03 0.53
C PHE B 90 57.66 -22.31 0.47
N SER B 91 56.91 -22.52 -0.60
CA SER B 91 56.21 -23.79 -0.81
C SER B 91 57.23 -24.90 -1.24
N HIS B 92 58.42 -24.50 -1.74
CA HIS B 92 59.48 -25.40 -2.16
C HIS B 92 60.82 -24.90 -1.60
N GLY B 93 61.75 -25.82 -1.36
CA GLY B 93 63.08 -25.47 -0.88
C GLY B 93 63.22 -25.32 0.62
N SER B 94 64.44 -25.45 1.11
CA SER B 94 64.77 -25.34 2.54
C SER B 94 65.13 -23.89 2.91
N HIS B 95 65.28 -23.61 4.22
CA HIS B 95 65.70 -22.30 4.69
C HIS B 95 67.11 -21.98 4.17
N GLU B 96 67.99 -22.99 4.10
CA GLU B 96 69.35 -22.82 3.60
C GLU B 96 69.32 -22.42 2.12
N TYR B 97 68.43 -23.04 1.34
CA TYR B 97 68.25 -22.75 -0.07
C TYR B 97 67.80 -21.29 -0.26
N HIS B 98 66.78 -20.87 0.51
CA HIS B 98 66.27 -19.50 0.41
C HIS B 98 67.25 -18.45 0.90
N ALA B 99 68.07 -18.76 1.94
CA ALA B 99 69.10 -17.84 2.42
C ALA B 99 70.16 -17.59 1.34
N GLU B 100 70.50 -18.64 0.58
CA GLU B 100 71.46 -18.52 -0.50
C GLU B 100 70.88 -17.68 -1.64
N SER B 101 69.58 -17.86 -1.94
CA SER B 101 68.87 -17.08 -2.95
C SER B 101 68.90 -15.58 -2.57
N ILE B 102 68.59 -15.27 -1.29
CA ILE B 102 68.61 -13.91 -0.76
C ILE B 102 70.00 -13.28 -0.92
N ALA B 103 71.05 -14.04 -0.54
CA ALA B 103 72.44 -13.58 -0.63
C ALA B 103 72.86 -13.27 -2.08
N ASN B 104 72.41 -14.12 -3.04
CA ASN B 104 72.72 -13.93 -4.45
C ASN B 104 72.01 -12.72 -5.02
N VAL B 105 70.76 -12.48 -4.59
CA VAL B 105 70.00 -11.30 -5.02
C VAL B 105 70.72 -10.05 -4.52
N ARG B 106 71.05 -10.01 -3.21
CA ARG B 106 71.76 -8.87 -2.62
C ARG B 106 73.12 -8.61 -3.26
N GLU B 107 73.86 -9.68 -3.62
CA GLU B 107 75.14 -9.52 -4.29
C GLU B 107 74.97 -8.89 -5.68
N ALA B 108 73.98 -9.39 -6.46
CA ALA B 108 73.70 -8.84 -7.79
C ALA B 108 73.21 -7.39 -7.71
N VAL B 109 72.36 -7.06 -6.72
CA VAL B 109 71.85 -5.69 -6.54
C VAL B 109 72.97 -4.73 -6.17
N GLU B 110 73.84 -5.14 -5.23
CA GLU B 110 74.95 -4.27 -4.79
C GLU B 110 76.08 -4.14 -5.80
N SER B 111 76.10 -4.97 -6.85
CA SER B 111 77.11 -4.84 -7.90
C SER B 111 76.95 -3.54 -8.73
N PHE B 112 75.79 -2.85 -8.61
CA PHE B 112 75.52 -1.59 -9.29
C PHE B 112 75.58 -0.36 -8.34
N ALA B 113 75.86 -0.59 -7.02
CA ALA B 113 75.89 0.46 -5.98
C ALA B 113 77.03 1.48 -6.10
N GLY B 114 78.01 1.17 -6.94
CA GLY B 114 79.13 2.08 -7.18
C GLY B 114 78.72 3.40 -7.80
N SER B 115 77.56 3.40 -8.50
CA SER B 115 77.03 4.60 -9.11
C SER B 115 75.69 4.92 -8.46
N PRO B 116 75.70 5.73 -7.39
CA PRO B 116 74.46 6.06 -6.67
C PRO B 116 73.34 6.76 -7.47
N LEU B 117 73.69 7.57 -8.48
CA LEU B 117 72.69 8.23 -9.31
C LEU B 117 71.95 7.26 -10.27
N SER B 118 72.45 6.01 -10.43
CA SER B 118 71.80 5.03 -11.32
C SER B 118 71.41 3.69 -10.63
N TYR B 119 71.82 3.49 -9.35
CA TYR B 119 71.54 2.28 -8.55
C TYR B 119 70.05 1.95 -8.50
N ARG B 120 69.72 0.67 -8.68
CA ARG B 120 68.34 0.23 -8.62
C ARG B 120 68.06 -0.71 -7.43
N PRO B 121 67.26 -0.25 -6.45
CA PRO B 121 66.92 -1.12 -5.32
C PRO B 121 66.01 -2.29 -5.76
N VAL B 122 66.14 -3.47 -5.15
CA VAL B 122 65.28 -4.61 -5.48
C VAL B 122 64.68 -5.16 -4.19
N ALA B 123 63.35 -5.21 -4.06
CA ALA B 123 62.71 -5.73 -2.86
C ALA B 123 62.77 -7.25 -2.81
N ILE B 124 62.76 -7.82 -1.60
CA ILE B 124 62.74 -9.26 -1.42
C ILE B 124 61.44 -9.64 -0.74
N ALA B 125 60.66 -10.49 -1.40
CA ALA B 125 59.37 -10.91 -0.87
C ALA B 125 59.35 -12.39 -0.53
N LEU B 126 58.75 -12.73 0.59
CA LEU B 126 58.65 -14.11 1.02
C LEU B 126 57.21 -14.57 0.80
N ASP B 127 57.00 -15.58 -0.06
CA ASP B 127 55.67 -16.11 -0.30
C ASP B 127 55.51 -17.36 0.57
N THR B 128 54.57 -17.33 1.53
CA THR B 128 54.39 -18.45 2.45
C THR B 128 53.76 -19.69 1.82
N LYS B 129 53.99 -20.86 2.45
CA LYS B 129 53.44 -22.15 2.01
C LYS B 129 51.92 -22.18 2.18
N GLY B 130 51.42 -21.63 3.27
CA GLY B 130 49.98 -21.57 3.51
C GLY B 130 49.45 -22.48 4.60
N PRO B 131 48.15 -22.33 4.91
CA PRO B 131 47.55 -23.14 5.99
C PRO B 131 47.29 -24.61 5.64
N GLY B 132 47.16 -24.90 4.35
CA GLY B 132 46.86 -26.25 3.87
C GLY B 132 45.48 -26.70 4.30
N SER B 133 45.39 -27.87 4.93
CA SER B 133 44.10 -28.36 5.44
C SER B 133 43.65 -27.64 6.74
N GLY B 134 44.60 -26.98 7.43
CA GLY B 134 44.35 -26.28 8.68
C GLY B 134 43.46 -25.05 8.60
N PRO B 135 42.99 -24.58 9.76
CA PRO B 135 42.09 -23.40 9.77
C PRO B 135 42.78 -22.04 9.78
N GLY B 136 43.99 -21.97 10.35
CA GLY B 136 44.74 -20.72 10.45
C GLY B 136 46.22 -20.88 10.14
N LEU B 137 47.05 -20.08 10.80
CA LEU B 137 48.50 -20.09 10.59
C LEU B 137 49.17 -21.40 10.96
N SER B 138 49.82 -22.04 9.98
CA SER B 138 50.52 -23.30 10.19
C SER B 138 51.84 -23.11 10.97
N GLU B 139 52.40 -24.19 11.53
CA GLU B 139 53.66 -24.11 12.26
C GLU B 139 54.84 -23.86 11.34
N GLN B 140 54.80 -24.36 10.11
CA GLN B 140 55.85 -24.09 9.13
C GLN B 140 55.84 -22.61 8.74
N ASP B 141 54.64 -22.02 8.62
CA ASP B 141 54.52 -20.60 8.31
C ASP B 141 55.12 -19.74 9.42
N VAL B 142 54.94 -20.12 10.69
CA VAL B 142 55.54 -19.38 11.81
C VAL B 142 57.08 -19.41 11.74
N ARG B 143 57.65 -20.56 11.39
CA ARG B 143 59.10 -20.69 11.26
C ARG B 143 59.63 -19.91 10.07
N ASP B 144 58.90 -19.94 8.94
CA ASP B 144 59.29 -19.24 7.72
C ASP B 144 59.17 -17.72 7.89
N LEU B 145 58.14 -17.25 8.59
CA LEU B 145 57.96 -15.83 8.87
C LEU B 145 59.08 -15.32 9.79
N ARG B 146 59.50 -16.13 10.79
CA ARG B 146 60.62 -15.77 11.66
C ARG B 146 61.92 -15.72 10.84
N PHE B 147 62.09 -16.64 9.86
CA PHE B 147 63.23 -16.66 8.96
C PHE B 147 63.29 -15.34 8.17
N GLY B 148 62.13 -14.89 7.68
CA GLY B 148 62.02 -13.65 6.90
C GLY B 148 62.43 -12.43 7.69
N VAL B 149 62.00 -12.36 8.95
CA VAL B 149 62.37 -11.25 9.83
C VAL B 149 63.87 -11.26 10.07
N GLU B 150 64.43 -12.45 10.38
CA GLU B 150 65.86 -12.61 10.62
C GLU B 150 66.72 -12.29 9.42
N HIS B 151 66.19 -12.52 8.21
CA HIS B 151 66.92 -12.24 6.98
C HIS B 151 66.61 -10.87 6.34
N GLY B 152 65.77 -10.07 6.98
CA GLY B 152 65.45 -8.73 6.50
C GLY B 152 64.64 -8.64 5.22
N VAL B 153 63.63 -9.51 5.06
CA VAL B 153 62.76 -9.43 3.89
C VAL B 153 61.90 -8.17 3.98
N ASP B 154 61.47 -7.63 2.84
CA ASP B 154 60.69 -6.41 2.81
C ASP B 154 59.20 -6.65 2.77
N ILE B 155 58.77 -7.74 2.12
CA ILE B 155 57.35 -8.04 1.91
C ILE B 155 57.03 -9.51 2.21
N VAL B 156 55.81 -9.77 2.67
CA VAL B 156 55.31 -11.12 2.85
C VAL B 156 54.07 -11.28 1.94
N PHE B 157 54.08 -12.29 1.06
CA PHE B 157 52.90 -12.60 0.26
C PHE B 157 52.24 -13.73 1.05
N ALA B 158 51.23 -13.41 1.84
CA ALA B 158 50.58 -14.39 2.71
C ALA B 158 49.59 -15.27 1.95
N SER B 159 49.89 -16.55 1.79
CA SER B 159 49.02 -17.48 1.10
C SER B 159 47.68 -17.76 1.79
N PHE B 160 46.65 -18.02 0.97
CA PHE B 160 45.28 -18.35 1.35
C PHE B 160 44.67 -17.52 2.50
N VAL B 161 44.67 -16.18 2.39
CA VAL B 161 44.05 -15.33 3.40
C VAL B 161 42.54 -15.41 3.20
N ARG B 162 41.80 -15.78 4.26
CA ARG B 162 40.34 -15.97 4.21
C ARG B 162 39.53 -15.05 5.12
N LYS B 163 40.20 -14.28 5.99
CA LYS B 163 39.55 -13.35 6.91
C LYS B 163 40.60 -12.42 7.53
N ALA B 164 40.15 -11.34 8.18
CA ALA B 164 41.06 -10.37 8.80
C ALA B 164 41.97 -10.98 9.87
N SER B 165 41.46 -11.97 10.61
CA SER B 165 42.24 -12.61 11.67
C SER B 165 43.46 -13.39 11.14
N ASP B 166 43.43 -13.80 9.86
CA ASP B 166 44.56 -14.50 9.23
C ASP B 166 45.72 -13.53 9.06
N VAL B 167 45.44 -12.28 8.67
CA VAL B 167 46.52 -11.31 8.47
C VAL B 167 47.05 -10.84 9.85
N ALA B 168 46.18 -10.77 10.89
CA ALA B 168 46.63 -10.44 12.24
C ALA B 168 47.58 -11.54 12.78
N ALA B 169 47.30 -12.81 12.44
CA ALA B 169 48.16 -13.93 12.84
C ALA B 169 49.54 -13.78 12.18
N VAL B 170 49.58 -13.39 10.89
CA VAL B 170 50.85 -13.19 10.17
C VAL B 170 51.63 -12.04 10.80
N ARG B 171 50.93 -10.96 11.16
CA ARG B 171 51.54 -9.79 11.78
CA ARG B 171 51.55 -9.79 11.78
C ARG B 171 52.15 -10.16 13.14
N ALA B 172 51.44 -10.99 13.93
CA ALA B 172 51.92 -11.45 15.23
C ALA B 172 53.14 -12.35 15.07
N ALA B 173 53.14 -13.26 14.08
CA ALA B 173 54.27 -14.15 13.82
C ALA B 173 55.53 -13.40 13.35
N LEU B 174 55.37 -12.19 12.79
CA LEU B 174 56.51 -11.36 12.38
C LEU B 174 57.20 -10.70 13.61
N GLY B 175 56.49 -10.64 14.74
CA GLY B 175 57.03 -10.10 15.98
C GLY B 175 57.31 -8.61 15.99
N PRO B 176 57.94 -8.15 17.09
CA PRO B 176 58.24 -6.71 17.20
C PRO B 176 59.24 -6.20 16.18
N GLU B 177 60.19 -7.05 15.77
CA GLU B 177 61.20 -6.65 14.80
C GLU B 177 60.73 -6.60 13.35
N GLY B 178 59.60 -7.23 13.04
CA GLY B 178 59.06 -7.24 11.69
C GLY B 178 57.92 -6.26 11.47
N HIS B 179 57.87 -5.19 12.27
CA HIS B 179 56.81 -4.19 12.15
C HIS B 179 56.84 -3.41 10.83
N GLY B 180 58.02 -3.27 10.24
CA GLY B 180 58.18 -2.56 8.98
C GLY B 180 57.88 -3.35 7.72
N ILE B 181 57.72 -4.69 7.85
CA ILE B 181 57.45 -5.57 6.71
C ILE B 181 56.02 -5.41 6.17
N LYS B 182 55.88 -5.31 4.83
CA LYS B 182 54.54 -5.16 4.24
C LYS B 182 53.87 -6.52 4.10
N ILE B 183 52.60 -6.62 4.47
CA ILE B 183 51.85 -7.87 4.30
C ILE B 183 50.88 -7.69 3.13
N ILE B 184 51.13 -8.43 2.04
CA ILE B 184 50.27 -8.45 0.86
C ILE B 184 49.46 -9.76 0.95
N SER B 185 48.15 -9.66 1.18
CA SER B 185 47.30 -10.86 1.32
C SER B 185 46.92 -11.49 -0.02
N LYS B 186 47.17 -12.80 -0.16
CA LYS B 186 46.81 -13.50 -1.38
C LYS B 186 45.37 -13.98 -1.30
N ILE B 187 44.52 -13.55 -2.25
CA ILE B 187 43.12 -13.99 -2.31
C ILE B 187 43.11 -15.17 -3.28
N GLU B 188 42.84 -16.38 -2.77
CA GLU B 188 42.91 -17.61 -3.55
C GLU B 188 41.67 -18.47 -3.49
N ASN B 189 40.60 -18.03 -2.80
CA ASN B 189 39.38 -18.85 -2.70
C ASN B 189 38.12 -18.01 -2.55
N HIS B 190 36.94 -18.66 -2.59
CA HIS B 190 35.67 -17.96 -2.48
C HIS B 190 35.54 -17.14 -1.21
N GLU B 191 36.01 -17.68 -0.09
CA GLU B 191 35.90 -16.97 1.18
C GLU B 191 36.71 -15.67 1.21
N GLY B 192 37.92 -15.71 0.65
CA GLY B 192 38.78 -14.53 0.56
C GLY B 192 38.12 -13.46 -0.29
N VAL B 193 37.45 -13.85 -1.39
CA VAL B 193 36.75 -12.91 -2.25
C VAL B 193 35.54 -12.30 -1.51
N LYS B 194 34.79 -13.11 -0.78
CA LYS B 194 33.61 -12.65 -0.06
C LYS B 194 33.95 -11.77 1.14
N ARG B 195 35.06 -12.07 1.81
CA ARG B 195 35.48 -11.26 2.95
C ARG B 195 36.56 -10.25 2.56
N PHE B 196 36.66 -9.89 1.25
CA PHE B 196 37.68 -9.00 0.71
C PHE B 196 37.82 -7.68 1.45
N ASP B 197 36.73 -6.99 1.73
CA ASP B 197 36.78 -5.68 2.38
C ASP B 197 37.47 -5.70 3.74
N GLU B 198 37.18 -6.72 4.56
CA GLU B 198 37.80 -6.83 5.89
C GLU B 198 39.28 -7.21 5.79
N ILE B 199 39.66 -7.99 4.77
CA ILE B 199 41.05 -8.37 4.54
C ILE B 199 41.87 -7.18 4.05
N LEU B 200 41.34 -6.43 3.08
CA LEU B 200 42.02 -5.27 2.53
C LEU B 200 42.26 -4.21 3.61
N GLU B 201 41.25 -4.02 4.49
CA GLU B 201 41.33 -3.02 5.57
C GLU B 201 42.54 -3.25 6.47
N VAL B 202 42.88 -4.50 6.76
CA VAL B 202 44.01 -4.80 7.64
C VAL B 202 45.30 -5.17 6.92
N SER B 203 45.28 -5.28 5.59
CA SER B 203 46.49 -5.63 4.83
C SER B 203 47.15 -4.37 4.25
N ASP B 204 48.40 -4.49 3.84
CA ASP B 204 49.08 -3.38 3.14
C ASP B 204 48.73 -3.38 1.61
N GLY B 205 48.30 -4.53 1.10
CA GLY B 205 47.94 -4.73 -0.28
C GLY B 205 47.41 -6.13 -0.53
N ILE B 206 47.11 -6.43 -1.81
CA ILE B 206 46.50 -7.70 -2.19
C ILE B 206 47.20 -8.34 -3.39
N MET B 207 47.15 -9.67 -3.47
CA MET B 207 47.63 -10.37 -4.65
C MET B 207 46.45 -11.17 -5.18
N VAL B 208 46.16 -11.02 -6.49
CA VAL B 208 45.11 -11.82 -7.12
C VAL B 208 45.85 -13.09 -7.55
N ALA B 209 45.79 -14.13 -6.71
CA ALA B 209 46.50 -15.39 -6.91
C ALA B 209 45.61 -16.29 -7.77
N ARG B 210 45.63 -16.04 -9.10
CA ARG B 210 44.75 -16.68 -10.06
C ARG B 210 44.87 -18.20 -10.20
N GLY B 211 46.03 -18.78 -9.89
CA GLY B 211 46.22 -20.22 -9.96
C GLY B 211 45.24 -20.99 -9.08
N ASP B 212 45.31 -20.79 -7.75
CA ASP B 212 44.39 -21.45 -6.84
C ASP B 212 42.99 -20.90 -6.98
N LEU B 213 42.86 -19.59 -7.21
CA LEU B 213 41.54 -18.97 -7.39
C LEU B 213 40.75 -19.63 -8.53
N GLY B 214 41.43 -19.96 -9.63
CA GLY B 214 40.84 -20.63 -10.79
C GLY B 214 40.44 -22.09 -10.56
N ILE B 215 40.87 -22.68 -9.44
CA ILE B 215 40.51 -24.03 -9.03
C ILE B 215 39.39 -23.97 -7.96
N GLU B 216 39.44 -22.94 -7.08
CA GLU B 216 38.46 -22.75 -6.01
C GLU B 216 37.13 -22.20 -6.49
N ILE B 217 37.16 -21.33 -7.52
CA ILE B 217 35.96 -20.77 -8.15
C ILE B 217 35.95 -21.17 -9.64
N PRO B 218 34.80 -21.11 -10.36
CA PRO B 218 34.81 -21.48 -11.79
C PRO B 218 35.83 -20.65 -12.56
N ALA B 219 36.61 -21.27 -13.45
CA ALA B 219 37.65 -20.57 -14.19
C ALA B 219 37.12 -19.34 -14.96
N GLU B 220 35.89 -19.40 -15.48
CA GLU B 220 35.30 -18.31 -16.22
C GLU B 220 34.89 -17.11 -15.38
N LYS B 221 35.01 -17.19 -14.05
CA LYS B 221 34.69 -16.12 -13.13
C LYS B 221 35.93 -15.41 -12.56
N VAL B 222 37.14 -15.95 -12.78
CA VAL B 222 38.37 -15.36 -12.23
C VAL B 222 38.56 -13.91 -12.69
N PHE B 223 38.29 -13.61 -13.98
CA PHE B 223 38.43 -12.24 -14.49
C PHE B 223 37.56 -11.24 -13.72
N LEU B 224 36.35 -11.66 -13.26
CA LEU B 224 35.48 -10.76 -12.48
C LEU B 224 36.10 -10.47 -11.13
N ALA B 225 36.67 -11.49 -10.48
CA ALA B 225 37.33 -11.36 -9.18
C ALA B 225 38.55 -10.46 -9.32
N GLN B 226 39.36 -10.66 -10.36
CA GLN B 226 40.55 -9.83 -10.62
C GLN B 226 40.17 -8.35 -10.80
N LYS B 227 39.21 -8.05 -11.68
CA LYS B 227 38.79 -6.68 -11.92
C LYS B 227 38.17 -6.02 -10.71
N MET B 228 37.39 -6.77 -9.91
CA MET B 228 36.77 -6.22 -8.70
C MET B 228 37.84 -5.85 -7.65
N MET B 229 38.78 -6.75 -7.39
CA MET B 229 39.82 -6.54 -6.41
C MET B 229 40.74 -5.43 -6.81
N ILE B 230 41.13 -5.37 -8.10
CA ILE B 230 41.98 -4.27 -8.59
C ILE B 230 41.27 -2.92 -8.40
N GLY B 231 39.98 -2.85 -8.75
CA GLY B 231 39.19 -1.64 -8.57
C GLY B 231 39.12 -1.19 -7.12
N ARG B 232 38.85 -2.14 -6.21
CA ARG B 232 38.77 -1.82 -4.78
C ARG B 232 40.10 -1.40 -4.18
N CYS B 233 41.21 -2.00 -4.65
CA CYS B 233 42.55 -1.62 -4.21
C CYS B 233 42.88 -0.22 -4.72
N ASN B 234 42.52 0.09 -5.97
CA ASN B 234 42.75 1.41 -6.55
C ASN B 234 41.96 2.46 -5.77
N LEU B 235 40.72 2.14 -5.38
CA LEU B 235 39.87 3.03 -4.61
C LEU B 235 40.46 3.26 -3.21
N ALA B 236 40.98 2.20 -2.57
CA ALA B 236 41.61 2.28 -1.26
C ALA B 236 43.02 2.91 -1.28
N GLY B 237 43.63 3.01 -2.45
CA GLY B 237 44.99 3.52 -2.58
C GLY B 237 46.02 2.51 -2.08
N LYS B 238 45.75 1.21 -2.16
CA LYS B 238 46.66 0.15 -1.70
C LYS B 238 47.17 -0.72 -2.85
N PRO B 239 48.44 -1.17 -2.82
CA PRO B 239 48.96 -1.95 -3.95
C PRO B 239 48.25 -3.27 -4.23
N VAL B 240 48.10 -3.60 -5.53
CA VAL B 240 47.50 -4.85 -5.94
C VAL B 240 48.41 -5.50 -7.00
N VAL B 241 48.66 -6.77 -6.83
CA VAL B 241 49.52 -7.55 -7.73
C VAL B 241 48.65 -8.50 -8.55
N CYS B 242 48.89 -8.58 -9.86
CA CYS B 242 48.21 -9.59 -10.68
C CYS B 242 49.20 -10.73 -10.85
N ALA B 243 48.77 -11.96 -10.56
CA ALA B 243 49.70 -13.08 -10.60
C ALA B 243 49.16 -14.32 -11.32
N THR B 244 50.11 -15.19 -11.77
CA THR B 244 49.99 -16.56 -12.26
C THR B 244 49.55 -16.73 -13.71
N GLN B 245 50.37 -17.44 -14.48
CA GLN B 245 50.19 -17.82 -15.88
C GLN B 245 50.11 -16.66 -16.83
N MET B 246 50.67 -15.50 -16.47
CA MET B 246 50.65 -14.34 -17.35
C MET B 246 51.37 -14.60 -18.67
N LEU B 247 52.56 -15.23 -18.62
CA LEU B 247 53.33 -15.58 -19.82
C LEU B 247 53.72 -17.06 -19.77
N GLU B 248 52.82 -17.92 -19.27
CA GLU B 248 53.02 -19.35 -19.05
C GLU B 248 53.78 -20.08 -20.14
N SER B 249 53.40 -19.91 -21.41
CA SER B 249 54.05 -20.60 -22.52
C SER B 249 55.54 -20.28 -22.64
N MET B 250 55.99 -19.14 -22.09
CA MET B 250 57.41 -18.79 -22.13
C MET B 250 58.29 -19.68 -21.19
N ILE B 251 57.66 -20.58 -20.38
CA ILE B 251 58.39 -21.58 -19.61
C ILE B 251 59.20 -22.46 -20.58
N THR B 252 58.62 -22.78 -21.77
CA THR B 252 59.32 -23.60 -22.77
C THR B 252 59.58 -22.88 -24.10
N LYS B 253 58.81 -21.84 -24.44
CA LYS B 253 58.99 -21.15 -25.72
C LYS B 253 59.59 -19.74 -25.59
N PRO B 254 60.38 -19.27 -26.56
CA PRO B 254 60.97 -17.91 -26.43
C PRO B 254 60.00 -16.75 -26.63
N ARG B 255 58.81 -17.01 -27.21
CA ARG B 255 57.81 -15.97 -27.47
C ARG B 255 56.47 -16.37 -26.86
N PRO B 256 55.70 -15.43 -26.30
CA PRO B 256 54.41 -15.81 -25.72
C PRO B 256 53.26 -15.92 -26.76
N THR B 257 52.11 -16.44 -26.32
CA THR B 257 50.94 -16.53 -27.17
C THR B 257 50.25 -15.14 -27.23
N ARG B 258 49.28 -14.97 -28.16
CA ARG B 258 48.54 -13.73 -28.26
C ARG B 258 47.66 -13.49 -27.03
N ALA B 259 47.20 -14.55 -26.36
CA ALA B 259 46.39 -14.41 -25.14
C ALA B 259 47.23 -13.93 -23.97
N GLU B 260 48.50 -14.37 -23.90
CA GLU B 260 49.41 -13.99 -22.84
C GLU B 260 49.83 -12.51 -22.89
N THR B 261 50.17 -12.00 -24.09
CA THR B 261 50.52 -10.58 -24.18
C THR B 261 49.30 -9.71 -23.85
N SER B 262 48.12 -10.14 -24.29
CA SER B 262 46.87 -9.49 -24.03
C SER B 262 46.59 -9.47 -22.52
N ASP B 263 46.82 -10.60 -21.84
CA ASP B 263 46.63 -10.72 -20.40
C ASP B 263 47.46 -9.72 -19.59
N VAL B 264 48.75 -9.57 -19.95
CA VAL B 264 49.65 -8.64 -19.28
C VAL B 264 49.16 -7.22 -19.51
N ALA B 265 48.82 -6.89 -20.75
CA ALA B 265 48.35 -5.56 -21.09
C ALA B 265 47.07 -5.20 -20.33
N ASN B 266 46.14 -6.17 -20.24
CA ASN B 266 44.88 -5.97 -19.57
C ASN B 266 45.03 -5.88 -18.07
N ALA B 267 46.02 -6.52 -17.46
CA ALA B 267 46.23 -6.39 -16.01
C ALA B 267 46.67 -4.97 -15.69
N VAL B 268 47.55 -4.40 -16.53
CA VAL B 268 47.98 -3.02 -16.39
C VAL B 268 46.78 -2.08 -16.62
N LEU B 269 46.00 -2.29 -17.67
CA LEU B 269 44.82 -1.47 -17.95
C LEU B 269 43.75 -1.59 -16.85
N ASP B 270 43.64 -2.75 -16.19
CA ASP B 270 42.70 -2.94 -15.08
C ASP B 270 43.07 -2.05 -13.91
N GLY B 271 44.36 -1.81 -13.70
CA GLY B 271 44.87 -0.95 -12.63
C GLY B 271 45.86 -1.61 -11.72
N ALA B 272 46.43 -2.76 -12.11
CA ALA B 272 47.41 -3.46 -11.25
C ALA B 272 48.68 -2.64 -11.03
N ASP B 273 49.17 -2.62 -9.78
CA ASP B 273 50.41 -1.96 -9.47
C ASP B 273 51.61 -2.81 -9.88
N CYS B 274 51.50 -4.13 -9.71
CA CYS B 274 52.56 -5.08 -10.02
C CYS B 274 52.04 -6.21 -10.88
N ILE B 275 52.94 -6.78 -11.67
CA ILE B 275 52.66 -7.98 -12.46
C ILE B 275 53.72 -9.03 -12.05
N MET B 276 53.36 -10.31 -12.08
CA MET B 276 54.25 -11.35 -11.58
C MET B 276 54.56 -12.46 -12.60
N LEU B 277 55.75 -13.05 -12.45
CA LEU B 277 56.24 -14.20 -13.19
C LEU B 277 56.53 -15.28 -12.15
N SER B 278 56.00 -16.50 -12.35
CA SER B 278 56.21 -17.60 -11.40
C SER B 278 57.16 -18.65 -12.02
N GLY B 279 56.62 -19.76 -12.53
CA GLY B 279 57.41 -20.78 -13.19
C GLY B 279 58.16 -20.24 -14.39
N GLU B 280 57.68 -19.13 -14.99
CA GLU B 280 58.33 -18.52 -16.13
C GLU B 280 59.77 -18.12 -15.81
N THR B 281 60.04 -17.69 -14.54
CA THR B 281 61.38 -17.28 -14.11
C THR B 281 62.01 -18.29 -13.14
N ALA B 282 61.20 -18.91 -12.30
CA ALA B 282 61.71 -19.87 -11.31
C ALA B 282 62.29 -21.13 -11.93
N LYS B 283 61.62 -21.70 -12.93
CA LYS B 283 62.07 -22.93 -13.54
C LYS B 283 62.04 -22.96 -15.07
N GLY B 284 61.69 -21.86 -15.72
CA GLY B 284 61.58 -21.83 -17.17
C GLY B 284 62.90 -21.76 -17.91
N ASN B 285 62.85 -21.92 -19.23
CA ASN B 285 64.03 -21.83 -20.09
C ASN B 285 64.36 -20.41 -20.51
N PHE B 286 63.43 -19.44 -20.34
CA PHE B 286 63.68 -18.06 -20.76
C PHE B 286 63.34 -17.03 -19.65
N PRO B 287 63.98 -17.11 -18.46
CA PRO B 287 63.62 -16.15 -17.39
C PRO B 287 63.89 -14.68 -17.69
N VAL B 288 65.02 -14.38 -18.35
CA VAL B 288 65.34 -12.99 -18.70
C VAL B 288 64.39 -12.48 -19.77
N GLU B 289 64.07 -13.33 -20.75
CA GLU B 289 63.18 -12.99 -21.86
C GLU B 289 61.75 -12.72 -21.36
N ALA B 290 61.31 -13.44 -20.33
CA ALA B 290 59.99 -13.28 -19.74
C ALA B 290 59.92 -11.90 -19.09
N VAL B 291 60.98 -11.48 -18.37
CA VAL B 291 61.05 -10.17 -17.71
C VAL B 291 61.03 -9.08 -18.78
N LYS B 292 61.81 -9.26 -19.85
CA LYS B 292 61.87 -8.30 -20.95
C LYS B 292 60.50 -8.11 -21.63
N MET B 293 59.75 -9.22 -21.78
CA MET B 293 58.44 -9.20 -22.41
C MET B 293 57.44 -8.46 -21.55
N GLN B 294 57.42 -8.72 -20.23
CA GLN B 294 56.54 -8.01 -19.31
C GLN B 294 56.85 -6.53 -19.29
N HIS B 295 58.16 -6.18 -19.36
CA HIS B 295 58.61 -4.80 -19.40
C HIS B 295 58.04 -4.10 -20.65
N ALA B 296 58.22 -4.72 -21.82
CA ALA B 296 57.77 -4.15 -23.09
C ALA B 296 56.24 -3.95 -23.17
N ILE B 297 55.47 -4.95 -22.69
CA ILE B 297 54.01 -4.87 -22.71
C ILE B 297 53.49 -3.79 -21.74
N ALA B 298 54.03 -3.77 -20.50
CA ALA B 298 53.62 -2.77 -19.49
C ALA B 298 53.84 -1.34 -19.97
N ARG B 299 54.98 -1.03 -20.62
CA ARG B 299 55.21 0.32 -21.17
C ARG B 299 54.13 0.69 -22.20
N GLU B 300 53.76 -0.27 -23.09
CA GLU B 300 52.77 0.01 -24.11
C GLU B 300 51.41 0.23 -23.46
N ALA B 301 51.06 -0.63 -22.48
CA ALA B 301 49.76 -0.54 -21.81
C ALA B 301 49.61 0.70 -20.95
N GLU B 302 50.68 1.12 -20.27
CA GLU B 302 50.64 2.34 -19.44
C GLU B 302 50.36 3.57 -20.27
N ALA B 303 50.93 3.66 -21.48
CA ALA B 303 50.69 4.80 -22.36
C ALA B 303 49.21 4.80 -22.86
N ALA B 304 48.57 3.63 -22.96
CA ALA B 304 47.18 3.47 -23.43
C ALA B 304 46.12 3.70 -22.34
N VAL B 305 46.54 3.97 -21.09
CA VAL B 305 45.59 4.23 -19.99
C VAL B 305 44.83 5.54 -20.29
N TYR B 306 43.51 5.53 -20.08
CA TYR B 306 42.66 6.69 -20.34
C TYR B 306 42.65 7.57 -19.08
N HIS B 307 43.74 8.33 -18.85
CA HIS B 307 43.90 9.18 -17.68
C HIS B 307 42.78 10.19 -17.48
N ARG B 308 42.21 10.71 -18.57
CA ARG B 308 41.13 11.69 -18.48
C ARG B 308 39.96 11.20 -17.62
N GLN B 309 39.44 9.99 -17.87
CA GLN B 309 38.35 9.48 -17.05
C GLN B 309 38.86 8.88 -15.75
N LEU B 310 40.00 8.18 -15.79
CA LEU B 310 40.56 7.56 -14.61
C LEU B 310 40.82 8.60 -13.48
N PHE B 311 41.51 9.71 -13.78
CA PHE B 311 41.79 10.74 -12.79
C PHE B 311 40.51 11.38 -12.27
N GLU B 312 39.56 11.68 -13.15
CA GLU B 312 38.27 12.25 -12.75
C GLU B 312 37.53 11.33 -11.77
N GLU B 313 37.52 10.01 -12.05
CA GLU B 313 36.86 9.04 -11.19
C GLU B 313 37.58 8.82 -9.88
N LEU B 314 38.92 8.81 -9.88
CA LEU B 314 39.71 8.67 -8.65
C LEU B 314 39.42 9.91 -7.76
N ARG B 315 39.30 11.12 -8.35
CA ARG B 315 38.95 12.31 -7.57
C ARG B 315 37.54 12.27 -7.04
N ARG B 316 36.58 11.91 -7.88
CA ARG B 316 35.17 11.89 -7.48
C ARG B 316 34.92 10.81 -6.41
N ALA B 317 35.61 9.66 -6.49
CA ALA B 317 35.42 8.58 -5.53
C ALA B 317 36.14 8.81 -4.23
N ALA B 318 37.30 9.51 -4.26
CA ALA B 318 38.07 9.73 -3.04
C ALA B 318 37.34 10.74 -2.18
N PRO B 319 37.17 10.43 -0.90
CA PRO B 319 36.44 11.36 -0.01
C PRO B 319 37.24 12.62 0.27
N LEU B 320 36.56 13.65 0.82
CA LEU B 320 37.26 14.87 1.23
C LEU B 320 38.26 14.54 2.33
N SER B 321 39.38 15.27 2.37
CA SER B 321 40.39 14.96 3.36
C SER B 321 40.95 16.15 4.00
N ARG B 322 41.21 16.06 5.30
CA ARG B 322 41.87 17.13 6.04
C ARG B 322 43.34 16.75 6.34
N ASP B 323 43.88 15.70 5.71
CA ASP B 323 45.27 15.29 5.87
C ASP B 323 46.10 16.07 4.86
N PRO B 324 47.05 16.89 5.31
CA PRO B 324 47.85 17.68 4.36
C PRO B 324 48.62 16.86 3.33
N THR B 325 49.05 15.62 3.64
CA THR B 325 49.77 14.79 2.67
C THR B 325 48.82 14.43 1.52
N GLU B 326 47.58 14.07 1.86
CA GLU B 326 46.52 13.72 0.93
C GLU B 326 46.11 14.94 0.07
N VAL B 327 46.00 16.11 0.69
CA VAL B 327 45.66 17.34 0.00
C VAL B 327 46.78 17.78 -0.95
N THR B 328 48.04 17.66 -0.52
CA THR B 328 49.19 18.05 -1.34
C THR B 328 49.34 17.09 -2.52
N ALA B 329 49.10 15.79 -2.30
CA ALA B 329 49.19 14.78 -3.35
C ALA B 329 48.24 15.05 -4.53
N ILE B 330 46.96 15.38 -4.25
CA ILE B 330 46.02 15.64 -5.33
C ILE B 330 46.37 16.97 -6.04
N GLY B 331 46.82 17.98 -5.30
CA GLY B 331 47.24 19.25 -5.87
C GLY B 331 48.44 19.08 -6.79
N ALA B 332 49.39 18.25 -6.39
CA ALA B 332 50.60 17.97 -7.16
C ALA B 332 50.30 17.16 -8.43
N VAL B 333 49.38 16.18 -8.35
CA VAL B 333 49.01 15.38 -9.53
C VAL B 333 48.24 16.26 -10.53
N GLU B 334 47.35 17.12 -10.03
CA GLU B 334 46.60 18.05 -10.87
C GLU B 334 47.57 19.02 -11.59
N ALA B 335 48.58 19.53 -10.87
CA ALA B 335 49.57 20.44 -11.42
C ALA B 335 50.43 19.74 -12.49
N ALA B 336 50.83 18.49 -12.22
CA ALA B 336 51.60 17.69 -13.16
C ALA B 336 50.83 17.49 -14.50
N PHE B 337 49.50 17.22 -14.43
CA PHE B 337 48.69 17.05 -15.64
C PHE B 337 48.56 18.36 -16.42
N LYS B 338 48.46 19.50 -15.71
CA LYS B 338 48.30 20.82 -16.33
C LYS B 338 49.47 21.22 -17.23
N CYS B 339 50.70 20.87 -16.82
CA CYS B 339 51.89 21.25 -17.59
C CYS B 339 52.59 20.10 -18.30
N CYS B 340 52.02 18.87 -18.25
CA CYS B 340 52.67 17.68 -18.81
C CYS B 340 54.03 17.49 -18.13
N ALA B 341 54.08 17.63 -16.81
CA ALA B 341 55.33 17.52 -16.02
C ALA B 341 56.02 16.22 -16.28
N ALA B 342 57.33 16.27 -16.43
CA ALA B 342 58.11 15.07 -16.67
C ALA B 342 58.14 14.17 -15.43
N ALA B 343 58.11 14.78 -14.23
CA ALA B 343 58.19 14.02 -12.99
C ALA B 343 57.61 14.80 -11.81
N ILE B 344 57.34 14.10 -10.71
CA ILE B 344 56.97 14.63 -9.42
C ILE B 344 58.06 14.10 -8.50
N ILE B 345 58.91 14.97 -7.96
CA ILE B 345 59.96 14.55 -7.03
C ILE B 345 59.42 14.69 -5.63
N VAL B 346 59.41 13.61 -4.85
CA VAL B 346 58.87 13.64 -3.51
C VAL B 346 59.90 13.15 -2.48
N LEU B 347 59.97 13.84 -1.34
CA LEU B 347 60.86 13.42 -0.26
C LEU B 347 60.01 12.57 0.66
N THR B 348 60.45 11.36 0.94
CA THR B 348 59.67 10.46 1.77
C THR B 348 60.54 9.66 2.70
N THR B 349 60.03 9.38 3.89
CA THR B 349 60.77 8.61 4.90
C THR B 349 60.29 7.15 4.89
N THR B 350 58.96 6.96 4.96
CA THR B 350 58.33 5.65 4.98
C THR B 350 57.81 5.20 3.60
N GLY B 351 57.74 6.11 2.64
CA GLY B 351 57.17 5.83 1.32
C GLY B 351 55.74 6.33 1.18
N ARG B 352 55.06 6.68 2.29
CA ARG B 352 53.67 7.10 2.30
C ARG B 352 53.35 8.29 1.36
N SER B 353 54.17 9.35 1.35
CA SER B 353 53.90 10.51 0.48
C SER B 353 53.92 10.12 -1.00
N ALA B 354 54.80 9.17 -1.37
CA ALA B 354 54.90 8.69 -2.73
C ALA B 354 53.67 7.81 -3.06
N GLN B 355 53.19 7.01 -2.09
CA GLN B 355 52.01 6.16 -2.23
C GLN B 355 50.76 6.99 -2.51
N LEU B 356 50.61 8.12 -1.79
CA LEU B 356 49.46 9.00 -1.97
C LEU B 356 49.47 9.73 -3.30
N LEU B 357 50.65 9.92 -3.89
CA LEU B 357 50.74 10.52 -5.23
C LEU B 357 50.34 9.42 -6.25
N SER B 358 50.88 8.22 -6.09
CA SER B 358 50.66 7.05 -6.90
C SER B 358 49.17 6.65 -7.03
N ARG B 359 48.36 6.83 -5.97
CA ARG B 359 46.94 6.48 -5.99
C ARG B 359 46.13 7.28 -7.02
N TYR B 360 46.61 8.47 -7.42
CA TYR B 360 45.89 9.28 -8.43
C TYR B 360 46.32 8.98 -9.87
N ARG B 361 47.24 8.02 -10.04
CA ARG B 361 47.74 7.54 -11.31
C ARG B 361 48.23 8.65 -12.21
N PRO B 362 49.20 9.47 -11.76
CA PRO B 362 49.74 10.51 -12.65
C PRO B 362 50.49 9.88 -13.81
N ARG B 363 50.50 10.58 -14.94
CA ARG B 363 51.31 10.17 -16.08
C ARG B 363 52.81 10.49 -15.77
N ALA B 364 53.08 11.55 -14.96
CA ALA B 364 54.43 11.94 -14.54
C ALA B 364 55.01 10.89 -13.61
N ALA B 365 56.30 10.58 -13.79
CA ALA B 365 56.98 9.62 -12.92
C ALA B 365 57.09 10.19 -11.49
N VAL B 366 56.91 9.37 -10.46
CA VAL B 366 57.05 9.81 -9.09
C VAL B 366 58.43 9.39 -8.62
N ILE B 367 59.38 10.33 -8.62
CA ILE B 367 60.74 10.07 -8.16
C ILE B 367 60.80 10.26 -6.64
N ALA B 368 60.88 9.16 -5.90
CA ALA B 368 60.88 9.21 -4.46
C ALA B 368 62.29 9.18 -3.89
N VAL B 369 62.73 10.29 -3.28
CA VAL B 369 64.06 10.36 -2.67
C VAL B 369 63.94 10.01 -1.20
N THR B 370 64.62 8.95 -0.77
CA THR B 370 64.54 8.49 0.61
C THR B 370 65.90 8.08 1.16
N ARG B 371 66.06 8.17 2.47
CA ARG B 371 67.25 7.69 3.15
C ARG B 371 67.04 6.23 3.64
N SER B 372 65.77 5.77 3.71
CA SER B 372 65.45 4.43 4.14
C SER B 372 65.61 3.42 3.00
N ALA B 373 66.58 2.48 3.14
CA ALA B 373 66.80 1.44 2.14
C ALA B 373 65.59 0.52 2.04
N GLN B 374 64.93 0.24 3.18
CA GLN B 374 63.74 -0.60 3.18
C GLN B 374 62.58 0.10 2.45
N ALA B 375 62.36 1.41 2.69
CA ALA B 375 61.29 2.15 2.01
C ALA B 375 61.59 2.20 0.51
N ALA B 376 62.86 2.41 0.12
CA ALA B 376 63.23 2.43 -1.30
C ALA B 376 62.88 1.09 -1.99
N ARG B 377 63.06 -0.04 -1.29
CA ARG B 377 62.72 -1.34 -1.86
C ARG B 377 61.18 -1.55 -1.88
N GLN B 378 60.50 -1.18 -0.78
CA GLN B 378 59.07 -1.40 -0.68
C GLN B 378 58.20 -0.51 -1.59
N VAL B 379 58.65 0.72 -1.99
CA VAL B 379 57.83 1.57 -2.85
C VAL B 379 57.66 1.00 -4.27
N HIS B 380 58.41 -0.06 -4.63
CA HIS B 380 58.20 -0.76 -5.89
C HIS B 380 56.76 -1.36 -5.93
N LEU B 381 56.09 -1.53 -4.77
CA LEU B 381 54.73 -2.03 -4.72
C LEU B 381 53.73 -1.01 -5.33
N CYS B 382 54.08 0.29 -5.35
CA CYS B 382 53.20 1.35 -5.84
C CYS B 382 53.54 1.75 -7.26
N ARG B 383 52.54 1.68 -8.15
CA ARG B 383 52.77 1.99 -9.55
C ARG B 383 53.28 3.41 -9.79
N GLY B 384 54.32 3.53 -10.59
CA GLY B 384 54.88 4.81 -11.00
C GLY B 384 55.83 5.46 -10.01
N VAL B 385 56.25 4.71 -8.98
CA VAL B 385 57.21 5.24 -8.00
C VAL B 385 58.59 4.70 -8.31
N PHE B 386 59.54 5.61 -8.58
CA PHE B 386 60.94 5.29 -8.89
C PHE B 386 61.80 5.69 -7.69
N PRO B 387 62.21 4.71 -6.89
CA PRO B 387 62.97 5.04 -5.68
C PRO B 387 64.44 5.40 -5.89
N LEU B 388 64.91 6.45 -5.21
CA LEU B 388 66.31 6.85 -5.21
C LEU B 388 66.78 6.80 -3.77
N LEU B 389 67.79 5.97 -3.49
CA LEU B 389 68.33 5.88 -2.14
C LEU B 389 69.42 6.94 -1.95
N TYR B 390 69.20 7.87 -1.03
CA TYR B 390 70.11 8.96 -0.70
C TYR B 390 71.04 8.49 0.44
N ARG B 391 72.36 8.50 0.19
CA ARG B 391 73.31 8.00 1.18
C ARG B 391 74.11 9.09 1.92
N GLU B 392 74.03 10.35 1.47
CA GLU B 392 74.79 11.45 2.06
C GLU B 392 74.48 11.77 3.51
N PRO B 393 75.51 12.18 4.29
CA PRO B 393 75.27 12.58 5.68
C PRO B 393 74.54 13.93 5.76
N PRO B 394 73.70 14.10 6.79
CA PRO B 394 72.87 15.31 6.86
C PRO B 394 73.63 16.62 6.94
N GLU B 395 73.07 17.67 6.30
CA GLU B 395 73.58 19.05 6.37
C GLU B 395 73.21 19.61 7.76
N ALA B 396 73.92 20.65 8.20
CA ALA B 396 73.64 21.28 9.50
C ALA B 396 72.28 21.99 9.45
N ILE B 397 72.00 22.70 8.34
CA ILE B 397 70.72 23.38 8.17
C ILE B 397 69.74 22.42 7.46
N TRP B 398 68.58 22.14 8.08
CA TRP B 398 67.57 21.23 7.54
C TRP B 398 67.08 21.63 6.15
N ALA B 399 66.78 22.92 5.92
CA ALA B 399 66.33 23.39 4.61
C ALA B 399 67.37 23.12 3.52
N ASP B 400 68.66 23.17 3.85
CA ASP B 400 69.73 22.88 2.90
C ASP B 400 69.80 21.39 2.60
N ASP B 401 69.55 20.55 3.61
CA ASP B 401 69.53 19.10 3.46
C ASP B 401 68.37 18.67 2.54
N VAL B 402 67.22 19.34 2.67
CA VAL B 402 66.03 19.15 1.85
C VAL B 402 66.38 19.51 0.40
N ASP B 403 66.96 20.70 0.17
CA ASP B 403 67.35 21.17 -1.15
C ASP B 403 68.36 20.25 -1.83
N ARG B 404 69.31 19.70 -1.05
CA ARG B 404 70.29 18.78 -1.62
C ARG B 404 69.63 17.50 -2.12
N ARG B 405 68.61 17.03 -1.40
CA ARG B 405 67.86 15.83 -1.76
C ARG B 405 67.01 16.08 -3.02
N VAL B 406 66.43 17.26 -3.17
CA VAL B 406 65.67 17.61 -4.36
C VAL B 406 66.60 17.68 -5.57
N GLN B 407 67.80 18.28 -5.41
CA GLN B 407 68.79 18.34 -6.49
C GLN B 407 69.33 16.97 -6.86
N PHE B 408 69.45 16.06 -5.89
CA PHE B 408 69.87 14.68 -6.16
C PHE B 408 68.82 13.98 -7.06
N GLY B 409 67.54 14.27 -6.80
CA GLY B 409 66.44 13.75 -7.60
C GLY B 409 66.45 14.31 -9.00
N ILE B 410 66.75 15.61 -9.16
CA ILE B 410 66.82 16.25 -10.48
C ILE B 410 68.01 15.72 -11.28
N GLU B 411 69.17 15.55 -10.62
CA GLU B 411 70.38 15.04 -11.28
C GLU B 411 70.24 13.58 -11.67
N SER B 412 69.69 12.70 -10.79
CA SER B 412 69.45 11.30 -11.18
C SER B 412 68.40 11.25 -12.32
N GLY B 413 67.43 12.15 -12.28
CA GLY B 413 66.38 12.26 -13.29
C GLY B 413 66.91 12.68 -14.64
N LYS B 414 67.90 13.55 -14.68
CA LYS B 414 68.53 13.99 -15.92
C LYS B 414 69.43 12.88 -16.45
N LEU B 415 70.22 12.27 -15.56
CA LEU B 415 71.13 11.19 -15.89
C LEU B 415 70.44 9.85 -16.20
N ARG B 416 69.14 9.67 -15.92
CA ARG B 416 68.42 8.46 -16.32
C ARG B 416 67.46 8.70 -17.51
N GLY B 417 67.36 9.94 -17.98
CA GLY B 417 66.50 10.28 -19.11
C GLY B 417 65.10 10.75 -18.77
N PHE B 418 64.73 10.75 -17.46
CA PHE B 418 63.42 11.22 -17.03
C PHE B 418 63.24 12.69 -17.28
N LEU B 419 64.30 13.48 -17.14
CA LEU B 419 64.22 14.93 -17.25
C LEU B 419 65.19 15.51 -18.25
N ARG B 420 64.73 16.55 -18.92
CA ARG B 420 65.50 17.29 -19.91
C ARG B 420 65.41 18.78 -19.56
N VAL B 421 66.43 19.57 -19.91
CA VAL B 421 66.41 21.01 -19.70
C VAL B 421 65.18 21.63 -20.40
N GLY B 422 64.43 22.45 -19.69
CA GLY B 422 63.20 23.03 -20.22
C GLY B 422 61.94 22.35 -19.70
N ASP B 423 62.08 21.14 -19.11
CA ASP B 423 60.97 20.41 -18.54
C ASP B 423 60.46 21.08 -17.25
N LEU B 424 59.21 20.81 -16.92
CA LEU B 424 58.65 21.26 -15.66
C LEU B 424 58.54 20.05 -14.75
N VAL B 425 58.84 20.28 -13.49
CA VAL B 425 58.82 19.23 -12.49
C VAL B 425 58.01 19.73 -11.27
N ILE B 426 57.36 18.82 -10.55
CA ILE B 426 56.59 19.19 -9.37
C ILE B 426 57.36 18.63 -8.19
N VAL B 427 57.67 19.45 -7.17
CA VAL B 427 58.45 18.97 -6.01
C VAL B 427 57.57 18.95 -4.78
N VAL B 428 57.47 17.81 -4.12
CA VAL B 428 56.62 17.62 -2.95
C VAL B 428 57.48 17.38 -1.71
N THR B 429 57.41 18.31 -0.72
CA THR B 429 58.20 18.27 0.52
C THR B 429 57.28 18.62 1.74
N GLY B 430 57.86 18.60 2.95
CA GLY B 430 57.18 18.96 4.18
C GLY B 430 57.74 20.24 4.78
N TRP B 431 57.11 20.72 5.83
CA TRP B 431 57.53 21.97 6.50
C TRP B 431 58.52 21.72 7.67
N ARG B 432 58.58 20.48 8.20
CA ARG B 432 59.47 20.11 9.29
C ARG B 432 59.98 18.68 9.12
N PRO B 433 61.14 18.30 9.70
CA PRO B 433 61.63 16.92 9.54
C PRO B 433 60.73 15.87 10.17
N GLY B 434 60.90 14.63 9.75
CA GLY B 434 60.10 13.52 10.25
C GLY B 434 58.90 13.20 9.38
N SER B 435 58.43 11.97 9.47
CA SER B 435 57.32 11.46 8.70
C SER B 435 55.98 12.09 9.10
N GLY B 436 55.09 12.24 8.12
CA GLY B 436 53.74 12.76 8.33
C GLY B 436 53.51 14.25 8.14
N TYR B 437 54.51 15.00 7.67
CA TYR B 437 54.36 16.46 7.56
C TYR B 437 54.42 17.02 6.16
N THR B 438 54.30 16.17 5.10
CA THR B 438 54.27 16.67 3.71
C THR B 438 53.12 17.67 3.54
N ASN B 439 53.41 18.87 3.02
CA ASN B 439 52.37 19.89 2.85
C ASN B 439 52.73 20.94 1.77
N ILE B 440 53.82 20.75 1.04
CA ILE B 440 54.29 21.72 0.06
C ILE B 440 54.44 21.12 -1.33
N MET B 441 54.01 21.87 -2.32
CA MET B 441 54.15 21.50 -3.72
CA MET B 441 54.07 21.53 -3.74
C MET B 441 54.75 22.72 -4.45
N ARG B 442 55.82 22.48 -5.22
CA ARG B 442 56.51 23.55 -5.95
C ARG B 442 56.61 23.23 -7.43
N VAL B 443 56.46 24.25 -8.27
CA VAL B 443 56.60 24.08 -9.72
C VAL B 443 58.00 24.59 -10.07
N LEU B 444 58.86 23.71 -10.59
CA LEU B 444 60.22 24.10 -10.94
CA LEU B 444 60.22 24.09 -10.93
C LEU B 444 60.54 23.86 -12.42
N SER B 445 61.27 24.78 -13.05
CA SER B 445 61.69 24.63 -14.44
C SER B 445 63.11 24.04 -14.44
N ILE B 446 63.34 22.98 -15.21
CA ILE B 446 64.65 22.33 -15.24
C ILE B 446 65.66 23.13 -16.06
N SER B 447 66.81 23.44 -15.47
CA SER B 447 67.85 24.20 -16.15
C SER B 447 69.16 23.38 -16.26
N GLU C 21 22.02 17.43 -47.66
CA GLU C 21 20.63 16.99 -47.49
C GLU C 21 19.74 18.10 -46.90
N LEU C 22 20.19 18.74 -45.81
CA LEU C 22 19.45 19.84 -45.18
C LEU C 22 20.10 21.21 -45.44
N GLY C 23 21.40 21.23 -45.69
CA GLY C 23 22.15 22.45 -45.98
C GLY C 23 22.85 23.05 -44.77
N THR C 24 23.88 23.87 -45.03
CA THR C 24 24.63 24.55 -43.97
C THR C 24 23.74 25.63 -43.29
N ALA C 25 22.85 26.28 -44.06
CA ALA C 25 21.93 27.30 -43.56
C ALA C 25 21.01 26.73 -42.49
N PHE C 26 20.56 25.47 -42.65
CA PHE C 26 19.70 24.81 -41.67
C PHE C 26 20.43 24.66 -40.33
N PHE C 27 21.71 24.26 -40.39
CA PHE C 27 22.49 24.02 -39.20
C PHE C 27 23.07 25.30 -38.53
N GLN C 28 22.80 26.48 -39.11
CA GLN C 28 23.20 27.75 -38.51
C GLN C 28 22.03 28.40 -37.74
N GLN C 29 20.77 28.05 -38.08
CA GLN C 29 19.55 28.53 -37.43
C GLN C 29 19.30 27.78 -36.11
N GLN C 30 18.30 28.28 -35.33
CA GLN C 30 17.82 27.75 -34.06
C GLN C 30 18.93 27.28 -33.08
N GLN C 31 20.04 28.05 -33.02
CA GLN C 31 21.20 27.78 -32.17
C GLN C 31 21.73 26.35 -32.29
N LEU C 32 21.70 25.78 -33.51
CA LEU C 32 22.19 24.42 -33.72
C LEU C 32 23.70 24.29 -33.48
N PRO C 33 24.58 25.25 -33.84
CA PRO C 33 26.00 25.13 -33.44
C PRO C 33 26.17 25.03 -31.91
N ALA C 34 25.40 25.83 -31.14
CA ALA C 34 25.43 25.79 -29.68
C ALA C 34 24.84 24.49 -29.11
N ALA C 35 23.84 23.93 -29.80
CA ALA C 35 23.19 22.69 -29.42
C ALA C 35 24.10 21.48 -29.57
N MET C 36 25.04 21.52 -30.56
CA MET C 36 25.98 20.43 -30.80
C MET C 36 27.20 20.44 -29.86
N ALA C 37 27.35 21.47 -29.00
CA ALA C 37 28.52 21.59 -28.11
C ALA C 37 28.66 20.45 -27.11
N ASP C 38 29.91 20.11 -26.76
CA ASP C 38 30.19 18.99 -25.85
C ASP C 38 30.14 19.36 -24.36
N THR C 39 30.17 20.65 -24.03
CA THR C 39 30.07 21.13 -22.66
C THR C 39 29.09 22.30 -22.60
N PHE C 40 28.53 22.57 -21.42
CA PHE C 40 27.63 23.70 -21.22
C PHE C 40 28.37 25.02 -21.46
N LEU C 41 29.63 25.11 -21.03
CA LEU C 41 30.45 26.29 -21.22
C LEU C 41 30.64 26.59 -22.72
N GLU C 42 30.95 25.55 -23.53
CA GLU C 42 31.10 25.70 -24.99
C GLU C 42 29.75 26.06 -25.64
N HIS C 43 28.65 25.52 -25.11
CA HIS C 43 27.29 25.83 -25.58
C HIS C 43 27.03 27.32 -25.40
N LEU C 44 27.38 27.90 -24.22
CA LEU C 44 27.19 29.33 -23.97
C LEU C 44 28.02 30.15 -24.96
N CYS C 45 29.31 29.80 -25.14
CA CYS C 45 30.21 30.49 -26.04
C CYS C 45 29.73 30.50 -27.51
N LEU C 46 28.96 29.49 -27.90
CA LEU C 46 28.46 29.36 -29.26
C LEU C 46 27.10 29.99 -29.50
N LEU C 47 26.45 30.56 -28.47
CA LEU C 47 25.14 31.22 -28.67
C LEU C 47 25.32 32.41 -29.61
N ASP C 48 24.42 32.57 -30.58
CA ASP C 48 24.57 33.58 -31.61
C ASP C 48 23.31 34.41 -31.76
N ILE C 49 23.43 35.73 -31.62
CA ILE C 49 22.27 36.63 -31.78
C ILE C 49 21.73 36.62 -33.23
N ASP C 50 22.57 36.25 -34.21
CA ASP C 50 22.20 36.15 -35.62
C ASP C 50 21.56 34.83 -36.00
N SER C 51 21.58 33.82 -35.11
CA SER C 51 20.97 32.51 -35.36
C SER C 51 19.48 32.65 -35.06
N GLU C 52 18.64 32.72 -36.11
CA GLU C 52 17.20 32.94 -35.95
C GLU C 52 16.41 31.72 -35.52
N PRO C 53 15.41 31.91 -34.62
CA PRO C 53 14.56 30.77 -34.24
C PRO C 53 13.64 30.34 -35.39
N VAL C 54 13.53 29.04 -35.60
CA VAL C 54 12.69 28.51 -36.68
C VAL C 54 11.47 27.79 -36.14
N ALA C 55 11.65 27.02 -35.08
CA ALA C 55 10.55 26.29 -34.45
C ALA C 55 9.42 27.18 -33.92
N ALA C 56 8.20 26.61 -33.80
CA ALA C 56 7.08 27.34 -33.22
C ALA C 56 7.33 27.50 -31.70
N ARG C 57 6.83 28.59 -31.12
CA ARG C 57 7.02 28.88 -29.70
C ARG C 57 6.31 27.83 -28.85
N SER C 58 7.06 27.16 -27.98
CA SER C 58 6.54 26.05 -27.22
C SER C 58 6.10 26.37 -25.78
N THR C 59 6.59 27.45 -25.15
CA THR C 59 6.18 27.80 -23.79
C THR C 59 4.88 28.56 -23.88
N SER C 60 3.82 28.07 -23.25
CA SER C 60 2.51 28.74 -23.32
C SER C 60 2.48 30.06 -22.57
N ILE C 61 1.64 30.97 -23.05
CA ILE C 61 1.47 32.26 -22.43
C ILE C 61 0.10 32.32 -21.77
N ILE C 62 0.08 32.58 -20.45
CA ILE C 62 -1.16 32.74 -19.71
C ILE C 62 -1.36 34.24 -19.54
N ALA C 63 -2.50 34.75 -20.00
CA ALA C 63 -2.75 36.18 -19.87
C ALA C 63 -3.94 36.41 -18.95
N THR C 64 -3.79 37.34 -17.98
CA THR C 64 -4.88 37.64 -17.07
C THR C 64 -5.90 38.56 -17.72
N ILE C 65 -7.17 38.17 -17.70
CA ILE C 65 -8.25 38.95 -18.28
C ILE C 65 -8.75 39.99 -17.25
N GLY C 66 -8.83 41.24 -17.67
CA GLY C 66 -9.31 42.34 -16.85
C GLY C 66 -9.85 43.48 -17.72
N PRO C 67 -10.04 44.68 -17.14
CA PRO C 67 -10.57 45.81 -17.93
C PRO C 67 -9.80 46.10 -19.24
N ALA C 68 -8.45 45.94 -19.23
CA ALA C 68 -7.64 46.21 -20.40
C ALA C 68 -7.65 45.09 -21.46
N SER C 69 -8.28 43.95 -21.18
CA SER C 69 -8.26 42.82 -22.10
C SER C 69 -9.58 42.05 -22.09
N ARG C 70 -10.69 42.74 -21.96
CA ARG C 70 -12.00 42.09 -21.87
C ARG C 70 -12.83 42.07 -23.13
N SER C 71 -12.68 43.10 -23.95
CA SER C 71 -13.46 43.21 -25.19
C SER C 71 -13.13 42.09 -26.17
N VAL C 72 -14.14 41.64 -26.94
CA VAL C 72 -13.96 40.57 -27.92
C VAL C 72 -12.88 40.94 -28.95
N GLU C 73 -12.84 42.22 -29.35
CA GLU C 73 -11.85 42.71 -30.30
C GLU C 73 -10.43 42.69 -29.75
N ARG C 74 -10.27 43.07 -28.48
CA ARG C 74 -8.97 43.07 -27.80
C ARG C 74 -8.50 41.60 -27.61
N LEU C 75 -9.42 40.71 -27.22
CA LEU C 75 -9.15 39.28 -27.05
C LEU C 75 -8.72 38.60 -28.34
N LYS C 76 -9.29 39.02 -29.50
CA LYS C 76 -8.89 38.49 -30.80
C LYS C 76 -7.45 38.85 -31.09
N GLU C 77 -7.04 40.09 -30.74
CA GLU C 77 -5.68 40.56 -30.93
C GLU C 77 -4.69 39.81 -30.03
N MET C 78 -5.12 39.48 -28.81
CA MET C 78 -4.27 38.74 -27.86
CA MET C 78 -4.27 38.74 -27.86
C MET C 78 -4.09 37.29 -28.29
N ILE C 79 -5.12 36.70 -28.93
CA ILE C 79 -5.03 35.35 -29.45
C ILE C 79 -4.01 35.34 -30.60
N LYS C 80 -4.07 36.35 -31.49
CA LYS C 80 -3.14 36.47 -32.60
C LYS C 80 -1.71 36.72 -32.11
N ALA C 81 -1.55 37.45 -31.01
CA ALA C 81 -0.23 37.73 -30.42
C ALA C 81 0.41 36.48 -29.73
N GLY C 82 -0.43 35.49 -29.39
CA GLY C 82 0.08 34.27 -28.77
C GLY C 82 -0.54 33.77 -27.47
N MET C 83 -1.61 34.41 -26.96
CA MET C 83 -2.25 33.96 -25.73
C MET C 83 -2.83 32.54 -25.89
N ASN C 84 -2.46 31.63 -24.96
CA ASN C 84 -2.94 30.23 -25.02
C ASN C 84 -3.92 29.90 -23.90
N ILE C 85 -3.77 30.58 -22.75
CA ILE C 85 -4.60 30.37 -21.58
C ILE C 85 -5.06 31.73 -21.05
N ALA C 86 -6.37 31.86 -20.82
CA ALA C 86 -6.96 33.08 -20.27
C ALA C 86 -7.18 32.88 -18.76
N ARG C 87 -6.57 33.72 -17.93
CA ARG C 87 -6.69 33.61 -16.49
C ARG C 87 -7.74 34.57 -15.92
N LEU C 88 -8.70 34.04 -15.17
CA LEU C 88 -9.71 34.85 -14.50
C LEU C 88 -9.32 34.94 -13.04
N ASN C 89 -8.98 36.15 -12.57
CA ASN C 89 -8.58 36.34 -11.18
C ASN C 89 -9.80 36.55 -10.32
N PHE C 90 -10.22 35.51 -9.59
CA PHE C 90 -11.39 35.61 -8.72
C PHE C 90 -11.14 36.39 -7.43
N SER C 91 -9.94 37.00 -7.27
CA SER C 91 -9.68 37.91 -6.16
C SER C 91 -10.41 39.25 -6.37
N HIS C 92 -10.84 39.56 -7.61
CA HIS C 92 -11.56 40.78 -7.98
C HIS C 92 -12.74 40.41 -8.90
N GLY C 93 -13.79 41.20 -8.87
CA GLY C 93 -14.94 40.98 -9.75
C GLY C 93 -15.97 39.98 -9.26
N SER C 94 -17.19 40.10 -9.78
CA SER C 94 -18.29 39.22 -9.40
C SER C 94 -18.38 37.99 -10.31
N HIS C 95 -19.28 37.03 -10.00
CA HIS C 95 -19.53 35.88 -10.86
C HIS C 95 -20.07 36.34 -12.21
N GLU C 96 -20.92 37.37 -12.22
CA GLU C 96 -21.50 37.90 -13.46
C GLU C 96 -20.40 38.51 -14.34
N TYR C 97 -19.43 39.21 -13.71
CA TYR C 97 -18.30 39.81 -14.42
C TYR C 97 -17.44 38.71 -15.06
N HIS C 98 -17.11 37.64 -14.30
CA HIS C 98 -16.32 36.53 -14.83
C HIS C 98 -17.05 35.72 -15.88
N ALA C 99 -18.38 35.55 -15.76
CA ALA C 99 -19.14 34.81 -16.79
C ALA C 99 -19.11 35.59 -18.11
N GLU C 100 -19.12 36.93 -18.05
CA GLU C 100 -19.03 37.76 -19.24
C GLU C 100 -17.63 37.66 -19.86
N SER C 101 -16.59 37.63 -19.02
CA SER C 101 -15.21 37.47 -19.47
C SER C 101 -15.06 36.10 -20.21
N ILE C 102 -15.63 35.02 -19.64
CA ILE C 102 -15.63 33.67 -20.23
C ILE C 102 -16.32 33.69 -21.59
N ALA C 103 -17.49 34.32 -21.66
CA ALA C 103 -18.25 34.40 -22.92
C ALA C 103 -17.50 35.18 -24.01
N ASN C 104 -16.78 36.27 -23.63
CA ASN C 104 -16.00 37.08 -24.56
C ASN C 104 -14.79 36.32 -25.06
N VAL C 105 -14.14 35.51 -24.18
CA VAL C 105 -13.01 34.68 -24.59
C VAL C 105 -13.50 33.65 -25.59
N ARG C 106 -14.58 32.92 -25.26
CA ARG C 106 -15.15 31.92 -26.16
C ARG C 106 -15.60 32.51 -27.52
N GLU C 107 -16.16 33.73 -27.51
CA GLU C 107 -16.59 34.39 -28.74
C GLU C 107 -15.38 34.74 -29.59
N ALA C 108 -14.31 35.30 -28.99
CA ALA C 108 -13.10 35.63 -29.74
C ALA C 108 -12.42 34.37 -30.29
N VAL C 109 -12.38 33.27 -29.51
CA VAL C 109 -11.78 32.01 -29.95
C VAL C 109 -12.58 31.44 -31.13
N GLU C 110 -13.93 31.43 -31.03
CA GLU C 110 -14.75 30.86 -32.10
C GLU C 110 -14.87 31.73 -33.35
N SER C 111 -14.40 32.98 -33.30
CA SER C 111 -14.40 33.84 -34.48
C SER C 111 -13.38 33.38 -35.55
N PHE C 112 -12.45 32.47 -35.20
CA PHE C 112 -11.48 31.91 -36.11
C PHE C 112 -11.81 30.45 -36.48
N ALA C 113 -13.00 29.94 -36.12
CA ALA C 113 -13.36 28.55 -36.44
C ALA C 113 -13.42 28.27 -37.93
N GLY C 114 -13.70 29.29 -38.74
CA GLY C 114 -13.79 29.13 -40.19
C GLY C 114 -12.46 28.89 -40.89
N SER C 115 -11.39 29.47 -40.35
CA SER C 115 -10.04 29.32 -40.92
C SER C 115 -9.16 28.33 -40.11
N PRO C 116 -8.76 27.21 -40.74
CA PRO C 116 -7.94 26.21 -40.02
C PRO C 116 -6.56 26.71 -39.61
N LEU C 117 -5.97 27.62 -40.40
CA LEU C 117 -4.66 28.24 -40.18
C LEU C 117 -4.67 29.22 -38.98
N SER C 118 -5.85 29.79 -38.65
CA SER C 118 -5.96 30.75 -37.55
C SER C 118 -6.64 30.21 -36.27
N TYR C 119 -7.39 29.10 -36.37
CA TYR C 119 -8.07 28.55 -35.21
C TYR C 119 -7.09 27.99 -34.21
N ARG C 120 -7.20 28.43 -32.97
CA ARG C 120 -6.37 27.94 -31.91
C ARG C 120 -7.21 27.83 -30.63
N PRO C 121 -7.29 26.61 -30.02
CA PRO C 121 -8.03 26.47 -28.75
C PRO C 121 -7.38 27.32 -27.66
N VAL C 122 -8.20 27.86 -26.75
CA VAL C 122 -7.67 28.68 -25.65
C VAL C 122 -8.25 28.14 -24.36
N ALA C 123 -7.40 27.74 -23.40
CA ALA C 123 -7.89 27.23 -22.13
C ALA C 123 -8.38 28.36 -21.22
N ILE C 124 -9.34 28.04 -20.35
CA ILE C 124 -9.82 29.01 -19.38
C ILE C 124 -9.46 28.55 -17.99
N ALA C 125 -8.70 29.37 -17.27
CA ALA C 125 -8.26 29.04 -15.94
C ALA C 125 -8.89 29.96 -14.88
N LEU C 126 -9.33 29.38 -13.77
CA LEU C 126 -9.92 30.12 -12.66
C LEU C 126 -8.89 30.24 -11.56
N ASP C 127 -8.46 31.46 -11.20
CA ASP C 127 -7.51 31.67 -10.12
C ASP C 127 -8.32 32.04 -8.86
N THR C 128 -8.26 31.20 -7.81
CA THR C 128 -9.07 31.44 -6.61
C THR C 128 -8.57 32.59 -5.74
N LYS C 129 -9.47 33.16 -4.93
CA LYS C 129 -9.17 34.26 -4.01
C LYS C 129 -8.24 33.79 -2.90
N GLY C 130 -8.46 32.59 -2.38
CA GLY C 130 -7.60 32.03 -1.35
C GLY C 130 -8.22 31.92 0.03
N PRO C 131 -7.49 31.26 0.95
CA PRO C 131 -8.00 31.07 2.32
C PRO C 131 -8.06 32.33 3.18
N GLY C 134 -7.81 32.37 7.18
CA GLY C 134 -8.41 31.07 7.46
C GLY C 134 -7.42 29.93 7.33
N PRO C 135 -7.78 28.75 7.91
CA PRO C 135 -6.86 27.59 7.87
C PRO C 135 -6.92 26.72 6.60
N GLY C 136 -8.10 26.61 6.00
CA GLY C 136 -8.29 25.78 4.81
C GLY C 136 -9.12 26.46 3.73
N LEU C 137 -9.91 25.67 3.00
CA LEU C 137 -10.75 26.20 1.93
C LEU C 137 -11.85 27.17 2.41
N SER C 138 -11.84 28.39 1.90
CA SER C 138 -12.82 29.39 2.28
C SER C 138 -14.18 29.13 1.64
N GLU C 139 -15.22 29.76 2.16
CA GLU C 139 -16.59 29.61 1.66
C GLU C 139 -16.75 30.23 0.27
N GLN C 140 -16.05 31.35 0.01
CA GLN C 140 -16.08 32.00 -1.30
C GLN C 140 -15.38 31.11 -2.32
N ASP C 141 -14.27 30.45 -1.94
CA ASP C 141 -13.59 29.52 -2.83
C ASP C 141 -14.48 28.35 -3.22
N VAL C 142 -15.31 27.83 -2.30
CA VAL C 142 -16.22 26.74 -2.64
C VAL C 142 -17.25 27.20 -3.68
N ARG C 143 -17.75 28.44 -3.54
CA ARG C 143 -18.73 28.96 -4.48
C ARG C 143 -18.11 29.26 -5.83
N ASP C 144 -16.88 29.78 -5.84
CA ASP C 144 -16.14 30.08 -7.06
C ASP C 144 -15.73 28.81 -7.81
N LEU C 145 -15.30 27.76 -7.08
CA LEU C 145 -14.97 26.47 -7.69
C LEU C 145 -16.23 25.85 -8.30
N ARG C 146 -17.37 25.99 -7.64
CA ARG C 146 -18.65 25.48 -8.16
C ARG C 146 -19.03 26.25 -9.44
N PHE C 147 -18.75 27.57 -9.47
CA PHE C 147 -18.98 28.42 -10.63
C PHE C 147 -18.15 27.91 -11.83
N GLY C 148 -16.89 27.57 -11.55
CA GLY C 148 -15.95 27.05 -12.55
C GLY C 148 -16.41 25.77 -13.17
N VAL C 149 -16.93 24.84 -12.36
CA VAL C 149 -17.47 23.57 -12.86
C VAL C 149 -18.67 23.85 -13.74
N GLU C 150 -19.58 24.72 -13.27
CA GLU C 150 -20.79 25.06 -14.02
C GLU C 150 -20.51 25.75 -15.34
N HIS C 151 -19.42 26.53 -15.40
CA HIS C 151 -19.05 27.24 -16.62
C HIS C 151 -18.03 26.52 -17.50
N GLY C 152 -17.65 25.29 -17.14
CA GLY C 152 -16.73 24.47 -17.91
C GLY C 152 -15.30 24.96 -17.98
N VAL C 153 -14.75 25.49 -16.88
CA VAL C 153 -13.34 25.92 -16.88
C VAL C 153 -12.45 24.68 -17.01
N ASP C 154 -11.25 24.89 -17.51
CA ASP C 154 -10.33 23.76 -17.76
C ASP C 154 -9.33 23.59 -16.65
N ILE C 155 -8.91 24.70 -16.03
CA ILE C 155 -7.87 24.70 -15.01
C ILE C 155 -8.25 25.53 -13.80
N VAL C 156 -7.73 25.16 -12.62
CA VAL C 156 -7.91 25.91 -11.40
C VAL C 156 -6.51 26.25 -10.91
N PHE C 157 -6.21 27.54 -10.72
CA PHE C 157 -4.95 27.95 -10.12
C PHE C 157 -5.36 28.16 -8.64
N ALA C 158 -5.09 27.16 -7.78
CA ALA C 158 -5.49 27.20 -6.37
C ALA C 158 -4.54 28.04 -5.54
N SER C 159 -5.02 29.19 -5.04
CA SER C 159 -4.20 30.10 -4.23
C SER C 159 -3.83 29.54 -2.85
N PHE C 160 -2.64 29.95 -2.38
CA PHE C 160 -2.04 29.64 -1.09
C PHE C 160 -2.16 28.16 -0.66
N VAL C 161 -1.66 27.22 -1.49
CA VAL C 161 -1.67 25.82 -1.12
C VAL C 161 -0.50 25.61 -0.17
N ARG C 162 -0.73 25.00 0.99
CA ARG C 162 0.29 24.84 2.01
C ARG C 162 0.62 23.42 2.38
N LYS C 163 -0.30 22.48 2.06
CA LYS C 163 -0.21 21.07 2.35
C LYS C 163 -1.08 20.25 1.39
N ALA C 164 -0.90 18.93 1.34
CA ALA C 164 -1.68 18.05 0.47
C ALA C 164 -3.15 18.12 0.73
N SER C 165 -3.58 18.32 2.00
CA SER C 165 -5.00 18.36 2.33
C SER C 165 -5.72 19.57 1.73
N ASP C 166 -4.98 20.65 1.41
CA ASP C 166 -5.55 21.83 0.74
C ASP C 166 -5.96 21.46 -0.70
N VAL C 167 -5.13 20.65 -1.38
CA VAL C 167 -5.40 20.18 -2.74
C VAL C 167 -6.59 19.25 -2.74
N ALA C 168 -6.66 18.35 -1.73
CA ALA C 168 -7.78 17.40 -1.59
C ALA C 168 -9.08 18.15 -1.35
N ALA C 169 -9.04 19.29 -0.62
CA ALA C 169 -10.23 20.09 -0.39
C ALA C 169 -10.71 20.69 -1.73
N VAL C 170 -9.79 21.22 -2.55
CA VAL C 170 -10.13 21.77 -3.87
C VAL C 170 -10.69 20.68 -4.78
N ARG C 171 -10.08 19.50 -4.75
CA ARG C 171 -10.47 18.33 -5.53
C ARG C 171 -11.87 17.88 -5.16
N ALA C 172 -12.18 17.84 -3.85
CA ALA C 172 -13.51 17.49 -3.33
C ALA C 172 -14.53 18.58 -3.72
N ALA C 173 -14.11 19.85 -3.71
CA ALA C 173 -14.98 20.98 -4.09
C ALA C 173 -15.28 20.98 -5.61
N LEU C 174 -14.44 20.33 -6.44
CA LEU C 174 -14.75 20.26 -7.89
C LEU C 174 -15.90 19.26 -8.20
N GLY C 175 -16.73 19.03 -7.17
CA GLY C 175 -18.00 18.30 -7.12
C GLY C 175 -17.97 17.05 -7.92
N PRO C 176 -19.14 16.54 -8.31
CA PRO C 176 -19.13 15.30 -9.11
C PRO C 176 -18.78 15.51 -10.59
N GLU C 177 -19.18 16.65 -11.17
CA GLU C 177 -18.96 16.94 -12.57
C GLU C 177 -17.57 17.50 -12.96
N GLY C 178 -16.72 17.85 -12.01
CA GLY C 178 -15.45 18.48 -12.35
C GLY C 178 -14.14 17.80 -12.04
N HIS C 179 -14.12 16.46 -11.95
CA HIS C 179 -12.85 15.74 -11.70
C HIS C 179 -11.87 15.80 -12.87
N GLY C 180 -12.31 16.25 -14.05
CA GLY C 180 -11.41 16.41 -15.18
C GLY C 180 -10.65 17.73 -15.21
N ILE C 181 -11.05 18.70 -14.38
CA ILE C 181 -10.37 19.98 -14.29
C ILE C 181 -8.98 19.82 -13.67
N LYS C 182 -7.97 20.49 -14.24
CA LYS C 182 -6.59 20.38 -13.74
C LYS C 182 -6.41 21.33 -12.57
N ILE C 183 -5.78 20.87 -11.48
CA ILE C 183 -5.52 21.71 -10.34
C ILE C 183 -4.06 22.01 -10.32
N ILE C 184 -3.70 23.27 -10.53
CA ILE C 184 -2.34 23.77 -10.50
C ILE C 184 -2.20 24.50 -9.15
N SER C 185 -1.42 23.96 -8.20
CA SER C 185 -1.27 24.53 -6.87
C SER C 185 -0.31 25.71 -6.86
N LYS C 186 -0.76 26.84 -6.32
CA LYS C 186 0.09 28.01 -6.22
C LYS C 186 0.88 27.95 -4.93
N ILE C 187 2.23 27.96 -5.02
CA ILE C 187 3.11 27.95 -3.86
C ILE C 187 3.43 29.41 -3.60
N GLU C 188 2.91 29.96 -2.48
CA GLU C 188 3.04 31.37 -2.16
C GLU C 188 3.62 31.67 -0.79
N ASN C 189 4.03 30.66 -0.01
CA ASN C 189 4.57 30.91 1.33
C ASN C 189 5.61 29.86 1.75
N HIS C 190 6.27 30.07 2.91
CA HIS C 190 7.29 29.16 3.41
C HIS C 190 6.77 27.74 3.57
N GLU C 191 5.53 27.58 4.09
CA GLU C 191 4.96 26.24 4.31
C GLU C 191 4.75 25.46 3.03
N GLY C 192 4.29 26.14 1.99
CA GLY C 192 4.10 25.54 0.68
C GLY C 192 5.42 25.05 0.09
N VAL C 193 6.49 25.86 0.26
CA VAL C 193 7.83 25.48 -0.19
C VAL C 193 8.34 24.25 0.59
N LYS C 194 8.14 24.24 1.92
CA LYS C 194 8.61 23.14 2.76
C LYS C 194 7.84 21.85 2.55
N ARG C 195 6.54 21.98 2.27
CA ARG C 195 5.71 20.79 2.02
C ARG C 195 5.52 20.53 0.51
N PHE C 196 6.41 21.08 -0.34
CA PHE C 196 6.34 20.98 -1.79
C PHE C 196 6.13 19.55 -2.32
N ASP C 197 6.91 18.57 -1.87
CA ASP C 197 6.79 17.21 -2.37
C ASP C 197 5.40 16.60 -2.20
N GLU C 198 4.78 16.80 -1.03
CA GLU C 198 3.44 16.25 -0.79
C GLU C 198 2.38 16.98 -1.61
N ILE C 199 2.58 18.27 -1.88
CA ILE C 199 1.65 19.07 -2.68
C ILE C 199 1.74 18.65 -4.16
N LEU C 200 2.95 18.53 -4.70
CA LEU C 200 3.17 18.14 -6.07
C LEU C 200 2.62 16.74 -6.34
N GLU C 201 2.79 15.83 -5.39
CA GLU C 201 2.30 14.46 -5.52
C GLU C 201 0.80 14.39 -5.80
N VAL C 202 0.00 15.26 -5.16
CA VAL C 202 -1.44 15.23 -5.33
C VAL C 202 -1.98 16.29 -6.31
N SER C 203 -1.13 17.21 -6.81
CA SER C 203 -1.56 18.24 -7.76
C SER C 203 -1.27 17.81 -9.21
N ASP C 204 -1.91 18.47 -10.17
CA ASP C 204 -1.63 18.24 -11.59
C ASP C 204 -0.39 19.05 -12.04
N GLY C 205 -0.06 20.11 -11.31
CA GLY C 205 1.06 20.98 -11.61
C GLY C 205 1.20 22.07 -10.56
N ILE C 206 2.14 22.99 -10.76
CA ILE C 206 2.48 24.03 -9.80
C ILE C 206 2.60 25.40 -10.44
N MET C 207 2.31 26.46 -9.68
CA MET C 207 2.56 27.80 -10.10
C MET C 207 3.51 28.42 -9.08
N VAL C 208 4.62 29.00 -9.53
CA VAL C 208 5.54 29.69 -8.65
C VAL C 208 4.97 31.10 -8.60
N ALA C 209 4.13 31.36 -7.58
CA ALA C 209 3.41 32.64 -7.39
C ALA C 209 4.34 33.60 -6.65
N ARG C 210 5.28 34.19 -7.40
CA ARG C 210 6.36 35.02 -6.88
C ARG C 210 5.92 36.29 -6.14
N GLY C 211 4.76 36.83 -6.44
CA GLY C 211 4.26 38.03 -5.76
C GLY C 211 4.14 37.85 -4.25
N ASP C 212 3.26 36.94 -3.81
CA ASP C 212 3.11 36.64 -2.38
C ASP C 212 4.33 35.96 -1.84
N LEU C 213 4.96 35.05 -2.61
CA LEU C 213 6.15 34.34 -2.15
C LEU C 213 7.28 35.32 -1.76
N GLY C 214 7.44 36.39 -2.52
CA GLY C 214 8.44 37.42 -2.27
C GLY C 214 8.17 38.29 -1.05
N ILE C 215 6.95 38.19 -0.49
CA ILE C 215 6.52 38.91 0.73
C ILE C 215 6.60 37.93 1.93
N GLU C 216 6.26 36.63 1.71
CA GLU C 216 6.27 35.59 2.74
C GLU C 216 7.68 35.13 3.10
N ILE C 217 8.59 35.10 2.12
CA ILE C 217 9.99 34.72 2.32
C ILE C 217 10.87 35.91 1.88
N PRO C 218 12.16 35.97 2.30
CA PRO C 218 13.01 37.09 1.85
C PRO C 218 13.06 37.17 0.32
N ALA C 219 12.96 38.37 -0.24
CA ALA C 219 12.94 38.57 -1.69
C ALA C 219 14.15 37.92 -2.40
N GLU C 220 15.32 37.95 -1.77
CA GLU C 220 16.54 37.39 -2.35
C GLU C 220 16.57 35.86 -2.38
N LYS C 221 15.55 35.18 -1.84
CA LYS C 221 15.47 33.73 -1.84
C LYS C 221 14.42 33.19 -2.84
N VAL C 222 13.60 34.06 -3.46
CA VAL C 222 12.57 33.63 -4.39
C VAL C 222 13.15 32.85 -5.59
N PHE C 223 14.27 33.31 -6.15
CA PHE C 223 14.91 32.61 -7.27
C PHE C 223 15.27 31.16 -6.93
N LEU C 224 15.65 30.87 -5.67
CA LEU C 224 16.00 29.51 -5.24
C LEU C 224 14.75 28.66 -5.24
N ALA C 225 13.64 29.20 -4.74
CA ALA C 225 12.37 28.50 -4.68
C ALA C 225 11.87 28.21 -6.08
N GLN C 226 11.97 29.20 -6.99
CA GLN C 226 11.55 29.04 -8.40
C GLN C 226 12.35 27.90 -9.09
N LYS C 227 13.68 27.95 -9.02
CA LYS C 227 14.52 26.96 -9.65
C LYS C 227 14.31 25.56 -9.06
N MET C 228 14.09 25.47 -7.75
CA MET C 228 13.87 24.17 -7.11
C MET C 228 12.55 23.55 -7.57
N MET C 229 11.48 24.33 -7.54
CA MET C 229 10.16 23.84 -7.94
C MET C 229 10.10 23.48 -9.41
N ILE C 230 10.75 24.29 -10.28
CA ILE C 230 10.77 23.98 -11.71
C ILE C 230 11.52 22.64 -11.94
N GLY C 231 12.65 22.47 -11.27
CA GLY C 231 13.41 21.22 -11.38
C GLY C 231 12.63 20.00 -10.94
N ARG C 232 11.94 20.12 -9.80
CA ARG C 232 11.14 19.01 -9.27
C ARG C 232 9.94 18.67 -10.15
N CYS C 233 9.31 19.71 -10.75
CA CYS C 233 8.19 19.49 -11.67
C CYS C 233 8.66 18.82 -12.94
N ASN C 234 9.84 19.23 -13.44
CA ASN C 234 10.42 18.62 -14.64
C ASN C 234 10.74 17.14 -14.36
N LEU C 235 11.24 16.83 -13.16
CA LEU C 235 11.56 15.48 -12.75
C LEU C 235 10.26 14.65 -12.64
N ALA C 236 9.20 15.23 -12.07
CA ALA C 236 7.91 14.54 -11.95
C ALA C 236 7.11 14.46 -13.26
N GLY C 237 7.49 15.26 -14.27
CA GLY C 237 6.77 15.31 -15.54
C GLY C 237 5.43 16.01 -15.43
N LYS C 238 5.34 17.03 -14.54
CA LYS C 238 4.12 17.78 -14.31
C LYS C 238 4.31 19.27 -14.68
N PRO C 239 3.28 19.94 -15.24
CA PRO C 239 3.46 21.35 -15.64
C PRO C 239 3.79 22.34 -14.52
N VAL C 240 4.63 23.31 -14.83
CA VAL C 240 5.03 24.32 -13.87
C VAL C 240 4.92 25.69 -14.57
N VAL C 241 4.29 26.65 -13.89
CA VAL C 241 4.07 27.98 -14.42
C VAL C 241 4.98 28.96 -13.65
N CYS C 242 5.64 29.88 -14.36
CA CYS C 242 6.37 30.94 -13.68
C CYS C 242 5.47 32.17 -13.76
N ALA C 243 5.22 32.79 -12.61
CA ALA C 243 4.27 33.90 -12.58
C ALA C 243 4.79 35.13 -11.80
N THR C 244 4.19 36.30 -12.15
CA THR C 244 4.22 37.60 -11.50
C THR C 244 5.46 38.47 -11.75
N GLN C 245 5.19 39.71 -12.22
CA GLN C 245 6.14 40.78 -12.49
C GLN C 245 7.17 40.46 -13.56
N MET C 246 6.86 39.52 -14.46
CA MET C 246 7.78 39.13 -15.53
C MET C 246 8.09 40.30 -16.47
N LEU C 247 7.06 41.09 -16.85
CA LEU C 247 7.24 42.27 -17.69
C LEU C 247 6.51 43.47 -17.06
N GLU C 248 6.58 43.58 -15.71
CA GLU C 248 5.88 44.59 -14.91
C GLU C 248 5.88 46.01 -15.48
N SER C 249 7.05 46.55 -15.85
CA SER C 249 7.16 47.90 -16.40
C SER C 249 6.28 48.13 -17.65
N MET C 250 5.93 47.05 -18.38
CA MET C 250 5.04 47.15 -19.52
C MET C 250 3.58 47.47 -19.16
N ILE C 251 3.26 47.63 -17.87
CA ILE C 251 1.92 48.09 -17.47
C ILE C 251 1.75 49.56 -17.95
N THR C 252 2.82 50.37 -17.89
CA THR C 252 2.78 51.77 -18.32
C THR C 252 3.70 52.09 -19.51
N LYS C 253 4.75 51.28 -19.75
CA LYS C 253 5.71 51.55 -20.83
C LYS C 253 5.60 50.57 -22.00
N PRO C 254 5.84 51.00 -23.27
CA PRO C 254 5.70 50.07 -24.41
C PRO C 254 6.81 49.01 -24.56
N ARG C 255 7.93 49.20 -23.87
CA ARG C 255 9.06 48.29 -23.91
C ARG C 255 9.46 47.87 -22.49
N PRO C 256 9.89 46.62 -22.29
CA PRO C 256 10.30 46.19 -20.95
C PRO C 256 11.73 46.59 -20.60
N THR C 257 12.12 46.39 -19.35
CA THR C 257 13.49 46.65 -18.92
C THR C 257 14.39 45.45 -19.30
N ARG C 258 15.71 45.62 -19.19
CA ARG C 258 16.67 44.56 -19.46
C ARG C 258 16.54 43.40 -18.46
N ALA C 259 16.12 43.68 -17.22
CA ALA C 259 15.92 42.65 -16.22
C ALA C 259 14.68 41.81 -16.52
N GLU C 260 13.65 42.43 -17.07
CA GLU C 260 12.40 41.76 -17.41
C GLU C 260 12.52 40.79 -18.57
N THR C 261 13.23 41.18 -19.64
CA THR C 261 13.44 40.25 -20.76
C THR C 261 14.31 39.07 -20.30
N SER C 262 15.32 39.36 -19.47
CA SER C 262 16.20 38.36 -18.90
C SER C 262 15.38 37.37 -18.03
N ASP C 263 14.45 37.89 -17.22
CA ASP C 263 13.59 37.08 -16.36
C ASP C 263 12.76 36.08 -17.16
N VAL C 264 12.13 36.53 -18.26
CA VAL C 264 11.31 35.67 -19.09
C VAL C 264 12.18 34.58 -19.71
N ALA C 265 13.35 34.98 -20.25
CA ALA C 265 14.25 34.04 -20.89
C ALA C 265 14.76 33.00 -19.90
N ASN C 266 15.09 33.42 -18.66
CA ASN C 266 15.59 32.52 -17.65
C ASN C 266 14.53 31.59 -17.12
N ALA C 267 13.24 32.00 -17.10
CA ALA C 267 12.18 31.11 -16.66
C ALA C 267 12.04 29.94 -17.68
N VAL C 268 12.16 30.26 -18.97
CA VAL C 268 12.13 29.24 -20.03
C VAL C 268 13.38 28.34 -19.89
N LEU C 269 14.58 28.94 -19.73
CA LEU C 269 15.80 28.14 -19.55
C LEU C 269 15.79 27.27 -18.27
N ASP C 270 15.11 27.73 -17.20
CA ASP C 270 14.98 26.96 -15.95
C ASP C 270 14.14 25.69 -16.19
N GLY C 271 13.18 25.76 -17.12
CA GLY C 271 12.35 24.61 -17.44
C GLY C 271 10.86 24.83 -17.29
N ALA C 272 10.42 26.09 -17.18
CA ALA C 272 8.98 26.38 -17.04
C ALA C 272 8.17 25.99 -18.26
N ASP C 273 7.01 25.37 -18.05
CA ASP C 273 6.11 25.01 -19.12
C ASP C 273 5.32 26.24 -19.60
N CYS C 274 4.94 27.11 -18.67
CA CYS C 274 4.14 28.31 -18.95
C CYS C 274 4.76 29.52 -18.33
N ILE C 275 4.50 30.67 -18.95
CA ILE C 275 4.87 31.97 -18.43
C ILE C 275 3.58 32.79 -18.34
N MET C 276 3.49 33.69 -17.35
CA MET C 276 2.26 34.41 -17.11
C MET C 276 2.41 35.93 -17.12
N LEU C 277 1.31 36.59 -17.48
CA LEU C 277 1.17 38.05 -17.44
C LEU C 277 0.00 38.34 -16.51
N SER C 278 0.18 39.24 -15.54
CA SER C 278 -0.92 39.58 -14.61
C SER C 278 -1.47 41.01 -14.90
N GLY C 279 -0.96 42.03 -14.21
CA GLY C 279 -1.34 43.43 -14.43
C GLY C 279 -1.00 43.91 -15.82
N GLU C 280 0.08 43.36 -16.41
CA GLU C 280 0.54 43.68 -17.77
C GLU C 280 -0.56 43.55 -18.80
N THR C 281 -1.45 42.57 -18.62
CA THR C 281 -2.55 42.30 -19.53
C THR C 281 -3.95 42.61 -18.95
N ALA C 282 -4.09 42.52 -17.61
CA ALA C 282 -5.37 42.78 -16.94
C ALA C 282 -5.72 44.27 -16.85
N LYS C 283 -4.73 45.13 -16.57
CA LYS C 283 -4.99 46.56 -16.35
C LYS C 283 -4.01 47.52 -17.05
N GLY C 284 -2.97 47.00 -17.68
CA GLY C 284 -1.96 47.84 -18.31
C GLY C 284 -2.38 48.50 -19.62
N ASN C 285 -1.54 49.42 -20.08
CA ASN C 285 -1.75 50.16 -21.32
C ASN C 285 -1.28 49.39 -22.57
N PHE C 286 -0.50 48.31 -22.41
CA PHE C 286 0.01 47.55 -23.55
C PHE C 286 -0.21 46.02 -23.42
N PRO C 287 -1.47 45.55 -23.25
CA PRO C 287 -1.69 44.11 -23.08
C PRO C 287 -1.25 43.23 -24.27
N VAL C 288 -1.52 43.68 -25.49
CA VAL C 288 -1.15 42.93 -26.69
C VAL C 288 0.38 42.92 -26.87
N GLU C 289 1.02 44.05 -26.61
CA GLU C 289 2.47 44.21 -26.71
C GLU C 289 3.21 43.34 -25.68
N ALA C 290 2.61 43.16 -24.48
CA ALA C 290 3.20 42.31 -23.44
C ALA C 290 3.18 40.84 -23.91
N VAL C 291 2.07 40.40 -24.54
CA VAL C 291 1.96 39.03 -25.06
C VAL C 291 2.99 38.83 -26.18
N LYS C 292 3.11 39.81 -27.08
CA LYS C 292 4.06 39.76 -28.18
C LYS C 292 5.49 39.64 -27.70
N MET C 293 5.82 40.36 -26.63
CA MET C 293 7.15 40.35 -26.05
C MET C 293 7.48 38.98 -25.42
N GLN C 294 6.54 38.40 -24.66
CA GLN C 294 6.73 37.08 -24.08
C GLN C 294 6.90 36.05 -25.17
N HIS C 295 6.11 36.17 -26.26
CA HIS C 295 6.21 35.27 -27.40
C HIS C 295 7.63 35.34 -28.01
N ALA C 296 8.13 36.54 -28.29
CA ALA C 296 9.44 36.74 -28.90
C ALA C 296 10.60 36.23 -28.04
N ILE C 297 10.57 36.49 -26.73
CA ILE C 297 11.63 36.04 -25.84
C ILE C 297 11.64 34.51 -25.69
N ALA C 298 10.43 33.90 -25.48
CA ALA C 298 10.31 32.46 -25.32
C ALA C 298 10.87 31.71 -26.53
N ARG C 299 10.58 32.17 -27.77
CA ARG C 299 11.13 31.54 -28.97
C ARG C 299 12.66 31.55 -28.98
N GLU C 300 13.26 32.69 -28.59
CA GLU C 300 14.70 32.81 -28.55
C GLU C 300 15.29 31.88 -27.50
N ALA C 301 14.67 31.85 -26.31
CA ALA C 301 15.16 31.04 -25.19
C ALA C 301 15.00 29.55 -25.43
N GLU C 302 13.92 29.13 -26.11
CA GLU C 302 13.72 27.73 -26.41
C GLU C 302 14.80 27.18 -27.37
N ALA C 303 15.22 27.99 -28.35
CA ALA C 303 16.28 27.57 -29.27
C ALA C 303 17.63 27.47 -28.53
N ALA C 304 17.83 28.24 -27.44
CA ALA C 304 19.06 28.23 -26.65
C ALA C 304 19.12 27.12 -25.60
N VAL C 305 18.09 26.27 -25.48
CA VAL C 305 18.08 25.19 -24.51
C VAL C 305 19.17 24.15 -24.88
N TYR C 306 19.94 23.69 -23.88
CA TYR C 306 21.01 22.73 -24.09
C TYR C 306 20.43 21.30 -23.98
N HIS C 307 19.71 20.89 -25.03
CA HIS C 307 19.04 19.59 -25.09
C HIS C 307 19.95 18.42 -24.85
N ARG C 308 21.22 18.52 -25.26
CA ARG C 308 22.17 17.43 -25.09
C ARG C 308 22.29 16.96 -23.63
N GLN C 309 22.47 17.90 -22.69
CA GLN C 309 22.57 17.52 -21.28
C GLN C 309 21.19 17.35 -20.66
N LEU C 310 20.23 18.23 -21.03
CA LEU C 310 18.87 18.17 -20.52
C LEU C 310 18.23 16.80 -20.73
N PHE C 311 18.24 16.30 -21.98
CA PHE C 311 17.65 15.02 -22.30
C PHE C 311 18.36 13.88 -21.58
N GLU C 312 19.68 13.91 -21.54
CA GLU C 312 20.45 12.86 -20.85
C GLU C 312 20.09 12.80 -19.36
N GLU C 313 19.96 13.97 -18.71
CA GLU C 313 19.61 14.02 -17.30
C GLU C 313 18.16 13.64 -17.04
N LEU C 314 17.21 14.05 -17.91
CA LEU C 314 15.80 13.67 -17.76
C LEU C 314 15.69 12.14 -17.91
N ARG C 315 16.46 11.57 -18.84
CA ARG C 315 16.55 10.15 -19.13
C ARG C 315 17.12 9.39 -17.93
N ARG C 316 18.23 9.85 -17.37
CA ARG C 316 18.91 9.21 -16.24
C ARG C 316 18.11 9.33 -14.93
N ALA C 317 17.44 10.48 -14.73
CA ALA C 317 16.68 10.70 -13.50
C ALA C 317 15.34 10.02 -13.49
N ALA C 318 14.73 9.82 -14.69
CA ALA C 318 13.42 9.20 -14.76
C ALA C 318 13.59 7.72 -14.44
N PRO C 319 12.79 7.19 -13.52
CA PRO C 319 12.94 5.78 -13.16
C PRO C 319 12.55 4.84 -14.29
N LEU C 320 12.96 3.58 -14.21
CA LEU C 320 12.54 2.58 -15.17
C LEU C 320 11.02 2.41 -15.10
N SER C 321 10.40 2.05 -16.22
CA SER C 321 8.97 1.94 -16.26
C SER C 321 8.51 0.78 -17.05
N ARG C 322 7.43 0.16 -16.61
CA ARG C 322 6.79 -0.90 -17.37
C ARG C 322 5.47 -0.39 -18.03
N ASP C 323 5.25 0.94 -18.04
CA ASP C 323 4.08 1.54 -18.67
C ASP C 323 4.41 1.78 -20.15
N PRO C 324 3.68 1.15 -21.05
CA PRO C 324 4.00 1.30 -22.48
C PRO C 324 3.95 2.73 -22.98
N THR C 325 3.11 3.62 -22.38
CA THR C 325 3.05 5.02 -22.83
C THR C 325 4.33 5.74 -22.50
N GLU C 326 4.86 5.47 -21.32
CA GLU C 326 6.11 6.09 -20.88
CA GLU C 326 6.10 6.07 -20.85
C GLU C 326 7.29 5.54 -21.68
N VAL C 327 7.31 4.25 -21.96
CA VAL C 327 8.37 3.60 -22.75
C VAL C 327 8.33 4.10 -24.22
N THR C 328 7.11 4.23 -24.81
CA THR C 328 6.94 4.71 -26.18
C THR C 328 7.40 6.15 -26.32
N ALA C 329 7.06 6.98 -25.33
CA ALA C 329 7.40 8.39 -25.30
C ALA C 329 8.91 8.63 -25.34
N ILE C 330 9.71 7.91 -24.53
CA ILE C 330 11.16 8.10 -24.54
C ILE C 330 11.76 7.62 -25.85
N GLY C 331 11.25 6.50 -26.38
CA GLY C 331 11.70 5.99 -27.67
C GLY C 331 11.42 6.96 -28.79
N ALA C 332 10.24 7.62 -28.77
CA ALA C 332 9.82 8.60 -29.79
C ALA C 332 10.63 9.87 -29.72
N VAL C 333 10.95 10.34 -28.52
CA VAL C 333 11.76 11.56 -28.35
C VAL C 333 13.20 11.29 -28.81
N GLU C 334 13.73 10.11 -28.47
CA GLU C 334 15.05 9.67 -28.92
CA GLU C 334 15.06 9.67 -28.91
C GLU C 334 15.11 9.64 -30.44
N ALA C 335 14.08 9.06 -31.09
CA ALA C 335 13.99 8.96 -32.54
C ALA C 335 13.89 10.35 -33.17
N ALA C 336 13.10 11.26 -32.59
CA ALA C 336 12.97 12.62 -33.09
C ALA C 336 14.31 13.35 -33.11
N PHE C 337 15.14 13.17 -32.06
CA PHE C 337 16.45 13.82 -31.99
C PHE C 337 17.39 13.23 -33.06
N LYS C 338 17.34 11.93 -33.27
CA LYS C 338 18.19 11.23 -34.22
C LYS C 338 18.01 11.73 -35.68
N CYS C 339 16.79 12.07 -36.09
CA CYS C 339 16.55 12.54 -37.46
C CYS C 339 16.21 14.01 -37.59
N CYS C 340 16.26 14.79 -36.48
CA CYS C 340 15.84 16.19 -36.47
C CYS C 340 14.40 16.31 -36.99
N ALA C 341 13.50 15.41 -36.55
CA ALA C 341 12.10 15.35 -36.94
C ALA C 341 11.44 16.71 -36.79
N ALA C 342 10.63 17.07 -37.78
CA ALA C 342 9.91 18.35 -37.76
C ALA C 342 8.84 18.37 -36.67
N ALA C 343 8.29 17.20 -36.34
CA ALA C 343 7.24 17.09 -35.35
C ALA C 343 7.08 15.65 -34.88
N ILE C 344 6.38 15.47 -33.74
CA ILE C 344 5.96 14.18 -33.22
C ILE C 344 4.44 14.35 -33.21
N ILE C 345 3.72 13.57 -34.00
CA ILE C 345 2.29 13.61 -34.04
C ILE C 345 1.77 12.51 -33.13
N VAL C 346 1.01 12.89 -32.10
CA VAL C 346 0.48 11.93 -31.14
C VAL C 346 -1.04 11.94 -31.08
N LEU C 347 -1.67 10.78 -31.05
CA LEU C 347 -3.12 10.67 -30.92
C LEU C 347 -3.36 10.54 -29.41
N THR C 348 -4.16 11.44 -28.84
CA THR C 348 -4.43 11.44 -27.41
C THR C 348 -5.84 11.84 -27.12
N THR C 349 -6.48 11.21 -26.14
CA THR C 349 -7.86 11.53 -25.75
C THR C 349 -7.93 12.34 -24.47
N THR C 350 -7.04 12.05 -23.53
CA THR C 350 -6.98 12.80 -22.28
C THR C 350 -5.83 13.82 -22.28
N GLY C 351 -4.86 13.69 -23.19
CA GLY C 351 -3.69 14.56 -23.24
C GLY C 351 -2.46 13.89 -22.63
N ARG C 352 -2.64 12.77 -21.92
CA ARG C 352 -1.54 12.09 -21.23
C ARG C 352 -0.37 11.66 -22.14
N SER C 353 -0.65 11.06 -23.31
CA SER C 353 0.43 10.65 -24.22
C SER C 353 1.28 11.82 -24.68
N ALA C 354 0.66 13.00 -24.86
CA ALA C 354 1.37 14.21 -25.27
C ALA C 354 2.19 14.76 -24.09
N GLN C 355 1.66 14.65 -22.86
CA GLN C 355 2.35 15.09 -21.64
C GLN C 355 3.62 14.28 -21.40
N LEU C 356 3.55 12.95 -21.61
CA LEU C 356 4.71 12.08 -21.44
C LEU C 356 5.78 12.31 -22.50
N LEU C 357 5.42 12.82 -23.68
CA LEU C 357 6.39 13.18 -24.70
C LEU C 357 7.05 14.49 -24.27
N SER C 358 6.25 15.46 -23.86
CA SER C 358 6.63 16.78 -23.39
C SER C 358 7.64 16.75 -22.23
N ARG C 359 7.54 15.76 -21.31
CA ARG C 359 8.45 15.67 -20.16
C ARG C 359 9.90 15.45 -20.55
N TYR C 360 10.17 14.91 -21.77
CA TYR C 360 11.54 14.71 -22.22
C TYR C 360 12.12 15.88 -23.00
N ARG C 361 11.37 16.97 -23.11
CA ARG C 361 11.74 18.20 -23.76
C ARG C 361 12.29 18.02 -25.17
N PRO C 362 11.52 17.41 -26.08
CA PRO C 362 12.00 17.28 -27.46
C PRO C 362 12.10 18.65 -28.13
N ARG C 363 13.03 18.78 -29.07
CA ARG C 363 13.13 19.99 -29.89
C ARG C 363 11.97 19.98 -30.93
N ALA C 364 11.48 18.79 -31.33
CA ALA C 364 10.38 18.66 -32.27
C ALA C 364 9.07 19.09 -31.63
N ALA C 365 8.20 19.72 -32.38
CA ALA C 365 6.88 20.10 -31.92
C ALA C 365 6.03 18.87 -31.67
N VAL C 366 5.24 18.85 -30.58
CA VAL C 366 4.37 17.73 -30.30
C VAL C 366 2.97 18.12 -30.77
N ILE C 367 2.55 17.63 -31.93
CA ILE C 367 1.24 17.90 -32.48
C ILE C 367 0.26 16.87 -31.92
N ALA C 368 -0.62 17.28 -31.02
CA ALA C 368 -1.53 16.37 -30.36
C ALA C 368 -2.90 16.42 -31.01
N VAL C 369 -3.30 15.33 -31.66
CA VAL C 369 -4.58 15.27 -32.34
C VAL C 369 -5.55 14.60 -31.39
N THR C 370 -6.64 15.32 -31.07
CA THR C 370 -7.63 14.80 -30.13
C THR C 370 -9.06 15.06 -30.53
N ARG C 371 -9.98 14.17 -30.15
CA ARG C 371 -11.40 14.42 -30.30
C ARG C 371 -11.95 15.22 -29.08
N SER C 372 -11.16 15.36 -27.98
CA SER C 372 -11.62 16.11 -26.80
C SER C 372 -11.26 17.60 -26.80
N ALA C 373 -12.30 18.46 -26.81
CA ALA C 373 -12.09 19.90 -26.74
C ALA C 373 -11.44 20.31 -25.43
N GLN C 374 -11.79 19.63 -24.31
CA GLN C 374 -11.18 19.94 -23.02
C GLN C 374 -9.68 19.62 -23.04
N ALA C 375 -9.32 18.40 -23.51
CA ALA C 375 -7.93 17.97 -23.60
C ALA C 375 -7.14 18.91 -24.52
N ALA C 376 -7.73 19.33 -25.65
CA ALA C 376 -7.07 20.27 -26.55
C ALA C 376 -6.74 21.59 -25.86
N ARG C 377 -7.63 22.07 -24.99
CA ARG C 377 -7.37 23.29 -24.23
C ARG C 377 -6.35 23.06 -23.11
N GLN C 378 -6.47 21.93 -22.38
CA GLN C 378 -5.59 21.65 -21.24
C GLN C 378 -4.16 21.33 -21.60
N VAL C 379 -3.87 20.77 -22.81
CA VAL C 379 -2.49 20.44 -23.16
C VAL C 379 -1.62 21.67 -23.37
N HIS C 380 -2.20 22.89 -23.37
CA HIS C 380 -1.41 24.12 -23.39
C HIS C 380 -0.55 24.21 -22.11
N LEU C 381 -0.88 23.47 -21.04
CA LEU C 381 -0.09 23.46 -19.82
C LEU C 381 1.27 22.79 -20.03
N CYS C 382 1.41 21.91 -21.04
CA CYS C 382 2.64 21.17 -21.31
C CYS C 382 3.45 21.81 -22.41
N ARG C 383 4.71 22.12 -22.11
CA ARG C 383 5.59 22.76 -23.07
C ARG C 383 5.79 21.96 -24.37
N GLY C 384 5.62 22.65 -25.50
CA GLY C 384 5.80 22.08 -26.82
C GLY C 384 4.67 21.27 -27.37
N VAL C 385 3.49 21.32 -26.72
CA VAL C 385 2.32 20.57 -27.22
C VAL C 385 1.41 21.52 -27.95
N PHE C 386 1.14 21.22 -29.26
CA PHE C 386 0.32 22.08 -30.12
C PHE C 386 -0.91 21.29 -30.41
N PRO C 387 -2.03 21.60 -29.76
CA PRO C 387 -3.22 20.77 -29.92
C PRO C 387 -4.04 21.04 -31.16
N LEU C 388 -4.65 19.98 -31.68
CA LEU C 388 -5.54 19.99 -32.83
C LEU C 388 -6.80 19.24 -32.40
N LEU C 389 -7.94 19.90 -32.47
CA LEU C 389 -9.22 19.27 -32.17
C LEU C 389 -9.75 18.65 -33.46
N TYR C 390 -10.10 17.38 -33.43
CA TYR C 390 -10.55 16.64 -34.60
C TYR C 390 -12.00 16.30 -34.39
N ARG C 391 -12.86 16.67 -35.37
CA ARG C 391 -14.30 16.48 -35.23
C ARG C 391 -14.98 15.68 -36.31
N GLU C 392 -14.22 15.02 -37.16
CA GLU C 392 -14.78 14.17 -38.19
C GLU C 392 -15.54 13.01 -37.57
N PRO C 393 -16.59 12.52 -38.24
CA PRO C 393 -17.28 11.34 -37.72
C PRO C 393 -16.35 10.12 -37.77
N PRO C 394 -16.41 9.25 -36.74
CA PRO C 394 -15.52 8.07 -36.71
C PRO C 394 -15.74 7.11 -37.84
N GLU C 395 -14.65 6.52 -38.37
CA GLU C 395 -14.71 5.51 -39.42
C GLU C 395 -15.17 4.19 -38.80
N ALA C 396 -15.73 3.29 -39.61
CA ALA C 396 -16.16 1.97 -39.12
C ALA C 396 -14.93 1.11 -38.78
N ILE C 397 -13.85 1.20 -39.62
CA ILE C 397 -12.61 0.49 -39.37
C ILE C 397 -11.68 1.40 -38.52
N TRP C 398 -11.31 0.94 -37.33
CA TRP C 398 -10.51 1.72 -36.40
C TRP C 398 -9.15 2.13 -36.99
N ALA C 399 -8.45 1.23 -37.65
CA ALA C 399 -7.15 1.51 -38.28
C ALA C 399 -7.28 2.63 -39.32
N ASP C 400 -8.42 2.71 -40.03
CA ASP C 400 -8.66 3.80 -40.98
C ASP C 400 -8.91 5.11 -40.26
N ASP C 401 -9.61 5.07 -39.10
CA ASP C 401 -9.86 6.28 -38.30
C ASP C 401 -8.55 6.83 -37.74
N VAL C 402 -7.66 5.94 -37.30
CA VAL C 402 -6.33 6.31 -36.83
C VAL C 402 -5.53 6.99 -37.96
N ASP C 403 -5.48 6.38 -39.15
CA ASP C 403 -4.79 6.95 -40.31
C ASP C 403 -5.35 8.29 -40.69
N ARG C 404 -6.67 8.46 -40.65
CA ARG C 404 -7.28 9.76 -40.98
C ARG C 404 -6.84 10.89 -40.01
N ARG C 405 -6.69 10.58 -38.69
CA ARG C 405 -6.22 11.57 -37.70
C ARG C 405 -4.75 11.84 -37.84
N VAL C 406 -3.95 10.85 -38.22
CA VAL C 406 -2.52 11.08 -38.45
C VAL C 406 -2.35 12.01 -39.67
N GLN C 407 -3.14 11.78 -40.74
CA GLN C 407 -3.11 12.65 -41.92
C GLN C 407 -3.65 14.02 -41.64
N PHE C 408 -4.63 14.13 -40.75
CA PHE C 408 -5.15 15.43 -40.30
C PHE C 408 -4.03 16.24 -39.62
N GLY C 409 -3.21 15.56 -38.80
CA GLY C 409 -2.09 16.20 -38.13
C GLY C 409 -1.02 16.63 -39.11
N ILE C 410 -0.74 15.82 -40.13
CA ILE C 410 0.23 16.17 -41.17
C ILE C 410 -0.26 17.34 -42.05
N GLU C 411 -1.55 17.35 -42.44
CA GLU C 411 -2.06 18.42 -43.30
C GLU C 411 -2.17 19.73 -42.55
N SER C 412 -2.55 19.72 -41.25
CA SER C 412 -2.57 20.96 -40.46
C SER C 412 -1.11 21.44 -40.24
N GLY C 413 -0.20 20.50 -40.01
CA GLY C 413 1.21 20.81 -39.88
C GLY C 413 1.77 21.54 -41.09
N LYS C 414 1.43 21.03 -42.31
CA LYS C 414 1.85 21.63 -43.59
C LYS C 414 1.26 23.03 -43.73
N LEU C 415 -0.03 23.15 -43.42
CA LEU C 415 -0.77 24.41 -43.47
C LEU C 415 -0.17 25.50 -42.56
N ARG C 416 0.24 25.15 -41.33
CA ARG C 416 0.76 26.12 -40.39
C ARG C 416 2.28 26.35 -40.46
N GLY C 417 2.98 25.61 -41.32
CA GLY C 417 4.41 25.80 -41.48
C GLY C 417 5.33 24.89 -40.68
N PHE C 418 4.77 23.96 -39.91
CA PHE C 418 5.57 23.00 -39.15
C PHE C 418 6.24 21.99 -40.10
N LEU C 419 5.56 21.60 -41.22
CA LEU C 419 6.09 20.53 -42.09
C LEU C 419 6.07 20.85 -43.59
N ARG C 420 6.98 20.21 -44.33
CA ARG C 420 7.08 20.29 -45.79
C ARG C 420 7.25 18.85 -46.32
N VAL C 421 6.99 18.63 -47.61
CA VAL C 421 7.19 17.34 -48.26
C VAL C 421 8.69 17.00 -48.18
N GLY C 422 9.01 15.79 -47.78
CA GLY C 422 10.39 15.38 -47.56
C GLY C 422 10.82 15.35 -46.09
N ASP C 423 10.09 16.03 -45.21
CA ASP C 423 10.39 16.03 -43.78
C ASP C 423 10.12 14.68 -43.13
N LEU C 424 10.76 14.41 -41.98
CA LEU C 424 10.48 13.21 -41.22
C LEU C 424 9.66 13.59 -40.00
N VAL C 425 8.64 12.77 -39.67
CA VAL C 425 7.85 12.93 -38.47
C VAL C 425 7.81 11.63 -37.69
N ILE C 426 7.62 11.71 -36.38
CA ILE C 426 7.46 10.53 -35.52
C ILE C 426 5.99 10.48 -35.20
N VAL C 427 5.36 9.34 -35.32
CA VAL C 427 3.94 9.20 -35.04
C VAL C 427 3.75 8.28 -33.86
N VAL C 428 3.09 8.76 -32.82
CA VAL C 428 2.82 7.98 -31.64
C VAL C 428 1.34 7.62 -31.54
N THR C 429 1.02 6.34 -31.51
CA THR C 429 -0.34 5.81 -31.40
C THR C 429 -0.34 4.57 -30.45
N GLY C 430 -1.49 3.92 -30.31
CA GLY C 430 -1.69 2.72 -29.53
C GLY C 430 -2.19 1.59 -30.39
N TRP C 431 -2.32 0.41 -29.81
CA TRP C 431 -2.72 -0.80 -30.54
C TRP C 431 -4.21 -1.06 -30.60
N ARG C 432 -4.97 -0.38 -29.74
CA ARG C 432 -6.41 -0.54 -29.67
C ARG C 432 -7.05 0.80 -29.24
N PRO C 433 -8.36 1.01 -29.53
CA PRO C 433 -8.99 2.28 -29.17
C PRO C 433 -9.15 2.46 -27.67
N GLY C 434 -9.34 3.70 -27.26
CA GLY C 434 -9.52 4.01 -25.86
C GLY C 434 -8.23 4.50 -25.28
N SER C 435 -8.34 5.33 -24.29
CA SER C 435 -7.21 5.91 -23.60
C SER C 435 -6.38 4.86 -22.80
N GLY C 436 -5.08 5.11 -22.68
CA GLY C 436 -4.18 4.27 -21.91
C GLY C 436 -3.42 3.19 -22.63
N TYR C 437 -3.55 3.06 -23.96
CA TYR C 437 -2.90 1.98 -24.72
C TYR C 437 -1.79 2.40 -25.67
N THR C 438 -1.21 3.60 -25.52
CA THR C 438 -0.13 4.04 -26.40
C THR C 438 1.04 3.09 -26.30
N ASN C 439 1.47 2.51 -27.41
CA ASN C 439 2.58 1.57 -27.41
C ASN C 439 3.29 1.51 -28.78
N ILE C 440 3.03 2.45 -29.69
CA ILE C 440 3.58 2.41 -31.03
C ILE C 440 4.24 3.70 -31.40
N MET C 441 5.42 3.61 -32.03
CA MET C 441 6.16 4.75 -32.53
C MET C 441 6.51 4.42 -33.98
N ARG C 442 6.17 5.30 -34.95
CA ARG C 442 6.47 5.06 -36.36
C ARG C 442 7.28 6.24 -36.91
N VAL C 443 8.19 5.96 -37.85
CA VAL C 443 8.94 6.99 -38.54
C VAL C 443 8.29 7.18 -39.89
N LEU C 444 7.76 8.38 -40.15
CA LEU C 444 7.09 8.64 -41.42
C LEU C 444 7.73 9.76 -42.22
N SER C 445 7.85 9.57 -43.53
CA SER C 445 8.34 10.59 -44.45
CA SER C 445 8.34 10.58 -44.46
C SER C 445 7.11 11.37 -44.97
N ILE C 446 7.14 12.68 -44.94
CA ILE C 446 6.02 13.52 -45.40
C ILE C 446 5.94 13.54 -46.93
N SER C 447 4.78 13.18 -47.48
CA SER C 447 4.56 13.19 -48.91
C SER C 447 3.39 14.12 -49.31
N GLY D 23 11.28 -8.19 -8.50
CA GLY D 23 11.84 -8.76 -7.29
C GLY D 23 13.30 -8.41 -7.05
N THR D 24 13.75 -8.55 -5.78
CA THR D 24 15.13 -8.26 -5.41
C THR D 24 16.12 -9.25 -6.05
N ALA D 25 15.69 -10.52 -6.17
CA ALA D 25 16.52 -11.57 -6.77
C ALA D 25 16.87 -11.23 -8.21
N PHE D 26 15.94 -10.63 -8.96
CA PHE D 26 16.18 -10.25 -10.35
C PHE D 26 17.29 -9.20 -10.44
N PHE D 27 17.27 -8.23 -9.51
CA PHE D 27 18.25 -7.16 -9.52
C PHE D 27 19.61 -7.53 -8.90
N GLN D 28 19.77 -8.77 -8.41
CA GLN D 28 21.06 -9.25 -7.90
C GLN D 28 21.83 -10.08 -8.98
N GLN D 29 21.09 -10.65 -9.96
CA GLN D 29 21.64 -11.43 -11.06
C GLN D 29 22.20 -10.51 -12.17
N GLN D 30 22.89 -11.10 -13.17
CA GLN D 30 23.48 -10.47 -14.34
C GLN D 30 24.21 -9.15 -14.08
N GLN D 31 24.94 -9.08 -12.94
CA GLN D 31 25.71 -7.92 -12.50
C GLN D 31 24.90 -6.62 -12.52
N LEU D 32 23.60 -6.69 -12.16
CA LEU D 32 22.75 -5.50 -12.15
C LEU D 32 23.17 -4.46 -11.08
N PRO D 33 23.65 -4.84 -9.86
CA PRO D 33 24.19 -3.81 -8.96
C PRO D 33 25.37 -3.05 -9.59
N ALA D 34 26.28 -3.76 -10.29
CA ALA D 34 27.42 -3.15 -10.97
C ALA D 34 26.98 -2.30 -12.18
N ALA D 35 25.89 -2.71 -12.85
CA ALA D 35 25.34 -2.00 -14.01
C ALA D 35 24.72 -0.65 -13.64
N MET D 36 24.20 -0.55 -12.41
CA MET D 36 23.57 0.69 -11.90
C MET D 36 24.57 1.71 -11.36
N ALA D 37 25.87 1.38 -11.29
CA ALA D 37 26.88 2.27 -10.75
C ALA D 37 27.06 3.57 -11.53
N ASP D 38 27.42 4.64 -10.84
CA ASP D 38 27.56 5.98 -11.43
C ASP D 38 28.91 6.24 -12.06
N THR D 39 29.94 5.44 -11.72
CA THR D 39 31.26 5.55 -12.32
C THR D 39 31.75 4.16 -12.73
N PHE D 40 32.71 4.09 -13.65
CA PHE D 40 33.30 2.84 -14.06
C PHE D 40 34.06 2.19 -12.87
N LEU D 41 34.71 3.00 -12.04
CA LEU D 41 35.43 2.51 -10.87
C LEU D 41 34.46 1.82 -9.89
N GLU D 42 33.30 2.44 -9.62
CA GLU D 42 32.28 1.83 -8.76
C GLU D 42 31.67 0.58 -9.37
N HIS D 43 31.54 0.57 -10.70
CA HIS D 43 31.06 -0.58 -11.46
C HIS D 43 32.00 -1.78 -11.22
N LEU D 44 33.33 -1.55 -11.31
CA LEU D 44 34.32 -2.60 -11.08
C LEU D 44 34.20 -3.13 -9.65
N CYS D 45 34.12 -2.22 -8.66
CA CYS D 45 34.02 -2.57 -7.24
C CYS D 45 32.79 -3.42 -6.93
N LEU D 46 31.72 -3.25 -7.70
CA LEU D 46 30.46 -3.97 -7.48
C LEU D 46 30.35 -5.30 -8.25
N LEU D 47 31.36 -5.67 -9.07
CA LEU D 47 31.30 -6.95 -9.79
C LEU D 47 31.28 -8.10 -8.77
N ASP D 48 30.39 -9.06 -8.98
CA ASP D 48 30.17 -10.13 -8.02
C ASP D 48 30.29 -11.50 -8.67
N ILE D 49 31.18 -12.36 -8.16
CA ILE D 49 31.33 -13.71 -8.69
C ILE D 49 30.08 -14.57 -8.42
N ASP D 50 29.25 -14.20 -7.43
CA ASP D 50 28.02 -14.91 -7.10
C ASP D 50 26.82 -14.42 -7.92
N SER D 51 26.94 -13.33 -8.69
CA SER D 51 25.87 -12.81 -9.52
C SER D 51 25.86 -13.62 -10.83
N GLU D 52 24.91 -14.54 -10.96
CA GLU D 52 24.86 -15.42 -12.14
C GLU D 52 24.30 -14.78 -13.40
N PRO D 53 24.91 -15.11 -14.57
CA PRO D 53 24.39 -14.56 -15.82
C PRO D 53 23.02 -15.16 -16.16
N VAL D 54 22.06 -14.33 -16.58
CA VAL D 54 20.71 -14.79 -16.92
C VAL D 54 20.50 -14.70 -18.44
N ALA D 55 20.95 -13.61 -19.08
CA ALA D 55 20.80 -13.41 -20.51
C ALA D 55 21.48 -14.51 -21.37
N ALA D 56 20.98 -14.72 -22.59
CA ALA D 56 21.60 -15.66 -23.50
C ALA D 56 22.94 -15.07 -23.96
N ARG D 57 23.89 -15.93 -24.29
CA ARG D 57 25.20 -15.53 -24.74
C ARG D 57 25.09 -14.84 -26.08
N SER D 58 25.56 -13.60 -26.16
CA SER D 58 25.40 -12.79 -27.34
C SER D 58 26.61 -12.71 -28.28
N THR D 59 27.83 -13.01 -27.82
CA THR D 59 29.03 -13.00 -28.67
C THR D 59 29.10 -14.32 -29.40
N SER D 60 29.13 -14.32 -30.72
CA SER D 60 29.15 -15.53 -31.53
CA SER D 60 29.15 -15.53 -31.53
C SER D 60 30.47 -16.27 -31.46
N ILE D 61 30.42 -17.59 -31.59
CA ILE D 61 31.60 -18.39 -31.57
C ILE D 61 31.83 -18.93 -32.96
N ILE D 62 33.02 -18.66 -33.54
CA ILE D 62 33.41 -19.20 -34.84
C ILE D 62 34.36 -20.37 -34.55
N ALA D 63 34.03 -21.60 -35.00
CA ALA D 63 34.89 -22.76 -34.79
C ALA D 63 35.44 -23.17 -36.14
N THR D 64 36.76 -23.37 -36.22
CA THR D 64 37.43 -23.85 -37.41
C THR D 64 37.26 -25.35 -37.54
N ILE D 65 36.86 -25.79 -38.72
CA ILE D 65 36.64 -27.16 -39.06
C ILE D 65 37.95 -27.82 -39.53
N GLY D 66 38.14 -29.05 -39.10
CA GLY D 66 39.30 -29.86 -39.44
C GLY D 66 39.08 -31.29 -39.01
N PRO D 67 40.19 -32.07 -38.99
CA PRO D 67 40.08 -33.49 -38.60
C PRO D 67 39.41 -33.77 -37.26
N ALA D 68 39.52 -32.86 -36.29
CA ALA D 68 38.91 -33.04 -34.97
C ALA D 68 37.44 -32.67 -34.87
N SER D 69 36.90 -32.02 -35.89
CA SER D 69 35.53 -31.50 -35.80
C SER D 69 34.77 -31.69 -37.10
N ARG D 70 35.06 -32.77 -37.82
CA ARG D 70 34.44 -33.01 -39.10
C ARG D 70 33.35 -34.04 -39.08
N SER D 71 33.33 -34.94 -38.10
CA SER D 71 32.27 -35.95 -38.10
C SER D 71 30.91 -35.30 -37.83
N VAL D 72 29.86 -35.80 -38.45
CA VAL D 72 28.52 -35.27 -38.27
C VAL D 72 28.09 -35.31 -36.78
N GLU D 73 28.46 -36.38 -36.07
CA GLU D 73 28.14 -36.54 -34.65
C GLU D 73 28.88 -35.55 -33.76
N ARG D 74 30.14 -35.27 -34.07
CA ARG D 74 30.94 -34.30 -33.34
C ARG D 74 30.38 -32.87 -33.63
N LEU D 75 30.06 -32.57 -34.89
CA LEU D 75 29.46 -31.29 -35.31
C LEU D 75 28.12 -31.02 -34.61
N LYS D 76 27.30 -32.05 -34.36
CA LYS D 76 26.05 -31.89 -33.61
C LYS D 76 26.33 -31.47 -32.20
N GLU D 77 27.38 -32.04 -31.57
CA GLU D 77 27.78 -31.70 -30.21
C GLU D 77 28.31 -30.26 -30.13
N MET D 78 29.01 -29.81 -31.15
CA MET D 78 29.54 -28.46 -31.19
CA MET D 78 29.54 -28.46 -31.19
C MET D 78 28.43 -27.44 -31.37
N ILE D 79 27.37 -27.79 -32.11
CA ILE D 79 26.22 -26.90 -32.29
C ILE D 79 25.51 -26.76 -30.93
N LYS D 80 25.34 -27.88 -30.20
CA LYS D 80 24.74 -27.84 -28.86
C LYS D 80 25.59 -27.05 -27.85
N ALA D 81 26.93 -27.10 -27.97
CA ALA D 81 27.87 -26.35 -27.12
C ALA D 81 27.87 -24.85 -27.40
N GLY D 82 27.39 -24.44 -28.59
CA GLY D 82 27.31 -23.02 -28.91
C GLY D 82 27.98 -22.53 -30.17
N MET D 83 28.48 -23.40 -31.07
CA MET D 83 29.12 -22.97 -32.32
C MET D 83 28.08 -22.30 -33.21
N ASN D 84 28.38 -21.11 -33.71
CA ASN D 84 27.46 -20.35 -34.57
C ASN D 84 27.95 -20.23 -35.98
N ILE D 85 29.26 -20.20 -36.20
CA ILE D 85 29.85 -20.09 -37.53
C ILE D 85 30.93 -21.15 -37.65
N ALA D 86 30.93 -21.89 -38.76
CA ALA D 86 31.91 -22.91 -39.06
C ALA D 86 32.89 -22.28 -40.07
N ARG D 87 34.18 -22.25 -39.71
CA ARG D 87 35.20 -21.69 -40.56
C ARG D 87 35.95 -22.78 -41.34
N LEU D 88 36.00 -22.63 -42.67
CA LEU D 88 36.76 -23.51 -43.55
C LEU D 88 38.06 -22.81 -43.91
N ASN D 89 39.20 -23.34 -43.45
CA ASN D 89 40.47 -22.69 -43.72
C ASN D 89 41.00 -23.20 -45.05
N PHE D 90 40.87 -22.40 -46.12
CA PHE D 90 41.35 -22.77 -47.45
C PHE D 90 42.87 -22.72 -47.58
N SER D 91 43.60 -22.45 -46.49
CA SER D 91 45.07 -22.56 -46.50
C SER D 91 45.51 -24.05 -46.50
N HIS D 92 44.61 -24.98 -46.11
CA HIS D 92 44.85 -26.42 -46.06
C HIS D 92 43.68 -27.14 -46.71
N GLY D 93 43.95 -28.28 -47.34
CA GLY D 93 42.91 -29.09 -47.96
C GLY D 93 42.52 -28.71 -49.37
N SER D 94 41.95 -29.67 -50.07
CA SER D 94 41.48 -29.51 -51.43
C SER D 94 40.00 -29.06 -51.45
N HIS D 95 39.47 -28.76 -52.66
CA HIS D 95 38.07 -28.40 -52.82
C HIS D 95 37.17 -29.58 -52.41
N GLU D 96 37.60 -30.81 -52.68
CA GLU D 96 36.85 -32.02 -52.31
C GLU D 96 36.78 -32.13 -50.79
N TYR D 97 37.89 -31.79 -50.10
CA TYR D 97 37.92 -31.81 -48.65
C TYR D 97 36.91 -30.79 -48.10
N HIS D 98 36.96 -29.57 -48.58
CA HIS D 98 36.05 -28.52 -48.11
C HIS D 98 34.58 -28.75 -48.47
N ALA D 99 34.28 -29.36 -49.62
CA ALA D 99 32.91 -29.73 -49.99
C ALA D 99 32.36 -30.77 -49.01
N GLU D 100 33.17 -31.72 -48.57
CA GLU D 100 32.78 -32.72 -47.57
C GLU D 100 32.53 -32.04 -46.22
N SER D 101 33.37 -31.03 -45.86
CA SER D 101 33.20 -30.27 -44.59
C SER D 101 31.84 -29.58 -44.61
N ILE D 102 31.54 -28.91 -45.74
CA ILE D 102 30.28 -28.19 -45.93
C ILE D 102 29.09 -29.14 -45.79
N ALA D 103 29.16 -30.31 -46.47
CA ALA D 103 28.10 -31.31 -46.40
C ALA D 103 27.86 -31.85 -45.00
N ASN D 104 28.95 -32.08 -44.21
CA ASN D 104 28.83 -32.58 -42.83
C ASN D 104 28.25 -31.55 -41.90
N VAL D 105 28.65 -30.29 -42.09
CA VAL D 105 28.10 -29.20 -41.29
C VAL D 105 26.60 -29.09 -41.57
N ARG D 106 26.21 -29.03 -42.85
CA ARG D 106 24.79 -28.93 -43.22
C ARG D 106 23.96 -30.15 -42.75
N GLU D 107 24.53 -31.37 -42.76
CA GLU D 107 23.83 -32.54 -42.26
C GLU D 107 23.60 -32.42 -40.76
N ALA D 108 24.62 -32.01 -40.00
CA ALA D 108 24.47 -31.84 -38.56
C ALA D 108 23.48 -30.71 -38.21
N VAL D 109 23.54 -29.59 -38.94
CA VAL D 109 22.64 -28.48 -38.73
C VAL D 109 21.19 -28.88 -39.01
N GLU D 110 20.96 -29.57 -40.15
CA GLU D 110 19.60 -29.98 -40.54
C GLU D 110 19.04 -31.13 -39.74
N SER D 111 19.85 -31.79 -38.91
CA SER D 111 19.34 -32.86 -38.05
C SER D 111 18.46 -32.33 -36.93
N PHE D 112 18.47 -31.02 -36.67
CA PHE D 112 17.63 -30.38 -35.66
C PHE D 112 16.47 -29.59 -36.31
N ALA D 113 16.34 -29.60 -37.67
CA ALA D 113 15.31 -28.86 -38.36
C ALA D 113 13.88 -29.36 -38.14
N GLY D 114 13.73 -30.55 -37.58
CA GLY D 114 12.42 -31.12 -37.28
C GLY D 114 11.68 -30.36 -36.20
N SER D 115 12.40 -29.59 -35.38
CA SER D 115 11.84 -28.76 -34.33
C SER D 115 12.16 -27.29 -34.68
N PRO D 116 11.27 -26.64 -35.48
CA PRO D 116 11.57 -25.27 -35.94
C PRO D 116 11.72 -24.21 -34.85
N LEU D 117 11.03 -24.37 -33.71
CA LEU D 117 11.15 -23.38 -32.62
C LEU D 117 12.50 -23.46 -31.89
N SER D 118 13.31 -24.51 -32.11
CA SER D 118 14.61 -24.62 -31.44
C SER D 118 15.81 -24.73 -32.43
N TYR D 119 15.54 -24.85 -33.75
CA TYR D 119 16.57 -24.99 -34.79
C TYR D 119 17.57 -23.83 -34.75
N ARG D 120 18.86 -24.15 -34.85
CA ARG D 120 19.91 -23.15 -34.82
C ARG D 120 20.64 -23.10 -36.14
N PRO D 121 20.53 -21.99 -36.87
CA PRO D 121 21.28 -21.86 -38.13
C PRO D 121 22.77 -21.73 -37.84
N VAL D 122 23.63 -22.28 -38.70
CA VAL D 122 25.06 -22.17 -38.55
C VAL D 122 25.63 -21.62 -39.84
N ALA D 123 26.28 -20.45 -39.80
CA ALA D 123 26.87 -19.88 -41.00
C ALA D 123 28.07 -20.70 -41.42
N ILE D 124 28.46 -20.61 -42.71
CA ILE D 124 29.65 -21.25 -43.26
C ILE D 124 30.54 -20.15 -43.82
N ALA D 125 31.73 -20.02 -43.27
CA ALA D 125 32.67 -19.00 -43.70
C ALA D 125 33.87 -19.62 -44.39
N LEU D 126 34.30 -19.03 -45.50
CA LEU D 126 35.45 -19.49 -46.26
C LEU D 126 36.62 -18.55 -45.93
N ASP D 127 37.69 -19.07 -45.33
CA ASP D 127 38.87 -18.26 -45.02
C ASP D 127 39.87 -18.50 -46.15
N THR D 128 40.22 -17.47 -46.93
CA THR D 128 41.09 -17.63 -48.08
C THR D 128 42.55 -17.88 -47.71
N LYS D 129 43.32 -18.48 -48.64
CA LYS D 129 44.74 -18.76 -48.49
C LYS D 129 45.55 -17.47 -48.46
N GLY D 130 45.19 -16.51 -49.30
CA GLY D 130 45.88 -15.23 -49.32
C GLY D 130 46.75 -14.95 -50.54
N PRO D 131 47.28 -13.72 -50.60
CA PRO D 131 48.11 -13.34 -51.74
C PRO D 131 49.52 -13.92 -51.78
N GLY D 132 50.04 -14.29 -50.61
CA GLY D 132 51.40 -14.81 -50.47
C GLY D 132 52.44 -13.77 -50.82
N SER D 133 53.36 -14.11 -51.73
CA SER D 133 54.38 -13.15 -52.19
C SER D 133 53.83 -12.13 -53.23
N GLY D 134 52.63 -12.39 -53.77
CA GLY D 134 51.99 -11.53 -54.74
C GLY D 134 51.46 -10.21 -54.20
N PRO D 135 51.12 -9.29 -55.12
CA PRO D 135 50.63 -7.97 -54.70
C PRO D 135 49.13 -7.86 -54.43
N GLY D 136 48.34 -8.69 -55.11
CA GLY D 136 46.88 -8.68 -54.98
C GLY D 136 46.30 -10.08 -54.95
N LEU D 137 45.11 -10.23 -55.53
CA LEU D 137 44.38 -11.50 -55.54
C LEU D 137 45.09 -12.61 -56.32
N SER D 138 45.43 -13.70 -55.63
CA SER D 138 46.08 -14.85 -56.25
C SER D 138 45.10 -15.66 -57.14
N GLU D 139 45.64 -16.52 -58.01
CA GLU D 139 44.77 -17.33 -58.88
C GLU D 139 44.08 -18.44 -58.12
N GLN D 140 44.71 -18.96 -57.05
CA GLN D 140 44.06 -19.96 -56.21
C GLN D 140 42.90 -19.31 -55.45
N ASP D 141 43.05 -18.05 -55.00
CA ASP D 141 41.97 -17.34 -54.33
C ASP D 141 40.78 -17.14 -55.27
N VAL D 142 41.01 -16.86 -56.56
CA VAL D 142 39.91 -16.72 -57.53
C VAL D 142 39.13 -18.04 -57.68
N ARG D 143 39.85 -19.17 -57.72
CA ARG D 143 39.21 -20.48 -57.82
C ARG D 143 38.46 -20.86 -56.56
N ASP D 144 39.04 -20.56 -55.38
CA ASP D 144 38.43 -20.83 -54.08
C ASP D 144 37.20 -19.98 -53.85
N LEU D 145 37.25 -18.69 -54.25
CA LEU D 145 36.09 -17.81 -54.16
C LEU D 145 34.97 -18.28 -55.05
N ARG D 146 35.29 -18.76 -56.27
CA ARG D 146 34.25 -19.31 -57.15
C ARG D 146 33.64 -20.56 -56.53
N PHE D 147 34.49 -21.42 -55.88
CA PHE D 147 34.03 -22.61 -55.19
C PHE D 147 33.01 -22.23 -54.10
N GLY D 148 33.29 -21.16 -53.37
CA GLY D 148 32.44 -20.67 -52.31
C GLY D 148 31.08 -20.25 -52.81
N VAL D 149 31.06 -19.53 -53.96
CA VAL D 149 29.80 -19.11 -54.55
C VAL D 149 28.99 -20.33 -54.98
N GLU D 150 29.66 -21.29 -55.65
CA GLU D 150 29.02 -22.51 -56.12
C GLU D 150 28.47 -23.37 -55.00
N HIS D 151 29.14 -23.35 -53.82
CA HIS D 151 28.69 -24.13 -52.68
C HIS D 151 27.83 -23.39 -51.67
N GLY D 152 27.51 -22.13 -51.93
CA GLY D 152 26.63 -21.35 -51.08
C GLY D 152 27.20 -20.92 -49.76
N VAL D 153 28.48 -20.51 -49.71
CA VAL D 153 29.03 -20.02 -48.44
C VAL D 153 28.42 -18.68 -48.12
N ASP D 154 28.36 -18.32 -46.83
CA ASP D 154 27.74 -17.09 -46.40
C ASP D 154 28.73 -15.95 -46.21
N ILE D 155 29.94 -16.26 -45.77
CA ILE D 155 30.94 -15.26 -45.42
C ILE D 155 32.29 -15.61 -46.04
N VAL D 156 33.08 -14.60 -46.35
CA VAL D 156 34.44 -14.78 -46.80
C VAL D 156 35.34 -14.06 -45.79
N PHE D 157 36.30 -14.75 -45.19
CA PHE D 157 37.28 -14.13 -44.33
C PHE D 157 38.46 -13.93 -45.30
N ALA D 158 38.61 -12.73 -45.83
CA ALA D 158 39.65 -12.46 -46.83
C ALA D 158 41.01 -12.23 -46.20
N SER D 159 41.96 -13.14 -46.41
CA SER D 159 43.29 -13.04 -45.84
C SER D 159 44.14 -11.89 -46.38
N PHE D 160 45.00 -11.34 -45.50
CA PHE D 160 45.96 -10.27 -45.75
C PHE D 160 45.43 -9.08 -46.58
N VAL D 161 44.32 -8.47 -46.15
CA VAL D 161 43.78 -7.29 -46.84
C VAL D 161 44.68 -6.11 -46.45
N ARG D 162 45.22 -5.42 -47.46
CA ARG D 162 46.14 -4.30 -47.24
C ARG D 162 45.62 -2.97 -47.70
N LYS D 163 44.56 -2.94 -48.52
CA LYS D 163 43.98 -1.71 -49.08
C LYS D 163 42.56 -1.98 -49.58
N ALA D 164 41.79 -0.92 -49.88
CA ALA D 164 40.42 -1.05 -50.37
C ALA D 164 40.31 -1.83 -51.68
N SER D 165 41.31 -1.72 -52.56
CA SER D 165 41.28 -2.41 -53.85
C SER D 165 41.36 -3.94 -53.70
N ASP D 166 41.92 -4.44 -52.57
CA ASP D 166 41.97 -5.89 -52.27
C ASP D 166 40.54 -6.39 -52.05
N VAL D 167 39.70 -5.61 -51.35
CA VAL D 167 38.33 -5.96 -51.05
C VAL D 167 37.52 -5.97 -52.36
N ALA D 168 37.76 -4.96 -53.23
CA ALA D 168 37.06 -4.87 -54.53
C ALA D 168 37.42 -6.07 -55.41
N ALA D 169 38.67 -6.53 -55.36
CA ALA D 169 39.11 -7.71 -56.13
C ALA D 169 38.35 -8.95 -55.63
N VAL D 170 38.17 -9.12 -54.30
CA VAL D 170 37.43 -10.24 -53.74
C VAL D 170 35.96 -10.17 -54.15
N ARG D 171 35.39 -8.98 -54.13
CA ARG D 171 34.00 -8.79 -54.54
C ARG D 171 33.82 -9.14 -56.02
N ALA D 172 34.80 -8.77 -56.88
CA ALA D 172 34.73 -9.07 -58.30
C ALA D 172 34.84 -10.55 -58.53
N ALA D 173 35.74 -11.24 -57.80
CA ALA D 173 35.90 -12.68 -57.94
C ALA D 173 34.67 -13.48 -57.49
N LEU D 174 33.83 -12.91 -56.61
CA LEU D 174 32.59 -13.56 -56.18
C LEU D 174 31.52 -13.49 -57.29
N GLY D 175 31.64 -12.54 -58.23
CA GLY D 175 30.75 -12.40 -59.36
C GLY D 175 29.35 -11.93 -59.01
N PRO D 176 28.46 -11.90 -60.00
CA PRO D 176 27.08 -11.45 -59.75
C PRO D 176 26.30 -12.38 -58.84
N GLU D 177 26.59 -13.67 -58.85
CA GLU D 177 25.89 -14.64 -58.00
C GLU D 177 26.29 -14.57 -56.50
N GLY D 178 27.45 -14.00 -56.21
CA GLY D 178 27.92 -13.88 -54.84
C GLY D 178 27.72 -12.51 -54.21
N HIS D 179 26.73 -11.73 -54.70
CA HIS D 179 26.45 -10.38 -54.21
CA HIS D 179 26.44 -10.38 -54.20
C HIS D 179 26.04 -10.36 -52.72
N GLY D 180 25.35 -11.41 -52.29
CA GLY D 180 24.90 -11.51 -50.92
C GLY D 180 25.92 -12.02 -49.91
N ILE D 181 27.10 -12.47 -50.36
CA ILE D 181 28.14 -12.98 -49.47
C ILE D 181 28.84 -11.83 -48.70
N LYS D 182 29.00 -11.96 -47.39
CA LYS D 182 29.66 -10.92 -46.58
C LYS D 182 31.17 -11.06 -46.68
N ILE D 183 31.88 -9.94 -46.85
CA ILE D 183 33.33 -9.96 -46.91
C ILE D 183 33.87 -9.37 -45.64
N ILE D 184 34.51 -10.18 -44.80
CA ILE D 184 35.11 -9.75 -43.54
C ILE D 184 36.62 -9.68 -43.84
N SER D 185 37.21 -8.48 -43.83
CA SER D 185 38.63 -8.32 -44.16
C SER D 185 39.55 -8.65 -42.98
N LYS D 186 40.52 -9.54 -43.19
CA LYS D 186 41.47 -9.88 -42.17
C LYS D 186 42.60 -8.89 -42.17
N ILE D 187 42.85 -8.18 -41.04
CA ILE D 187 43.95 -7.26 -40.90
C ILE D 187 45.07 -8.04 -40.22
N GLU D 188 46.15 -8.29 -40.98
CA GLU D 188 47.25 -9.14 -40.51
C GLU D 188 48.62 -8.51 -40.60
N ASN D 189 48.73 -7.24 -41.01
CA ASN D 189 50.03 -6.60 -41.15
C ASN D 189 49.97 -5.09 -40.91
N HIS D 190 51.14 -4.42 -40.85
CA HIS D 190 51.21 -2.99 -40.62
C HIS D 190 50.42 -2.18 -41.63
N GLU D 191 50.47 -2.53 -42.92
CA GLU D 191 49.77 -1.77 -43.95
C GLU D 191 48.25 -1.83 -43.77
N GLY D 192 47.71 -3.00 -43.40
CA GLY D 192 46.30 -3.17 -43.15
C GLY D 192 45.85 -2.32 -41.97
N VAL D 193 46.69 -2.23 -40.92
CA VAL D 193 46.41 -1.37 -39.75
C VAL D 193 46.42 0.11 -40.15
N LYS D 194 47.41 0.51 -40.97
CA LYS D 194 47.51 1.91 -41.40
C LYS D 194 46.42 2.33 -42.37
N ARG D 195 46.01 1.43 -43.24
CA ARG D 195 44.94 1.71 -44.20
C ARG D 195 43.57 1.20 -43.72
N PHE D 196 43.42 0.96 -42.40
CA PHE D 196 42.21 0.43 -41.77
C PHE D 196 40.93 1.15 -42.19
N ASP D 197 40.89 2.48 -42.13
CA ASP D 197 39.67 3.22 -42.46
C ASP D 197 39.14 2.97 -43.86
N GLU D 198 40.03 2.93 -44.87
CA GLU D 198 39.60 2.70 -46.24
C GLU D 198 39.14 1.25 -46.44
N ILE D 199 39.74 0.30 -45.73
CA ILE D 199 39.38 -1.11 -45.80
C ILE D 199 38.01 -1.33 -45.14
N LEU D 200 37.79 -0.77 -43.93
CA LEU D 200 36.52 -0.89 -43.22
C LEU D 200 35.38 -0.29 -44.01
N GLU D 201 35.62 0.84 -44.67
CA GLU D 201 34.61 1.51 -45.48
C GLU D 201 34.03 0.62 -46.57
N VAL D 202 34.86 -0.21 -47.22
CA VAL D 202 34.37 -1.08 -48.29
C VAL D 202 34.11 -2.53 -47.86
N SER D 203 34.45 -2.91 -46.62
CA SER D 203 34.21 -4.27 -46.14
C SER D 203 32.89 -4.35 -45.36
N ASP D 204 32.37 -5.56 -45.17
CA ASP D 204 31.19 -5.76 -44.33
C ASP D 204 31.58 -5.85 -42.83
N GLY D 205 32.86 -6.12 -42.55
CA GLY D 205 33.39 -6.26 -41.20
C GLY D 205 34.88 -6.59 -41.22
N ILE D 206 35.44 -6.83 -40.02
CA ILE D 206 36.88 -7.03 -39.89
C ILE D 206 37.22 -8.21 -39.01
N MET D 207 38.37 -8.84 -39.26
CA MET D 207 38.89 -9.86 -38.37
C MET D 207 40.26 -9.38 -37.88
N VAL D 208 40.48 -9.37 -36.57
CA VAL D 208 41.77 -9.04 -36.00
C VAL D 208 42.50 -10.38 -35.98
N ALA D 209 43.27 -10.66 -37.04
CA ALA D 209 44.00 -11.90 -37.25
C ALA D 209 45.33 -11.81 -36.51
N ARG D 210 45.30 -12.03 -35.18
CA ARG D 210 46.42 -11.82 -34.27
C ARG D 210 47.64 -12.71 -34.51
N GLY D 211 47.47 -13.89 -35.10
CA GLY D 211 48.59 -14.76 -35.40
C GLY D 211 49.62 -14.11 -36.32
N ASP D 212 49.22 -13.75 -37.54
CA ASP D 212 50.11 -13.06 -38.46
C ASP D 212 50.43 -11.66 -37.98
N LEU D 213 49.44 -10.95 -37.44
CA LEU D 213 49.65 -9.59 -36.94
C LEU D 213 50.78 -9.54 -35.88
N GLY D 214 50.85 -10.53 -35.00
CA GLY D 214 51.88 -10.63 -33.97
C GLY D 214 53.27 -10.95 -34.48
N ILE D 215 53.39 -11.33 -35.77
CA ILE D 215 54.65 -11.61 -36.45
C ILE D 215 55.02 -10.40 -37.33
N GLU D 216 54.02 -9.71 -37.93
CA GLU D 216 54.23 -8.54 -38.77
C GLU D 216 54.56 -7.28 -38.00
N ILE D 217 54.00 -7.13 -36.79
CA ILE D 217 54.23 -5.99 -35.90
C ILE D 217 54.77 -6.54 -34.56
N PRO D 218 55.39 -5.69 -33.69
CA PRO D 218 55.89 -6.21 -32.41
C PRO D 218 54.75 -6.84 -31.60
N ALA D 219 54.99 -8.00 -31.00
CA ALA D 219 54.00 -8.73 -30.23
C ALA D 219 53.32 -7.88 -29.14
N GLU D 220 54.09 -6.99 -28.48
CA GLU D 220 53.58 -6.13 -27.42
C GLU D 220 52.67 -4.99 -27.90
N LYS D 221 52.48 -4.86 -29.22
CA LYS D 221 51.62 -3.83 -29.79
C LYS D 221 50.29 -4.40 -30.34
N VAL D 222 50.13 -5.75 -30.41
CA VAL D 222 48.93 -6.37 -30.95
C VAL D 222 47.67 -5.93 -30.19
N PHE D 223 47.74 -5.87 -28.85
CA PHE D 223 46.61 -5.44 -28.05
C PHE D 223 46.11 -4.01 -28.42
N LEU D 224 47.01 -3.10 -28.80
CA LEU D 224 46.61 -1.75 -29.22
C LEU D 224 45.88 -1.81 -30.54
N ALA D 225 46.36 -2.63 -31.49
CA ALA D 225 45.72 -2.78 -32.80
C ALA D 225 44.33 -3.42 -32.62
N GLN D 226 44.22 -4.45 -31.78
CA GLN D 226 42.94 -5.11 -31.51
C GLN D 226 41.93 -4.12 -30.92
N LYS D 227 42.32 -3.38 -29.85
CA LYS D 227 41.41 -2.42 -29.23
C LYS D 227 40.99 -1.28 -30.19
N MET D 228 41.93 -0.80 -31.03
CA MET D 228 41.63 0.28 -31.98
C MET D 228 40.61 -0.20 -33.03
N MET D 229 40.85 -1.39 -33.61
CA MET D 229 39.97 -1.91 -34.65
C MET D 229 38.60 -2.24 -34.09
N ILE D 230 38.52 -2.84 -32.89
CA ILE D 230 37.23 -3.14 -32.26
C ILE D 230 36.44 -1.83 -32.04
N GLY D 231 37.10 -0.81 -31.49
CA GLY D 231 36.47 0.48 -31.27
C GLY D 231 35.94 1.12 -32.56
N ARG D 232 36.74 1.09 -33.62
CA ARG D 232 36.33 1.67 -34.91
C ARG D 232 35.20 0.90 -35.55
N CYS D 233 35.20 -0.43 -35.41
CA CYS D 233 34.11 -1.27 -35.94
C CYS D 233 32.85 -1.01 -35.18
N ASN D 234 32.94 -0.87 -33.85
CA ASN D 234 31.78 -0.56 -33.02
C ASN D 234 31.19 0.79 -33.40
N LEU D 235 32.06 1.77 -33.67
CA LEU D 235 31.64 3.11 -34.07
C LEU D 235 30.93 3.04 -35.44
N ALA D 236 31.50 2.27 -36.40
CA ALA D 236 30.93 2.10 -37.73
C ALA D 236 29.69 1.21 -37.76
N GLY D 237 29.44 0.45 -36.70
CA GLY D 237 28.33 -0.49 -36.64
C GLY D 237 28.52 -1.69 -37.53
N LYS D 238 29.80 -2.12 -37.68
CA LYS D 238 30.16 -3.28 -38.51
C LYS D 238 30.77 -4.39 -37.66
N PRO D 239 30.49 -5.69 -37.98
CA PRO D 239 31.03 -6.77 -37.15
C PRO D 239 32.57 -6.88 -37.10
N VAL D 240 33.08 -7.25 -35.92
CA VAL D 240 34.51 -7.41 -35.70
C VAL D 240 34.74 -8.71 -34.97
N VAL D 241 35.65 -9.53 -35.51
CA VAL D 241 35.97 -10.83 -34.95
C VAL D 241 37.34 -10.75 -34.27
N CYS D 242 37.47 -11.28 -33.04
CA CYS D 242 38.77 -11.41 -32.41
C CYS D 242 39.22 -12.85 -32.65
N ALA D 243 40.43 -13.04 -33.23
CA ALA D 243 40.89 -14.35 -33.58
C ALA D 243 42.29 -14.67 -33.09
N THR D 244 42.59 -15.99 -32.97
CA THR D 244 43.87 -16.67 -32.79
C THR D 244 44.45 -16.71 -31.37
N GLN D 245 44.74 -17.94 -30.93
CA GLN D 245 45.34 -18.33 -29.66
C GLN D 245 44.54 -17.94 -28.43
N MET D 246 43.22 -17.75 -28.59
CA MET D 246 42.38 -17.37 -27.46
C MET D 246 42.40 -18.44 -26.36
N LEU D 247 42.29 -19.73 -26.73
CA LEU D 247 42.34 -20.82 -25.75
C LEU D 247 43.36 -21.86 -26.22
N GLU D 248 44.50 -21.42 -26.78
CA GLU D 248 45.53 -22.27 -27.38
C GLU D 248 45.89 -23.55 -26.61
N SER D 249 46.11 -23.45 -25.30
CA SER D 249 46.49 -24.58 -24.48
C SER D 249 45.43 -25.68 -24.49
N MET D 250 44.15 -25.36 -24.81
CA MET D 250 43.10 -26.41 -24.90
C MET D 250 43.23 -27.29 -26.13
N ILE D 251 44.22 -27.05 -27.01
CA ILE D 251 44.51 -27.98 -28.09
C ILE D 251 44.94 -29.35 -27.49
N THR D 252 45.65 -29.33 -26.35
CA THR D 252 46.08 -30.59 -25.71
C THR D 252 45.63 -30.74 -24.26
N LYS D 253 45.31 -29.65 -23.57
CA LYS D 253 44.90 -29.74 -22.15
C LYS D 253 43.39 -29.53 -21.95
N PRO D 254 42.77 -30.21 -20.96
CA PRO D 254 41.31 -30.07 -20.77
C PRO D 254 40.80 -28.72 -20.24
N ARG D 255 41.68 -27.92 -19.64
CA ARG D 255 41.34 -26.62 -19.06
C ARG D 255 42.33 -25.57 -19.59
N PRO D 256 41.86 -24.33 -19.81
CA PRO D 256 42.78 -23.28 -20.32
C PRO D 256 43.59 -22.60 -19.20
N THR D 257 44.54 -21.76 -19.58
CA THR D 257 45.36 -21.04 -18.61
C THR D 257 44.58 -19.80 -18.11
N ARG D 258 45.07 -19.15 -17.05
CA ARG D 258 44.42 -17.95 -16.52
C ARG D 258 44.53 -16.78 -17.52
N ALA D 259 45.56 -16.74 -18.35
CA ALA D 259 45.71 -15.70 -19.36
C ALA D 259 44.71 -15.89 -20.50
N GLU D 260 44.41 -17.15 -20.84
CA GLU D 260 43.48 -17.48 -21.91
C GLU D 260 42.04 -17.12 -21.57
N THR D 261 41.56 -17.45 -20.38
CA THR D 261 40.20 -17.08 -19.99
C THR D 261 40.08 -15.53 -19.92
N SER D 262 41.12 -14.87 -19.40
CA SER D 262 41.17 -13.43 -19.33
C SER D 262 41.12 -12.83 -20.75
N ASP D 263 41.85 -13.38 -21.71
CA ASP D 263 41.87 -12.93 -23.11
C ASP D 263 40.47 -12.97 -23.76
N VAL D 264 39.73 -14.08 -23.57
CA VAL D 264 38.39 -14.20 -24.11
C VAL D 264 37.47 -13.15 -23.47
N ALA D 265 37.53 -13.03 -22.14
CA ALA D 265 36.70 -12.08 -21.43
C ALA D 265 36.97 -10.64 -21.87
N ASN D 266 38.25 -10.31 -22.05
CA ASN D 266 38.65 -8.98 -22.47
C ASN D 266 38.29 -8.69 -23.90
N ALA D 267 38.28 -9.69 -24.81
CA ALA D 267 37.85 -9.48 -26.21
C ALA D 267 36.35 -9.07 -26.21
N VAL D 268 35.53 -9.74 -25.37
CA VAL D 268 34.12 -9.39 -25.22
C VAL D 268 33.99 -7.99 -24.61
N LEU D 269 34.73 -7.68 -23.54
CA LEU D 269 34.68 -6.36 -22.93
C LEU D 269 35.20 -5.25 -23.86
N ASP D 270 36.15 -5.55 -24.77
CA ASP D 270 36.63 -4.59 -25.76
C ASP D 270 35.50 -4.20 -26.74
N GLY D 271 34.60 -5.15 -27.04
CA GLY D 271 33.48 -4.90 -27.93
C GLY D 271 33.39 -5.83 -29.12
N ALA D 272 34.15 -6.97 -29.11
CA ALA D 272 34.09 -7.90 -30.24
C ALA D 272 32.73 -8.51 -30.43
N ASP D 273 32.29 -8.64 -31.68
CA ASP D 273 31.03 -9.29 -32.01
C ASP D 273 31.20 -10.80 -31.97
N CYS D 274 32.35 -11.30 -32.46
CA CYS D 274 32.65 -12.71 -32.54
C CYS D 274 33.99 -13.02 -31.90
N ILE D 275 34.10 -14.23 -31.39
CA ILE D 275 35.34 -14.79 -30.91
C ILE D 275 35.58 -16.08 -31.71
N MET D 276 36.85 -16.44 -31.93
CA MET D 276 37.19 -17.56 -32.78
C MET D 276 38.08 -18.60 -32.11
N LEU D 277 37.92 -19.85 -32.55
CA LEU D 277 38.76 -20.97 -32.17
C LEU D 277 39.38 -21.49 -33.50
N SER D 278 40.69 -21.74 -33.51
CA SER D 278 41.37 -22.25 -34.72
C SER D 278 41.81 -23.71 -34.51
N GLY D 279 43.03 -23.95 -34.02
CA GLY D 279 43.51 -25.27 -33.70
C GLY D 279 42.72 -25.96 -32.62
N GLU D 280 42.08 -25.19 -31.70
CA GLU D 280 41.28 -25.73 -30.60
C GLU D 280 40.15 -26.57 -31.13
N THR D 281 39.55 -26.18 -32.29
CA THR D 281 38.46 -26.97 -32.84
C THR D 281 38.89 -27.73 -34.08
N ALA D 282 39.93 -27.29 -34.81
CA ALA D 282 40.27 -27.99 -36.05
C ALA D 282 41.06 -29.26 -35.82
N LYS D 283 42.01 -29.21 -34.88
CA LYS D 283 42.92 -30.33 -34.70
C LYS D 283 43.16 -30.77 -33.26
N GLY D 284 42.65 -30.03 -32.29
CA GLY D 284 42.89 -30.33 -30.88
C GLY D 284 42.11 -31.52 -30.36
N ASN D 285 42.32 -31.84 -29.07
CA ASN D 285 41.64 -32.96 -28.44
C ASN D 285 40.40 -32.58 -27.62
N PHE D 286 40.07 -31.29 -27.55
CA PHE D 286 38.92 -30.84 -26.78
C PHE D 286 38.08 -29.84 -27.60
N PRO D 287 37.67 -30.17 -28.86
CA PRO D 287 36.91 -29.19 -29.63
C PRO D 287 35.59 -28.75 -28.97
N VAL D 288 34.83 -29.67 -28.41
CA VAL D 288 33.55 -29.36 -27.79
C VAL D 288 33.75 -28.57 -26.53
N GLU D 289 34.75 -28.94 -25.72
CA GLU D 289 35.04 -28.23 -24.48
C GLU D 289 35.58 -26.84 -24.73
N ALA D 290 36.31 -26.62 -25.83
CA ALA D 290 36.85 -25.30 -26.20
C ALA D 290 35.68 -24.36 -26.52
N VAL D 291 34.62 -24.88 -27.19
CA VAL D 291 33.41 -24.13 -27.52
C VAL D 291 32.64 -23.85 -26.23
N LYS D 292 32.50 -24.84 -25.37
CA LYS D 292 31.81 -24.67 -24.08
C LYS D 292 32.49 -23.62 -23.21
N MET D 293 33.84 -23.59 -23.20
CA MET D 293 34.62 -22.63 -22.42
C MET D 293 34.39 -21.21 -22.94
N GLN D 294 34.48 -21.00 -24.25
CA GLN D 294 34.22 -19.68 -24.84
C GLN D 294 32.79 -19.24 -24.56
N HIS D 295 31.83 -20.15 -24.62
CA HIS D 295 30.44 -19.87 -24.29
C HIS D 295 30.32 -19.38 -22.84
N ALA D 296 30.91 -20.11 -21.89
CA ALA D 296 30.82 -19.75 -20.48
C ALA D 296 31.48 -18.42 -20.15
N ILE D 297 32.67 -18.14 -20.71
CA ILE D 297 33.37 -16.89 -20.44
C ILE D 297 32.60 -15.70 -21.02
N ALA D 298 32.17 -15.81 -22.29
CA ALA D 298 31.41 -14.75 -22.97
C ALA D 298 30.16 -14.37 -22.19
N ARG D 299 29.39 -15.33 -21.66
CA ARG D 299 28.20 -15.01 -20.86
C ARG D 299 28.56 -14.20 -19.61
N GLU D 300 29.65 -14.58 -18.91
CA GLU D 300 30.07 -13.85 -17.73
C GLU D 300 30.51 -12.44 -18.08
N ALA D 301 31.29 -12.28 -19.18
CA ALA D 301 31.82 -11.00 -19.63
C ALA D 301 30.73 -10.07 -20.13
N GLU D 302 29.72 -10.61 -20.79
CA GLU D 302 28.60 -9.79 -21.31
C GLU D 302 27.77 -9.19 -20.17
N ALA D 303 27.60 -9.93 -19.06
CA ALA D 303 26.86 -9.39 -17.91
C ALA D 303 27.67 -8.29 -17.21
N ALA D 304 29.01 -8.32 -17.31
CA ALA D 304 29.89 -7.32 -16.73
C ALA D 304 30.07 -6.07 -17.61
N VAL D 305 29.43 -5.98 -18.77
CA VAL D 305 29.53 -4.80 -19.63
C VAL D 305 28.85 -3.61 -18.96
N TYR D 306 29.53 -2.45 -18.94
CA TYR D 306 29.01 -1.24 -18.32
C TYR D 306 28.12 -0.48 -19.36
N HIS D 307 26.90 -0.99 -19.59
CA HIS D 307 25.96 -0.42 -20.58
C HIS D 307 25.66 1.06 -20.37
N ARG D 308 25.69 1.52 -19.13
CA ARG D 308 25.41 2.94 -18.84
C ARG D 308 26.31 3.89 -19.64
N GLN D 309 27.64 3.64 -19.63
CA GLN D 309 28.52 4.49 -20.39
C GLN D 309 28.56 4.07 -21.88
N LEU D 310 28.58 2.76 -22.13
CA LEU D 310 28.63 2.21 -23.48
C LEU D 310 27.50 2.74 -24.38
N PHE D 311 26.25 2.64 -23.93
CA PHE D 311 25.12 3.12 -24.71
C PHE D 311 25.18 4.60 -24.91
N GLU D 312 25.53 5.37 -23.86
CA GLU D 312 25.63 6.83 -23.98
C GLU D 312 26.63 7.22 -25.05
N GLU D 313 27.81 6.56 -25.06
CA GLU D 313 28.85 6.86 -26.04
C GLU D 313 28.50 6.43 -27.45
N LEU D 314 27.82 5.26 -27.60
CA LEU D 314 27.43 4.81 -28.93
C LEU D 314 26.38 5.76 -29.50
N ARG D 315 25.40 6.20 -28.67
CA ARG D 315 24.38 7.18 -29.05
C ARG D 315 25.04 8.50 -29.48
N ARG D 316 25.91 9.04 -28.63
CA ARG D 316 26.55 10.33 -28.87
C ARG D 316 27.43 10.30 -30.12
N ALA D 317 28.16 9.21 -30.34
CA ALA D 317 29.07 9.10 -31.48
C ALA D 317 28.38 8.84 -32.80
N ALA D 318 27.21 8.19 -32.78
CA ALA D 318 26.50 7.86 -34.01
C ALA D 318 25.96 9.14 -34.63
N PRO D 319 26.19 9.35 -35.93
CA PRO D 319 25.72 10.58 -36.56
C PRO D 319 24.20 10.64 -36.69
N LEU D 320 23.67 11.85 -36.92
CA LEU D 320 22.24 12.01 -37.17
C LEU D 320 21.89 11.27 -38.47
N SER D 321 20.65 10.80 -38.59
CA SER D 321 20.27 10.03 -39.76
C SER D 321 18.89 10.30 -40.23
N ARG D 322 18.66 10.28 -41.53
CA ARG D 322 17.33 10.39 -42.08
C ARG D 322 16.79 9.02 -42.60
N ASP D 323 17.47 7.92 -42.25
CA ASP D 323 17.06 6.59 -42.65
C ASP D 323 16.12 6.06 -41.58
N PRO D 324 14.88 5.72 -41.95
CA PRO D 324 13.93 5.24 -40.95
C PRO D 324 14.34 3.98 -40.20
N THR D 325 15.13 3.08 -40.81
CA THR D 325 15.58 1.88 -40.13
C THR D 325 16.53 2.29 -38.96
N GLU D 326 17.44 3.24 -39.23
CA GLU D 326 18.40 3.76 -38.30
C GLU D 326 17.70 4.52 -37.15
N VAL D 327 16.68 5.32 -37.49
CA VAL D 327 15.90 6.06 -36.53
C VAL D 327 15.06 5.13 -35.63
N THR D 328 14.44 4.10 -36.21
CA THR D 328 13.63 3.14 -35.46
C THR D 328 14.52 2.33 -34.53
N ALA D 329 15.73 1.94 -34.99
CA ALA D 329 16.67 1.14 -34.20
C ALA D 329 17.08 1.83 -32.89
N ILE D 330 17.44 3.13 -32.95
CA ILE D 330 17.85 3.83 -31.74
C ILE D 330 16.66 4.05 -30.81
N GLY D 331 15.48 4.32 -31.36
CA GLY D 331 14.28 4.48 -30.56
C GLY D 331 13.92 3.19 -29.85
N ALA D 332 14.05 2.05 -30.53
CA ALA D 332 13.73 0.74 -29.98
C ALA D 332 14.75 0.34 -28.88
N VAL D 333 16.06 0.66 -29.06
CA VAL D 333 17.06 0.32 -28.05
C VAL D 333 16.83 1.16 -26.80
N GLU D 334 16.52 2.45 -27.00
CA GLU D 334 16.22 3.35 -25.91
CA GLU D 334 16.21 3.36 -25.91
C GLU D 334 14.99 2.85 -25.10
N ALA D 335 13.92 2.44 -25.81
CA ALA D 335 12.70 1.89 -25.22
C ALA D 335 13.01 0.59 -24.46
N ALA D 336 13.84 -0.31 -25.04
CA ALA D 336 14.22 -1.55 -24.38
C ALA D 336 14.94 -1.30 -23.05
N PHE D 337 15.82 -0.31 -22.97
CA PHE D 337 16.50 0.03 -21.74
C PHE D 337 15.54 0.62 -20.69
N LYS D 338 14.58 1.42 -21.12
CA LYS D 338 13.61 2.05 -20.24
C LYS D 338 12.73 1.06 -19.47
N CYS D 339 12.36 -0.07 -20.09
CA CYS D 339 11.53 -1.07 -19.44
C CYS D 339 12.24 -2.38 -19.07
N CYS D 340 13.60 -2.47 -19.25
CA CYS D 340 14.36 -3.71 -19.07
C CYS D 340 13.75 -4.83 -19.90
N ALA D 341 13.44 -4.53 -21.20
CA ALA D 341 12.83 -5.51 -22.11
C ALA D 341 13.65 -6.78 -22.18
N ALA D 342 13.00 -7.96 -22.15
CA ALA D 342 13.69 -9.24 -22.25
C ALA D 342 14.27 -9.43 -23.66
N ALA D 343 13.59 -8.85 -24.70
CA ALA D 343 14.02 -9.01 -26.07
C ALA D 343 13.46 -7.89 -26.97
N ILE D 344 14.09 -7.72 -28.15
CA ILE D 344 13.65 -6.88 -29.22
C ILE D 344 13.43 -7.89 -30.35
N ILE D 345 12.18 -8.08 -30.78
CA ILE D 345 11.89 -8.99 -31.88
C ILE D 345 11.84 -8.17 -33.17
N VAL D 346 12.67 -8.49 -34.15
CA VAL D 346 12.75 -7.76 -35.40
C VAL D 346 12.51 -8.63 -36.60
N LEU D 347 11.68 -8.17 -37.57
CA LEU D 347 11.49 -8.90 -38.80
C LEU D 347 12.52 -8.35 -39.75
N THR D 348 13.28 -9.22 -40.41
CA THR D 348 14.33 -8.77 -41.31
C THR D 348 14.49 -9.68 -42.51
N THR D 349 14.77 -9.10 -43.69
CA THR D 349 14.93 -9.89 -44.90
C THR D 349 16.41 -10.11 -45.16
N THR D 350 17.24 -9.07 -45.04
CA THR D 350 18.67 -9.17 -45.29
C THR D 350 19.51 -9.23 -44.01
N GLY D 351 18.90 -8.98 -42.85
CA GLY D 351 19.60 -8.90 -41.57
C GLY D 351 19.93 -7.48 -41.15
N ARG D 352 19.84 -6.51 -42.07
CA ARG D 352 20.21 -5.13 -41.78
C ARG D 352 19.47 -4.50 -40.59
N SER D 353 18.13 -4.69 -40.46
CA SER D 353 17.41 -4.11 -39.33
C SER D 353 17.93 -4.62 -37.99
N ALA D 354 18.34 -5.89 -37.94
CA ALA D 354 18.89 -6.49 -36.74
C ALA D 354 20.29 -5.94 -36.47
N GLN D 355 21.09 -5.71 -37.50
CA GLN D 355 22.43 -5.14 -37.39
C GLN D 355 22.39 -3.74 -36.80
N LEU D 356 21.45 -2.91 -37.26
CA LEU D 356 21.30 -1.55 -36.74
C LEU D 356 20.82 -1.51 -35.29
N LEU D 357 20.12 -2.54 -34.81
CA LEU D 357 19.72 -2.61 -33.40
C LEU D 357 20.99 -3.01 -32.58
N SER D 358 21.73 -4.02 -33.09
CA SER D 358 22.94 -4.59 -32.51
C SER D 358 24.04 -3.56 -32.28
N ARG D 359 24.15 -2.55 -33.17
CA ARG D 359 25.22 -1.55 -33.05
C ARG D 359 25.12 -0.71 -31.77
N TYR D 360 23.91 -0.60 -31.17
CA TYR D 360 23.72 0.17 -29.93
C TYR D 360 23.92 -0.68 -28.67
N ARG D 361 24.29 -1.95 -28.83
CA ARG D 361 24.57 -2.89 -27.75
C ARG D 361 23.49 -2.94 -26.69
N PRO D 362 22.23 -3.24 -27.09
CA PRO D 362 21.20 -3.42 -26.08
C PRO D 362 21.50 -4.60 -25.16
N ARG D 363 21.05 -4.53 -23.90
CA ARG D 363 21.11 -5.67 -22.98
C ARG D 363 20.02 -6.70 -23.43
N ALA D 364 18.91 -6.24 -24.04
CA ALA D 364 17.85 -7.09 -24.54
C ALA D 364 18.33 -7.90 -25.74
N ALA D 365 17.98 -9.18 -25.80
CA ALA D 365 18.38 -10.03 -26.91
C ALA D 365 17.66 -9.55 -28.18
N VAL D 366 18.32 -9.58 -29.34
CA VAL D 366 17.68 -9.20 -30.59
C VAL D 366 17.29 -10.47 -31.31
N ILE D 367 16.01 -10.84 -31.23
CA ILE D 367 15.48 -12.02 -31.89
C ILE D 367 15.09 -11.63 -33.31
N ALA D 368 15.86 -12.08 -34.30
CA ALA D 368 15.63 -11.73 -35.69
C ALA D 368 14.87 -12.82 -36.42
N VAL D 369 13.62 -12.56 -36.80
CA VAL D 369 12.82 -13.54 -37.54
C VAL D 369 12.94 -13.26 -39.04
N THR D 370 13.41 -14.26 -39.78
CA THR D 370 13.62 -14.09 -41.22
C THR D 370 13.24 -15.34 -41.97
N ARG D 371 12.90 -15.18 -43.23
CA ARG D 371 12.65 -16.33 -44.11
C ARG D 371 13.92 -16.64 -44.92
N SER D 372 14.90 -15.72 -44.98
CA SER D 372 16.11 -15.93 -45.71
C SER D 372 17.07 -16.79 -44.88
N ALA D 373 17.36 -18.00 -45.33
CA ALA D 373 18.29 -18.91 -44.66
C ALA D 373 19.69 -18.32 -44.64
N GLN D 374 20.08 -17.62 -45.70
CA GLN D 374 21.38 -16.96 -45.74
C GLN D 374 21.46 -15.81 -44.71
N ALA D 375 20.43 -14.97 -44.60
CA ALA D 375 20.43 -13.90 -43.61
C ALA D 375 20.46 -14.45 -42.21
N ALA D 376 19.71 -15.53 -41.95
CA ALA D 376 19.67 -16.16 -40.65
C ALA D 376 21.09 -16.64 -40.24
N ARG D 377 21.88 -17.15 -41.20
CA ARG D 377 23.23 -17.59 -40.94
C ARG D 377 24.16 -16.39 -40.75
N GLN D 378 24.06 -15.38 -41.62
CA GLN D 378 24.94 -14.21 -41.56
C GLN D 378 24.75 -13.30 -40.35
N VAL D 379 23.54 -13.19 -39.74
CA VAL D 379 23.37 -12.30 -38.61
C VAL D 379 24.13 -12.75 -37.36
N HIS D 380 24.70 -13.98 -37.36
CA HIS D 380 25.54 -14.44 -36.25
C HIS D 380 26.81 -13.52 -36.17
N LEU D 381 27.15 -12.77 -37.24
CA LEU D 381 28.27 -11.85 -37.22
C LEU D 381 28.00 -10.68 -36.25
N CYS D 382 26.74 -10.36 -35.93
CA CYS D 382 26.38 -9.22 -35.08
C CYS D 382 26.06 -9.63 -33.69
N ARG D 383 26.74 -9.03 -32.72
CA ARG D 383 26.53 -9.37 -31.32
C ARG D 383 25.09 -9.17 -30.82
N GLY D 384 24.59 -10.20 -30.15
CA GLY D 384 23.26 -10.13 -29.56
C GLY D 384 22.12 -10.41 -30.49
N VAL D 385 22.40 -10.89 -31.71
CA VAL D 385 21.36 -11.25 -32.66
C VAL D 385 21.15 -12.74 -32.67
N PHE D 386 19.96 -13.20 -32.36
CA PHE D 386 19.58 -14.61 -32.32
C PHE D 386 18.63 -14.87 -33.49
N PRO D 387 19.13 -15.47 -34.55
CA PRO D 387 18.29 -15.67 -35.74
C PRO D 387 17.31 -16.84 -35.64
N LEU D 388 16.07 -16.61 -36.12
CA LEU D 388 15.06 -17.66 -36.20
C LEU D 388 14.65 -17.76 -37.66
N LEU D 389 14.80 -18.93 -38.27
CA LEU D 389 14.40 -19.13 -39.66
C LEU D 389 12.95 -19.57 -39.70
N TYR D 390 12.10 -18.76 -40.32
CA TYR D 390 10.67 -19.00 -40.50
C TYR D 390 10.44 -19.75 -41.82
N ARG D 391 9.77 -20.91 -41.75
CA ARG D 391 9.59 -21.73 -42.95
C ARG D 391 8.22 -21.74 -43.56
N GLU D 392 7.21 -21.22 -42.85
CA GLU D 392 5.83 -21.20 -43.34
C GLU D 392 5.62 -20.39 -44.62
N PRO D 393 4.76 -20.89 -45.51
CA PRO D 393 4.43 -20.11 -46.73
C PRO D 393 3.60 -18.87 -46.34
N PRO D 394 3.75 -17.79 -47.12
CA PRO D 394 3.09 -16.54 -46.75
C PRO D 394 1.58 -16.61 -46.61
N GLU D 395 1.01 -15.87 -45.65
CA GLU D 395 -0.43 -15.67 -45.50
C GLU D 395 -0.87 -14.77 -46.65
N ALA D 396 -2.15 -14.81 -47.04
CA ALA D 396 -2.68 -13.94 -48.09
C ALA D 396 -2.69 -12.47 -47.61
N ILE D 397 -3.04 -12.24 -46.31
CA ILE D 397 -3.07 -10.90 -45.73
C ILE D 397 -1.70 -10.60 -45.12
N TRP D 398 -1.01 -9.57 -45.62
CA TRP D 398 0.33 -9.21 -45.16
C TRP D 398 0.44 -8.92 -43.67
N ALA D 399 -0.51 -8.15 -43.10
CA ALA D 399 -0.50 -7.86 -41.67
C ALA D 399 -0.61 -9.16 -40.85
N ASP D 400 -1.32 -10.18 -41.35
CA ASP D 400 -1.43 -11.45 -40.63
C ASP D 400 -0.13 -12.23 -40.73
N ASP D 401 0.57 -12.15 -41.88
CA ASP D 401 1.84 -12.82 -42.07
C ASP D 401 2.92 -12.21 -41.11
N VAL D 402 2.87 -10.88 -40.92
CA VAL D 402 3.73 -10.15 -40.03
C VAL D 402 3.45 -10.60 -38.60
N ASP D 403 2.17 -10.64 -38.18
CA ASP D 403 1.80 -11.12 -36.85
C ASP D 403 2.22 -12.56 -36.61
N ARG D 404 2.09 -13.43 -37.61
CA ARG D 404 2.48 -14.83 -37.43
C ARG D 404 3.96 -14.99 -37.16
N ARG D 405 4.77 -14.18 -37.83
CA ARG D 405 6.20 -14.21 -37.63
C ARG D 405 6.57 -13.66 -36.25
N VAL D 406 5.90 -12.59 -35.76
CA VAL D 406 6.14 -12.04 -34.44
C VAL D 406 5.78 -13.10 -33.38
N GLN D 407 4.66 -13.84 -33.58
CA GLN D 407 4.27 -14.91 -32.66
C GLN D 407 5.26 -16.07 -32.67
N PHE D 408 5.84 -16.37 -33.82
CA PHE D 408 6.86 -17.39 -33.92
C PHE D 408 8.11 -16.98 -33.11
N GLY D 409 8.44 -15.69 -33.12
CA GLY D 409 9.52 -15.11 -32.33
C GLY D 409 9.23 -15.21 -30.84
N ILE D 410 7.98 -14.95 -30.44
CA ILE D 410 7.57 -15.04 -29.03
C ILE D 410 7.57 -16.49 -28.53
N GLU D 411 7.05 -17.43 -29.34
CA GLU D 411 7.00 -18.85 -28.99
C GLU D 411 8.39 -19.48 -28.95
N SER D 412 9.29 -19.12 -29.88
CA SER D 412 10.66 -19.63 -29.82
C SER D 412 11.37 -19.05 -28.61
N GLY D 413 11.14 -17.77 -28.31
CA GLY D 413 11.72 -17.10 -27.17
C GLY D 413 11.30 -17.73 -25.87
N LYS D 414 10.03 -18.12 -25.75
CA LYS D 414 9.51 -18.77 -24.54
C LYS D 414 10.12 -20.16 -24.40
N LEU D 415 10.14 -20.95 -25.48
CA LEU D 415 10.73 -22.30 -25.50
C LEU D 415 12.22 -22.28 -25.13
N ARG D 416 12.97 -21.27 -25.62
CA ARG D 416 14.40 -21.20 -25.36
C ARG D 416 14.79 -20.49 -24.06
N GLY D 417 13.83 -19.99 -23.30
CA GLY D 417 14.13 -19.30 -22.05
C GLY D 417 14.38 -17.80 -22.11
N PHE D 418 14.32 -17.20 -23.32
CA PHE D 418 14.50 -15.74 -23.46
C PHE D 418 13.36 -14.97 -22.83
N LEU D 419 12.14 -15.53 -22.91
CA LEU D 419 10.95 -14.81 -22.49
C LEU D 419 10.09 -15.62 -21.57
N ARG D 420 9.33 -14.93 -20.74
CA ARG D 420 8.33 -15.52 -19.85
C ARG D 420 7.08 -14.64 -19.93
N VAL D 421 5.93 -15.18 -19.52
CA VAL D 421 4.69 -14.40 -19.43
C VAL D 421 4.89 -13.23 -18.46
N GLY D 422 4.50 -12.04 -18.86
CA GLY D 422 4.69 -10.85 -18.03
C GLY D 422 5.85 -9.98 -18.46
N ASP D 423 6.77 -10.52 -19.25
CA ASP D 423 7.91 -9.75 -19.77
C ASP D 423 7.44 -8.69 -20.79
N LEU D 424 8.25 -7.65 -20.96
CA LEU D 424 8.01 -6.66 -21.99
C LEU D 424 9.00 -6.92 -23.13
N VAL D 425 8.51 -6.82 -24.36
CA VAL D 425 9.27 -7.03 -25.58
C VAL D 425 9.05 -5.80 -26.50
N ILE D 426 10.08 -5.41 -27.25
CA ILE D 426 9.99 -4.33 -28.25
C ILE D 426 9.90 -5.04 -29.60
N VAL D 427 8.91 -4.70 -30.44
CA VAL D 427 8.75 -5.35 -31.74
C VAL D 427 9.06 -4.34 -32.84
N VAL D 428 9.98 -4.68 -33.74
CA VAL D 428 10.43 -3.81 -34.81
C VAL D 428 10.02 -4.41 -36.14
N THR D 429 9.11 -3.72 -36.85
CA THR D 429 8.58 -4.14 -38.15
C THR D 429 8.62 -2.95 -39.17
N GLY D 430 8.10 -3.14 -40.37
CA GLY D 430 8.06 -2.15 -41.43
C GLY D 430 6.66 -1.91 -41.99
N TRP D 431 6.51 -0.93 -42.85
CA TRP D 431 5.19 -0.50 -43.34
C TRP D 431 4.71 -1.23 -44.64
N ARG D 432 5.66 -1.85 -45.37
CA ARG D 432 5.42 -2.62 -46.57
C ARG D 432 6.41 -3.78 -46.65
N PRO D 433 6.09 -4.83 -47.45
CA PRO D 433 7.04 -5.93 -47.66
C PRO D 433 8.34 -5.51 -48.37
N GLY D 434 9.34 -6.39 -48.34
CA GLY D 434 10.60 -6.11 -48.97
C GLY D 434 11.54 -5.40 -48.02
N SER D 435 12.83 -5.59 -48.28
CA SER D 435 13.92 -5.02 -47.50
CA SER D 435 13.90 -4.99 -47.46
C SER D 435 13.95 -3.48 -47.58
N GLY D 436 14.37 -2.83 -46.50
CA GLY D 436 14.59 -1.40 -46.44
C GLY D 436 13.49 -0.54 -45.89
N TYR D 437 12.42 -1.15 -45.39
CA TYR D 437 11.25 -0.37 -44.99
C TYR D 437 10.85 -0.48 -43.54
N THR D 438 11.79 -0.91 -42.65
CA THR D 438 11.55 -0.93 -41.21
C THR D 438 11.28 0.49 -40.73
N ASN D 439 10.31 0.66 -39.84
CA ASN D 439 10.00 2.02 -39.35
C ASN D 439 9.05 2.03 -38.14
N ILE D 440 8.72 0.87 -37.58
CA ILE D 440 7.76 0.78 -36.49
C ILE D 440 8.41 0.07 -35.32
N MET D 441 8.21 0.65 -34.14
CA MET D 441 8.65 0.10 -32.88
C MET D 441 7.38 -0.04 -32.01
N ARG D 442 7.11 -1.24 -31.46
CA ARG D 442 5.92 -1.45 -30.63
C ARG D 442 6.23 -2.10 -29.23
N VAL D 443 5.71 -1.52 -28.14
CA VAL D 443 5.91 -2.07 -26.78
C VAL D 443 4.87 -3.15 -26.55
N LEU D 444 5.29 -4.39 -26.39
CA LEU D 444 4.40 -5.53 -26.27
C LEU D 444 4.57 -6.29 -24.94
N SER D 445 3.48 -6.73 -24.34
CA SER D 445 3.53 -7.51 -23.09
C SER D 445 3.36 -8.98 -23.45
N ILE D 446 4.23 -9.85 -22.91
CA ILE D 446 4.16 -11.28 -23.23
C ILE D 446 3.02 -11.96 -22.48
N SER D 447 2.15 -12.65 -23.21
CA SER D 447 1.01 -13.34 -22.61
C SER D 447 1.05 -14.88 -22.80
N ALA E 25 -14.72 -31.43 -1.90
CA ALA E 25 -14.90 -31.68 -0.48
C ALA E 25 -16.38 -31.77 -0.08
N PHE E 26 -16.67 -32.51 1.00
CA PHE E 26 -18.03 -32.66 1.52
C PHE E 26 -18.56 -31.31 1.98
N PHE E 27 -17.71 -30.53 2.66
CA PHE E 27 -18.10 -29.23 3.20
C PHE E 27 -18.13 -28.09 2.17
N GLN E 28 -17.79 -28.38 0.89
CA GLN E 28 -17.89 -27.38 -0.19
C GLN E 28 -19.19 -27.54 -1.00
N GLN E 29 -19.78 -28.75 -0.99
CA GLN E 29 -21.03 -29.08 -1.67
C GLN E 29 -22.25 -28.60 -0.85
N GLN E 30 -23.46 -28.69 -1.45
CA GLN E 30 -24.78 -28.34 -0.90
C GLN E 30 -24.81 -27.05 -0.06
N GLN E 31 -24.07 -26.01 -0.52
CA GLN E 31 -23.98 -24.69 0.11
C GLN E 31 -23.61 -24.75 1.58
N LEU E 32 -22.74 -25.71 1.97
CA LEU E 32 -22.35 -25.85 3.37
C LEU E 32 -21.54 -24.65 3.88
N PRO E 33 -20.64 -23.99 3.10
CA PRO E 33 -20.00 -22.76 3.61
C PRO E 33 -21.05 -21.68 3.92
N ALA E 34 -22.09 -21.52 3.07
CA ALA E 34 -23.16 -20.55 3.32
C ALA E 34 -24.04 -20.96 4.52
N ALA E 35 -24.21 -22.27 4.74
CA ALA E 35 -25.00 -22.81 5.84
C ALA E 35 -24.33 -22.56 7.21
N MET E 36 -22.98 -22.50 7.23
CA MET E 36 -22.22 -22.26 8.46
C MET E 36 -22.11 -20.77 8.85
N ALA E 37 -22.63 -19.84 8.03
CA ALA E 37 -22.54 -18.41 8.29
C ALA E 37 -23.26 -17.96 9.55
N ASP E 38 -22.74 -16.92 10.22
CA ASP E 38 -23.29 -16.42 11.49
C ASP E 38 -24.44 -15.43 11.34
N THR E 39 -24.61 -14.85 10.14
CA THR E 39 -25.71 -13.93 9.86
C THR E 39 -26.31 -14.31 8.50
N PHE E 40 -27.55 -13.89 8.26
CA PHE E 40 -28.22 -14.11 6.98
C PHE E 40 -27.48 -13.36 5.85
N LEU E 41 -26.98 -12.16 6.14
CA LEU E 41 -26.23 -11.38 5.16
C LEU E 41 -24.96 -12.14 4.72
N GLU E 42 -24.20 -12.71 5.69
CA GLU E 42 -22.98 -13.49 5.39
CA GLU E 42 -22.99 -13.47 5.35
C GLU E 42 -23.35 -14.77 4.61
N HIS E 43 -24.52 -15.38 4.94
CA HIS E 43 -25.02 -16.57 4.28
C HIS E 43 -25.25 -16.26 2.79
N LEU E 44 -25.87 -15.11 2.49
CA LEU E 44 -26.11 -14.68 1.10
C LEU E 44 -24.78 -14.51 0.36
N CYS E 45 -23.82 -13.82 0.99
CA CYS E 45 -22.50 -13.54 0.42
C CYS E 45 -21.72 -14.82 0.09
N LEU E 46 -21.99 -15.90 0.83
CA LEU E 46 -21.30 -17.15 0.64
C LEU E 46 -21.99 -18.13 -0.32
N LEU E 47 -23.15 -17.78 -0.88
CA LEU E 47 -23.83 -18.68 -1.84
C LEU E 47 -22.95 -18.85 -3.07
N ASP E 48 -22.79 -20.08 -3.54
CA ASP E 48 -21.85 -20.41 -4.60
C ASP E 48 -22.52 -21.18 -5.70
N ILE E 49 -22.46 -20.66 -6.94
CA ILE E 49 -23.05 -21.34 -8.08
C ILE E 49 -22.31 -22.67 -8.40
N ASP E 50 -21.05 -22.80 -7.97
CA ASP E 50 -20.23 -24.00 -8.14
C ASP E 50 -20.44 -25.05 -7.05
N SER E 51 -21.18 -24.74 -6.00
CA SER E 51 -21.46 -25.68 -4.92
C SER E 51 -22.65 -26.53 -5.35
N GLU E 52 -22.39 -27.78 -5.77
CA GLU E 52 -23.46 -28.65 -6.28
C GLU E 52 -24.36 -29.28 -5.25
N PRO E 53 -25.68 -29.35 -5.53
CA PRO E 53 -26.59 -30.01 -4.58
C PRO E 53 -26.35 -31.52 -4.53
N VAL E 54 -26.33 -32.07 -3.31
CA VAL E 54 -26.10 -33.50 -3.13
C VAL E 54 -27.35 -34.21 -2.64
N ALA E 55 -28.10 -33.59 -1.72
CA ALA E 55 -29.31 -34.17 -1.17
C ALA E 55 -30.42 -34.41 -2.19
N ALA E 56 -31.32 -35.36 -1.89
CA ALA E 56 -32.46 -35.65 -2.74
C ALA E 56 -33.44 -34.45 -2.68
N ARG E 57 -34.16 -34.19 -3.78
CA ARG E 57 -35.11 -33.10 -3.85
C ARG E 57 -36.27 -33.35 -2.88
N SER E 58 -36.48 -32.43 -1.93
CA SER E 58 -37.46 -32.60 -0.87
C SER E 58 -38.82 -31.91 -1.10
N THR E 59 -38.90 -30.86 -1.95
CA THR E 59 -40.16 -30.18 -2.22
C THR E 59 -40.89 -30.98 -3.30
N SER E 60 -42.11 -31.47 -3.01
CA SER E 60 -42.86 -32.26 -3.97
C SER E 60 -43.37 -31.47 -5.14
N ILE E 61 -43.50 -32.15 -6.29
CA ILE E 61 -44.02 -31.53 -7.50
C ILE E 61 -45.42 -32.09 -7.78
N ILE E 62 -46.40 -31.20 -7.90
CA ILE E 62 -47.75 -31.57 -8.26
C ILE E 62 -47.92 -31.21 -9.73
N ALA E 63 -48.27 -32.18 -10.58
CA ALA E 63 -48.46 -31.91 -12.00
C ALA E 63 -49.91 -32.13 -12.39
N THR E 64 -50.51 -31.17 -13.10
CA THR E 64 -51.90 -31.29 -13.53
C THR E 64 -52.01 -32.18 -14.77
N ILE E 65 -52.88 -33.18 -14.69
CA ILE E 65 -53.09 -34.13 -15.78
C ILE E 65 -54.12 -33.57 -16.79
N GLY E 66 -53.75 -33.58 -18.05
CA GLY E 66 -54.59 -33.11 -19.16
C GLY E 66 -54.19 -33.76 -20.47
N PRO E 67 -54.67 -33.23 -21.60
CA PRO E 67 -54.34 -33.84 -22.91
C PRO E 67 -52.86 -34.03 -23.21
N ALA E 68 -52.01 -33.11 -22.73
CA ALA E 68 -50.55 -33.20 -22.95
C ALA E 68 -49.83 -34.16 -22.04
N SER E 69 -50.50 -34.66 -20.99
CA SER E 69 -49.82 -35.52 -20.01
C SER E 69 -50.61 -36.78 -19.62
N ARG E 70 -51.55 -37.21 -20.46
CA ARG E 70 -52.47 -38.31 -20.16
C ARG E 70 -52.03 -39.71 -20.53
N SER E 71 -51.23 -39.87 -21.58
CA SER E 71 -50.80 -41.19 -22.02
C SER E 71 -49.93 -41.88 -20.98
N VAL E 72 -50.02 -43.22 -20.89
CA VAL E 72 -49.24 -44.01 -19.94
C VAL E 72 -47.74 -43.80 -20.14
N GLU E 73 -47.31 -43.69 -21.40
CA GLU E 73 -45.90 -43.49 -21.75
C GLU E 73 -45.41 -42.10 -21.31
N ARG E 74 -46.24 -41.06 -21.50
CA ARG E 74 -45.92 -39.69 -21.10
C ARG E 74 -45.88 -39.62 -19.56
N LEU E 75 -46.83 -40.25 -18.89
CA LEU E 75 -46.90 -40.32 -17.42
C LEU E 75 -45.69 -41.02 -16.81
N LYS E 76 -45.16 -42.05 -17.47
CA LYS E 76 -43.96 -42.73 -16.99
C LYS E 76 -42.77 -41.77 -17.04
N GLU E 77 -42.68 -40.94 -18.09
CA GLU E 77 -41.62 -39.95 -18.25
C GLU E 77 -41.72 -38.85 -17.19
N MET E 78 -42.95 -38.45 -16.84
CA MET E 78 -43.18 -37.44 -15.82
CA MET E 78 -43.18 -37.44 -15.82
C MET E 78 -42.85 -37.96 -14.43
N ILE E 79 -43.06 -39.27 -14.17
CA ILE E 79 -42.71 -39.88 -12.89
C ILE E 79 -41.18 -39.88 -12.79
N LYS E 80 -40.47 -40.23 -13.87
CA LYS E 80 -39.01 -40.23 -13.87
C LYS E 80 -38.44 -38.79 -13.72
N ALA E 81 -39.14 -37.79 -14.28
CA ALA E 81 -38.73 -36.39 -14.18
C ALA E 81 -38.93 -35.82 -12.75
N GLY E 82 -39.81 -36.43 -11.96
CA GLY E 82 -40.01 -36.02 -10.57
C GLY E 82 -41.40 -35.78 -10.08
N MET E 83 -42.45 -36.07 -10.88
CA MET E 83 -43.82 -35.86 -10.43
C MET E 83 -44.16 -36.77 -9.22
N ASN E 84 -44.68 -36.18 -8.14
CA ASN E 84 -45.04 -36.90 -6.91
C ASN E 84 -46.53 -36.97 -6.70
N ILE E 85 -47.28 -35.96 -7.18
CA ILE E 85 -48.72 -35.87 -7.04
C ILE E 85 -49.33 -35.51 -8.39
N ALA E 86 -50.36 -36.25 -8.82
CA ALA E 86 -51.07 -36.00 -10.07
C ALA E 86 -52.37 -35.28 -9.73
N ARG E 87 -52.56 -34.09 -10.30
CA ARG E 87 -53.75 -33.29 -10.04
C ARG E 87 -54.79 -33.43 -11.15
N LEU E 88 -56.03 -33.78 -10.77
CA LEU E 88 -57.12 -33.86 -11.72
C LEU E 88 -57.99 -32.63 -11.53
N ASN E 89 -58.05 -31.77 -12.55
CA ASN E 89 -58.84 -30.55 -12.45
C ASN E 89 -60.29 -30.83 -12.86
N PHE E 90 -61.18 -30.95 -11.87
CA PHE E 90 -62.60 -31.22 -12.14
C PHE E 90 -63.36 -30.00 -12.66
N SER E 91 -62.68 -28.88 -12.95
CA SER E 91 -63.31 -27.74 -13.60
C SER E 91 -63.53 -28.04 -15.11
N HIS E 92 -62.82 -29.04 -15.67
CA HIS E 92 -62.91 -29.47 -17.06
C HIS E 92 -62.98 -31.00 -17.13
N GLY E 93 -63.63 -31.52 -18.17
CA GLY E 93 -63.74 -32.95 -18.35
C GLY E 93 -64.86 -33.65 -17.59
N SER E 94 -65.24 -34.82 -18.08
CA SER E 94 -66.29 -35.64 -17.49
C SER E 94 -65.72 -36.62 -16.46
N HIS E 95 -66.60 -37.32 -15.72
CA HIS E 95 -66.18 -38.35 -14.78
C HIS E 95 -65.47 -39.49 -15.53
N GLU E 96 -65.94 -39.83 -16.74
CA GLU E 96 -65.33 -40.87 -17.56
C GLU E 96 -63.90 -40.47 -17.95
N TYR E 97 -63.71 -39.20 -18.30
CA TYR E 97 -62.40 -38.66 -18.67
C TYR E 97 -61.43 -38.77 -17.47
N HIS E 98 -61.87 -38.34 -16.27
CA HIS E 98 -61.04 -38.38 -15.08
C HIS E 98 -60.77 -39.80 -14.61
N ALA E 99 -61.72 -40.73 -14.76
CA ALA E 99 -61.50 -42.15 -14.40
C ALA E 99 -60.41 -42.75 -15.28
N GLU E 100 -60.37 -42.38 -16.57
CA GLU E 100 -59.36 -42.86 -17.49
C GLU E 100 -58.00 -42.28 -17.13
N SER E 101 -57.95 -40.99 -16.71
CA SER E 101 -56.74 -40.33 -16.26
C SER E 101 -56.18 -41.05 -15.03
N ILE E 102 -57.05 -41.37 -14.05
CA ILE E 102 -56.68 -42.10 -12.83
C ILE E 102 -56.08 -43.47 -13.18
N ALA E 103 -56.75 -44.21 -14.09
CA ALA E 103 -56.30 -45.53 -14.52
C ALA E 103 -54.92 -45.48 -15.19
N ASN E 104 -54.68 -44.44 -16.02
CA ASN E 104 -53.40 -44.25 -16.71
C ASN E 104 -52.28 -43.91 -15.74
N VAL E 105 -52.59 -43.08 -14.72
CA VAL E 105 -51.61 -42.73 -13.70
C VAL E 105 -51.23 -44.00 -12.93
N ARG E 106 -52.23 -44.76 -12.46
CA ARG E 106 -51.98 -46.00 -11.73
C ARG E 106 -51.20 -47.03 -12.56
N GLU E 107 -51.47 -47.13 -13.87
CA GLU E 107 -50.76 -48.06 -14.74
C GLU E 107 -49.29 -47.65 -14.85
N ALA E 108 -49.02 -46.35 -15.07
CA ALA E 108 -47.65 -45.84 -15.16
C ALA E 108 -46.90 -46.01 -13.83
N VAL E 109 -47.56 -45.74 -12.68
CA VAL E 109 -46.95 -45.90 -11.35
C VAL E 109 -46.61 -47.35 -11.08
N GLU E 110 -47.55 -48.27 -11.38
CA GLU E 110 -47.33 -49.70 -11.12
C GLU E 110 -46.36 -50.37 -12.08
N SER E 111 -45.97 -49.71 -13.18
CA SER E 111 -45.00 -50.26 -14.10
C SER E 111 -43.57 -50.31 -13.48
N PHE E 112 -43.35 -49.63 -12.33
CA PHE E 112 -42.08 -49.62 -11.61
C PHE E 112 -42.15 -50.47 -10.29
N ALA E 113 -43.34 -51.08 -9.98
CA ALA E 113 -43.56 -51.88 -8.74
C ALA E 113 -42.80 -53.19 -8.66
N GLY E 114 -42.21 -53.61 -9.78
CA GLY E 114 -41.39 -54.82 -9.84
C GLY E 114 -40.14 -54.73 -8.98
N SER E 115 -39.69 -53.50 -8.69
CA SER E 115 -38.53 -53.27 -7.86
C SER E 115 -38.98 -52.51 -6.60
N PRO E 116 -39.39 -53.24 -5.52
CA PRO E 116 -39.91 -52.56 -4.31
C PRO E 116 -38.97 -51.59 -3.58
N LEU E 117 -37.65 -51.83 -3.66
CA LEU E 117 -36.68 -50.93 -3.00
C LEU E 117 -36.52 -49.58 -3.76
N SER E 118 -37.04 -49.47 -5.00
CA SER E 118 -36.94 -48.22 -5.76
C SER E 118 -38.30 -47.62 -6.21
N TYR E 119 -39.42 -48.35 -5.98
CA TYR E 119 -40.79 -47.94 -6.33
C TYR E 119 -41.15 -46.59 -5.74
N ARG E 120 -41.73 -45.71 -6.57
CA ARG E 120 -42.15 -44.39 -6.10
C ARG E 120 -43.66 -44.23 -6.09
N PRO E 121 -44.25 -44.10 -4.89
CA PRO E 121 -45.71 -43.86 -4.83
C PRO E 121 -46.08 -42.50 -5.42
N VAL E 122 -47.24 -42.39 -6.08
CA VAL E 122 -47.68 -41.10 -6.64
C VAL E 122 -49.10 -40.83 -6.13
N ALA E 123 -49.32 -39.73 -5.42
CA ALA E 123 -50.64 -39.40 -4.91
C ALA E 123 -51.56 -38.89 -6.01
N ILE E 124 -52.87 -39.09 -5.84
CA ILE E 124 -53.86 -38.59 -6.80
C ILE E 124 -54.72 -37.58 -6.08
N ALA E 125 -54.76 -36.36 -6.59
CA ALA E 125 -55.50 -35.27 -5.98
C ALA E 125 -56.64 -34.82 -6.88
N LEU E 126 -57.81 -34.60 -6.29
CA LEU E 126 -58.98 -34.13 -7.00
C LEU E 126 -59.16 -32.65 -6.71
N ASP E 127 -59.08 -31.80 -7.73
CA ASP E 127 -59.27 -30.36 -7.56
C ASP E 127 -60.73 -30.06 -7.94
N THR E 128 -61.55 -29.61 -6.99
CA THR E 128 -62.97 -29.36 -7.26
C THR E 128 -63.22 -28.13 -8.14
N LYS E 129 -64.39 -28.10 -8.81
CA LYS E 129 -64.83 -27.01 -9.67
C LYS E 129 -65.09 -25.74 -8.84
N GLY E 130 -65.70 -25.90 -7.67
CA GLY E 130 -65.97 -24.79 -6.78
C GLY E 130 -67.44 -24.39 -6.65
N PRO E 131 -67.71 -23.44 -5.75
CA PRO E 131 -69.09 -22.98 -5.53
C PRO E 131 -69.74 -22.19 -6.68
N GLY E 136 -72.17 -21.86 -0.84
CA GLY E 136 -71.50 -23.01 -0.25
C GLY E 136 -71.22 -24.12 -1.23
N LEU E 137 -71.21 -25.37 -0.76
CA LEU E 137 -70.93 -26.54 -1.60
C LEU E 137 -71.95 -26.77 -2.72
N SER E 138 -71.49 -26.73 -3.97
CA SER E 138 -72.36 -26.93 -5.12
C SER E 138 -72.77 -28.41 -5.28
N GLU E 139 -73.82 -28.68 -6.09
CA GLU E 139 -74.26 -30.05 -6.31
C GLU E 139 -73.30 -30.85 -7.18
N GLN E 140 -72.60 -30.18 -8.10
CA GLN E 140 -71.58 -30.85 -8.91
C GLN E 140 -70.41 -31.25 -8.03
N ASP E 141 -70.03 -30.40 -7.05
CA ASP E 141 -68.96 -30.73 -6.12
C ASP E 141 -69.32 -31.95 -5.28
N VAL E 142 -70.58 -32.10 -4.86
CA VAL E 142 -70.99 -33.28 -4.10
C VAL E 142 -70.84 -34.57 -4.94
N ARG E 143 -71.19 -34.50 -6.22
CA ARG E 143 -71.06 -35.65 -7.12
C ARG E 143 -69.59 -35.97 -7.42
N ASP E 144 -68.77 -34.94 -7.60
CA ASP E 144 -67.34 -35.09 -7.87
C ASP E 144 -66.59 -35.62 -6.65
N LEU E 145 -66.95 -35.15 -5.45
CA LEU E 145 -66.34 -35.64 -4.20
C LEU E 145 -66.71 -37.10 -3.99
N ARG E 146 -67.96 -37.48 -4.32
CA ARG E 146 -68.39 -38.88 -4.23
C ARG E 146 -67.60 -39.75 -5.22
N PHE E 147 -67.33 -39.21 -6.42
CA PHE E 147 -66.54 -39.87 -7.46
C PHE E 147 -65.14 -40.15 -6.91
N GLY E 148 -64.55 -39.15 -6.23
CA GLY E 148 -63.22 -39.25 -5.64
C GLY E 148 -63.11 -40.34 -4.60
N VAL E 149 -64.12 -40.44 -3.73
CA VAL E 149 -64.15 -41.50 -2.71
C VAL E 149 -64.23 -42.86 -3.38
N GLU E 150 -65.12 -43.00 -4.38
CA GLU E 150 -65.31 -44.25 -5.12
C GLU E 150 -64.08 -44.67 -5.89
N HIS E 151 -63.29 -43.69 -6.36
CA HIS E 151 -62.08 -44.00 -7.11
C HIS E 151 -60.79 -44.01 -6.29
N GLY E 152 -60.89 -43.83 -4.98
CA GLY E 152 -59.75 -43.89 -4.08
C GLY E 152 -58.73 -42.78 -4.19
N VAL E 153 -59.18 -41.53 -4.39
CA VAL E 153 -58.25 -40.40 -4.43
C VAL E 153 -57.67 -40.17 -3.03
N ASP E 154 -56.48 -39.59 -2.97
CA ASP E 154 -55.78 -39.38 -1.69
C ASP E 154 -56.01 -37.99 -1.11
N ILE E 155 -56.15 -37.00 -1.99
CA ILE E 155 -56.24 -35.60 -1.58
C ILE E 155 -57.37 -34.89 -2.32
N VAL E 156 -57.99 -33.91 -1.66
CA VAL E 156 -58.96 -33.04 -2.28
C VAL E 156 -58.41 -31.62 -2.19
N PHE E 157 -58.26 -30.93 -3.33
CA PHE E 157 -57.88 -29.53 -3.34
C PHE E 157 -59.24 -28.82 -3.45
N ALA E 158 -59.77 -28.37 -2.31
CA ALA E 158 -61.08 -27.75 -2.27
C ALA E 158 -61.05 -26.31 -2.76
N SER E 159 -61.65 -26.03 -3.92
CA SER E 159 -61.70 -24.68 -4.47
C SER E 159 -62.53 -23.67 -3.67
N PHE E 160 -62.09 -22.41 -3.71
CA PHE E 160 -62.70 -21.25 -3.10
C PHE E 160 -63.21 -21.46 -1.65
N VAL E 161 -62.33 -21.93 -0.74
CA VAL E 161 -62.71 -22.06 0.66
C VAL E 161 -62.71 -20.65 1.28
N ARG E 162 -63.82 -20.27 1.90
CA ARG E 162 -63.97 -18.94 2.48
C ARG E 162 -64.15 -18.92 3.99
N LYS E 163 -64.47 -20.07 4.61
CA LYS E 163 -64.69 -20.18 6.04
C LYS E 163 -64.58 -21.64 6.49
N ALA E 164 -64.51 -21.89 7.80
CA ALA E 164 -64.38 -23.26 8.34
C ALA E 164 -65.54 -24.17 7.95
N SER E 165 -66.76 -23.61 7.84
CA SER E 165 -67.94 -24.41 7.48
C SER E 165 -67.88 -24.97 6.05
N ASP E 166 -67.09 -24.34 5.15
CA ASP E 166 -66.87 -24.84 3.79
C ASP E 166 -66.07 -26.15 3.85
N VAL E 167 -65.07 -26.22 4.74
CA VAL E 167 -64.25 -27.41 4.92
C VAL E 167 -65.10 -28.55 5.49
N ALA E 168 -65.96 -28.22 6.48
CA ALA E 168 -66.86 -29.20 7.10
C ALA E 168 -67.83 -29.78 6.07
N ALA E 169 -68.30 -28.93 5.12
CA ALA E 169 -69.20 -29.38 4.06
C ALA E 169 -68.48 -30.38 3.15
N VAL E 170 -67.21 -30.13 2.81
CA VAL E 170 -66.41 -31.04 1.98
C VAL E 170 -66.18 -32.35 2.72
N ARG E 171 -65.91 -32.29 4.02
CA ARG E 171 -65.70 -33.47 4.85
C ARG E 171 -66.97 -34.33 4.89
N ALA E 172 -68.15 -33.68 5.03
CA ALA E 172 -69.44 -34.38 5.06
C ALA E 172 -69.73 -35.03 3.70
N ALA E 173 -69.45 -34.33 2.59
CA ALA E 173 -69.65 -34.88 1.24
C ALA E 173 -68.74 -36.07 0.92
N LEU E 174 -67.60 -36.19 1.61
CA LEU E 174 -66.71 -37.34 1.44
C LEU E 174 -67.27 -38.61 2.13
N GLY E 175 -68.16 -38.42 3.11
CA GLY E 175 -68.81 -39.52 3.82
C GLY E 175 -67.92 -40.31 4.74
N PRO E 176 -68.47 -41.40 5.32
CA PRO E 176 -67.68 -42.23 6.23
C PRO E 176 -66.52 -42.98 5.56
N GLU E 177 -66.65 -43.29 4.27
CA GLU E 177 -65.60 -44.00 3.54
C GLU E 177 -64.41 -43.11 3.13
N GLY E 178 -64.61 -41.79 3.10
CA GLY E 178 -63.56 -40.85 2.73
C GLY E 178 -62.89 -40.17 3.90
N HIS E 179 -62.91 -40.80 5.09
CA HIS E 179 -62.32 -40.23 6.30
C HIS E 179 -60.80 -40.05 6.23
N GLY E 180 -60.14 -40.89 5.44
CA GLY E 180 -58.70 -40.84 5.30
C GLY E 180 -58.19 -39.84 4.27
N ILE E 181 -59.10 -39.25 3.45
CA ILE E 181 -58.72 -38.29 2.41
C ILE E 181 -58.28 -36.94 3.00
N LYS E 182 -57.15 -36.38 2.55
CA LYS E 182 -56.66 -35.09 3.05
C LYS E 182 -57.39 -33.96 2.35
N ILE E 183 -57.83 -32.96 3.10
CA ILE E 183 -58.49 -31.80 2.51
C ILE E 183 -57.52 -30.63 2.57
N ILE E 184 -57.06 -30.17 1.41
CA ILE E 184 -56.16 -29.05 1.28
C ILE E 184 -57.04 -27.90 0.79
N SER E 185 -57.27 -26.88 1.64
CA SER E 185 -58.14 -25.77 1.27
C SER E 185 -57.45 -24.75 0.37
N LYS E 186 -58.08 -24.42 -0.76
CA LYS E 186 -57.54 -23.42 -1.66
C LYS E 186 -58.00 -22.04 -1.23
N ILE E 187 -57.05 -21.14 -0.94
CA ILE E 187 -57.38 -19.77 -0.58
C ILE E 187 -57.27 -18.96 -1.88
N GLU E 188 -58.41 -18.46 -2.37
CA GLU E 188 -58.47 -17.77 -3.66
C GLU E 188 -59.11 -16.41 -3.63
N ASN E 189 -59.52 -15.91 -2.45
CA ASN E 189 -60.17 -14.59 -2.38
C ASN E 189 -59.89 -13.87 -1.06
N HIS E 190 -60.32 -12.60 -0.95
CA HIS E 190 -60.10 -11.80 0.25
C HIS E 190 -60.66 -12.45 1.52
N GLU E 191 -61.86 -13.06 1.44
CA GLU E 191 -62.48 -13.69 2.60
C GLU E 191 -61.68 -14.88 3.12
N GLY E 192 -61.15 -15.68 2.21
CA GLY E 192 -60.33 -16.83 2.57
C GLY E 192 -59.06 -16.39 3.29
N VAL E 193 -58.46 -15.27 2.82
CA VAL E 193 -57.26 -14.72 3.43
C VAL E 193 -57.59 -14.20 4.83
N LYS E 194 -58.71 -13.47 4.98
CA LYS E 194 -59.10 -12.91 6.28
C LYS E 194 -59.51 -13.97 7.30
N ARG E 195 -60.16 -15.04 6.84
CA ARG E 195 -60.58 -16.11 7.72
C ARG E 195 -59.58 -17.29 7.73
N PHE E 196 -58.33 -17.05 7.29
CA PHE E 196 -57.27 -18.05 7.18
C PHE E 196 -57.10 -18.93 8.42
N ASP E 197 -57.00 -18.33 9.61
CA ASP E 197 -56.77 -19.09 10.83
C ASP E 197 -57.82 -20.15 11.12
N GLU E 198 -59.10 -19.81 10.92
CA GLU E 198 -60.19 -20.76 11.16
C GLU E 198 -60.20 -21.85 10.10
N ILE E 199 -59.83 -21.54 8.85
CA ILE E 199 -59.76 -22.50 7.75
C ILE E 199 -58.61 -23.48 7.97
N LEU E 200 -57.41 -22.96 8.32
CA LEU E 200 -56.24 -23.79 8.56
C LEU E 200 -56.46 -24.74 9.73
N GLU E 201 -57.15 -24.27 10.78
CA GLU E 201 -57.44 -25.07 11.96
C GLU E 201 -58.20 -26.35 11.62
N VAL E 202 -59.15 -26.28 10.69
CA VAL E 202 -59.96 -27.44 10.31
C VAL E 202 -59.49 -28.17 9.04
N SER E 203 -58.49 -27.63 8.33
CA SER E 203 -57.98 -28.26 7.11
C SER E 203 -56.72 -29.07 7.41
N ASP E 204 -56.37 -29.98 6.50
CA ASP E 204 -55.13 -30.74 6.62
C ASP E 204 -53.92 -29.93 6.09
N GLY E 205 -54.20 -28.95 5.22
CA GLY E 205 -53.21 -28.09 4.60
C GLY E 205 -53.86 -27.02 3.73
N ILE E 206 -53.02 -26.22 3.05
CA ILE E 206 -53.48 -25.08 2.27
C ILE E 206 -52.85 -25.02 0.89
N MET E 207 -53.56 -24.45 -0.07
CA MET E 207 -52.99 -24.16 -1.37
C MET E 207 -53.12 -22.66 -1.59
N VAL E 208 -52.01 -22.00 -1.95
CA VAL E 208 -52.04 -20.58 -2.29
C VAL E 208 -52.38 -20.58 -3.78
N ALA E 209 -53.66 -20.46 -4.10
CA ALA E 209 -54.18 -20.50 -5.47
C ALA E 209 -54.08 -19.09 -6.08
N ARG E 210 -52.86 -18.75 -6.52
CA ARG E 210 -52.51 -17.42 -7.00
C ARG E 210 -53.27 -16.91 -8.23
N GLY E 211 -53.76 -17.80 -9.08
CA GLY E 211 -54.54 -17.39 -10.25
C GLY E 211 -55.78 -16.57 -9.91
N ASP E 212 -56.73 -17.17 -9.16
CA ASP E 212 -57.92 -16.45 -8.74
C ASP E 212 -57.59 -15.39 -7.71
N LEU E 213 -56.65 -15.68 -6.80
CA LEU E 213 -56.26 -14.73 -5.77
C LEU E 213 -55.76 -13.40 -6.39
N GLY E 214 -55.02 -13.49 -7.48
CA GLY E 214 -54.52 -12.32 -8.22
C GLY E 214 -55.58 -11.51 -8.95
N ILE E 215 -56.80 -12.05 -9.05
CA ILE E 215 -57.95 -11.38 -9.68
C ILE E 215 -58.87 -10.83 -8.56
N GLU E 216 -59.00 -11.57 -7.43
CA GLU E 216 -59.83 -11.17 -6.30
C GLU E 216 -59.22 -10.05 -5.47
N ILE E 217 -57.89 -10.07 -5.31
CA ILE E 217 -57.14 -9.02 -4.59
C ILE E 217 -56.16 -8.33 -5.59
N PRO E 218 -55.63 -7.13 -5.29
CA PRO E 218 -54.68 -6.50 -6.23
C PRO E 218 -53.48 -7.42 -6.50
N ALA E 219 -53.08 -7.53 -7.77
CA ALA E 219 -51.98 -8.42 -8.16
C ALA E 219 -50.68 -8.20 -7.35
N GLU E 220 -50.38 -6.93 -7.02
CA GLU E 220 -49.19 -6.57 -6.26
C GLU E 220 -49.23 -6.99 -4.79
N LYS E 221 -50.33 -7.55 -4.30
CA LYS E 221 -50.46 -8.00 -2.92
C LYS E 221 -50.41 -9.52 -2.77
N VAL E 222 -50.45 -10.28 -3.88
CA VAL E 222 -50.45 -11.73 -3.82
C VAL E 222 -49.21 -12.29 -3.10
N PHE E 223 -48.01 -11.72 -3.36
CA PHE E 223 -46.81 -12.18 -2.68
C PHE E 223 -46.90 -12.06 -1.12
N LEU E 224 -47.63 -11.04 -0.60
CA LEU E 224 -47.81 -10.88 0.84
C LEU E 224 -48.69 -12.00 1.36
N ALA E 225 -49.77 -12.32 0.65
CA ALA E 225 -50.67 -13.40 1.03
C ALA E 225 -49.95 -14.74 0.99
N GLN E 226 -49.15 -14.98 -0.06
CA GLN E 226 -48.36 -16.22 -0.18
C GLN E 226 -47.38 -16.39 0.99
N LYS E 227 -46.57 -15.38 1.26
CA LYS E 227 -45.61 -15.45 2.35
C LYS E 227 -46.26 -15.61 3.73
N MET E 228 -47.40 -14.92 3.95
CA MET E 228 -48.12 -15.03 5.22
C MET E 228 -48.65 -16.44 5.42
N MET E 229 -49.34 -17.00 4.42
CA MET E 229 -49.92 -18.34 4.51
C MET E 229 -48.86 -19.40 4.64
N ILE E 230 -47.75 -19.29 3.90
CA ILE E 230 -46.65 -20.26 4.03
C ILE E 230 -46.06 -20.22 5.44
N GLY E 231 -45.84 -19.01 5.97
CA GLY E 231 -45.33 -18.85 7.33
C GLY E 231 -46.23 -19.46 8.38
N ARG E 232 -47.55 -19.19 8.29
CA ARG E 232 -48.51 -19.73 9.24
C ARG E 232 -48.64 -21.24 9.14
N CYS E 233 -48.54 -21.81 7.92
CA CYS E 233 -48.58 -23.26 7.75
C CYS E 233 -47.34 -23.91 8.32
N ASN E 234 -46.17 -23.26 8.14
CA ASN E 234 -44.91 -23.75 8.69
C ASN E 234 -44.98 -23.75 10.22
N LEU E 235 -45.58 -22.70 10.79
CA LEU E 235 -45.74 -22.57 12.23
C LEU E 235 -46.71 -23.67 12.74
N ALA E 236 -47.82 -23.91 12.02
CA ALA E 236 -48.79 -24.94 12.38
C ALA E 236 -48.32 -26.38 12.12
N GLY E 237 -47.27 -26.54 11.31
CA GLY E 237 -46.75 -27.85 10.94
C GLY E 237 -47.68 -28.56 9.95
N LYS E 238 -48.37 -27.80 9.10
CA LYS E 238 -49.31 -28.34 8.09
C LYS E 238 -48.85 -28.05 6.67
N PRO E 239 -49.04 -28.98 5.71
CA PRO E 239 -48.55 -28.72 4.35
C PRO E 239 -49.13 -27.51 3.63
N VAL E 240 -48.28 -26.83 2.86
CA VAL E 240 -48.71 -25.68 2.07
C VAL E 240 -48.16 -25.84 0.63
N VAL E 241 -49.02 -25.59 -0.34
CA VAL E 241 -48.69 -25.72 -1.75
C VAL E 241 -48.65 -24.34 -2.38
N CYS E 242 -47.62 -24.06 -3.20
CA CYS E 242 -47.61 -22.82 -3.96
C CYS E 242 -48.06 -23.19 -5.36
N ALA E 243 -49.06 -22.47 -5.89
CA ALA E 243 -49.62 -22.82 -7.19
C ALA E 243 -49.80 -21.66 -8.15
N THR E 244 -49.86 -21.99 -9.47
CA THR E 244 -50.26 -21.19 -10.64
C THR E 244 -49.22 -20.22 -11.21
N GLN E 245 -48.95 -20.38 -12.52
CA GLN E 245 -48.07 -19.59 -13.38
C GLN E 245 -46.62 -19.62 -12.97
N MET E 246 -46.19 -20.67 -12.24
CA MET E 246 -44.81 -20.79 -11.81
C MET E 246 -43.83 -20.85 -12.98
N LEU E 247 -44.16 -21.61 -14.04
CA LEU E 247 -43.33 -21.73 -15.24
C LEU E 247 -44.22 -21.53 -16.49
N GLU E 248 -45.18 -20.60 -16.41
CA GLU E 248 -46.16 -20.31 -17.45
C GLU E 248 -45.64 -20.27 -18.89
N SER E 249 -44.54 -19.56 -19.15
CA SER E 249 -44.00 -19.44 -20.50
C SER E 249 -43.59 -20.80 -21.11
N MET E 250 -43.32 -21.81 -20.27
CA MET E 250 -42.95 -23.14 -20.76
C MET E 250 -44.14 -23.88 -21.44
N ILE E 251 -45.38 -23.30 -21.37
CA ILE E 251 -46.54 -23.83 -22.09
C ILE E 251 -46.22 -23.85 -23.61
N THR E 252 -45.51 -22.82 -24.10
CA THR E 252 -45.13 -22.75 -25.51
C THR E 252 -43.61 -22.73 -25.76
N LYS E 253 -42.78 -22.35 -24.76
CA LYS E 253 -41.31 -22.27 -24.93
C LYS E 253 -40.55 -23.36 -24.18
N PRO E 254 -39.41 -23.85 -24.71
CA PRO E 254 -38.68 -24.93 -24.01
C PRO E 254 -37.91 -24.54 -22.74
N ARG E 255 -37.68 -23.24 -22.55
CA ARG E 255 -36.97 -22.72 -21.38
C ARG E 255 -37.82 -21.63 -20.71
N PRO E 256 -37.79 -21.56 -19.37
CA PRO E 256 -38.59 -20.53 -18.68
C PRO E 256 -37.90 -19.16 -18.67
N THR E 257 -38.63 -18.13 -18.26
CA THR E 257 -38.05 -16.79 -18.12
C THR E 257 -37.25 -16.73 -16.79
N ARG E 258 -36.44 -15.66 -16.62
CA ARG E 258 -35.67 -15.46 -15.39
C ARG E 258 -36.61 -15.22 -14.19
N ALA E 259 -37.78 -14.64 -14.40
CA ALA E 259 -38.75 -14.41 -13.33
C ALA E 259 -39.38 -15.72 -12.86
N GLU E 260 -39.60 -16.65 -13.79
CA GLU E 260 -40.20 -17.95 -13.48
C GLU E 260 -39.30 -18.86 -12.65
N THR E 261 -38.00 -18.95 -13.00
CA THR E 261 -37.08 -19.75 -12.19
C THR E 261 -36.94 -19.14 -10.77
N SER E 262 -36.90 -17.80 -10.71
CA SER E 262 -36.81 -17.07 -9.46
C SER E 262 -38.05 -17.35 -8.59
N ASP E 263 -39.24 -17.36 -9.21
CA ASP E 263 -40.51 -17.66 -8.55
C ASP E 263 -40.51 -19.05 -7.88
N VAL E 264 -40.02 -20.07 -8.58
CA VAL E 264 -39.97 -21.43 -8.05
C VAL E 264 -39.00 -21.48 -6.89
N ALA E 265 -37.81 -20.89 -7.07
CA ALA E 265 -36.79 -20.88 -6.03
C ALA E 265 -37.27 -20.17 -4.78
N ASN E 266 -37.96 -19.03 -4.95
CA ASN E 266 -38.47 -18.26 -3.84
C ASN E 266 -39.63 -18.94 -3.13
N ALA E 267 -40.44 -19.76 -3.83
CA ALA E 267 -41.51 -20.50 -3.16
C ALA E 267 -40.89 -21.53 -2.21
N VAL E 268 -39.80 -22.18 -2.63
CA VAL E 268 -39.09 -23.13 -1.79
C VAL E 268 -38.45 -22.37 -0.61
N LEU E 269 -37.78 -21.24 -0.87
CA LEU E 269 -37.16 -20.45 0.20
C LEU E 269 -38.19 -19.88 1.18
N ASP E 270 -39.42 -19.56 0.73
CA ASP E 270 -40.50 -19.08 1.59
C ASP E 270 -40.92 -20.16 2.60
N GLY E 271 -40.83 -21.43 2.20
CA GLY E 271 -41.16 -22.56 3.05
C GLY E 271 -42.22 -23.48 2.51
N ALA E 272 -42.54 -23.40 1.20
CA ALA E 272 -43.58 -24.25 0.61
C ALA E 272 -43.19 -25.73 0.66
N ASP E 273 -44.15 -26.58 1.02
CA ASP E 273 -43.93 -28.01 1.02
C ASP E 273 -44.00 -28.55 -0.41
N CYS E 274 -44.92 -28.00 -1.23
CA CYS E 274 -45.15 -28.44 -2.61
C CYS E 274 -45.16 -27.27 -3.58
N ILE E 275 -44.78 -27.56 -4.82
CA ILE E 275 -44.88 -26.61 -5.92
C ILE E 275 -45.74 -27.28 -7.01
N MET E 276 -46.48 -26.47 -7.77
CA MET E 276 -47.42 -27.00 -8.75
C MET E 276 -47.24 -26.51 -10.16
N LEU E 277 -47.63 -27.37 -11.13
CA LEU E 277 -47.66 -27.04 -12.55
C LEU E 277 -49.11 -27.24 -13.00
N SER E 278 -49.69 -26.24 -13.70
CA SER E 278 -51.07 -26.36 -14.18
C SER E 278 -51.10 -26.58 -15.72
N GLY E 279 -51.26 -25.52 -16.51
CA GLY E 279 -51.26 -25.59 -17.96
C GLY E 279 -49.95 -26.07 -18.53
N GLU E 280 -48.83 -25.82 -17.79
CA GLU E 280 -47.48 -26.25 -18.17
C GLU E 280 -47.42 -27.75 -18.42
N THR E 281 -48.18 -28.56 -17.63
CA THR E 281 -48.23 -30.00 -17.81
C THR E 281 -49.53 -30.49 -18.46
N ALA E 282 -50.67 -29.92 -18.07
CA ALA E 282 -51.96 -30.31 -18.62
C ALA E 282 -52.09 -30.08 -20.14
N LYS E 283 -51.74 -28.89 -20.65
CA LYS E 283 -51.95 -28.60 -22.08
C LYS E 283 -50.72 -28.10 -22.85
N GLY E 284 -49.60 -27.93 -22.18
CA GLY E 284 -48.42 -27.34 -22.79
C GLY E 284 -47.66 -28.25 -23.72
N ASN E 285 -46.68 -27.69 -24.43
CA ASN E 285 -45.84 -28.43 -25.36
C ASN E 285 -44.62 -29.06 -24.70
N PHE E 286 -44.30 -28.68 -23.44
CA PHE E 286 -43.14 -29.25 -22.76
C PHE E 286 -43.48 -29.74 -21.33
N PRO E 287 -44.47 -30.68 -21.16
CA PRO E 287 -44.82 -31.12 -19.79
C PRO E 287 -43.70 -31.78 -19.00
N VAL E 288 -42.91 -32.63 -19.65
CA VAL E 288 -41.81 -33.32 -18.98
C VAL E 288 -40.71 -32.31 -18.62
N GLU E 289 -40.41 -31.38 -19.54
CA GLU E 289 -39.38 -30.36 -19.35
C GLU E 289 -39.75 -29.39 -18.19
N ALA E 290 -41.05 -29.08 -18.01
CA ALA E 290 -41.52 -28.25 -16.92
C ALA E 290 -41.26 -28.95 -15.58
N VAL E 291 -41.54 -30.28 -15.50
CA VAL E 291 -41.31 -31.06 -14.28
C VAL E 291 -39.80 -31.09 -13.98
N LYS E 292 -38.98 -31.31 -15.02
CA LYS E 292 -37.53 -31.36 -14.87
C LYS E 292 -36.97 -30.04 -14.34
N MET E 293 -37.50 -28.92 -14.82
CA MET E 293 -37.09 -27.58 -14.44
C MET E 293 -37.43 -27.33 -12.98
N GLN E 294 -38.66 -27.66 -12.54
CA GLN E 294 -39.05 -27.51 -11.13
C GLN E 294 -38.19 -28.37 -10.23
N HIS E 295 -37.85 -29.59 -10.68
CA HIS E 295 -36.99 -30.48 -9.93
C HIS E 295 -35.62 -29.85 -9.74
N ALA E 296 -35.02 -29.35 -10.82
CA ALA E 296 -33.68 -28.77 -10.80
C ALA E 296 -33.58 -27.51 -9.92
N ILE E 297 -34.58 -26.62 -10.00
CA ILE E 297 -34.61 -25.39 -9.21
C ILE E 297 -34.80 -25.71 -7.72
N ALA E 298 -35.77 -26.60 -7.38
CA ALA E 298 -36.04 -26.97 -5.99
C ALA E 298 -34.82 -27.53 -5.30
N ARG E 299 -34.05 -28.40 -5.96
CA ARG E 299 -32.81 -28.95 -5.38
C ARG E 299 -31.82 -27.84 -5.04
N GLU E 300 -31.66 -26.85 -5.96
CA GLU E 300 -30.73 -25.74 -5.75
C GLU E 300 -31.21 -24.86 -4.57
N ALA E 301 -32.52 -24.58 -4.53
CA ALA E 301 -33.09 -23.72 -3.49
C ALA E 301 -33.06 -24.37 -2.12
N GLU E 302 -33.27 -25.70 -2.04
CA GLU E 302 -33.23 -26.43 -0.77
C GLU E 302 -31.83 -26.40 -0.15
N ALA E 303 -30.78 -26.48 -0.98
CA ALA E 303 -29.42 -26.41 -0.46
C ALA E 303 -29.09 -24.98 0.06
N ALA E 304 -29.73 -23.94 -0.49
CA ALA E 304 -29.54 -22.54 -0.09
C ALA E 304 -30.37 -22.11 1.13
N VAL E 305 -31.15 -23.03 1.74
CA VAL E 305 -31.93 -22.71 2.92
C VAL E 305 -30.97 -22.44 4.10
N TYR E 306 -31.23 -21.37 4.87
CA TYR E 306 -30.41 -21.00 6.01
C TYR E 306 -30.91 -21.74 7.26
N HIS E 307 -30.61 -23.04 7.35
CA HIS E 307 -31.08 -23.89 8.45
C HIS E 307 -30.74 -23.38 9.83
N ARG E 308 -29.60 -22.69 9.96
CA ARG E 308 -29.17 -22.17 11.26
C ARG E 308 -30.24 -21.28 11.93
N GLN E 309 -30.79 -20.32 11.19
CA GLN E 309 -31.84 -19.47 11.76
C GLN E 309 -33.21 -20.14 11.66
N LEU E 310 -33.49 -20.82 10.55
CA LEU E 310 -34.77 -21.49 10.35
C LEU E 310 -35.08 -22.52 11.48
N PHE E 311 -34.13 -23.41 11.81
CA PHE E 311 -34.34 -24.39 12.86
C PHE E 311 -34.53 -23.72 14.19
N GLU E 312 -33.69 -22.71 14.49
CA GLU E 312 -33.81 -21.97 15.75
C GLU E 312 -35.19 -21.32 15.92
N GLU E 313 -35.71 -20.72 14.85
CA GLU E 313 -37.02 -20.08 14.90
C GLU E 313 -38.15 -21.07 14.96
N LEU E 314 -38.07 -22.20 14.23
CA LEU E 314 -39.10 -23.25 14.29
C LEU E 314 -39.11 -23.85 15.69
N ARG E 315 -37.94 -24.11 16.25
CA ARG E 315 -37.72 -24.60 17.60
C ARG E 315 -38.35 -23.65 18.66
N ARG E 316 -38.06 -22.35 18.58
CA ARG E 316 -38.53 -21.35 19.52
C ARG E 316 -40.03 -21.09 19.39
N ALA E 317 -40.56 -21.14 18.16
CA ALA E 317 -41.98 -20.89 17.93
C ALA E 317 -42.88 -22.09 18.23
N ALA E 318 -42.38 -23.34 18.04
CA ALA E 318 -43.15 -24.55 18.30
C ALA E 318 -43.41 -24.65 19.79
N PRO E 319 -44.67 -24.79 20.21
CA PRO E 319 -44.95 -24.79 21.64
C PRO E 319 -44.40 -25.97 22.39
N LEU E 320 -44.30 -25.84 23.72
CA LEU E 320 -43.89 -26.96 24.59
C LEU E 320 -44.96 -28.04 24.47
N SER E 321 -44.56 -29.29 24.58
CA SER E 321 -45.49 -30.37 24.40
C SER E 321 -45.22 -31.52 25.32
N ARG E 322 -46.29 -32.16 25.75
CA ARG E 322 -46.18 -33.39 26.52
C ARG E 322 -46.49 -34.66 25.68
N ASP E 323 -46.58 -34.51 24.35
CA ASP E 323 -46.82 -35.59 23.40
C ASP E 323 -45.49 -36.22 23.06
N PRO E 324 -45.31 -37.51 23.36
CA PRO E 324 -44.02 -38.15 23.07
C PRO E 324 -43.60 -38.13 21.61
N THR E 325 -44.54 -38.12 20.65
CA THR E 325 -44.18 -38.07 19.22
C THR E 325 -43.54 -36.70 18.92
N GLU E 326 -44.13 -35.63 19.44
CA GLU E 326 -43.68 -34.25 19.29
C GLU E 326 -42.28 -34.10 19.94
N VAL E 327 -42.09 -34.67 21.15
CA VAL E 327 -40.84 -34.62 21.90
C VAL E 327 -39.75 -35.41 21.20
N THR E 328 -40.08 -36.60 20.67
CA THR E 328 -39.10 -37.43 19.97
C THR E 328 -38.67 -36.78 18.68
N ALA E 329 -39.63 -36.17 17.94
CA ALA E 329 -39.34 -35.50 16.67
C ALA E 329 -38.30 -34.38 16.81
N ILE E 330 -38.45 -33.49 17.81
CA ILE E 330 -37.48 -32.41 17.97
C ILE E 330 -36.10 -32.95 18.44
N GLY E 331 -36.10 -33.97 19.30
CA GLY E 331 -34.86 -34.58 19.75
C GLY E 331 -34.12 -35.25 18.59
N ALA E 332 -34.87 -35.90 17.66
CA ALA E 332 -34.31 -36.56 16.50
C ALA E 332 -33.74 -35.56 15.50
N VAL E 333 -34.45 -34.44 15.27
CA VAL E 333 -33.97 -33.43 14.31
C VAL E 333 -32.71 -32.74 14.88
N GLU E 334 -32.68 -32.48 16.20
CA GLU E 334 -31.51 -31.92 16.89
C GLU E 334 -30.32 -32.86 16.73
N ALA E 335 -30.54 -34.17 16.94
CA ALA E 335 -29.48 -35.19 16.83
C ALA E 335 -28.96 -35.28 15.39
N ALA E 336 -29.87 -35.25 14.41
CA ALA E 336 -29.52 -35.29 13.00
C ALA E 336 -28.59 -34.11 12.62
N PHE E 337 -28.88 -32.89 13.13
CA PHE E 337 -28.04 -31.72 12.86
C PHE E 337 -26.65 -31.84 13.51
N LYS E 338 -26.59 -32.41 14.70
CA LYS E 338 -25.35 -32.57 15.46
C LYS E 338 -24.32 -33.46 14.75
N CYS E 339 -24.78 -34.51 14.05
CA CYS E 339 -23.87 -35.43 13.37
C CYS E 339 -23.90 -35.36 11.85
N CYS E 340 -24.68 -34.40 11.27
CA CYS E 340 -24.87 -34.31 9.81
C CYS E 340 -25.40 -35.64 9.29
N ALA E 341 -26.40 -36.22 9.99
CA ALA E 341 -27.03 -37.50 9.63
C ALA E 341 -27.52 -37.48 8.21
N ALA E 342 -27.27 -38.56 7.46
CA ALA E 342 -27.70 -38.63 6.08
C ALA E 342 -29.23 -38.71 5.99
N ALA E 343 -29.87 -39.35 6.99
CA ALA E 343 -31.31 -39.54 6.98
C ALA E 343 -31.87 -39.80 8.39
N ILE E 344 -33.18 -39.63 8.54
CA ILE E 344 -33.94 -39.97 9.71
C ILE E 344 -34.92 -41.01 9.19
N ILE E 345 -34.81 -42.26 9.65
CA ILE E 345 -35.71 -43.31 9.23
C ILE E 345 -36.81 -43.41 10.27
N VAL E 346 -38.07 -43.25 9.86
CA VAL E 346 -39.19 -43.26 10.79
C VAL E 346 -40.24 -44.30 10.38
N LEU E 347 -40.78 -45.01 11.35
CA LEU E 347 -41.84 -45.97 11.13
C LEU E 347 -43.13 -45.22 11.38
N THR E 348 -44.02 -45.18 10.39
CA THR E 348 -45.28 -44.46 10.54
C THR E 348 -46.46 -45.23 9.96
N THR E 349 -47.61 -45.14 10.61
CA THR E 349 -48.81 -45.81 10.14
C THR E 349 -49.67 -44.83 9.31
N THR E 350 -49.94 -43.64 9.87
CA THR E 350 -50.76 -42.61 9.26
C THR E 350 -49.95 -41.50 8.56
N GLY E 351 -48.64 -41.46 8.79
CA GLY E 351 -47.78 -40.40 8.27
C GLY E 351 -47.47 -39.34 9.32
N ARG E 352 -48.20 -39.31 10.46
CA ARG E 352 -48.05 -38.28 11.49
C ARG E 352 -46.63 -38.15 12.07
N SER E 353 -45.94 -39.27 12.40
CA SER E 353 -44.58 -39.18 12.94
C SER E 353 -43.60 -38.55 11.95
N ALA E 354 -43.80 -38.80 10.65
CA ALA E 354 -42.95 -38.22 9.62
C ALA E 354 -43.28 -36.72 9.47
N GLN E 355 -44.56 -36.34 9.59
CA GLN E 355 -45.01 -34.96 9.48
C GLN E 355 -44.40 -34.11 10.60
N LEU E 356 -44.37 -34.64 11.83
CA LEU E 356 -43.78 -33.94 12.98
C LEU E 356 -42.26 -33.79 12.87
N LEU E 357 -41.59 -34.67 12.13
CA LEU E 357 -40.15 -34.51 11.91
C LEU E 357 -39.96 -33.41 10.84
N SER E 358 -40.75 -33.47 9.76
CA SER E 358 -40.71 -32.54 8.63
CA SER E 358 -40.68 -32.53 8.64
C SER E 358 -40.95 -31.07 9.04
N ARG E 359 -41.78 -30.84 10.06
CA ARG E 359 -42.09 -29.47 10.51
C ARG E 359 -40.85 -28.71 11.02
N TYR E 360 -39.79 -29.43 11.46
CA TYR E 360 -38.56 -28.80 11.92
C TYR E 360 -37.53 -28.56 10.81
N ARG E 361 -37.89 -28.89 9.56
CA ARG E 361 -37.06 -28.73 8.37
C ARG E 361 -35.63 -29.26 8.53
N PRO E 362 -35.47 -30.55 8.87
CA PRO E 362 -34.11 -31.10 8.93
C PRO E 362 -33.44 -31.11 7.55
N ARG E 363 -32.12 -31.00 7.53
CA ARG E 363 -31.36 -31.16 6.29
C ARG E 363 -31.34 -32.67 5.92
N ALA E 364 -31.40 -33.57 6.92
CA ALA E 364 -31.45 -35.02 6.73
C ALA E 364 -32.78 -35.41 6.09
N ALA E 365 -32.75 -36.32 5.12
CA ALA E 365 -33.97 -36.81 4.47
C ALA E 365 -34.80 -37.60 5.49
N VAL E 366 -36.13 -37.45 5.46
CA VAL E 366 -36.98 -38.24 6.34
C VAL E 366 -37.52 -39.44 5.56
N ILE E 367 -36.91 -40.61 5.75
CA ILE E 367 -37.34 -41.83 5.07
C ILE E 367 -38.45 -42.48 5.89
N ALA E 368 -39.70 -42.38 5.42
CA ALA E 368 -40.85 -42.91 6.13
C ALA E 368 -41.24 -44.30 5.64
N VAL E 369 -41.07 -45.30 6.49
CA VAL E 369 -41.46 -46.67 6.15
C VAL E 369 -42.88 -46.94 6.64
N THR E 370 -43.79 -47.23 5.73
CA THR E 370 -45.19 -47.45 6.07
C THR E 370 -45.79 -48.63 5.33
N ARG E 371 -46.78 -49.29 5.95
CA ARG E 371 -47.54 -50.34 5.31
C ARG E 371 -48.76 -49.77 4.59
N SER E 372 -49.21 -48.55 4.96
CA SER E 372 -50.36 -47.91 4.37
C SER E 372 -49.99 -47.29 3.01
N ALA E 373 -50.58 -47.82 1.92
CA ALA E 373 -50.35 -47.28 0.57
C ALA E 373 -50.87 -45.85 0.47
N GLN E 374 -51.99 -45.56 1.12
CA GLN E 374 -52.55 -44.23 1.12
C GLN E 374 -51.64 -43.26 1.88
N ALA E 375 -51.11 -43.64 3.07
CA ALA E 375 -50.19 -42.77 3.83
C ALA E 375 -48.91 -42.53 3.01
N ALA E 376 -48.40 -43.56 2.32
CA ALA E 376 -47.21 -43.42 1.48
C ALA E 376 -47.43 -42.39 0.38
N ARG E 377 -48.63 -42.34 -0.21
CA ARG E 377 -48.94 -41.37 -1.25
C ARG E 377 -49.14 -39.98 -0.64
N GLN E 378 -49.87 -39.89 0.49
CA GLN E 378 -50.18 -38.61 1.13
C GLN E 378 -48.98 -37.90 1.79
N VAL E 379 -47.93 -38.61 2.24
CA VAL E 379 -46.79 -37.94 2.87
C VAL E 379 -45.95 -37.12 1.88
N HIS E 380 -46.26 -37.22 0.56
CA HIS E 380 -45.62 -36.34 -0.43
C HIS E 380 -46.02 -34.88 -0.15
N LEU E 381 -47.11 -34.63 0.60
CA LEU E 381 -47.54 -33.30 0.97
C LEU E 381 -46.53 -32.63 1.92
N CYS E 382 -45.72 -33.42 2.69
CA CYS E 382 -44.76 -32.91 3.67
C CYS E 382 -43.37 -32.85 3.11
N ARG E 383 -42.76 -31.65 3.15
CA ARG E 383 -41.41 -31.48 2.63
C ARG E 383 -40.35 -32.36 3.28
N GLY E 384 -39.52 -32.98 2.47
CA GLY E 384 -38.43 -33.81 2.96
C GLY E 384 -38.81 -35.22 3.40
N VAL E 385 -40.05 -35.66 3.14
CA VAL E 385 -40.48 -37.01 3.49
C VAL E 385 -40.47 -37.88 2.24
N PHE E 386 -39.67 -38.94 2.27
CA PHE E 386 -39.49 -39.91 1.19
C PHE E 386 -40.18 -41.20 1.60
N PRO E 387 -41.39 -41.44 1.06
CA PRO E 387 -42.15 -42.63 1.48
C PRO E 387 -41.67 -43.94 0.88
N LEU E 388 -41.62 -44.99 1.71
CA LEU E 388 -41.31 -46.35 1.27
C LEU E 388 -42.48 -47.23 1.64
N LEU E 389 -43.12 -47.85 0.66
CA LEU E 389 -44.26 -48.73 0.92
C LEU E 389 -43.75 -50.14 1.21
N TYR E 390 -43.98 -50.63 2.43
CA TYR E 390 -43.58 -51.95 2.90
C TYR E 390 -44.74 -52.94 2.64
N ARG E 391 -44.47 -53.99 1.86
CA ARG E 391 -45.51 -54.93 1.47
C ARG E 391 -45.46 -56.28 2.22
N GLU E 392 -44.38 -56.56 2.97
CA GLU E 392 -44.19 -57.83 3.65
C GLU E 392 -45.20 -58.13 4.76
N PRO E 393 -45.58 -59.42 4.91
CA PRO E 393 -46.51 -59.77 5.98
C PRO E 393 -45.82 -59.71 7.34
N PRO E 394 -46.59 -59.38 8.40
CA PRO E 394 -45.97 -59.20 9.71
C PRO E 394 -45.25 -60.40 10.30
N GLU E 395 -44.16 -60.14 11.03
CA GLU E 395 -43.40 -61.14 11.77
C GLU E 395 -44.21 -61.51 13.02
N ALA E 396 -43.95 -62.69 13.60
CA ALA E 396 -44.65 -63.11 14.82
C ALA E 396 -44.23 -62.24 16.01
N ILE E 397 -42.93 -61.93 16.11
CA ILE E 397 -42.41 -61.05 17.15
C ILE E 397 -42.40 -59.60 16.63
N TRP E 398 -43.11 -58.69 17.33
CA TRP E 398 -43.22 -57.29 16.93
C TRP E 398 -41.89 -56.58 16.81
N ALA E 399 -40.97 -56.77 17.77
CA ALA E 399 -39.66 -56.15 17.72
C ALA E 399 -38.87 -56.57 16.45
N ASP E 400 -39.07 -57.81 15.98
CA ASP E 400 -38.41 -58.29 14.76
C ASP E 400 -39.04 -57.63 13.53
N ASP E 401 -40.36 -57.42 13.55
CA ASP E 401 -41.08 -56.76 12.46
C ASP E 401 -40.63 -55.29 12.33
N VAL E 402 -40.38 -54.63 13.49
CA VAL E 402 -39.88 -53.26 13.55
C VAL E 402 -38.48 -53.21 12.94
N ASP E 403 -37.58 -54.11 13.37
CA ASP E 403 -36.21 -54.18 12.84
C ASP E 403 -36.18 -54.45 11.34
N ARG E 404 -37.11 -55.29 10.84
CA ARG E 404 -37.16 -55.58 9.41
C ARG E 404 -37.51 -54.35 8.59
N ARG E 405 -38.41 -53.50 9.13
CA ARG E 405 -38.83 -52.27 8.48
C ARG E 405 -37.71 -51.21 8.49
N VAL E 406 -36.91 -51.19 9.56
CA VAL E 406 -35.77 -50.27 9.65
C VAL E 406 -34.72 -50.69 8.62
N GLN E 407 -34.46 -52.01 8.49
CA GLN E 407 -33.50 -52.52 7.50
C GLN E 407 -33.97 -52.29 6.08
N PHE E 408 -35.27 -52.37 5.83
CA PHE E 408 -35.85 -52.07 4.52
C PHE E 408 -35.59 -50.60 4.13
N GLY E 409 -35.69 -49.71 5.13
CA GLY E 409 -35.40 -48.30 4.97
C GLY E 409 -33.94 -48.04 4.70
N ILE E 410 -33.03 -48.76 5.39
CA ILE E 410 -31.58 -48.61 5.19
C ILE E 410 -31.18 -49.13 3.80
N GLU E 411 -31.73 -50.29 3.39
CA GLU E 411 -31.42 -50.86 2.09
C GLU E 411 -31.97 -50.02 0.94
N SER E 412 -33.21 -49.51 1.04
CA SER E 412 -33.74 -48.63 -0.01
C SER E 412 -32.93 -47.32 -0.08
N GLY E 413 -32.48 -46.83 1.07
CA GLY E 413 -31.68 -45.61 1.11
C GLY E 413 -30.34 -45.81 0.43
N LYS E 414 -29.71 -46.96 0.70
CA LYS E 414 -28.42 -47.27 0.07
C LYS E 414 -28.58 -47.41 -1.45
N LEU E 415 -29.62 -48.11 -1.88
CA LEU E 415 -29.92 -48.32 -3.29
C LEU E 415 -30.20 -47.01 -4.02
N ARG E 416 -30.93 -46.09 -3.36
CA ARG E 416 -31.29 -44.82 -3.98
C ARG E 416 -30.25 -43.70 -3.84
N GLY E 417 -29.15 -43.96 -3.14
CA GLY E 417 -28.09 -42.97 -2.99
C GLY E 417 -28.16 -42.08 -1.77
N PHE E 418 -29.21 -42.23 -0.94
CA PHE E 418 -29.37 -41.44 0.29
C PHE E 418 -28.30 -41.78 1.31
N LEU E 419 -27.89 -43.05 1.37
CA LEU E 419 -26.98 -43.51 2.40
C LEU E 419 -25.80 -44.28 1.84
N ARG E 420 -24.69 -44.24 2.55
CA ARG E 420 -23.50 -45.01 2.22
C ARG E 420 -22.95 -45.61 3.54
N VAL E 421 -22.05 -46.60 3.44
CA VAL E 421 -21.45 -47.22 4.62
C VAL E 421 -20.61 -46.17 5.35
N GLY E 422 -20.77 -46.09 6.67
CA GLY E 422 -20.07 -45.09 7.46
C GLY E 422 -20.93 -43.90 7.86
N ASP E 423 -22.06 -43.70 7.17
CA ASP E 423 -23.01 -42.62 7.48
C ASP E 423 -23.72 -42.87 8.81
N LEU E 424 -24.19 -41.80 9.44
CA LEU E 424 -24.98 -41.91 10.66
C LEU E 424 -26.43 -41.64 10.30
N VAL E 425 -27.34 -42.41 10.87
CA VAL E 425 -28.77 -42.21 10.68
C VAL E 425 -29.46 -42.14 12.03
N ILE E 426 -30.59 -41.47 12.07
CA ILE E 426 -31.41 -41.40 13.26
C ILE E 426 -32.61 -42.28 12.99
N VAL E 427 -32.93 -43.22 13.87
CA VAL E 427 -34.08 -44.10 13.67
C VAL E 427 -35.16 -43.76 14.70
N VAL E 428 -36.36 -43.46 14.22
CA VAL E 428 -37.48 -43.07 15.08
C VAL E 428 -38.57 -44.14 15.05
N THR E 429 -38.81 -44.77 16.22
CA THR E 429 -39.79 -45.86 16.37
C THR E 429 -40.68 -45.63 17.65
N GLY E 430 -41.59 -46.58 17.93
CA GLY E 430 -42.44 -46.55 19.10
C GLY E 430 -42.16 -47.69 20.05
N TRP E 431 -42.87 -47.71 21.18
CA TRP E 431 -42.70 -48.75 22.20
C TRP E 431 -43.70 -49.92 22.05
N ARG E 432 -44.84 -49.69 21.38
CA ARG E 432 -45.88 -50.67 21.16
C ARG E 432 -46.52 -50.47 19.76
N PRO E 433 -47.12 -51.51 19.18
CA PRO E 433 -47.72 -51.34 17.84
C PRO E 433 -48.94 -50.44 17.81
N GLY E 434 -49.26 -49.95 16.64
CA GLY E 434 -50.37 -49.03 16.46
C GLY E 434 -49.92 -47.59 16.39
N SER E 435 -50.73 -46.75 15.79
CA SER E 435 -50.48 -45.35 15.60
C SER E 435 -50.54 -44.57 16.93
N GLY E 436 -49.69 -43.54 17.04
CA GLY E 436 -49.67 -42.62 18.17
C GLY E 436 -48.72 -42.93 19.31
N TYR E 437 -47.83 -43.92 19.15
CA TYR E 437 -46.92 -44.32 20.22
C TYR E 437 -45.43 -44.10 19.96
N THR E 438 -45.05 -43.28 18.95
CA THR E 438 -43.63 -42.98 18.69
C THR E 438 -43.00 -42.33 19.95
N ASN E 439 -41.86 -42.86 20.42
CA ASN E 439 -41.22 -42.34 21.62
C ASN E 439 -39.70 -42.68 21.69
N ILE E 440 -39.13 -43.25 20.62
CA ILE E 440 -37.74 -43.68 20.65
C ILE E 440 -36.93 -43.10 19.50
N MET E 441 -35.72 -42.68 19.80
CA MET E 441 -34.78 -42.19 18.81
CA MET E 441 -34.76 -42.12 18.86
C MET E 441 -33.44 -42.88 19.04
N ARG E 442 -32.89 -43.46 17.95
CA ARG E 442 -31.63 -44.20 18.03
C ARG E 442 -30.61 -43.65 17.06
N VAL E 443 -29.34 -43.60 17.48
CA VAL E 443 -28.27 -43.19 16.57
C VAL E 443 -27.62 -44.45 16.05
N LEU E 444 -27.67 -44.66 14.73
CA LEU E 444 -27.17 -45.87 14.11
C LEU E 444 -26.12 -45.60 13.05
N SER E 445 -25.04 -46.40 13.05
CA SER E 445 -24.00 -46.28 12.04
CA SER E 445 -23.99 -46.29 12.05
C SER E 445 -24.31 -47.24 10.88
N ILE E 446 -24.24 -46.76 9.64
CA ILE E 446 -24.53 -47.61 8.48
C ILE E 446 -23.37 -48.56 8.18
N SER E 447 -23.67 -49.85 8.10
CA SER E 447 -22.66 -50.86 7.79
C SER E 447 -22.93 -51.57 6.44
N ALA F 13 -48.22 -18.27 23.24
CA ALA F 13 -48.74 -19.38 22.45
C ALA F 13 -47.83 -20.61 22.50
N ASP F 14 -46.51 -20.40 22.67
CA ASP F 14 -45.56 -21.51 22.79
C ASP F 14 -45.62 -22.20 24.18
N VAL F 15 -46.48 -21.72 25.10
CA VAL F 15 -46.66 -22.28 26.43
C VAL F 15 -48.14 -22.43 26.81
N ALA F 16 -49.11 -21.98 25.94
CA ALA F 16 -50.55 -21.98 26.23
C ALA F 16 -51.16 -23.35 26.58
N GLN F 17 -50.98 -24.39 25.74
CA GLN F 17 -51.54 -25.72 26.04
C GLN F 17 -50.86 -26.33 27.28
N LEU F 18 -49.55 -26.12 27.45
CA LEU F 18 -48.84 -26.61 28.61
C LEU F 18 -49.21 -25.84 29.89
N THR F 19 -49.69 -24.59 29.76
CA THR F 19 -50.14 -23.76 30.89
C THR F 19 -51.52 -24.23 31.32
N GLN F 20 -52.37 -24.62 30.37
CA GLN F 20 -53.67 -25.17 30.67
C GLN F 20 -53.51 -26.56 31.36
N GLU F 21 -52.52 -27.35 30.91
CA GLU F 21 -52.24 -28.67 31.45
C GLU F 21 -51.55 -28.65 32.82
N LEU F 22 -50.42 -27.94 32.93
CA LEU F 22 -49.64 -27.91 34.18
C LEU F 22 -50.11 -26.85 35.17
N GLY F 23 -50.87 -25.86 34.69
CA GLY F 23 -51.40 -24.81 35.54
C GLY F 23 -50.53 -23.57 35.62
N THR F 24 -51.15 -22.43 36.01
CA THR F 24 -50.42 -21.18 36.12
C THR F 24 -49.44 -21.24 37.28
N ALA F 25 -49.78 -21.92 38.39
CA ALA F 25 -48.90 -22.02 39.54
C ALA F 25 -47.59 -22.68 39.17
N PHE F 26 -47.61 -23.67 38.27
CA PHE F 26 -46.39 -24.35 37.84
C PHE F 26 -45.46 -23.35 37.12
N PHE F 27 -46.05 -22.52 36.25
CA PHE F 27 -45.29 -21.57 35.45
C PHE F 27 -44.88 -20.30 36.22
N GLN F 28 -45.27 -20.16 37.50
CA GLN F 28 -44.85 -19.05 38.35
C GLN F 28 -43.63 -19.47 39.21
N GLN F 29 -43.44 -20.77 39.48
CA GLN F 29 -42.33 -21.30 40.27
C GLN F 29 -41.04 -21.40 39.44
N GLN F 30 -39.90 -21.69 40.11
CA GLN F 30 -38.55 -21.88 39.57
C GLN F 30 -38.13 -20.86 38.49
N GLN F 31 -38.53 -19.59 38.69
CA GLN F 31 -38.24 -18.48 37.79
C GLN F 31 -38.61 -18.76 36.33
N LEU F 32 -39.73 -19.47 36.12
CA LEU F 32 -40.18 -19.79 34.76
C LEU F 32 -40.63 -18.54 34.00
N PRO F 33 -41.27 -17.50 34.59
CA PRO F 33 -41.55 -16.30 33.78
C PRO F 33 -40.26 -15.66 33.28
N ALA F 34 -39.21 -15.63 34.12
CA ALA F 34 -37.91 -15.07 33.73
C ALA F 34 -37.20 -15.95 32.70
N ALA F 35 -37.40 -17.28 32.77
CA ALA F 35 -36.82 -18.24 31.84
C ALA F 35 -37.42 -18.12 30.44
N MET F 36 -38.68 -17.70 30.32
CA MET F 36 -39.36 -17.55 29.03
C MET F 36 -39.05 -16.21 28.34
N ALA F 37 -38.29 -15.29 28.99
CA ALA F 37 -38.02 -13.98 28.42
C ALA F 37 -37.23 -14.01 27.14
N ASP F 38 -37.46 -13.04 26.25
CA ASP F 38 -36.80 -12.98 24.95
C ASP F 38 -35.43 -12.33 24.94
N THR F 39 -35.10 -11.56 26.01
CA THR F 39 -33.80 -10.92 26.16
C THR F 39 -33.29 -11.15 27.57
N PHE F 40 -31.98 -11.04 27.78
CA PHE F 40 -31.38 -11.17 29.12
C PHE F 40 -31.89 -10.00 30.05
N LEU F 41 -32.07 -8.80 29.49
CA LEU F 41 -32.56 -7.66 30.25
C LEU F 41 -33.97 -7.93 30.76
N GLU F 42 -34.86 -8.47 29.92
CA GLU F 42 -36.22 -8.83 30.32
C GLU F 42 -36.24 -9.99 31.31
N HIS F 43 -35.28 -10.92 31.19
CA HIS F 43 -35.10 -12.03 32.11
C HIS F 43 -34.78 -11.47 33.50
N LEU F 44 -33.87 -10.47 33.60
CA LEU F 44 -33.53 -9.85 34.89
C LEU F 44 -34.77 -9.19 35.50
N CYS F 45 -35.51 -8.41 34.69
CA CYS F 45 -36.72 -7.71 35.13
C CYS F 45 -37.78 -8.65 35.67
N LEU F 46 -37.83 -9.88 35.17
CA LEU F 46 -38.83 -10.86 35.57
C LEU F 46 -38.42 -11.76 36.71
N LEU F 47 -37.19 -11.63 37.27
CA LEU F 47 -36.79 -12.43 38.43
C LEU F 47 -37.70 -12.07 39.62
N ASP F 48 -38.16 -13.07 40.35
CA ASP F 48 -39.15 -12.87 41.40
C ASP F 48 -38.74 -13.54 42.70
N ILE F 49 -38.68 -12.78 43.79
CA ILE F 49 -38.34 -13.35 45.10
C ILE F 49 -39.41 -14.34 45.61
N ASP F 50 -40.65 -14.21 45.12
CA ASP F 50 -41.78 -15.07 45.47
C ASP F 50 -41.85 -16.35 44.61
N SER F 51 -41.03 -16.46 43.57
CA SER F 51 -40.97 -17.64 42.73
C SER F 51 -40.05 -18.66 43.41
N GLU F 52 -40.63 -19.68 44.06
CA GLU F 52 -39.87 -20.66 44.81
C GLU F 52 -39.17 -21.71 43.96
N PRO F 53 -37.91 -22.05 44.32
CA PRO F 53 -37.21 -23.12 43.60
C PRO F 53 -37.88 -24.48 43.86
N VAL F 54 -38.10 -25.27 42.80
CA VAL F 54 -38.74 -26.59 42.90
C VAL F 54 -37.70 -27.71 42.69
N ALA F 55 -36.80 -27.55 41.70
CA ALA F 55 -35.79 -28.54 41.38
C ALA F 55 -34.80 -28.85 42.52
N ALA F 56 -34.20 -30.04 42.51
CA ALA F 56 -33.19 -30.41 43.48
C ALA F 56 -31.91 -29.61 43.17
N ARG F 57 -31.11 -29.34 44.21
CA ARG F 57 -29.90 -28.56 44.07
C ARG F 57 -28.88 -29.32 43.25
N SER F 58 -28.43 -28.71 42.17
CA SER F 58 -27.54 -29.35 41.24
C SER F 58 -26.04 -29.00 41.38
N THR F 59 -25.66 -27.87 41.99
CA THR F 59 -24.25 -27.50 42.15
C THR F 59 -23.74 -28.20 43.39
N SER F 60 -22.70 -29.01 43.26
CA SER F 60 -22.16 -29.75 44.41
C SER F 60 -21.45 -28.89 45.41
N ILE F 61 -21.50 -29.31 46.66
CA ILE F 61 -20.84 -28.62 47.75
C ILE F 61 -19.65 -29.44 48.21
N ILE F 62 -18.46 -28.83 48.18
CA ILE F 62 -17.24 -29.46 48.67
C ILE F 62 -16.97 -28.87 50.03
N ALA F 63 -16.90 -29.71 51.07
CA ALA F 63 -16.66 -29.19 52.41
C ALA F 63 -15.30 -29.69 52.90
N THR F 64 -14.49 -28.79 53.45
CA THR F 64 -13.18 -29.17 53.97
C THR F 64 -13.35 -29.80 55.34
N ILE F 65 -12.76 -30.99 55.53
CA ILE F 65 -12.82 -31.71 56.80
C ILE F 65 -11.68 -31.22 57.71
N GLY F 66 -12.01 -30.91 58.94
CA GLY F 66 -11.07 -30.49 59.96
C GLY F 66 -11.62 -30.71 61.36
N PRO F 67 -11.01 -30.08 62.39
CA PRO F 67 -11.51 -30.25 63.76
C PRO F 67 -13.00 -29.99 63.99
N ALA F 68 -13.58 -29.04 63.27
CA ALA F 68 -15.00 -28.71 63.42
C ALA F 68 -15.95 -29.65 62.69
N SER F 69 -15.43 -30.53 61.83
CA SER F 69 -16.27 -31.41 61.03
C SER F 69 -15.67 -32.83 60.92
N ARG F 70 -15.07 -33.34 61.99
CA ARG F 70 -14.41 -34.64 61.97
C ARG F 70 -15.18 -35.77 62.59
N SER F 71 -16.00 -35.50 63.61
CA SER F 71 -16.76 -36.55 64.27
C SER F 71 -17.79 -37.19 63.33
N VAL F 72 -18.04 -38.50 63.51
CA VAL F 72 -19.00 -39.25 62.69
C VAL F 72 -20.39 -38.62 62.78
N GLU F 73 -20.78 -38.15 63.97
CA GLU F 73 -22.08 -37.51 64.17
C GLU F 73 -22.21 -36.17 63.45
N ARG F 74 -21.13 -35.36 63.47
CA ARG F 74 -21.09 -34.09 62.79
C ARG F 74 -21.11 -34.32 61.27
N LEU F 75 -20.36 -35.30 60.78
CA LEU F 75 -20.32 -35.66 59.36
C LEU F 75 -21.67 -36.14 58.84
N LYS F 76 -22.46 -36.84 59.69
CA LYS F 76 -23.80 -37.28 59.30
C LYS F 76 -24.70 -36.07 59.09
N GLU F 77 -24.57 -35.04 59.97
CA GLU F 77 -25.34 -33.80 59.87
CA GLU F 77 -25.37 -33.82 59.83
C GLU F 77 -24.96 -33.03 58.58
N MET F 78 -23.67 -33.04 58.22
CA MET F 78 -23.20 -32.35 57.03
CA MET F 78 -23.19 -32.35 57.03
C MET F 78 -23.67 -33.02 55.76
N ILE F 79 -23.79 -34.36 55.78
CA ILE F 79 -24.29 -35.12 54.64
C ILE F 79 -25.77 -34.76 54.45
N LYS F 80 -26.54 -34.70 55.55
CA LYS F 80 -27.95 -34.31 55.50
C LYS F 80 -28.14 -32.84 55.06
N ALA F 81 -27.20 -31.95 55.42
CA ALA F 81 -27.24 -30.54 55.00
C ALA F 81 -26.91 -30.34 53.50
N GLY F 82 -26.24 -31.33 52.88
CA GLY F 82 -25.93 -31.26 51.46
C GLY F 82 -24.50 -31.45 51.01
N MET F 83 -23.57 -31.83 51.90
CA MET F 83 -22.18 -32.05 51.49
C MET F 83 -22.09 -33.23 50.49
N ASN F 84 -21.44 -33.02 49.33
CA ASN F 84 -21.28 -34.05 48.32
C ASN F 84 -19.86 -34.56 48.19
N ILE F 85 -18.87 -33.69 48.50
CA ILE F 85 -17.46 -34.01 48.39
C ILE F 85 -16.77 -33.55 49.67
N ALA F 86 -15.98 -34.44 50.29
CA ALA F 86 -15.21 -34.14 51.50
C ALA F 86 -13.77 -33.85 51.09
N ARG F 87 -13.26 -32.67 51.42
CA ARG F 87 -11.92 -32.27 51.05
C ARG F 87 -10.94 -32.43 52.20
N LEU F 88 -9.84 -33.13 51.96
CA LEU F 88 -8.79 -33.30 52.98
C LEU F 88 -7.64 -32.41 52.58
N ASN F 89 -7.34 -31.40 53.39
CA ASN F 89 -6.26 -30.48 53.06
C ASN F 89 -4.93 -31.03 53.60
N PHE F 90 -4.11 -31.57 52.69
CA PHE F 90 -2.81 -32.13 53.07
C PHE F 90 -1.73 -31.07 53.37
N SER F 91 -2.10 -29.80 53.38
CA SER F 91 -1.20 -28.72 53.81
C SER F 91 -1.03 -28.76 55.34
N HIS F 92 -1.96 -29.39 56.07
CA HIS F 92 -1.96 -29.53 57.53
C HIS F 92 -2.29 -30.98 57.90
N GLY F 93 -1.82 -31.42 59.07
CA GLY F 93 -2.13 -32.76 59.55
C GLY F 93 -1.24 -33.86 59.02
N SER F 94 -1.16 -34.95 59.78
CA SER F 94 -0.35 -36.11 59.41
C SER F 94 -1.16 -37.12 58.58
N HIS F 95 -0.49 -38.15 58.04
CA HIS F 95 -1.18 -39.22 57.32
C HIS F 95 -2.15 -39.95 58.25
N GLU F 96 -1.78 -40.13 59.52
CA GLU F 96 -2.63 -40.79 60.52
C GLU F 96 -3.90 -39.97 60.75
N TYR F 97 -3.76 -38.63 60.82
CA TYR F 97 -4.89 -37.71 61.01
C TYR F 97 -5.86 -37.83 59.81
N HIS F 98 -5.32 -37.79 58.58
CA HIS F 98 -6.14 -37.89 57.38
C HIS F 98 -6.79 -39.24 57.20
N ALA F 99 -6.11 -40.34 57.60
CA ALA F 99 -6.68 -41.68 57.52
C ALA F 99 -7.89 -41.80 58.46
N GLU F 100 -7.81 -41.17 59.64
CA GLU F 100 -8.91 -41.18 60.58
C GLU F 100 -10.08 -40.35 60.04
N SER F 101 -9.79 -39.22 59.38
CA SER F 101 -10.81 -38.37 58.74
C SER F 101 -11.55 -39.17 57.66
N ILE F 102 -10.78 -39.90 56.81
CA ILE F 102 -11.33 -40.76 55.75
C ILE F 102 -12.25 -41.81 56.34
N ALA F 103 -11.81 -42.48 57.41
CA ALA F 103 -12.59 -43.54 58.07
C ALA F 103 -13.89 -43.00 58.66
N ASN F 104 -13.86 -41.79 59.23
CA ASN F 104 -15.04 -41.15 59.81
C ASN F 104 -16.03 -40.73 58.74
N VAL F 105 -15.53 -40.26 57.59
CA VAL F 105 -16.39 -39.90 56.47
C VAL F 105 -17.08 -41.17 55.97
N ARG F 106 -16.31 -42.24 55.71
CA ARG F 106 -16.85 -43.52 55.25
C ARG F 106 -17.85 -44.14 56.23
N GLU F 107 -17.62 -43.99 57.53
CA GLU F 107 -18.55 -44.52 58.52
C GLU F 107 -19.87 -43.75 58.46
N ALA F 108 -19.79 -42.39 58.41
CA ALA F 108 -20.99 -41.55 58.32
C ALA F 108 -21.75 -41.80 57.01
N VAL F 109 -21.03 -42.00 55.89
CA VAL F 109 -21.64 -42.27 54.59
C VAL F 109 -22.35 -43.63 54.57
N GLU F 110 -21.69 -44.66 55.12
CA GLU F 110 -22.27 -46.00 55.12
C GLU F 110 -23.38 -46.16 56.15
N SER F 111 -23.53 -45.23 57.11
CA SER F 111 -24.68 -45.25 58.02
C SER F 111 -26.03 -45.01 57.25
N PHE F 112 -25.96 -44.49 56.01
CA PHE F 112 -27.16 -44.28 55.21
C PHE F 112 -27.32 -45.32 54.11
N ALA F 113 -26.56 -46.45 54.17
CA ALA F 113 -26.59 -47.49 53.15
C ALA F 113 -27.76 -48.47 53.21
N GLY F 114 -28.65 -48.31 54.18
CA GLY F 114 -29.81 -49.19 54.28
C GLY F 114 -30.75 -49.15 53.07
N SER F 115 -30.82 -48.00 52.37
CA SER F 115 -31.76 -47.86 51.24
C SER F 115 -31.32 -46.80 50.21
N PRO F 116 -31.68 -46.93 48.92
CA PRO F 116 -31.36 -45.87 47.95
C PRO F 116 -32.07 -44.54 48.29
N LEU F 117 -33.20 -44.57 49.00
CA LEU F 117 -33.93 -43.37 49.42
C LEU F 117 -33.10 -42.52 50.38
N SER F 118 -32.09 -43.11 51.07
CA SER F 118 -31.28 -42.44 52.08
C SER F 118 -29.79 -42.36 51.72
N TYR F 119 -29.30 -43.28 50.91
CA TYR F 119 -27.90 -43.33 50.58
C TYR F 119 -27.43 -42.17 49.75
N ARG F 120 -26.40 -41.47 50.21
CA ARG F 120 -25.82 -40.38 49.43
C ARG F 120 -24.37 -40.74 49.23
N PRO F 121 -23.89 -41.08 48.01
CA PRO F 121 -22.45 -41.28 47.86
C PRO F 121 -21.72 -39.95 48.13
N VAL F 122 -20.59 -39.99 48.83
CA VAL F 122 -19.82 -38.77 49.09
C VAL F 122 -18.40 -39.01 48.59
N ALA F 123 -17.93 -38.18 47.64
CA ALA F 123 -16.57 -38.31 47.14
C ALA F 123 -15.52 -37.84 48.15
N ILE F 124 -14.33 -38.43 48.11
CA ILE F 124 -13.23 -38.01 48.97
C ILE F 124 -12.14 -37.42 48.10
N ALA F 125 -11.80 -36.16 48.36
CA ALA F 125 -10.80 -35.45 47.57
C ALA F 125 -9.57 -35.12 48.40
N LEU F 126 -8.40 -35.33 47.84
CA LEU F 126 -7.14 -35.03 48.51
C LEU F 126 -6.57 -33.74 47.93
N ASP F 127 -6.43 -32.70 48.75
CA ASP F 127 -5.87 -31.44 48.27
C ASP F 127 -4.38 -31.42 48.65
N THR F 128 -3.49 -31.40 47.66
CA THR F 128 -2.05 -31.47 47.93
C THR F 128 -1.47 -30.21 48.54
N LYS F 129 -0.33 -30.35 49.24
CA LYS F 129 0.40 -29.25 49.86
C LYS F 129 0.98 -28.31 48.80
N GLY F 130 1.51 -28.86 47.72
CA GLY F 130 2.03 -28.07 46.63
C GLY F 130 3.54 -28.08 46.47
N PRO F 131 4.03 -27.46 45.39
CA PRO F 131 5.48 -27.42 45.14
C PRO F 131 6.24 -26.49 46.10
N PRO F 135 10.03 -25.89 41.73
CA PRO F 135 9.81 -25.98 40.28
C PRO F 135 8.77 -27.01 39.84
N GLY F 136 8.74 -28.17 40.50
CA GLY F 136 7.80 -29.23 40.13
C GLY F 136 7.26 -29.97 41.32
N LEU F 137 6.93 -31.27 41.13
CA LEU F 137 6.35 -32.10 42.17
C LEU F 137 7.27 -32.33 43.36
N SER F 138 6.84 -31.91 44.55
CA SER F 138 7.62 -32.06 45.77
C SER F 138 7.65 -33.52 46.25
N GLU F 139 8.59 -33.85 47.15
CA GLU F 139 8.70 -35.20 47.70
C GLU F 139 7.55 -35.53 48.63
N GLN F 140 7.04 -34.52 49.38
CA GLN F 140 5.90 -34.73 50.25
C GLN F 140 4.64 -35.00 49.41
N ASP F 141 4.50 -34.32 48.26
CA ASP F 141 3.37 -34.56 47.37
C ASP F 141 3.39 -35.98 46.83
N VAL F 142 4.57 -36.54 46.50
CA VAL F 142 4.67 -37.93 46.03
C VAL F 142 4.19 -38.91 47.12
N ARG F 143 4.57 -38.66 48.38
CA ARG F 143 4.14 -39.52 49.49
C ARG F 143 2.64 -39.40 49.77
N ASP F 144 2.10 -38.17 49.69
CA ASP F 144 0.68 -37.90 49.92
C ASP F 144 -0.17 -38.47 48.79
N LEU F 145 0.29 -38.38 47.54
CA LEU F 145 -0.44 -38.95 46.41
C LEU F 145 -0.47 -40.47 46.51
N ARG F 146 0.64 -41.08 46.98
CA ARG F 146 0.71 -42.53 47.20
C ARG F 146 -0.27 -42.93 48.31
N PHE F 147 -0.38 -42.09 49.36
CA PHE F 147 -1.32 -42.29 50.47
C PHE F 147 -2.77 -42.30 49.94
N GLY F 148 -3.07 -41.37 49.03
CA GLY F 148 -4.38 -41.25 48.43
C GLY F 148 -4.79 -42.47 47.63
N VAL F 149 -3.85 -43.01 46.85
CA VAL F 149 -4.11 -44.22 46.06
C VAL F 149 -4.37 -45.39 47.01
N GLU F 150 -3.52 -45.53 48.05
CA GLU F 150 -3.65 -46.60 49.04
C GLU F 150 -4.94 -46.52 49.83
N HIS F 151 -5.45 -45.30 50.06
CA HIS F 151 -6.68 -45.12 50.80
C HIS F 151 -7.94 -44.97 49.94
N GLY F 152 -7.81 -45.11 48.62
CA GLY F 152 -8.94 -45.07 47.70
C GLY F 152 -9.65 -43.74 47.53
N VAL F 153 -8.88 -42.64 47.47
CA VAL F 153 -9.48 -41.33 47.23
C VAL F 153 -10.02 -41.29 45.79
N ASP F 154 -11.03 -40.46 45.55
CA ASP F 154 -11.66 -40.36 44.24
C ASP F 154 -11.08 -39.24 43.41
N ILE F 155 -10.68 -38.13 44.06
CA ILE F 155 -10.22 -36.91 43.38
C ILE F 155 -8.95 -36.36 44.00
N VAL F 156 -8.13 -35.71 43.19
CA VAL F 156 -6.95 -35.00 43.67
C VAL F 156 -7.12 -33.53 43.25
N PHE F 157 -7.04 -32.61 44.22
CA PHE F 157 -7.04 -31.18 43.91
C PHE F 157 -5.55 -30.85 43.92
N ALA F 158 -4.92 -30.82 42.74
CA ALA F 158 -3.49 -30.56 42.63
C ALA F 158 -3.14 -29.10 42.78
N SER F 159 -2.45 -28.75 43.87
CA SER F 159 -2.06 -27.36 44.13
C SER F 159 -1.01 -26.80 43.17
N PHE F 160 -1.10 -25.49 42.92
CA PHE F 160 -0.21 -24.67 42.10
C PHE F 160 0.20 -25.30 40.76
N VAL F 161 -0.77 -25.70 39.92
CA VAL F 161 -0.45 -26.23 38.61
C VAL F 161 -0.12 -25.04 37.71
N ARG F 162 1.05 -25.08 37.06
CA ARG F 162 1.52 -23.99 36.21
C ARG F 162 1.69 -24.36 34.74
N LYS F 163 1.70 -25.65 34.40
CA LYS F 163 1.87 -26.14 33.04
C LYS F 163 1.37 -27.59 32.91
N ALA F 164 1.22 -28.10 31.69
CA ALA F 164 0.74 -29.45 31.45
C ALA F 164 1.63 -30.54 32.08
N SER F 165 2.95 -30.29 32.13
CA SER F 165 3.88 -31.28 32.71
C SER F 165 3.68 -31.48 34.21
N ASP F 166 3.10 -30.49 34.92
CA ASP F 166 2.79 -30.60 36.34
C ASP F 166 1.68 -31.64 36.54
N VAL F 167 0.68 -31.63 35.65
CA VAL F 167 -0.44 -32.57 35.70
C VAL F 167 0.07 -33.99 35.42
N ALA F 168 0.97 -34.13 34.42
CA ALA F 168 1.57 -35.42 34.05
C ALA F 168 2.39 -35.98 35.23
N ALA F 169 3.08 -35.11 36.00
CA ALA F 169 3.83 -35.54 37.16
C ALA F 169 2.90 -36.11 38.23
N VAL F 170 1.74 -35.46 38.45
CA VAL F 170 0.74 -35.94 39.43
C VAL F 170 0.17 -37.28 38.96
N ARG F 171 -0.11 -37.41 37.66
CA ARG F 171 -0.65 -38.64 37.10
CA ARG F 171 -0.66 -38.65 37.10
C ARG F 171 0.36 -39.79 37.27
N ALA F 172 1.66 -39.52 37.08
CA ALA F 172 2.72 -40.51 37.23
C ALA F 172 2.85 -40.92 38.69
N ALA F 173 2.79 -39.96 39.62
CA ALA F 173 2.88 -40.26 41.07
C ALA F 173 1.68 -41.06 41.59
N LEU F 174 0.55 -41.04 40.89
CA LEU F 174 -0.61 -41.85 41.26
C LEU F 174 -0.42 -43.34 40.86
N GLY F 175 0.47 -43.61 39.91
CA GLY F 175 0.82 -44.95 39.47
C GLY F 175 -0.25 -45.70 38.73
N PRO F 176 -0.02 -47.01 38.53
CA PRO F 176 -0.98 -47.83 37.78
C PRO F 176 -2.31 -48.04 38.49
N GLU F 177 -2.29 -48.08 39.83
CA GLU F 177 -3.52 -48.27 40.60
C GLU F 177 -4.39 -47.02 40.73
N GLY F 178 -3.83 -45.85 40.48
CA GLY F 178 -4.56 -44.59 40.56
C GLY F 178 -5.04 -44.06 39.22
N HIS F 179 -5.23 -44.93 38.23
CA HIS F 179 -5.66 -44.51 36.90
C HIS F 179 -7.10 -43.95 36.89
N GLY F 180 -7.94 -44.41 37.81
CA GLY F 180 -9.32 -43.96 37.88
C GLY F 180 -9.53 -42.66 38.65
N ILE F 181 -8.51 -42.17 39.37
CA ILE F 181 -8.60 -40.94 40.15
C ILE F 181 -8.68 -39.68 39.26
N LYS F 182 -9.62 -38.75 39.57
CA LYS F 182 -9.76 -37.52 38.78
C LYS F 182 -8.76 -36.48 39.26
N ILE F 183 -8.08 -35.81 38.34
CA ILE F 183 -7.14 -34.75 38.72
C ILE F 183 -7.77 -33.41 38.36
N ILE F 184 -8.08 -32.61 39.37
CA ILE F 184 -8.65 -31.27 39.22
C ILE F 184 -7.47 -30.31 39.49
N SER F 185 -6.99 -29.60 38.46
CA SER F 185 -5.86 -28.69 38.61
C SER F 185 -6.24 -27.36 39.24
N LYS F 186 -5.52 -26.96 40.29
CA LYS F 186 -5.78 -25.68 40.95
C LYS F 186 -4.98 -24.59 40.27
N ILE F 187 -5.66 -23.56 39.74
CA ILE F 187 -5.01 -22.42 39.10
C ILE F 187 -4.88 -21.35 40.17
N GLU F 188 -3.64 -21.07 40.61
CA GLU F 188 -3.39 -20.17 41.72
C GLU F 188 -2.41 -19.05 41.43
N ASN F 189 -1.93 -18.91 40.18
CA ASN F 189 -0.95 -17.85 39.87
C ASN F 189 -1.05 -17.37 38.43
N HIS F 190 -0.28 -16.31 38.08
CA HIS F 190 -0.30 -15.77 36.73
C HIS F 190 0.03 -16.81 35.66
N GLU F 191 1.02 -17.67 35.92
CA GLU F 191 1.43 -18.67 34.93
C GLU F 191 0.34 -19.69 34.65
N GLY F 192 -0.36 -20.13 35.69
CA GLY F 192 -1.47 -21.07 35.53
C GLY F 192 -2.58 -20.46 34.68
N VAL F 193 -2.86 -19.16 34.88
CA VAL F 193 -3.87 -18.46 34.09
C VAL F 193 -3.42 -18.34 32.62
N LYS F 194 -2.16 -17.99 32.39
CA LYS F 194 -1.63 -17.87 31.03
C LYS F 194 -1.52 -19.20 30.28
N ARG F 195 -1.18 -20.27 30.97
CA ARG F 195 -1.07 -21.59 30.35
C ARG F 195 -2.35 -22.42 30.55
N PHE F 196 -3.48 -21.77 30.88
CA PHE F 196 -4.76 -22.43 31.17
C PHE F 196 -5.15 -23.49 30.15
N ASP F 197 -5.10 -23.16 28.86
CA ASP F 197 -5.54 -24.07 27.81
C ASP F 197 -4.81 -25.41 27.81
N GLU F 198 -3.47 -25.37 28.00
CA GLU F 198 -2.69 -26.60 28.00
C GLU F 198 -2.95 -27.42 29.28
N ILE F 199 -3.22 -26.75 30.40
CA ILE F 199 -3.52 -27.41 31.67
C ILE F 199 -4.91 -28.07 31.61
N LEU F 200 -5.92 -27.36 31.10
CA LEU F 200 -7.27 -27.89 31.00
C LEU F 200 -7.30 -29.11 30.07
N GLU F 201 -6.54 -29.05 28.97
CA GLU F 201 -6.48 -30.15 28.00
C GLU F 201 -6.07 -31.48 28.64
N VAL F 202 -5.13 -31.45 29.59
CA VAL F 202 -4.66 -32.68 30.24
C VAL F 202 -5.29 -32.96 31.61
N SER F 203 -6.09 -32.03 32.15
CA SER F 203 -6.74 -32.25 33.45
C SER F 203 -8.17 -32.76 33.28
N ASP F 204 -8.73 -33.31 34.36
CA ASP F 204 -10.14 -33.73 34.35
C ASP F 204 -11.09 -32.52 34.65
N GLY F 205 -10.55 -31.49 35.26
CA GLY F 205 -11.25 -30.28 35.62
C GLY F 205 -10.34 -29.26 36.28
N ILE F 206 -10.93 -28.14 36.73
CA ILE F 206 -10.17 -27.04 37.27
C ILE F 206 -10.75 -26.52 38.57
N MET F 207 -9.89 -25.98 39.46
CA MET F 207 -10.35 -25.29 40.63
C MET F 207 -9.84 -23.84 40.52
N VAL F 208 -10.73 -22.85 40.68
CA VAL F 208 -10.33 -21.45 40.72
C VAL F 208 -10.00 -21.22 42.19
N ALA F 209 -8.71 -21.35 42.52
CA ALA F 209 -8.19 -21.23 43.89
C ALA F 209 -7.93 -19.77 44.17
N ARG F 210 -8.99 -19.03 44.51
CA ARG F 210 -8.97 -17.58 44.67
C ARG F 210 -8.08 -17.05 45.79
N GLY F 211 -7.82 -17.82 46.84
CA GLY F 211 -6.96 -17.38 47.92
C GLY F 211 -5.55 -17.01 47.47
N ASP F 212 -4.80 -17.97 46.91
CA ASP F 212 -3.47 -17.69 46.40
C ASP F 212 -3.54 -16.83 45.15
N LEU F 213 -4.53 -17.07 44.27
CA LEU F 213 -4.68 -16.29 43.04
C LEU F 213 -4.80 -14.77 43.35
N GLY F 214 -5.53 -14.42 44.42
CA GLY F 214 -5.70 -13.05 44.86
C GLY F 214 -4.47 -12.39 45.46
N ILE F 215 -3.41 -13.18 45.73
CA ILE F 215 -2.13 -12.72 46.24
C ILE F 215 -1.12 -12.68 45.07
N GLU F 216 -1.21 -13.63 44.12
CA GLU F 216 -0.33 -13.71 42.97
C GLU F 216 -0.64 -12.67 41.90
N ILE F 217 -1.92 -12.35 41.71
CA ILE F 217 -2.38 -11.32 40.77
C ILE F 217 -3.13 -10.23 41.55
N PRO F 218 -3.34 -9.02 40.98
CA PRO F 218 -4.07 -7.97 41.73
C PRO F 218 -5.46 -8.47 42.13
N ALA F 219 -5.87 -8.22 43.35
CA ALA F 219 -7.16 -8.70 43.86
C ALA F 219 -8.35 -8.30 42.98
N GLU F 220 -8.31 -7.11 42.39
CA GLU F 220 -9.38 -6.61 41.52
C GLU F 220 -9.49 -7.32 40.17
N LYS F 221 -8.55 -8.24 39.86
CA LYS F 221 -8.55 -8.99 38.60
C LYS F 221 -8.99 -10.45 38.78
N VAL F 222 -9.16 -10.94 40.03
CA VAL F 222 -9.53 -12.33 40.27
C VAL F 222 -10.87 -12.69 39.63
N PHE F 223 -11.86 -11.78 39.70
CA PHE F 223 -13.16 -12.05 39.09
C PHE F 223 -13.05 -12.31 37.58
N LEU F 224 -12.10 -11.65 36.87
CA LEU F 224 -11.93 -11.86 35.42
C LEU F 224 -11.38 -13.25 35.18
N ALA F 225 -10.40 -13.70 36.00
CA ALA F 225 -9.82 -15.02 35.89
C ALA F 225 -10.89 -16.09 36.19
N GLN F 226 -11.69 -15.90 37.24
CA GLN F 226 -12.76 -16.84 37.59
C GLN F 226 -13.78 -16.99 36.45
N LYS F 227 -14.28 -15.88 35.93
CA LYS F 227 -15.25 -15.92 34.83
C LYS F 227 -14.70 -16.53 33.56
N MET F 228 -13.42 -16.24 33.22
CA MET F 228 -12.80 -16.79 32.02
C MET F 228 -12.65 -18.32 32.14
N MET F 229 -12.12 -18.80 33.29
CA MET F 229 -11.89 -20.22 33.49
C MET F 229 -13.19 -20.99 33.53
N ILE F 230 -14.22 -20.44 34.19
CA ILE F 230 -15.53 -21.11 34.24
C ILE F 230 -16.11 -21.21 32.82
N GLY F 231 -16.04 -20.14 32.05
CA GLY F 231 -16.51 -20.16 30.66
C GLY F 231 -15.79 -21.19 29.80
N ARG F 232 -14.44 -21.26 29.91
CA ARG F 232 -13.66 -22.22 29.12
C ARG F 232 -13.92 -23.66 29.54
N CYS F 233 -14.16 -23.91 30.85
CA CYS F 233 -14.51 -25.25 31.34
C CYS F 233 -15.88 -25.64 30.86
N ASN F 234 -16.82 -24.71 30.84
CA ASN F 234 -18.17 -24.96 30.34
C ASN F 234 -18.12 -25.30 28.84
N LEU F 235 -17.29 -24.60 28.08
CA LEU F 235 -17.10 -24.83 26.67
C LEU F 235 -16.46 -26.22 26.44
N ALA F 236 -15.46 -26.60 27.25
CA ALA F 236 -14.81 -27.90 27.17
C ALA F 236 -15.67 -29.07 27.71
N GLY F 237 -16.71 -28.76 28.48
CA GLY F 237 -17.53 -29.79 29.10
C GLY F 237 -16.84 -30.47 30.25
N LYS F 238 -15.90 -29.76 30.95
CA LYS F 238 -15.16 -30.30 32.09
C LYS F 238 -15.50 -29.58 33.40
N PRO F 239 -15.56 -30.30 34.53
CA PRO F 239 -15.94 -29.64 35.80
C PRO F 239 -15.05 -28.50 36.28
N VAL F 240 -15.66 -27.47 36.86
CA VAL F 240 -14.92 -26.33 37.40
C VAL F 240 -15.47 -26.04 38.80
N VAL F 241 -14.57 -25.82 39.75
CA VAL F 241 -14.90 -25.55 41.14
C VAL F 241 -14.58 -24.10 41.44
N CYS F 242 -15.48 -23.40 42.14
CA CYS F 242 -15.16 -22.07 42.64
C CYS F 242 -14.80 -22.23 44.10
N ALA F 243 -13.65 -21.69 44.51
CA ALA F 243 -13.19 -21.90 45.87
C ALA F 243 -12.70 -20.63 46.58
N THR F 244 -12.70 -20.67 47.94
CA THR F 244 -12.10 -19.77 48.93
C THR F 244 -12.86 -18.48 49.25
N GLN F 245 -13.15 -18.30 50.56
CA GLN F 245 -13.80 -17.17 51.20
C GLN F 245 -15.21 -16.92 50.73
N MET F 246 -15.90 -17.95 50.20
CA MET F 246 -17.27 -17.77 49.74
C MET F 246 -18.22 -17.33 50.85
N LEU F 247 -18.10 -17.94 52.05
CA LEU F 247 -18.93 -17.58 53.20
C LEU F 247 -18.02 -17.38 54.43
N GLU F 248 -16.83 -16.77 54.22
CA GLU F 248 -15.81 -16.54 55.24
C GLU F 248 -16.31 -16.10 56.62
N SER F 249 -17.16 -15.06 56.71
CA SER F 249 -17.67 -14.56 57.98
C SER F 249 -18.43 -15.62 58.79
N MET F 250 -18.96 -16.65 58.11
CA MET F 250 -19.66 -17.75 58.78
C MET F 250 -18.71 -18.63 59.62
N ILE F 251 -17.38 -18.38 59.60
CA ILE F 251 -16.45 -19.09 60.48
C ILE F 251 -16.82 -18.75 61.95
N THR F 252 -17.21 -17.49 62.22
CA THR F 252 -17.58 -17.05 63.57
C THR F 252 -19.06 -16.62 63.71
N LYS F 253 -19.73 -16.24 62.62
CA LYS F 253 -21.12 -15.77 62.70
C LYS F 253 -22.12 -16.76 62.10
N PRO F 254 -23.35 -16.84 62.64
CA PRO F 254 -24.34 -17.81 62.10
C PRO F 254 -24.95 -17.44 60.73
N ARG F 255 -24.81 -16.17 60.31
CA ARG F 255 -25.35 -15.68 59.05
C ARG F 255 -24.24 -15.00 58.25
N PRO F 256 -24.22 -15.14 56.93
CA PRO F 256 -23.17 -14.50 56.13
C PRO F 256 -23.46 -13.02 55.81
N THR F 257 -22.47 -12.33 55.22
CA THR F 257 -22.64 -10.95 54.79
C THR F 257 -23.39 -10.92 53.44
N ARG F 258 -23.85 -9.72 53.02
CA ARG F 258 -24.55 -9.58 51.75
C ARG F 258 -23.62 -9.87 50.56
N ALA F 259 -22.33 -9.58 50.70
CA ALA F 259 -21.34 -9.87 49.66
C ALA F 259 -21.12 -11.37 49.48
N GLU F 260 -21.14 -12.11 50.60
CA GLU F 260 -20.94 -13.55 50.59
C GLU F 260 -22.06 -14.32 49.91
N THR F 261 -23.32 -14.00 50.21
CA THR F 261 -24.44 -14.69 49.55
C THR F 261 -24.43 -14.38 48.05
N SER F 262 -24.13 -13.13 47.69
CA SER F 262 -24.03 -12.68 46.32
C SER F 262 -22.90 -13.43 45.61
N ASP F 263 -21.75 -13.62 46.26
CA ASP F 263 -20.60 -14.36 45.71
C ASP F 263 -20.96 -15.80 45.34
N VAL F 264 -21.66 -16.52 46.24
CA VAL F 264 -22.08 -17.90 45.99
C VAL F 264 -23.03 -17.93 44.82
N ALA F 265 -24.01 -17.03 44.81
CA ALA F 265 -25.01 -16.98 43.75
C ALA F 265 -24.36 -16.71 42.40
N ASN F 266 -23.40 -15.76 42.37
CA ASN F 266 -22.71 -15.39 41.14
C ASN F 266 -21.78 -16.50 40.65
N ALA F 267 -21.20 -17.32 41.53
CA ALA F 267 -20.37 -18.44 41.08
C ALA F 267 -21.24 -19.48 40.34
N VAL F 268 -22.46 -19.74 40.86
CA VAL F 268 -23.41 -20.62 40.20
C VAL F 268 -23.85 -19.98 38.86
N LEU F 269 -24.19 -18.68 38.86
CA LEU F 269 -24.59 -18.01 37.62
C LEU F 269 -23.45 -17.96 36.59
N ASP F 270 -22.19 -17.89 37.03
CA ASP F 270 -21.04 -17.88 36.12
C ASP F 270 -20.96 -19.23 35.38
N GLY F 271 -21.37 -20.32 36.03
CA GLY F 271 -21.36 -21.65 35.44
C GLY F 271 -20.57 -22.68 36.21
N ALA F 272 -20.23 -22.41 37.49
CA ALA F 272 -19.46 -23.37 38.29
C ALA F 272 -20.21 -24.66 38.54
N ASP F 273 -19.53 -25.79 38.42
CA ASP F 273 -20.12 -27.10 38.72
C ASP F 273 -20.15 -27.32 40.21
N CYS F 274 -19.12 -26.87 40.93
CA CYS F 274 -18.99 -27.04 42.37
C CYS F 274 -18.68 -25.74 43.07
N ILE F 275 -19.09 -25.64 44.33
CA ILE F 275 -18.74 -24.53 45.22
C ILE F 275 -18.08 -25.13 46.46
N MET F 276 -17.15 -24.40 47.07
CA MET F 276 -16.37 -24.96 48.17
C MET F 276 -16.42 -24.14 49.45
N LEU F 277 -16.27 -24.84 50.59
CA LEU F 277 -16.17 -24.28 51.93
C LEU F 277 -14.81 -24.75 52.48
N SER F 278 -13.99 -23.81 52.98
CA SER F 278 -12.68 -24.17 53.53
C SER F 278 -12.71 -24.05 55.06
N GLY F 279 -12.27 -22.92 55.65
CA GLY F 279 -12.30 -22.67 57.08
C GLY F 279 -13.70 -22.73 57.66
N GLU F 280 -14.71 -22.35 56.84
CA GLU F 280 -16.13 -22.33 57.23
C GLU F 280 -16.57 -23.70 57.76
N THR F 281 -16.03 -24.80 57.16
CA THR F 281 -16.37 -26.14 57.62
C THR F 281 -15.22 -26.80 58.40
N ALA F 282 -13.97 -26.52 58.04
CA ALA F 282 -12.83 -27.14 58.70
C ALA F 282 -12.63 -26.71 60.13
N LYS F 283 -12.76 -25.42 60.43
CA LYS F 283 -12.49 -24.90 61.77
C LYS F 283 -13.54 -23.95 62.36
N GLY F 284 -14.57 -23.62 61.60
CA GLY F 284 -15.57 -22.67 62.05
C GLY F 284 -16.57 -23.17 63.06
N ASN F 285 -17.34 -22.26 63.65
CA ASN F 285 -18.36 -22.55 64.65
C ASN F 285 -19.68 -23.01 64.06
N PHE F 286 -19.90 -22.82 62.75
CA PHE F 286 -21.18 -23.22 62.14
C PHE F 286 -20.96 -24.05 60.86
N PRO F 287 -20.26 -25.20 60.91
CA PRO F 287 -20.02 -25.98 59.69
C PRO F 287 -21.27 -26.46 58.98
N VAL F 288 -22.26 -26.93 59.74
CA VAL F 288 -23.51 -27.44 59.18
C VAL F 288 -24.31 -26.27 58.58
N GLU F 289 -24.35 -25.12 59.27
CA GLU F 289 -25.07 -23.94 58.82
C GLU F 289 -24.44 -23.35 57.52
N ALA F 290 -23.11 -23.45 57.37
CA ALA F 290 -22.42 -23.00 56.17
C ALA F 290 -22.86 -23.86 54.97
N VAL F 291 -22.94 -25.20 55.17
CA VAL F 291 -23.37 -26.11 54.12
C VAL F 291 -24.83 -25.81 53.76
N LYS F 292 -25.69 -25.60 54.77
CA LYS F 292 -27.10 -25.29 54.55
C LYS F 292 -27.29 -23.98 53.76
N MET F 293 -26.44 -22.97 54.03
CA MET F 293 -26.48 -21.68 53.35
C MET F 293 -26.08 -21.83 51.90
N GLN F 294 -24.98 -22.56 51.61
CA GLN F 294 -24.57 -22.80 50.22
C GLN F 294 -25.64 -23.56 49.47
N HIS F 295 -26.29 -24.54 50.14
CA HIS F 295 -27.36 -25.32 49.54
C HIS F 295 -28.52 -24.39 49.14
N ALA F 296 -28.97 -23.52 50.08
CA ALA F 296 -30.08 -22.61 49.84
C ALA F 296 -29.82 -21.62 48.73
N ILE F 297 -28.60 -21.03 48.68
CA ILE F 297 -28.26 -20.05 47.66
C ILE F 297 -28.16 -20.71 46.27
N ALA F 298 -27.49 -21.87 46.18
CA ALA F 298 -27.33 -22.57 44.92
C ALA F 298 -28.67 -22.93 44.29
N ARG F 299 -29.65 -23.40 45.08
CA ARG F 299 -30.99 -23.69 44.54
C ARG F 299 -31.65 -22.44 43.94
N GLU F 300 -31.53 -21.27 44.63
CA GLU F 300 -32.11 -20.03 44.14
C GLU F 300 -31.41 -19.59 42.85
N ALA F 301 -30.07 -19.68 42.81
CA ALA F 301 -29.28 -19.27 41.65
C ALA F 301 -29.48 -20.16 40.45
N GLU F 302 -29.63 -21.48 40.66
CA GLU F 302 -29.88 -22.41 39.56
C GLU F 302 -31.19 -22.13 38.85
N ALA F 303 -32.25 -21.76 39.61
CA ALA F 303 -33.53 -21.45 39.00
C ALA F 303 -33.44 -20.15 38.17
N ALA F 304 -32.53 -19.21 38.54
CA ALA F 304 -32.35 -17.92 37.88
C ALA F 304 -31.43 -17.98 36.64
N VAL F 305 -30.89 -19.14 36.30
CA VAL F 305 -30.03 -19.31 35.11
C VAL F 305 -30.87 -19.03 33.84
N TYR F 306 -30.32 -18.27 32.87
CA TYR F 306 -31.06 -17.96 31.65
C TYR F 306 -30.83 -19.06 30.62
N HIS F 307 -31.47 -20.22 30.81
CA HIS F 307 -31.28 -21.40 29.93
C HIS F 307 -31.51 -21.14 28.47
N ARG F 308 -32.42 -20.22 28.11
CA ARG F 308 -32.71 -19.93 26.72
C ARG F 308 -31.45 -19.52 25.94
N GLN F 309 -30.65 -18.58 26.48
CA GLN F 309 -29.43 -18.19 25.77
C GLN F 309 -28.30 -19.16 26.07
N LEU F 310 -28.19 -19.64 27.31
CA LEU F 310 -27.14 -20.56 27.69
C LEU F 310 -27.13 -21.84 26.81
N PHE F 311 -28.28 -22.51 26.66
CA PHE F 311 -28.38 -23.71 25.85
C PHE F 311 -28.08 -23.41 24.38
N GLU F 312 -28.60 -22.30 23.84
CA GLU F 312 -28.34 -21.90 22.47
C GLU F 312 -26.84 -21.70 22.22
N GLU F 313 -26.13 -21.05 23.15
CA GLU F 313 -24.70 -20.82 23.00
C GLU F 313 -23.89 -22.08 23.17
N LEU F 314 -24.26 -22.96 24.12
CA LEU F 314 -23.55 -24.23 24.34
C LEU F 314 -23.71 -25.10 23.09
N ARG F 315 -24.91 -25.14 22.52
CA ARG F 315 -25.17 -25.91 21.30
C ARG F 315 -24.45 -25.33 20.06
N ARG F 316 -24.41 -24.00 19.90
CA ARG F 316 -23.73 -23.36 18.77
C ARG F 316 -22.20 -23.52 18.88
N ALA F 317 -21.66 -23.46 20.10
CA ALA F 317 -20.21 -23.54 20.32
C ALA F 317 -19.66 -24.95 20.28
N ALA F 318 -20.50 -25.95 20.60
CA ALA F 318 -20.02 -27.34 20.60
C ALA F 318 -19.86 -27.78 19.15
N PRO F 319 -18.70 -28.38 18.83
CA PRO F 319 -18.48 -28.78 17.43
C PRO F 319 -19.37 -29.95 17.01
N LEU F 320 -19.50 -30.19 15.69
CA LEU F 320 -20.24 -31.34 15.21
C LEU F 320 -19.56 -32.62 15.69
N SER F 321 -20.36 -33.67 15.91
CA SER F 321 -19.79 -34.89 16.43
C SER F 321 -20.37 -36.10 15.81
N ARG F 322 -19.54 -37.10 15.57
CA ARG F 322 -20.01 -38.38 15.09
C ARG F 322 -20.00 -39.43 16.22
N ASP F 323 -19.82 -39.01 17.50
CA ASP F 323 -19.84 -39.89 18.66
C ASP F 323 -21.30 -40.04 19.08
N PRO F 324 -21.83 -41.27 19.06
CA PRO F 324 -23.25 -41.44 19.41
C PRO F 324 -23.63 -41.00 20.81
N THR F 325 -22.70 -41.04 21.78
CA THR F 325 -23.00 -40.60 23.14
C THR F 325 -23.25 -39.07 23.14
N GLU F 326 -22.39 -38.34 22.42
CA GLU F 326 -22.43 -36.90 22.27
C GLU F 326 -23.72 -36.49 21.52
N VAL F 327 -24.07 -37.23 20.47
CA VAL F 327 -25.27 -36.99 19.67
C VAL F 327 -26.54 -37.28 20.47
N THR F 328 -26.54 -38.37 21.25
CA THR F 328 -27.69 -38.74 22.08
C THR F 328 -27.90 -37.72 23.17
N ALA F 329 -26.80 -37.23 23.79
CA ALA F 329 -26.85 -36.26 24.87
C ALA F 329 -27.54 -34.95 24.45
N ILE F 330 -27.20 -34.37 23.29
CA ILE F 330 -27.84 -33.14 22.86
C ILE F 330 -29.32 -33.39 22.47
N GLY F 331 -29.62 -34.54 21.86
CA GLY F 331 -31.00 -34.90 21.52
C GLY F 331 -31.85 -35.05 22.77
N ALA F 332 -31.29 -35.69 23.82
CA ALA F 332 -31.99 -35.90 25.09
C ALA F 332 -32.22 -34.58 25.86
N VAL F 333 -31.23 -33.65 25.84
CA VAL F 333 -31.38 -32.36 26.51
C VAL F 333 -32.43 -31.52 25.78
N GLU F 334 -32.41 -31.55 24.45
CA GLU F 334 -33.39 -30.85 23.63
CA GLU F 334 -33.38 -30.84 23.63
C GLU F 334 -34.80 -31.35 23.93
N ALA F 335 -34.97 -32.71 24.02
CA ALA F 335 -36.25 -33.35 24.31
C ALA F 335 -36.73 -32.99 25.72
N ALA F 336 -35.82 -32.99 26.71
CA ALA F 336 -36.15 -32.62 28.08
C ALA F 336 -36.71 -31.16 28.16
N PHE F 337 -36.09 -30.22 27.43
CA PHE F 337 -36.58 -28.84 27.41
C PHE F 337 -37.95 -28.72 26.73
N LYS F 338 -38.19 -29.49 25.67
CA LYS F 338 -39.44 -29.46 24.91
C LYS F 338 -40.67 -29.83 25.75
N CYS F 339 -40.51 -30.77 26.68
CA CYS F 339 -41.62 -31.22 27.48
C CYS F 339 -41.58 -30.80 28.94
N CYS F 340 -40.54 -30.02 29.36
CA CYS F 340 -40.32 -29.63 30.75
C CYS F 340 -40.12 -30.90 31.58
N ALA F 341 -39.28 -31.82 31.08
CA ALA F 341 -39.04 -33.11 31.72
C ALA F 341 -38.52 -32.96 33.10
N ALA F 342 -38.97 -33.81 34.00
CA ALA F 342 -38.57 -33.72 35.39
C ALA F 342 -37.12 -34.23 35.56
N ALA F 343 -36.74 -35.26 34.80
CA ALA F 343 -35.43 -35.88 34.92
C ALA F 343 -35.00 -36.57 33.62
N ILE F 344 -33.70 -36.80 33.48
CA ILE F 344 -33.11 -37.55 32.41
C ILE F 344 -32.43 -38.68 33.16
N ILE F 345 -32.91 -39.93 32.95
CA ILE F 345 -32.33 -41.07 33.62
C ILE F 345 -31.31 -41.68 32.68
N VAL F 346 -30.06 -41.77 33.10
CA VAL F 346 -29.00 -42.28 32.24
C VAL F 346 -28.27 -43.45 32.90
N LEU F 347 -28.01 -44.49 32.11
CA LEU F 347 -27.25 -45.66 32.58
C LEU F 347 -25.80 -45.35 32.25
N THR F 348 -24.92 -45.38 33.25
CA THR F 348 -23.52 -45.07 32.99
C THR F 348 -22.59 -45.98 33.78
N THR F 349 -21.46 -46.32 33.18
CA THR F 349 -20.47 -47.17 33.84
C THR F 349 -19.37 -46.31 34.44
N THR F 350 -18.81 -45.39 33.64
CA THR F 350 -17.72 -44.51 34.05
C THR F 350 -18.17 -43.10 34.47
N GLY F 351 -19.43 -42.76 34.19
CA GLY F 351 -19.98 -41.43 34.44
C GLY F 351 -19.99 -40.55 33.19
N ARG F 352 -19.28 -40.97 32.09
CA ARG F 352 -19.17 -40.17 30.88
C ARG F 352 -20.51 -39.77 30.25
N SER F 353 -21.48 -40.70 30.11
CA SER F 353 -22.78 -40.35 29.50
C SER F 353 -23.50 -39.28 30.31
N ALA F 354 -23.37 -39.29 31.63
CA ALA F 354 -24.00 -38.30 32.48
C ALA F 354 -23.25 -36.94 32.34
N GLN F 355 -21.90 -36.97 32.20
CA GLN F 355 -21.10 -35.78 31.99
C GLN F 355 -21.48 -35.06 30.67
N LEU F 356 -21.69 -35.80 29.60
CA LEU F 356 -22.07 -35.23 28.32
C LEU F 356 -23.49 -34.65 28.33
N LEU F 357 -24.37 -35.13 29.21
CA LEU F 357 -25.71 -34.56 29.34
C LEU F 357 -25.56 -33.24 30.13
N SER F 358 -24.79 -33.28 31.24
CA SER F 358 -24.49 -32.18 32.13
C SER F 358 -23.88 -30.94 31.42
N ARG F 359 -23.05 -31.14 30.39
CA ARG F 359 -22.41 -30.04 29.68
C ARG F 359 -23.41 -29.12 28.96
N TYR F 360 -24.62 -29.60 28.65
CA TYR F 360 -25.63 -28.77 28.00
C TYR F 360 -26.53 -28.04 28.98
N ARG F 361 -26.25 -28.17 30.29
CA ARG F 361 -26.95 -27.53 31.39
C ARG F 361 -28.47 -27.67 31.30
N PRO F 362 -29.00 -28.92 31.29
CA PRO F 362 -30.44 -29.08 31.27
C PRO F 362 -31.04 -28.60 32.60
N ARG F 363 -32.30 -28.15 32.54
CA ARG F 363 -33.03 -27.80 33.74
C ARG F 363 -33.37 -29.13 34.45
N ALA F 364 -33.71 -30.20 33.69
CA ALA F 364 -34.00 -31.55 34.21
C ALA F 364 -32.84 -32.19 34.99
N ALA F 365 -33.13 -32.79 36.14
CA ALA F 365 -32.11 -33.48 36.90
C ALA F 365 -31.56 -34.68 36.10
N VAL F 366 -30.25 -34.93 36.16
CA VAL F 366 -29.65 -36.07 35.48
C VAL F 366 -29.46 -37.17 36.53
N ILE F 367 -30.36 -38.17 36.54
CA ILE F 367 -30.28 -39.28 37.47
C ILE F 367 -29.40 -40.37 36.84
N ALA F 368 -28.17 -40.52 37.37
CA ALA F 368 -27.21 -41.45 36.80
C ALA F 368 -27.21 -42.78 37.57
N VAL F 369 -27.70 -43.85 36.94
CA VAL F 369 -27.74 -45.17 37.57
C VAL F 369 -26.47 -45.93 37.20
N THR F 370 -25.66 -46.27 38.20
CA THR F 370 -24.39 -46.92 37.96
C THR F 370 -24.13 -48.03 38.97
N ARG F 371 -23.36 -49.03 38.57
CA ARG F 371 -22.91 -50.09 39.48
C ARG F 371 -21.53 -49.72 40.09
N SER F 372 -20.79 -48.75 39.48
CA SER F 372 -19.49 -48.32 39.96
C SER F 372 -19.63 -47.32 41.13
N ALA F 373 -19.17 -47.72 42.32
CA ALA F 373 -19.21 -46.87 43.50
C ALA F 373 -18.30 -45.65 43.30
N GLN F 374 -17.14 -45.82 42.65
CA GLN F 374 -16.24 -44.71 42.38
C GLN F 374 -16.87 -43.71 41.40
N ALA F 375 -17.51 -44.19 40.31
CA ALA F 375 -18.18 -43.30 39.35
C ALA F 375 -19.31 -42.54 40.05
N ALA F 376 -20.09 -43.23 40.92
CA ALA F 376 -21.17 -42.60 41.68
C ALA F 376 -20.63 -41.43 42.55
N ARG F 377 -19.44 -41.59 43.15
CA ARG F 377 -18.83 -40.54 43.93
C ARG F 377 -18.26 -39.41 43.05
N GLN F 378 -17.58 -39.78 41.97
CA GLN F 378 -16.95 -38.79 41.09
C GLN F 378 -17.93 -37.95 40.26
N VAL F 379 -19.14 -38.44 39.90
CA VAL F 379 -20.09 -37.64 39.11
C VAL F 379 -20.61 -36.41 39.87
N HIS F 380 -20.34 -36.30 41.19
CA HIS F 380 -20.67 -35.10 41.95
C HIS F 380 -19.89 -33.88 41.36
N LEU F 381 -18.81 -34.11 40.61
CA LEU F 381 -18.06 -33.04 39.99
C LEU F 381 -18.88 -32.35 38.89
N CYS F 382 -19.87 -33.02 38.29
CA CYS F 382 -20.68 -32.50 37.19
C CYS F 382 -22.00 -31.97 37.66
N ARG F 383 -22.28 -30.70 37.36
CA ARG F 383 -23.50 -30.07 37.79
C ARG F 383 -24.78 -30.78 37.31
N GLY F 384 -25.68 -31.02 38.24
CA GLY F 384 -26.98 -31.61 37.94
C GLY F 384 -27.01 -33.11 37.82
N VAL F 385 -25.93 -33.79 38.22
CA VAL F 385 -25.89 -35.25 38.18
C VAL F 385 -26.14 -35.82 39.57
N PHE F 386 -27.19 -36.62 39.71
CA PHE F 386 -27.60 -37.25 40.95
C PHE F 386 -27.30 -38.75 40.85
N PRO F 387 -26.22 -39.19 41.50
CA PRO F 387 -25.82 -40.60 41.38
C PRO F 387 -26.64 -41.61 42.19
N LEU F 388 -27.07 -42.71 41.55
CA LEU F 388 -27.74 -43.81 42.26
C LEU F 388 -26.90 -45.05 42.11
N LEU F 389 -26.43 -45.60 43.23
CA LEU F 389 -25.62 -46.81 43.18
C LEU F 389 -26.52 -48.05 43.15
N TYR F 390 -26.46 -48.82 42.07
CA TYR F 390 -27.24 -50.04 41.87
C TYR F 390 -26.43 -51.23 42.38
N ARG F 391 -26.97 -52.00 43.32
CA ARG F 391 -26.22 -53.10 43.92
C ARG F 391 -26.67 -54.51 43.49
N GLU F 392 -27.81 -54.63 42.80
CA GLU F 392 -28.34 -55.93 42.38
C GLU F 392 -27.47 -56.73 41.43
N PRO F 393 -27.46 -58.07 41.58
CA PRO F 393 -26.68 -58.91 40.66
C PRO F 393 -27.33 -58.94 39.28
N PRO F 394 -26.52 -59.06 38.22
CA PRO F 394 -27.07 -58.99 36.86
C PRO F 394 -28.12 -60.04 36.52
N GLU F 395 -29.11 -59.64 35.70
CA GLU F 395 -30.14 -60.53 35.16
C GLU F 395 -29.45 -61.38 34.06
N ALA F 396 -30.06 -62.53 33.71
CA ALA F 396 -29.54 -63.39 32.66
C ALA F 396 -29.67 -62.69 31.30
N ILE F 397 -30.82 -62.05 31.06
CA ILE F 397 -31.06 -61.31 29.81
C ILE F 397 -30.64 -59.84 30.03
N TRP F 398 -29.68 -59.36 29.21
CA TRP F 398 -29.17 -57.99 29.32
C TRP F 398 -30.25 -56.92 29.20
N ALA F 399 -31.18 -57.05 28.25
CA ALA F 399 -32.28 -56.09 28.08
C ALA F 399 -33.15 -55.98 29.35
N ASP F 400 -33.31 -57.10 30.07
CA ASP F 400 -34.06 -57.10 31.32
C ASP F 400 -33.27 -56.41 32.43
N ASP F 401 -31.94 -56.57 32.43
CA ASP F 401 -31.07 -55.95 33.42
C ASP F 401 -31.10 -54.40 33.24
N VAL F 402 -31.11 -53.94 31.96
CA VAL F 402 -31.21 -52.55 31.57
C VAL F 402 -32.53 -52.01 32.06
N ASP F 403 -33.66 -52.68 31.77
CA ASP F 403 -34.99 -52.26 32.23
C ASP F 403 -35.09 -52.20 33.73
N ARG F 404 -34.47 -53.14 34.46
CA ARG F 404 -34.52 -53.11 35.92
C ARG F 404 -33.83 -51.88 36.49
N ARG F 405 -32.71 -51.47 35.89
CA ARG F 405 -31.96 -50.31 36.34
C ARG F 405 -32.74 -49.00 36.03
N VAL F 406 -33.41 -48.94 34.86
CA VAL F 406 -34.23 -47.79 34.51
C VAL F 406 -35.39 -47.66 35.52
N GLN F 407 -36.04 -48.80 35.85
CA GLN F 407 -37.13 -48.82 36.82
C GLN F 407 -36.65 -48.46 38.22
N PHE F 408 -35.43 -48.86 38.61
CA PHE F 408 -34.82 -48.51 39.88
C PHE F 408 -34.69 -46.97 39.95
N GLY F 409 -34.27 -46.34 38.85
CA GLY F 409 -34.13 -44.89 38.73
C GLY F 409 -35.47 -44.18 38.86
N ILE F 410 -36.52 -44.74 38.21
CA ILE F 410 -37.87 -44.19 38.24
C ILE F 410 -38.48 -44.32 39.61
N GLU F 411 -38.36 -45.49 40.24
CA GLU F 411 -38.91 -45.72 41.58
C GLU F 411 -38.18 -44.91 42.63
N SER F 412 -36.86 -44.83 42.55
CA SER F 412 -36.10 -44.03 43.52
C SER F 412 -36.41 -42.54 43.34
N GLY F 413 -36.55 -42.10 42.09
CA GLY F 413 -36.89 -40.73 41.75
C GLY F 413 -38.26 -40.36 42.27
N LYS F 414 -39.27 -41.27 42.15
CA LYS F 414 -40.62 -41.01 42.65
C LYS F 414 -40.61 -40.97 44.18
N LEU F 415 -39.90 -41.92 44.79
CA LEU F 415 -39.80 -42.04 46.24
C LEU F 415 -39.13 -40.81 46.86
N ARG F 416 -38.21 -40.14 46.14
CA ARG F 416 -37.49 -38.95 46.62
C ARG F 416 -38.11 -37.61 46.14
N GLY F 417 -39.26 -37.64 45.49
CA GLY F 417 -39.90 -36.43 45.00
C GLY F 417 -39.35 -35.86 43.71
N PHE F 418 -38.26 -36.44 43.18
CA PHE F 418 -37.71 -36.03 41.89
C PHE F 418 -38.75 -36.21 40.77
N LEU F 419 -39.55 -37.26 40.87
CA LEU F 419 -40.54 -37.59 39.85
C LEU F 419 -41.90 -37.70 40.46
N ARG F 420 -42.88 -37.35 39.65
CA ARG F 420 -44.28 -37.34 40.01
C ARG F 420 -45.07 -38.04 38.88
N VAL F 421 -46.19 -38.72 39.22
CA VAL F 421 -47.02 -39.35 38.20
C VAL F 421 -47.55 -38.26 37.24
N GLY F 422 -47.49 -38.54 35.95
CA GLY F 422 -47.85 -37.56 34.93
C GLY F 422 -46.65 -36.87 34.32
N ASP F 423 -45.47 -36.99 34.96
CA ASP F 423 -44.24 -36.38 34.47
C ASP F 423 -43.70 -37.11 33.28
N LEU F 424 -43.00 -36.37 32.41
CA LEU F 424 -42.30 -36.97 31.29
C LEU F 424 -40.85 -37.07 31.70
N VAL F 425 -40.24 -38.16 31.33
CA VAL F 425 -38.85 -38.46 31.67
C VAL F 425 -38.10 -38.87 30.39
N ILE F 426 -36.81 -38.59 30.33
CA ILE F 426 -36.02 -38.95 29.15
C ILE F 426 -35.07 -40.03 29.62
N VAL F 427 -35.05 -41.20 28.95
CA VAL F 427 -34.19 -42.31 29.37
C VAL F 427 -33.08 -42.52 28.37
N VAL F 428 -31.83 -42.45 28.81
CA VAL F 428 -30.67 -42.58 27.94
C VAL F 428 -29.93 -43.87 28.24
N THR F 429 -29.87 -44.78 27.24
CA THR F 429 -29.25 -46.12 27.35
C THR F 429 -28.41 -46.41 26.06
N GLY F 430 -27.75 -47.57 26.04
CA GLY F 430 -26.96 -48.02 24.89
C GLY F 430 -27.53 -49.28 24.27
N TRP F 431 -26.98 -49.68 23.12
CA TRP F 431 -27.48 -50.84 22.37
C TRP F 431 -26.86 -52.18 22.77
N ARG F 432 -25.65 -52.17 23.34
CA ARG F 432 -24.94 -53.36 23.81
C ARG F 432 -24.26 -53.05 25.18
N PRO F 433 -23.88 -54.06 25.99
CA PRO F 433 -23.25 -53.74 27.29
C PRO F 433 -21.84 -53.15 27.18
N GLY F 434 -21.34 -52.60 28.29
CA GLY F 434 -20.03 -51.96 28.36
C GLY F 434 -20.07 -50.47 28.08
N SER F 435 -19.05 -49.74 28.52
CA SER F 435 -18.94 -48.30 28.30
C SER F 435 -18.74 -47.95 26.84
N GLY F 436 -19.21 -46.76 26.46
CA GLY F 436 -18.98 -46.21 25.13
C GLY F 436 -20.05 -46.44 24.09
N TYR F 437 -21.15 -47.10 24.45
CA TYR F 437 -22.17 -47.45 23.47
C TYR F 437 -23.52 -46.76 23.62
N THR F 438 -23.64 -45.69 24.47
CA THR F 438 -24.90 -44.96 24.60
C THR F 438 -25.36 -44.43 23.23
N ASN F 439 -26.60 -44.71 22.82
CA ASN F 439 -27.10 -44.29 21.53
C ASN F 439 -28.65 -44.23 21.48
N ILE F 440 -29.33 -44.41 22.63
CA ILE F 440 -30.78 -44.42 22.66
C ILE F 440 -31.33 -43.39 23.62
N MET F 441 -32.40 -42.75 23.20
CA MET F 441 -33.10 -41.80 24.02
CA MET F 441 -33.12 -41.73 23.96
C MET F 441 -34.60 -42.14 23.91
N ARG F 442 -35.26 -42.31 25.06
CA ARG F 442 -36.68 -42.67 25.08
C ARG F 442 -37.49 -41.66 25.88
N VAL F 443 -38.70 -41.34 25.41
CA VAL F 443 -39.59 -40.44 26.12
C VAL F 443 -40.58 -41.34 26.86
N LEU F 444 -40.63 -41.24 28.18
CA LEU F 444 -41.53 -42.07 28.99
CA LEU F 444 -41.50 -42.07 28.99
C LEU F 444 -42.45 -41.24 29.86
N SER F 445 -43.73 -41.66 29.97
CA SER F 445 -44.68 -40.97 30.84
C SER F 445 -44.70 -41.73 32.17
N ILE F 446 -44.57 -41.01 33.29
CA ILE F 446 -44.54 -41.66 34.59
CA ILE F 446 -44.54 -41.66 34.59
C ILE F 446 -45.95 -42.01 35.06
N SER F 447 -46.17 -43.27 35.39
CA SER F 447 -47.48 -43.76 35.81
C SER F 447 -47.53 -44.14 37.31
N ALA G 25 -54.30 3.29 14.27
CA ALA G 25 -54.39 3.28 12.81
C ALA G 25 -53.02 3.40 12.17
N PHE G 26 -52.14 4.25 12.74
CA PHE G 26 -50.78 4.44 12.24
C PHE G 26 -50.00 3.12 12.33
N PHE G 27 -50.14 2.42 13.46
CA PHE G 27 -49.41 1.18 13.69
C PHE G 27 -50.00 -0.04 12.99
N GLN G 28 -51.12 0.11 12.24
CA GLN G 28 -51.68 -0.98 11.46
C GLN G 28 -51.25 -0.90 9.97
N GLN G 29 -50.87 0.31 9.49
CA GLN G 29 -50.40 0.56 8.13
C GLN G 29 -48.91 0.15 7.97
N GLN G 30 -48.41 0.16 6.70
CA GLN G 30 -47.05 -0.15 6.27
C GLN G 30 -46.41 -1.37 6.97
N GLN G 31 -47.21 -2.43 7.20
CA GLN G 31 -46.81 -3.69 7.83
C GLN G 31 -46.09 -3.48 9.17
N LEU G 32 -46.54 -2.48 9.95
CA LEU G 32 -45.90 -2.20 11.23
C LEU G 32 -46.09 -3.33 12.26
N PRO G 33 -47.24 -4.05 12.35
CA PRO G 33 -47.30 -5.21 13.26
C PRO G 33 -46.26 -6.27 12.88
N ALA G 34 -46.06 -6.52 11.57
CA ALA G 34 -45.05 -7.48 11.09
C ALA G 34 -43.61 -6.98 11.34
N ALA G 35 -43.42 -5.66 11.27
CA ALA G 35 -42.12 -5.03 11.51
C ALA G 35 -41.67 -5.13 12.98
N MET G 36 -42.65 -5.15 13.92
CA MET G 36 -42.35 -5.25 15.35
C MET G 36 -42.09 -6.69 15.83
N ALA G 37 -42.25 -7.70 14.95
CA ALA G 37 -42.09 -9.10 15.33
C ALA G 37 -40.69 -9.44 15.82
N ASP G 38 -40.59 -10.41 16.75
CA ASP G 38 -39.33 -10.81 17.36
C ASP G 38 -38.54 -11.85 16.56
N THR G 39 -39.19 -12.53 15.61
CA THR G 39 -38.53 -13.50 14.74
C THR G 39 -38.99 -13.28 13.31
N PHE G 40 -38.20 -13.75 12.33
CA PHE G 40 -38.57 -13.64 10.92
C PHE G 40 -39.85 -14.47 10.64
N LEU G 41 -39.99 -15.63 11.32
CA LEU G 41 -41.17 -16.48 11.18
C LEU G 41 -42.44 -15.73 11.61
N GLU G 42 -42.39 -15.06 12.78
CA GLU G 42 -43.51 -14.25 13.30
CA GLU G 42 -43.54 -14.29 13.26
C GLU G 42 -43.81 -13.09 12.36
N HIS G 43 -42.75 -12.49 11.78
CA HIS G 43 -42.86 -11.38 10.84
C HIS G 43 -43.67 -11.83 9.63
N LEU G 44 -43.37 -13.03 9.08
CA LEU G 44 -44.10 -13.58 7.94
C LEU G 44 -45.58 -13.77 8.30
N CYS G 45 -45.85 -14.40 9.46
CA CYS G 45 -47.21 -14.67 9.95
C CYS G 45 -48.05 -13.40 10.11
N LEU G 46 -47.40 -12.27 10.39
CA LEU G 46 -48.09 -11.01 10.62
C LEU G 46 -48.27 -10.14 9.39
N LEU G 47 -47.80 -10.59 8.21
CA LEU G 47 -47.97 -9.81 6.98
C LEU G 47 -49.46 -9.71 6.66
N ASP G 48 -49.95 -8.52 6.29
CA ASP G 48 -51.37 -8.28 6.11
C ASP G 48 -51.65 -7.63 4.76
N ILE G 49 -52.52 -8.24 3.94
CA ILE G 49 -52.91 -7.67 2.65
C ILE G 49 -53.72 -6.35 2.81
N ASP G 50 -54.33 -6.14 3.98
CA ASP G 50 -55.10 -4.94 4.29
C ASP G 50 -54.25 -3.81 4.85
N SER G 51 -52.98 -4.07 5.18
CA SER G 51 -52.07 -3.05 5.70
C SER G 51 -51.53 -2.28 4.52
N GLU G 52 -52.04 -1.07 4.28
CA GLU G 52 -51.65 -0.28 3.12
C GLU G 52 -50.30 0.40 3.25
N PRO G 53 -49.53 0.43 2.13
CA PRO G 53 -48.23 1.12 2.17
C PRO G 53 -48.45 2.63 2.25
N VAL G 54 -47.69 3.29 3.12
CA VAL G 54 -47.80 4.73 3.29
C VAL G 54 -46.57 5.44 2.76
N ALA G 55 -45.38 4.86 2.98
CA ALA G 55 -44.12 5.41 2.52
C ALA G 55 -44.01 5.54 1.01
N ALA G 56 -43.22 6.49 0.54
CA ALA G 56 -43.00 6.66 -0.90
C ALA G 56 -42.15 5.47 -1.39
N ARG G 57 -42.35 5.07 -2.66
CA ARG G 57 -41.62 3.96 -3.26
C ARG G 57 -40.13 4.28 -3.34
N SER G 58 -39.29 3.46 -2.72
CA SER G 58 -37.88 3.71 -2.61
C SER G 58 -36.97 2.97 -3.64
N THR G 59 -37.42 1.87 -4.21
CA THR G 59 -36.63 1.14 -5.20
C THR G 59 -36.81 1.82 -6.55
N SER G 60 -35.71 2.33 -7.14
CA SER G 60 -35.83 3.03 -8.43
C SER G 60 -36.18 2.13 -9.58
N ILE G 61 -36.86 2.70 -10.57
CA ILE G 61 -37.27 1.96 -11.75
C ILE G 61 -36.45 2.45 -12.93
N ILE G 62 -35.72 1.53 -13.57
CA ILE G 62 -34.97 1.85 -14.78
C ILE G 62 -35.81 1.36 -15.95
N ALA G 63 -36.19 2.26 -16.87
CA ALA G 63 -36.97 1.84 -18.04
C ALA G 63 -36.16 2.02 -19.31
N THR G 64 -36.16 1.00 -20.16
CA THR G 64 -35.42 1.06 -21.43
C THR G 64 -36.19 1.86 -22.48
N ILE G 65 -35.52 2.83 -23.09
CA ILE G 65 -36.11 3.69 -24.10
C ILE G 65 -35.95 3.06 -25.49
N GLY G 66 -37.06 3.01 -26.22
CA GLY G 66 -37.11 2.44 -27.57
C GLY G 66 -38.32 2.94 -28.34
N PRO G 67 -38.68 2.26 -29.46
CA PRO G 67 -39.84 2.71 -30.26
C PRO G 67 -41.13 2.88 -29.48
N ALA G 68 -41.37 2.02 -28.46
CA ALA G 68 -42.59 2.12 -27.67
C ALA G 68 -42.59 3.26 -26.61
N SER G 69 -41.44 3.88 -26.35
CA SER G 69 -41.32 4.87 -25.29
C SER G 69 -40.41 6.05 -25.68
N ARG G 70 -40.51 6.51 -26.92
CA ARG G 70 -39.63 7.56 -27.40
C ARG G 70 -40.23 8.94 -27.50
N SER G 71 -41.54 9.03 -27.76
CA SER G 71 -42.19 10.33 -27.90
C SER G 71 -42.17 11.12 -26.59
N VAL G 72 -42.10 12.45 -26.68
CA VAL G 72 -42.08 13.34 -25.53
C VAL G 72 -43.34 13.14 -24.67
N GLU G 73 -44.50 12.92 -25.32
CA GLU G 73 -45.76 12.69 -24.61
C GLU G 73 -45.78 11.35 -23.86
N ARG G 74 -45.24 10.31 -24.48
CA ARG G 74 -45.16 8.99 -23.86
C ARG G 74 -44.18 9.04 -22.67
N LEU G 75 -43.04 9.73 -22.85
CA LEU G 75 -42.03 9.89 -21.81
C LEU G 75 -42.54 10.66 -20.61
N LYS G 76 -43.42 11.66 -20.82
CA LYS G 76 -44.07 12.40 -19.73
C LYS G 76 -44.94 11.46 -18.90
N GLU G 77 -45.67 10.54 -19.56
CA GLU G 77 -46.51 9.57 -18.89
C GLU G 77 -45.68 8.57 -18.09
N MET G 78 -44.51 8.19 -18.61
CA MET G 78 -43.63 7.25 -17.91
CA MET G 78 -43.63 7.25 -17.91
C MET G 78 -43.00 7.89 -16.68
N ILE G 79 -42.71 9.19 -16.74
CA ILE G 79 -42.18 9.93 -15.60
C ILE G 79 -43.25 9.98 -14.51
N LYS G 80 -44.51 10.23 -14.90
CA LYS G 80 -45.64 10.25 -13.95
C LYS G 80 -45.91 8.86 -13.35
N ALA G 81 -45.69 7.80 -14.12
CA ALA G 81 -45.86 6.43 -13.64
C ALA G 81 -44.74 5.98 -12.63
N GLY G 82 -43.59 6.66 -12.67
CA GLY G 82 -42.51 6.36 -11.74
C GLY G 82 -41.12 6.08 -12.30
N MET G 83 -40.89 6.31 -13.60
CA MET G 83 -39.57 6.06 -14.18
C MET G 83 -38.54 7.02 -13.59
N ASN G 84 -37.43 6.50 -13.07
CA ASN G 84 -36.38 7.32 -12.48
C ASN G 84 -35.12 7.38 -13.33
N ILE G 85 -34.85 6.30 -14.08
CA ILE G 85 -33.65 6.21 -14.91
C ILE G 85 -34.09 5.72 -16.27
N ALA G 86 -33.66 6.40 -17.33
CA ALA G 86 -33.92 6.04 -18.71
C ALA G 86 -32.69 5.29 -19.25
N ARG G 87 -32.88 4.05 -19.66
CA ARG G 87 -31.79 3.24 -20.19
C ARG G 87 -31.74 3.27 -21.72
N LEU G 88 -30.58 3.62 -22.29
CA LEU G 88 -30.39 3.58 -23.73
C LEU G 88 -29.59 2.31 -24.06
N ASN G 89 -30.18 1.37 -24.77
CA ASN G 89 -29.48 0.13 -25.13
C ASN G 89 -28.69 0.32 -26.42
N PHE G 90 -27.39 0.49 -26.29
CA PHE G 90 -26.51 0.69 -27.44
C PHE G 90 -26.23 -0.60 -28.23
N SER G 91 -26.90 -1.71 -27.89
CA SER G 91 -26.82 -2.92 -28.69
C SER G 91 -27.64 -2.73 -30.01
N HIS G 92 -28.57 -1.75 -30.04
CA HIS G 92 -29.40 -1.44 -31.21
C HIS G 92 -29.43 0.07 -31.43
N GLY G 93 -29.64 0.49 -32.66
CA GLY G 93 -29.79 1.91 -32.98
C GLY G 93 -28.51 2.67 -33.18
N SER G 94 -28.59 3.76 -33.93
CA SER G 94 -27.44 4.59 -34.25
C SER G 94 -27.21 5.68 -33.17
N HIS G 95 -26.09 6.41 -33.27
CA HIS G 95 -25.80 7.51 -32.38
C HIS G 95 -26.86 8.61 -32.57
N GLU G 96 -27.30 8.84 -33.82
CA GLU G 96 -28.32 9.86 -34.09
C GLU G 96 -29.65 9.47 -33.42
N TYR G 97 -30.00 8.17 -33.46
CA TYR G 97 -31.20 7.66 -32.85
C TYR G 97 -31.15 7.88 -31.31
N HIS G 98 -30.02 7.52 -30.67
CA HIS G 98 -29.88 7.69 -29.23
C HIS G 98 -29.81 9.16 -28.81
N ALA G 99 -29.22 10.04 -29.63
CA ALA G 99 -29.19 11.47 -29.32
C ALA G 99 -30.61 12.05 -29.30
N GLU G 100 -31.48 11.58 -30.22
CA GLU G 100 -32.86 12.04 -30.28
CA GLU G 100 -32.86 12.05 -30.26
C GLU G 100 -33.61 11.53 -29.04
N SER G 101 -33.34 10.27 -28.61
CA SER G 101 -33.95 9.69 -27.41
C SER G 101 -33.56 10.54 -26.17
N ILE G 102 -32.27 10.90 -26.04
CA ILE G 102 -31.76 11.73 -24.95
C ILE G 102 -32.48 13.11 -24.94
N ALA G 103 -32.58 13.74 -26.12
CA ALA G 103 -33.23 15.04 -26.24
C ALA G 103 -34.72 15.00 -25.85
N ASN G 104 -35.42 13.90 -26.21
CA ASN G 104 -36.83 13.71 -25.87
C ASN G 104 -37.02 13.49 -24.39
N VAL G 105 -36.09 12.72 -23.75
CA VAL G 105 -36.16 12.48 -22.31
C VAL G 105 -35.97 13.82 -21.60
N ARG G 106 -34.94 14.59 -21.96
CA ARG G 106 -34.68 15.89 -21.36
C ARG G 106 -35.83 16.89 -21.57
N GLU G 107 -36.50 16.87 -22.73
CA GLU G 107 -37.64 17.73 -22.99
C GLU G 107 -38.83 17.34 -22.08
N ALA G 108 -39.11 16.02 -21.97
CA ALA G 108 -40.19 15.56 -21.10
C ALA G 108 -39.88 15.87 -19.60
N VAL G 109 -38.63 15.70 -19.17
CA VAL G 109 -38.24 15.97 -17.79
C VAL G 109 -38.39 17.46 -17.48
N GLU G 110 -37.93 18.33 -18.39
CA GLU G 110 -38.00 19.77 -18.17
C GLU G 110 -39.40 20.37 -18.32
N SER G 111 -40.36 19.59 -18.85
CA SER G 111 -41.73 20.08 -18.95
C SER G 111 -42.41 20.22 -17.57
N PHE G 112 -41.81 19.67 -16.50
CA PHE G 112 -42.31 19.77 -15.13
C PHE G 112 -41.45 20.72 -14.27
N ALA G 113 -40.39 21.34 -14.84
CA ALA G 113 -39.46 22.21 -14.10
C ALA G 113 -40.07 23.54 -13.61
N GLY G 114 -41.27 23.88 -14.11
CA GLY G 114 -41.99 25.07 -13.70
C GLY G 114 -42.42 25.03 -12.24
N SER G 115 -42.50 23.83 -11.66
CA SER G 115 -42.86 23.64 -10.26
C SER G 115 -41.64 22.99 -9.55
N PRO G 116 -40.69 23.82 -9.05
CA PRO G 116 -39.47 23.25 -8.42
C PRO G 116 -39.67 22.35 -7.18
N LEU G 117 -40.75 22.57 -6.39
CA LEU G 117 -41.01 21.72 -5.24
C LEU G 117 -41.54 20.31 -5.62
N SER G 118 -41.94 20.10 -6.90
CA SER G 118 -42.42 18.78 -7.33
C SER G 118 -41.60 18.14 -8.52
N TYR G 119 -40.63 18.91 -9.08
CA TYR G 119 -39.82 18.46 -10.21
C TYR G 119 -39.08 17.14 -9.93
N ARG G 120 -39.13 16.21 -10.89
CA ARG G 120 -38.45 14.92 -10.73
C ARG G 120 -37.28 14.75 -11.67
N PRO G 121 -36.04 14.73 -11.16
CA PRO G 121 -34.88 14.45 -12.04
C PRO G 121 -34.90 13.04 -12.59
N VAL G 122 -34.44 12.83 -13.83
CA VAL G 122 -34.41 11.48 -14.43
C VAL G 122 -32.99 11.23 -14.94
N ALA G 123 -32.34 10.15 -14.49
CA ALA G 123 -31.00 9.83 -14.93
C ALA G 123 -30.98 9.21 -16.32
N ILE G 124 -29.90 9.45 -17.06
CA ILE G 124 -29.75 8.80 -18.35
C ILE G 124 -28.58 7.81 -18.26
N ALA G 125 -28.88 6.55 -18.51
CA ALA G 125 -27.88 5.49 -18.45
C ALA G 125 -27.60 4.91 -19.85
N LEU G 126 -26.33 4.70 -20.15
CA LEU G 126 -25.93 4.14 -21.43
C LEU G 126 -25.55 2.68 -21.21
N ASP G 127 -26.25 1.74 -21.84
CA ASP G 127 -25.94 0.32 -21.72
C ASP G 127 -25.09 -0.06 -22.97
N THR G 128 -23.84 -0.47 -22.77
CA THR G 128 -22.96 -0.80 -23.89
C THR G 128 -23.31 -2.11 -24.61
N LYS G 129 -22.89 -2.22 -25.87
CA LYS G 129 -23.10 -3.42 -26.70
C LYS G 129 -22.31 -4.62 -26.15
N GLY G 130 -21.09 -4.38 -25.68
CA GLY G 130 -20.26 -5.44 -25.13
C GLY G 130 -19.08 -5.89 -26.00
N PRO G 131 -18.27 -6.81 -25.44
CA PRO G 131 -17.03 -7.25 -26.13
C PRO G 131 -17.20 -8.17 -27.35
N GLY G 134 -14.60 -10.93 -28.58
CA GLY G 134 -13.37 -10.25 -28.18
C GLY G 134 -13.01 -10.44 -26.73
N PRO G 135 -11.75 -10.12 -26.37
CA PRO G 135 -11.29 -10.33 -24.99
C PRO G 135 -11.57 -9.19 -24.00
N GLY G 136 -11.59 -7.95 -24.50
CA GLY G 136 -11.78 -6.78 -23.65
C GLY G 136 -12.70 -5.75 -24.27
N LEU G 137 -12.44 -4.46 -24.01
CA LEU G 137 -13.25 -3.37 -24.55
C LEU G 137 -13.22 -3.28 -26.09
N SER G 138 -14.38 -3.42 -26.72
CA SER G 138 -14.49 -3.35 -28.16
C SER G 138 -14.35 -1.92 -28.69
N GLU G 139 -14.12 -1.78 -30.00
CA GLU G 139 -13.99 -0.48 -30.66
C GLU G 139 -15.31 0.29 -30.67
N GLN G 140 -16.43 -0.42 -30.81
CA GLN G 140 -17.74 0.21 -30.80
C GLN G 140 -18.05 0.73 -29.40
N ASP G 141 -17.66 -0.01 -28.35
CA ASP G 141 -17.82 0.44 -26.98
C ASP G 141 -17.04 1.72 -26.71
N VAL G 142 -15.81 1.86 -27.25
CA VAL G 142 -15.04 3.09 -27.07
C VAL G 142 -15.75 4.29 -27.70
N ARG G 143 -16.36 4.08 -28.88
CA ARG G 143 -17.06 5.16 -29.57
C ARG G 143 -18.37 5.54 -28.86
N ASP G 144 -19.08 4.53 -28.35
CA ASP G 144 -20.32 4.73 -27.62
C ASP G 144 -20.08 5.40 -26.25
N LEU G 145 -19.02 5.01 -25.54
CA LEU G 145 -18.66 5.63 -24.28
C LEU G 145 -18.27 7.08 -24.52
N ARG G 146 -17.60 7.41 -25.65
CA ARG G 146 -17.24 8.78 -26.01
C ARG G 146 -18.52 9.59 -26.28
N PHE G 147 -19.50 8.95 -26.94
CA PHE G 147 -20.80 9.55 -27.23
C PHE G 147 -21.51 9.92 -25.91
N GLY G 148 -21.46 9.01 -24.93
CA GLY G 148 -22.06 9.22 -23.62
C GLY G 148 -21.47 10.40 -22.88
N VAL G 149 -20.16 10.53 -22.90
CA VAL G 149 -19.47 11.66 -22.29
C VAL G 149 -19.88 12.96 -22.96
N GLU G 150 -19.89 12.97 -24.31
CA GLU G 150 -20.27 14.15 -25.07
C GLU G 150 -21.71 14.55 -24.87
N HIS G 151 -22.59 13.58 -24.60
CA HIS G 151 -24.01 13.87 -24.39
C HIS G 151 -24.41 14.02 -22.92
N GLY G 152 -23.44 13.97 -22.00
CA GLY G 152 -23.67 14.12 -20.57
C GLY G 152 -24.49 13.04 -19.88
N VAL G 153 -24.26 11.78 -20.22
CA VAL G 153 -24.96 10.68 -19.54
C VAL G 153 -24.48 10.60 -18.09
N ASP G 154 -25.30 10.02 -17.23
CA ASP G 154 -24.99 9.94 -15.80
C ASP G 154 -24.42 8.61 -15.39
N ILE G 155 -24.85 7.54 -16.06
CA ILE G 155 -24.46 6.18 -15.71
C ILE G 155 -24.06 5.36 -16.94
N VAL G 156 -23.15 4.41 -16.75
CA VAL G 156 -22.79 3.45 -17.80
C VAL G 156 -23.11 2.07 -17.26
N PHE G 157 -23.92 1.29 -17.98
CA PHE G 157 -24.16 -0.11 -17.62
C PHE G 157 -23.17 -0.86 -18.54
N ALA G 158 -22.00 -1.23 -18.01
CA ALA G 158 -20.96 -1.87 -18.80
C ALA G 158 -21.22 -3.34 -19.00
N SER G 159 -21.53 -3.75 -20.26
CA SER G 159 -21.80 -5.16 -20.58
C SER G 159 -20.60 -6.10 -20.44
N PHE G 160 -20.90 -7.35 -20.06
CA PHE G 160 -19.98 -8.48 -19.90
C PHE G 160 -18.67 -8.14 -19.19
N VAL G 161 -18.75 -7.61 -17.96
CA VAL G 161 -17.54 -7.37 -17.18
C VAL G 161 -17.10 -8.73 -16.60
N ARG G 162 -15.83 -9.11 -16.80
CA ARG G 162 -15.34 -10.41 -16.33
C ARG G 162 -14.24 -10.32 -15.30
N LYS G 163 -13.55 -9.15 -15.22
CA LYS G 163 -12.42 -8.92 -14.32
C LYS G 163 -12.25 -7.42 -14.05
N ALA G 164 -11.45 -7.05 -13.05
CA ALA G 164 -11.23 -5.65 -12.67
C ALA G 164 -10.67 -4.81 -13.79
N SER G 165 -9.82 -5.41 -14.65
CA SER G 165 -9.19 -4.66 -15.76
C SER G 165 -10.20 -4.21 -16.82
N ASP G 166 -11.37 -4.89 -16.92
CA ASP G 166 -12.45 -4.49 -17.83
C ASP G 166 -13.06 -3.16 -17.34
N VAL G 167 -13.23 -3.01 -16.03
CA VAL G 167 -13.79 -1.79 -15.44
C VAL G 167 -12.81 -0.64 -15.61
N ALA G 168 -11.50 -0.90 -15.43
CA ALA G 168 -10.45 0.10 -15.61
C ALA G 168 -10.41 0.57 -17.06
N ALA G 169 -10.68 -0.32 -18.03
CA ALA G 169 -10.72 0.05 -19.44
C ALA G 169 -11.88 1.02 -19.68
N VAL G 170 -13.06 0.74 -19.09
CA VAL G 170 -14.22 1.63 -19.22
C VAL G 170 -13.94 2.99 -18.57
N ARG G 171 -13.29 3.01 -17.39
CA ARG G 171 -12.91 4.21 -16.64
C ARG G 171 -12.02 5.09 -17.46
N ALA G 172 -10.99 4.47 -18.10
CA ALA G 172 -10.02 5.15 -18.94
C ALA G 172 -10.74 5.71 -20.17
N ALA G 173 -11.68 4.94 -20.74
CA ALA G 173 -12.46 5.32 -21.90
C ALA G 173 -13.46 6.47 -21.62
N LEU G 174 -13.74 6.76 -20.33
CA LEU G 174 -14.64 7.88 -20.01
C LEU G 174 -13.91 9.23 -20.08
N GLY G 175 -12.96 9.31 -21.02
CA GLY G 175 -12.17 10.46 -21.48
C GLY G 175 -11.74 11.33 -20.35
N PRO G 176 -11.26 12.53 -20.63
CA PRO G 176 -10.88 13.43 -19.53
C PRO G 176 -12.11 14.07 -18.82
N GLU G 177 -13.30 14.04 -19.46
CA GLU G 177 -14.42 14.74 -18.91
C GLU G 177 -15.57 13.88 -18.38
N GLY G 178 -15.40 12.57 -18.27
CA GLY G 178 -16.48 11.70 -17.78
C GLY G 178 -16.13 10.88 -16.56
N HIS G 179 -15.16 11.35 -15.76
CA HIS G 179 -14.77 10.65 -14.55
C HIS G 179 -15.91 10.65 -13.47
N GLY G 180 -16.85 11.62 -13.53
CA GLY G 180 -18.00 11.66 -12.63
C GLY G 180 -19.13 10.69 -12.96
N ILE G 181 -19.06 10.05 -14.11
CA ILE G 181 -20.07 9.09 -14.55
C ILE G 181 -19.97 7.79 -13.74
N LYS G 182 -21.10 7.23 -13.30
CA LYS G 182 -21.08 6.02 -12.48
C LYS G 182 -20.95 4.81 -13.39
N ILE G 183 -20.10 3.85 -13.03
CA ILE G 183 -19.94 2.63 -13.83
C ILE G 183 -20.56 1.51 -13.06
N ILE G 184 -21.67 0.98 -13.56
CA ILE G 184 -22.36 -0.15 -12.99
C ILE G 184 -21.96 -1.36 -13.86
N SER G 185 -21.17 -2.30 -13.30
CA SER G 185 -20.70 -3.48 -14.04
C SER G 185 -21.75 -4.55 -14.16
N LYS G 186 -22.04 -4.98 -15.39
CA LYS G 186 -23.01 -6.04 -15.62
C LYS G 186 -22.31 -7.39 -15.49
N ILE G 187 -22.76 -8.24 -14.54
CA ILE G 187 -22.23 -9.59 -14.36
C ILE G 187 -23.13 -10.51 -15.18
N GLU G 188 -22.58 -11.09 -16.26
CA GLU G 188 -23.37 -11.88 -17.21
C GLU G 188 -22.81 -13.26 -17.49
N ASN G 189 -21.71 -13.68 -16.85
CA ASN G 189 -21.15 -15.00 -17.12
C ASN G 189 -20.48 -15.62 -15.89
N HIS G 190 -20.05 -16.89 -15.98
CA HIS G 190 -19.40 -17.57 -14.87
C HIS G 190 -18.15 -16.85 -14.37
N GLU G 191 -17.33 -16.31 -15.28
CA GLU G 191 -16.11 -15.61 -14.87
C GLU G 191 -16.39 -14.34 -14.07
N GLY G 192 -17.41 -13.58 -14.47
CA GLY G 192 -17.82 -12.38 -13.75
C GLY G 192 -18.30 -12.71 -12.35
N VAL G 193 -19.04 -13.83 -12.20
CA VAL G 193 -19.49 -14.30 -10.89
C VAL G 193 -18.32 -14.71 -10.03
N LYS G 194 -17.35 -15.46 -10.60
CA LYS G 194 -16.19 -15.92 -9.85
C LYS G 194 -15.23 -14.80 -9.47
N ARG G 195 -15.10 -13.79 -10.33
CA ARG G 195 -14.24 -12.65 -10.04
C ARG G 195 -15.02 -11.45 -9.46
N PHE G 196 -16.24 -11.69 -8.93
CA PHE G 196 -17.13 -10.67 -8.39
C PHE G 196 -16.46 -9.68 -7.44
N ASP G 197 -15.73 -10.16 -6.43
CA ASP G 197 -15.13 -9.28 -5.44
C ASP G 197 -14.20 -8.24 -6.02
N GLU G 198 -13.34 -8.64 -7.00
CA GLU G 198 -12.40 -7.72 -7.60
C GLU G 198 -13.13 -6.71 -8.52
N ILE G 199 -14.23 -7.13 -9.15
CA ILE G 199 -15.03 -6.26 -10.00
C ILE G 199 -15.79 -5.22 -9.15
N LEU G 200 -16.43 -5.67 -8.04
CA LEU G 200 -17.18 -4.78 -7.15
C LEU G 200 -16.28 -3.73 -6.54
N GLU G 201 -15.07 -4.12 -6.16
CA GLU G 201 -14.09 -3.22 -5.56
C GLU G 201 -13.80 -2.00 -6.43
N VAL G 202 -13.73 -2.19 -7.76
CA VAL G 202 -13.42 -1.08 -8.66
C VAL G 202 -14.65 -0.47 -9.36
N SER G 203 -15.85 -1.05 -9.19
CA SER G 203 -17.05 -0.52 -9.81
C SER G 203 -17.84 0.36 -8.83
N ASP G 204 -18.73 1.19 -9.37
CA ASP G 204 -19.63 2.01 -8.53
C ASP G 204 -20.85 1.20 -8.08
N GLY G 205 -21.15 0.11 -8.77
CA GLY G 205 -22.26 -0.76 -8.49
C GLY G 205 -22.33 -1.91 -9.49
N ILE G 206 -23.35 -2.75 -9.36
CA ILE G 206 -23.47 -3.96 -10.16
C ILE G 206 -24.86 -4.11 -10.74
N MET G 207 -24.96 -4.76 -11.90
CA MET G 207 -26.24 -5.15 -12.46
C MET G 207 -26.22 -6.68 -12.56
N VAL G 208 -27.25 -7.34 -12.05
CA VAL G 208 -27.40 -8.78 -12.21
C VAL G 208 -28.13 -8.92 -13.52
N ALA G 209 -27.36 -9.10 -14.62
CA ALA G 209 -27.88 -9.18 -16.00
C ALA G 209 -28.30 -10.62 -16.26
N ARG G 210 -29.49 -10.97 -15.77
CA ARG G 210 -30.02 -12.32 -15.76
C ARG G 210 -30.23 -12.96 -17.14
N GLY G 211 -30.46 -12.17 -18.19
CA GLY G 211 -30.63 -12.68 -19.56
C GLY G 211 -29.45 -13.53 -20.02
N ASP G 212 -28.28 -12.90 -20.15
CA ASP G 212 -27.07 -13.61 -20.53
C ASP G 212 -26.61 -14.56 -19.46
N LEU G 213 -26.72 -14.16 -18.19
CA LEU G 213 -26.30 -15.02 -17.08
C LEU G 213 -27.04 -16.39 -17.11
N GLY G 214 -28.32 -16.39 -17.44
CA GLY G 214 -29.14 -17.59 -17.55
C GLY G 214 -28.80 -18.48 -18.73
N ILE G 215 -27.98 -17.99 -19.68
CA ILE G 215 -27.51 -18.73 -20.85
C ILE G 215 -26.07 -19.21 -20.58
N GLU G 216 -25.24 -18.39 -19.89
CA GLU G 216 -23.85 -18.71 -19.55
C GLU G 216 -23.73 -19.73 -18.41
N ILE G 217 -24.64 -19.71 -17.44
CA ILE G 217 -24.68 -20.65 -16.33
C ILE G 217 -26.03 -21.38 -16.35
N PRO G 218 -26.18 -22.54 -15.67
CA PRO G 218 -27.49 -23.22 -15.69
C PRO G 218 -28.61 -22.30 -15.19
N ALA G 219 -29.75 -22.29 -15.86
CA ALA G 219 -30.86 -21.40 -15.49
C ALA G 219 -31.29 -21.53 -14.03
N GLU G 220 -31.24 -22.76 -13.47
CA GLU G 220 -31.62 -23.02 -12.08
C GLU G 220 -30.64 -22.46 -11.05
N LYS G 221 -29.51 -21.91 -11.47
CA LYS G 221 -28.52 -21.34 -10.56
C LYS G 221 -28.52 -19.80 -10.58
N VAL G 222 -29.28 -19.14 -11.49
CA VAL G 222 -29.30 -17.67 -11.57
C VAL G 222 -29.75 -17.03 -10.26
N PHE G 223 -30.79 -17.60 -9.61
CA PHE G 223 -31.26 -17.07 -8.34
C PHE G 223 -30.15 -17.03 -7.26
N LEU G 224 -29.22 -18.01 -7.26
CA LEU G 224 -28.12 -18.03 -6.29
C LEU G 224 -27.16 -16.89 -6.57
N ALA G 225 -26.86 -16.65 -7.86
CA ALA G 225 -25.95 -15.59 -8.25
C ALA G 225 -26.56 -14.22 -7.90
N GLN G 226 -27.88 -14.04 -8.19
CA GLN G 226 -28.58 -12.81 -7.87
C GLN G 226 -28.54 -12.52 -6.33
N LYS G 227 -28.92 -13.51 -5.51
CA LYS G 227 -28.93 -13.33 -4.07
C LYS G 227 -27.53 -13.05 -3.49
N MET G 228 -26.50 -13.71 -4.02
CA MET G 228 -25.13 -13.52 -3.56
C MET G 228 -24.64 -12.10 -3.87
N MET G 229 -24.83 -11.65 -5.10
CA MET G 229 -24.39 -10.33 -5.53
C MET G 229 -25.13 -9.23 -4.82
N ILE G 230 -26.45 -9.39 -4.61
CA ILE G 230 -27.22 -8.39 -3.88
C ILE G 230 -26.73 -8.28 -2.44
N GLY G 231 -26.50 -9.43 -1.78
CA GLY G 231 -25.95 -9.44 -0.43
C GLY G 231 -24.60 -8.75 -0.34
N ARG G 232 -23.70 -9.06 -1.26
CA ARG G 232 -22.35 -8.45 -1.26
C ARG G 232 -22.37 -6.95 -1.54
N CYS G 233 -23.28 -6.50 -2.41
CA CYS G 233 -23.43 -5.07 -2.71
C CYS G 233 -23.99 -4.35 -1.52
N ASN G 234 -24.97 -4.95 -0.83
CA ASN G 234 -25.54 -4.37 0.39
C ASN G 234 -24.44 -4.23 1.47
N LEU G 235 -23.57 -5.25 1.59
CA LEU G 235 -22.46 -5.25 2.53
C LEU G 235 -21.47 -4.13 2.16
N ALA G 236 -21.15 -3.98 0.87
CA ALA G 236 -20.23 -2.94 0.41
C ALA G 236 -20.84 -1.52 0.38
N GLY G 237 -22.17 -1.41 0.49
CA GLY G 237 -22.85 -0.11 0.42
C GLY G 237 -22.84 0.47 -0.98
N LYS G 238 -22.88 -0.41 -2.00
CA LYS G 238 -22.86 0.00 -3.42
C LYS G 238 -24.13 -0.42 -4.11
N PRO G 239 -24.66 0.40 -5.03
CA PRO G 239 -25.94 0.03 -5.68
C PRO G 239 -25.93 -1.26 -6.48
N VAL G 240 -27.05 -1.99 -6.44
CA VAL G 240 -27.22 -3.21 -7.18
C VAL G 240 -28.56 -3.15 -7.91
N VAL G 241 -28.56 -3.48 -9.20
CA VAL G 241 -29.74 -3.47 -10.04
C VAL G 241 -30.14 -4.92 -10.35
N CYS G 242 -31.42 -5.25 -10.24
CA CYS G 242 -31.91 -6.53 -10.70
C CYS G 242 -32.52 -6.29 -12.08
N ALA G 243 -32.09 -7.09 -13.08
CA ALA G 243 -32.51 -6.85 -14.44
C ALA G 243 -32.95 -8.10 -15.17
N THR G 244 -33.78 -7.88 -16.23
CA THR G 244 -34.21 -8.78 -17.30
C THR G 244 -35.34 -9.75 -16.98
N GLN G 245 -36.41 -9.66 -17.80
CA GLN G 245 -37.62 -10.49 -17.82
C GLN G 245 -38.44 -10.40 -16.54
N MET G 246 -38.32 -9.30 -15.79
CA MET G 246 -39.08 -9.13 -14.56
C MET G 246 -40.58 -9.14 -14.79
N LEU G 247 -41.05 -8.47 -15.86
CA LEU G 247 -42.46 -8.43 -16.24
C LEU G 247 -42.60 -8.76 -17.75
N GLU G 248 -41.79 -9.71 -18.25
CA GLU G 248 -41.71 -10.13 -19.66
C GLU G 248 -43.05 -10.27 -20.41
N SER G 249 -44.03 -10.97 -19.82
CA SER G 249 -45.33 -11.14 -20.44
C SER G 249 -46.05 -9.82 -20.76
N MET G 250 -45.74 -8.75 -20.00
CA MET G 250 -46.33 -7.44 -20.27
C MET G 250 -45.85 -6.81 -21.58
N ILE G 251 -44.91 -7.44 -22.32
CA ILE G 251 -44.52 -6.94 -23.65
C ILE G 251 -45.77 -7.03 -24.58
N THR G 252 -46.62 -8.08 -24.41
CA THR G 252 -47.82 -8.25 -25.21
C THR G 252 -49.13 -8.21 -24.40
N LYS G 253 -49.08 -8.49 -23.08
CA LYS G 253 -50.31 -8.53 -22.26
C LYS G 253 -50.42 -7.35 -21.28
N PRO G 254 -51.64 -6.86 -20.98
CA PRO G 254 -51.77 -5.70 -20.07
C PRO G 254 -51.52 -6.00 -18.58
N ARG G 255 -51.50 -7.28 -18.19
CA ARG G 255 -51.27 -7.68 -16.81
C ARG G 255 -50.14 -8.72 -16.76
N PRO G 256 -49.31 -8.73 -15.70
CA PRO G 256 -48.25 -9.74 -15.61
C PRO G 256 -48.71 -11.07 -15.02
N THR G 257 -47.83 -12.08 -15.09
CA THR G 257 -48.13 -13.39 -14.51
C THR G 257 -47.87 -13.37 -13.00
N ARG G 258 -48.32 -14.41 -12.28
CA ARG G 258 -48.09 -14.55 -10.85
C ARG G 258 -46.59 -14.68 -10.50
N ALA G 259 -45.81 -15.29 -11.40
CA ALA G 259 -44.38 -15.45 -11.20
C ALA G 259 -43.64 -14.11 -11.36
N GLU G 260 -44.11 -13.25 -12.27
CA GLU G 260 -43.52 -11.96 -12.54
C GLU G 260 -43.70 -10.97 -11.38
N THR G 261 -44.91 -10.89 -10.80
CA THR G 261 -45.12 -10.01 -9.65
C THR G 261 -44.28 -10.50 -8.45
N SER G 262 -44.22 -11.80 -8.26
CA SER G 262 -43.43 -12.42 -7.22
C SER G 262 -41.93 -12.10 -7.41
N ASP G 263 -41.45 -12.16 -8.65
CA ASP G 263 -40.06 -11.86 -8.99
C ASP G 263 -39.67 -10.41 -8.61
N VAL G 264 -40.53 -9.43 -8.93
CA VAL G 264 -40.28 -8.04 -8.60
C VAL G 264 -40.24 -7.87 -7.08
N ALA G 265 -41.21 -8.46 -6.38
CA ALA G 265 -41.30 -8.36 -4.94
C ALA G 265 -40.06 -8.98 -4.26
N ASN G 266 -39.62 -10.13 -4.75
CA ASN G 266 -38.47 -10.81 -4.20
C ASN G 266 -37.16 -10.12 -4.49
N ALA G 267 -37.04 -9.42 -5.63
CA ALA G 267 -35.81 -8.66 -5.92
C ALA G 267 -35.68 -7.50 -4.87
N VAL G 268 -36.82 -6.85 -4.52
CA VAL G 268 -36.84 -5.80 -3.50
C VAL G 268 -36.50 -6.43 -2.14
N LEU G 269 -37.11 -7.57 -1.81
CA LEU G 269 -36.85 -8.23 -0.53
C LEU G 269 -35.42 -8.76 -0.42
N ASP G 270 -34.79 -9.13 -1.54
CA ASP G 270 -33.39 -9.57 -1.57
C ASP G 270 -32.46 -8.42 -1.18
N GLY G 271 -32.84 -7.19 -1.53
CA GLY G 271 -32.05 -6.02 -1.22
C GLY G 271 -31.65 -5.18 -2.41
N ALA G 272 -32.30 -5.37 -3.57
CA ALA G 272 -31.95 -4.59 -4.77
C ALA G 272 -32.25 -3.11 -4.61
N ASP G 273 -31.35 -2.25 -5.08
CA ASP G 273 -31.56 -0.82 -5.05
C ASP G 273 -32.47 -0.40 -6.21
N CYS G 274 -32.31 -1.04 -7.38
CA CYS G 274 -33.07 -0.73 -8.58
C CYS G 274 -33.65 -1.97 -9.18
N ILE G 275 -34.76 -1.81 -9.91
CA ILE G 275 -35.39 -2.85 -10.69
C ILE G 275 -35.49 -2.28 -12.13
N MET G 276 -35.41 -3.18 -13.13
CA MET G 276 -35.36 -2.75 -14.52
C MET G 276 -36.43 -3.35 -15.41
N LEU G 277 -36.80 -2.60 -16.44
CA LEU G 277 -37.69 -3.02 -17.51
C LEU G 277 -36.88 -2.89 -18.80
N SER G 278 -36.85 -3.93 -19.63
CA SER G 278 -36.09 -3.88 -20.88
CA SER G 278 -36.09 -3.87 -20.89
C SER G 278 -37.06 -3.84 -22.09
N GLY G 279 -37.40 -5.00 -22.68
CA GLY G 279 -38.34 -5.04 -23.79
C GLY G 279 -39.72 -4.56 -23.37
N GLU G 280 -40.08 -4.77 -22.09
CA GLU G 280 -41.34 -4.31 -21.51
C GLU G 280 -41.65 -2.82 -21.81
N THR G 281 -40.64 -1.94 -21.83
CA THR G 281 -40.86 -0.51 -22.11
C THR G 281 -40.23 -0.06 -23.44
N ALA G 282 -39.18 -0.75 -23.90
CA ALA G 282 -38.51 -0.38 -25.15
C ALA G 282 -39.33 -0.72 -26.38
N LYS G 283 -39.95 -1.90 -26.37
CA LYS G 283 -40.69 -2.35 -27.54
C LYS G 283 -42.05 -2.95 -27.21
N GLY G 284 -42.47 -2.93 -25.95
CA GLY G 284 -43.74 -3.53 -25.57
C GLY G 284 -44.95 -2.72 -25.98
N ASN G 285 -46.13 -3.33 -25.83
CA ASN G 285 -47.39 -2.65 -26.08
C ASN G 285 -47.91 -1.88 -24.85
N PHE G 286 -47.33 -2.13 -23.65
CA PHE G 286 -47.81 -1.46 -22.43
C PHE G 286 -46.65 -0.87 -21.60
N PRO G 287 -45.85 0.05 -22.17
CA PRO G 287 -44.71 0.59 -21.42
C PRO G 287 -45.08 1.35 -20.15
N VAL G 288 -46.14 2.17 -20.18
CA VAL G 288 -46.58 2.92 -19.01
C VAL G 288 -47.14 1.97 -17.94
N GLU G 289 -47.90 0.96 -18.36
CA GLU G 289 -48.51 0.00 -17.46
C GLU G 289 -47.45 -0.88 -16.77
N ALA G 290 -46.32 -1.17 -17.47
CA ALA G 290 -45.23 -1.95 -16.90
C ALA G 290 -44.55 -1.14 -15.76
N VAL G 291 -44.35 0.17 -15.98
CA VAL G 291 -43.77 1.04 -14.98
C VAL G 291 -44.70 1.12 -13.77
N LYS G 292 -46.01 1.28 -14.01
CA LYS G 292 -47.00 1.36 -12.95
C LYS G 292 -47.01 0.10 -12.09
N MET G 293 -46.86 -1.06 -12.74
CA MET G 293 -46.86 -2.35 -12.05
C MET G 293 -45.63 -2.50 -11.14
N GLN G 294 -44.44 -2.15 -11.64
CA GLN G 294 -43.22 -2.19 -10.84
C GLN G 294 -43.32 -1.25 -9.66
N HIS G 295 -43.92 -0.06 -9.89
CA HIS G 295 -44.12 0.92 -8.83
C HIS G 295 -45.00 0.32 -7.72
N ALA G 296 -46.15 -0.27 -8.10
CA ALA G 296 -47.09 -0.83 -7.14
C ALA G 296 -46.52 -1.97 -6.31
N ILE G 297 -45.80 -2.89 -6.95
CA ILE G 297 -45.22 -4.05 -6.28
C ILE G 297 -44.09 -3.62 -5.31
N ALA G 298 -43.18 -2.73 -5.78
CA ALA G 298 -42.07 -2.27 -4.97
C ALA G 298 -42.54 -1.60 -3.69
N ARG G 299 -43.61 -0.78 -3.74
CA ARG G 299 -44.17 -0.16 -2.52
C ARG G 299 -44.66 -1.20 -1.52
N GLU G 300 -45.33 -2.26 -2.01
CA GLU G 300 -45.82 -3.32 -1.14
C GLU G 300 -44.65 -4.09 -0.52
N ALA G 301 -43.63 -4.40 -1.33
CA ALA G 301 -42.47 -5.17 -0.87
C ALA G 301 -41.61 -4.41 0.10
N GLU G 302 -41.46 -3.09 -0.11
CA GLU G 302 -40.66 -2.27 0.80
C GLU G 302 -41.27 -2.21 2.21
N ALA G 303 -42.61 -2.16 2.30
CA ALA G 303 -43.27 -2.16 3.61
C ALA G 303 -43.08 -3.51 4.32
N ALA G 304 -42.92 -4.61 3.57
CA ALA G 304 -42.75 -5.95 4.11
C ALA G 304 -41.31 -6.30 4.50
N VAL G 305 -40.35 -5.39 4.33
CA VAL G 305 -38.95 -5.64 4.68
C VAL G 305 -38.84 -5.77 6.22
N TYR G 306 -38.09 -6.75 6.70
CA TYR G 306 -37.90 -7.00 8.13
C TYR G 306 -36.71 -6.17 8.63
N HIS G 307 -36.92 -4.86 8.78
CA HIS G 307 -35.89 -3.92 9.20
C HIS G 307 -35.20 -4.27 10.49
N ARG G 308 -35.93 -4.91 11.42
CA ARG G 308 -35.35 -5.29 12.71
C ARG G 308 -34.08 -6.11 12.56
N GLN G 309 -34.11 -7.17 11.74
CA GLN G 309 -32.91 -7.97 11.53
C GLN G 309 -31.97 -7.36 10.49
N LEU G 310 -32.54 -6.79 9.42
CA LEU G 310 -31.75 -6.16 8.37
C LEU G 310 -30.80 -5.06 8.92
N PHE G 311 -31.34 -4.10 9.68
CA PHE G 311 -30.54 -3.04 10.26
C PHE G 311 -29.49 -3.58 11.21
N GLU G 312 -29.86 -4.53 12.07
CA GLU G 312 -28.92 -5.14 13.01
C GLU G 312 -27.73 -5.79 12.28
N GLU G 313 -28.01 -6.51 11.19
CA GLU G 313 -26.97 -7.17 10.42
C GLU G 313 -26.11 -6.20 9.64
N LEU G 314 -26.72 -5.17 9.04
CA LEU G 314 -25.96 -4.15 8.31
C LEU G 314 -25.03 -3.39 9.27
N ARG G 315 -25.57 -3.07 10.47
CA ARG G 315 -24.87 -2.42 11.58
C ARG G 315 -23.66 -3.26 12.00
N ARG G 316 -23.87 -4.55 12.29
CA ARG G 316 -22.86 -5.48 12.78
C ARG G 316 -21.78 -5.78 11.74
N ALA G 317 -22.17 -5.86 10.46
CA ALA G 317 -21.24 -6.17 9.40
C ALA G 317 -20.38 -4.99 8.96
N ALA G 318 -20.91 -3.77 9.10
CA ALA G 318 -20.16 -2.59 8.70
C ALA G 318 -18.99 -2.36 9.66
N PRO G 319 -17.80 -2.12 9.11
CA PRO G 319 -16.64 -1.93 9.99
C PRO G 319 -16.67 -0.61 10.75
N LEU G 320 -15.84 -0.51 11.80
CA LEU G 320 -15.71 0.74 12.54
C LEU G 320 -15.11 1.80 11.60
N SER G 321 -15.44 3.06 11.80
CA SER G 321 -14.97 4.09 10.93
C SER G 321 -14.65 5.35 11.66
N ARG G 322 -13.63 6.05 11.21
CA ARG G 322 -13.29 7.37 11.71
C ARG G 322 -13.72 8.47 10.72
N ASP G 323 -14.49 8.14 9.67
CA ASP G 323 -14.97 9.09 8.69
C ASP G 323 -16.26 9.71 9.25
N PRO G 324 -16.28 11.03 9.45
CA PRO G 324 -17.47 11.66 10.05
C PRO G 324 -18.75 11.46 9.28
N THR G 325 -18.70 11.32 7.95
CA THR G 325 -19.90 11.11 7.16
C THR G 325 -20.49 9.76 7.48
N GLU G 326 -19.63 8.73 7.58
CA GLU G 326 -20.07 7.38 7.89
CA GLU G 326 -20.03 7.36 7.89
C GLU G 326 -20.58 7.27 9.33
N VAL G 327 -19.94 7.96 10.26
CA VAL G 327 -20.38 7.99 11.66
C VAL G 327 -21.72 8.72 11.80
N THR G 328 -21.90 9.85 11.11
CA THR G 328 -23.13 10.62 11.17
C THR G 328 -24.27 9.84 10.56
N ALA G 329 -24.03 9.14 9.45
CA ALA G 329 -25.04 8.35 8.76
C ALA G 329 -25.64 7.27 9.64
N ILE G 330 -24.81 6.47 10.38
CA ILE G 330 -25.37 5.42 11.20
C ILE G 330 -26.11 5.99 12.41
N GLY G 331 -25.62 7.10 12.96
CA GLY G 331 -26.28 7.79 14.05
C GLY G 331 -27.63 8.33 13.63
N ALA G 332 -27.73 8.87 12.41
CA ALA G 332 -28.98 9.42 11.86
C ALA G 332 -30.00 8.32 11.56
N VAL G 333 -29.55 7.17 11.06
CA VAL G 333 -30.47 6.06 10.75
C VAL G 333 -31.01 5.47 12.08
N GLU G 334 -30.14 5.35 13.08
CA GLU G 334 -30.52 4.90 14.40
CA GLU G 334 -30.52 4.89 14.41
C GLU G 334 -31.58 5.84 15.02
N ALA G 335 -31.36 7.17 14.91
CA ALA G 335 -32.28 8.18 15.40
C ALA G 335 -33.61 8.12 14.66
N ALA G 336 -33.58 7.94 13.34
CA ALA G 336 -34.81 7.83 12.53
C ALA G 336 -35.66 6.64 12.97
N PHE G 337 -35.05 5.51 13.28
CA PHE G 337 -35.78 4.32 13.75
C PHE G 337 -36.40 4.53 15.14
N LYS G 338 -35.70 5.24 16.01
CA LYS G 338 -36.16 5.53 17.37
C LYS G 338 -37.45 6.35 17.41
N CYS G 339 -37.63 7.30 16.48
CA CYS G 339 -38.83 8.14 16.48
C CYS G 339 -39.78 7.87 15.33
N CYS G 340 -39.53 6.84 14.50
CA CYS G 340 -40.30 6.58 13.29
C CYS G 340 -40.37 7.82 12.41
N ALA G 341 -39.21 8.49 12.22
CA ALA G 341 -39.06 9.72 11.45
C ALA G 341 -39.65 9.56 10.08
N ALA G 342 -40.41 10.58 9.62
CA ALA G 342 -41.00 10.50 8.30
C ALA G 342 -39.92 10.57 7.19
N ALA G 343 -38.79 11.23 7.48
CA ALA G 343 -37.73 11.41 6.52
C ALA G 343 -36.41 11.79 7.18
N ILE G 344 -35.30 11.61 6.44
CA ILE G 344 -33.97 12.08 6.77
C ILE G 344 -33.66 13.06 5.66
N ILE G 345 -33.50 14.33 5.97
CA ILE G 345 -33.18 15.33 4.96
C ILE G 345 -31.68 15.54 4.98
N VAL G 346 -30.99 15.25 3.85
CA VAL G 346 -29.54 15.38 3.79
C VAL G 346 -29.08 16.37 2.72
N LEU G 347 -28.10 17.21 3.04
CA LEU G 347 -27.49 18.12 2.08
C LEU G 347 -26.29 17.43 1.47
N THR G 348 -26.26 17.37 0.13
CA THR G 348 -25.20 16.64 -0.57
C THR G 348 -24.82 17.31 -1.90
N THR G 349 -23.53 17.36 -2.21
CA THR G 349 -23.07 17.92 -3.47
C THR G 349 -22.72 16.82 -4.45
N THR G 350 -22.15 15.72 -3.98
CA THR G 350 -21.79 14.59 -4.85
C THR G 350 -22.77 13.40 -4.73
N GLY G 351 -23.64 13.40 -3.72
CA GLY G 351 -24.54 12.25 -3.50
C GLY G 351 -24.03 11.26 -2.46
N ARG G 352 -22.75 11.41 -2.00
CA ARG G 352 -22.12 10.47 -1.07
C ARG G 352 -22.79 10.40 0.33
N SER G 353 -23.15 11.55 0.94
CA SER G 353 -23.79 11.54 2.25
C SER G 353 -25.14 10.80 2.22
N ALA G 354 -25.87 10.90 1.11
CA ALA G 354 -27.15 10.21 0.93
C ALA G 354 -26.91 8.73 0.73
N GLN G 355 -25.83 8.35 0.01
CA GLN G 355 -25.48 6.96 -0.24
C GLN G 355 -25.15 6.23 1.07
N LEU G 356 -24.40 6.87 1.94
CA LEU G 356 -24.03 6.30 3.24
C LEU G 356 -25.22 6.17 4.17
N LEU G 357 -26.28 6.99 4.00
CA LEU G 357 -27.50 6.83 4.79
C LEU G 357 -28.26 5.61 4.24
N SER G 358 -28.39 5.55 2.93
CA SER G 358 -29.06 4.51 2.16
C SER G 358 -28.55 3.09 2.45
N ARG G 359 -27.24 2.93 2.68
CA ARG G 359 -26.64 1.62 2.94
C ARG G 359 -27.19 0.94 4.22
N TYR G 360 -27.73 1.73 5.19
CA TYR G 360 -28.30 1.16 6.41
C TYR G 360 -29.79 0.86 6.29
N ARG G 361 -30.37 1.03 5.12
CA ARG G 361 -31.76 0.75 4.80
C ARG G 361 -32.77 1.31 5.80
N PRO G 362 -32.76 2.63 6.00
CA PRO G 362 -33.76 3.21 6.90
C PRO G 362 -35.16 3.06 6.31
N ARG G 363 -36.17 2.98 7.18
CA ARG G 363 -37.57 3.02 6.74
C ARG G 363 -37.91 4.49 6.31
N ALA G 364 -37.26 5.48 6.92
CA ALA G 364 -37.48 6.89 6.61
C ALA G 364 -36.93 7.20 5.24
N ALA G 365 -37.68 7.98 4.44
CA ALA G 365 -37.23 8.40 3.12
C ALA G 365 -35.98 9.28 3.27
N VAL G 366 -35.00 9.14 2.37
CA VAL G 366 -33.83 10.00 2.40
C VAL G 366 -34.03 11.10 1.38
N ILE G 367 -34.39 12.31 1.82
CA ILE G 367 -34.60 13.43 0.92
C ILE G 367 -33.25 14.13 0.74
N ALA G 368 -32.64 13.99 -0.44
CA ALA G 368 -31.33 14.55 -0.71
C ALA G 368 -31.45 15.86 -1.44
N VAL G 369 -31.07 16.96 -0.80
CA VAL G 369 -31.13 18.27 -1.40
C VAL G 369 -29.75 18.62 -1.97
N THR G 370 -29.70 18.88 -3.28
CA THR G 370 -28.45 19.20 -3.93
C THR G 370 -28.58 20.30 -4.95
N ARG G 371 -27.50 21.03 -5.18
CA ARG G 371 -27.42 22.02 -6.26
C ARG G 371 -26.86 21.35 -7.57
N SER G 372 -26.27 20.14 -7.46
CA SER G 372 -25.71 19.40 -8.61
C SER G 372 -26.80 18.59 -9.31
N ALA G 373 -27.10 18.97 -10.55
CA ALA G 373 -28.09 18.27 -11.36
C ALA G 373 -27.64 16.83 -11.64
N GLN G 374 -26.33 16.61 -11.82
CA GLN G 374 -25.82 15.24 -12.04
C GLN G 374 -25.99 14.39 -10.79
N ALA G 375 -25.67 14.92 -9.61
CA ALA G 375 -25.81 14.16 -8.37
C ALA G 375 -27.27 13.81 -8.12
N ALA G 376 -28.18 14.77 -8.40
CA ALA G 376 -29.62 14.56 -8.26
C ALA G 376 -30.09 13.40 -9.14
N ARG G 377 -29.56 13.29 -10.36
CA ARG G 377 -29.92 12.18 -11.25
C ARG G 377 -29.28 10.86 -10.78
N GLN G 378 -28.00 10.91 -10.37
CA GLN G 378 -27.28 9.68 -10.00
C GLN G 378 -27.72 9.04 -8.68
N VAL G 379 -28.25 9.81 -7.70
CA VAL G 379 -28.67 9.21 -6.43
C VAL G 379 -29.88 8.30 -6.58
N HIS G 380 -30.56 8.27 -7.77
CA HIS G 380 -31.63 7.32 -8.01
C HIS G 380 -31.04 5.86 -7.95
N LEU G 381 -29.71 5.69 -8.07
CA LEU G 381 -29.10 4.37 -7.96
C LEU G 381 -29.22 3.80 -6.54
N CYS G 382 -29.32 4.67 -5.52
CA CYS G 382 -29.39 4.25 -4.11
C CYS G 382 -30.80 4.17 -3.60
N ARG G 383 -31.17 3.02 -3.06
CA ARG G 383 -32.54 2.82 -2.56
C ARG G 383 -32.95 3.80 -1.45
N GLY G 384 -34.13 4.35 -1.59
CA GLY G 384 -34.70 5.26 -0.64
C GLY G 384 -34.21 6.68 -0.72
N VAL G 385 -33.48 7.06 -1.80
CA VAL G 385 -33.01 8.42 -1.91
C VAL G 385 -33.89 9.18 -2.89
N PHE G 386 -34.54 10.25 -2.43
CA PHE G 386 -35.45 11.10 -3.22
C PHE G 386 -34.74 12.41 -3.47
N PRO G 387 -34.20 12.60 -4.67
CA PRO G 387 -33.43 13.81 -4.95
C PRO G 387 -34.26 15.06 -5.20
N LEU G 388 -33.80 16.21 -4.66
CA LEU G 388 -34.43 17.49 -4.91
C LEU G 388 -33.35 18.40 -5.44
N LEU G 389 -33.56 18.96 -6.63
CA LEU G 389 -32.58 19.87 -7.23
C LEU G 389 -32.88 21.28 -6.81
N TYR G 390 -31.93 21.94 -6.15
CA TYR G 390 -32.15 23.27 -5.63
C TYR G 390 -31.49 24.29 -6.53
N ARG G 391 -32.28 25.26 -7.00
CA ARG G 391 -31.83 26.26 -7.95
C ARG G 391 -31.89 27.71 -7.45
N GLU G 392 -32.16 27.93 -6.18
CA GLU G 392 -32.20 29.27 -5.65
C GLU G 392 -30.83 29.93 -5.65
N PRO G 393 -30.76 31.27 -5.77
CA PRO G 393 -29.47 31.95 -5.68
C PRO G 393 -28.94 31.91 -4.24
N PRO G 394 -27.60 31.90 -4.07
CA PRO G 394 -27.03 31.73 -2.75
C PRO G 394 -27.32 32.86 -1.78
N GLU G 395 -27.44 32.51 -0.50
CA GLU G 395 -27.58 33.53 0.54
C GLU G 395 -26.18 34.04 0.85
N ALA G 396 -26.08 35.26 1.41
CA ALA G 396 -24.78 35.84 1.78
C ALA G 396 -24.13 35.05 2.95
N ILE G 397 -24.97 34.68 3.94
CA ILE G 397 -24.56 33.89 5.10
C ILE G 397 -24.75 32.40 4.81
N TRP G 398 -23.69 31.62 4.95
CA TRP G 398 -23.73 30.18 4.67
C TRP G 398 -24.75 29.42 5.52
N ALA G 399 -24.83 29.67 6.82
CA ALA G 399 -25.79 29.00 7.69
C ALA G 399 -27.23 29.28 7.23
N ASP G 400 -27.51 30.48 6.70
CA ASP G 400 -28.83 30.80 6.17
C ASP G 400 -29.13 30.05 4.90
N ASP G 401 -28.13 29.90 4.02
CA ASP G 401 -28.28 29.15 2.79
C ASP G 401 -28.52 27.64 3.14
N VAL G 402 -27.80 27.11 4.18
CA VAL G 402 -28.06 25.75 4.63
C VAL G 402 -29.52 25.59 5.10
N ASP G 403 -30.02 26.50 5.99
CA ASP G 403 -31.38 26.45 6.48
C ASP G 403 -32.41 26.55 5.38
N ARG G 404 -32.17 27.39 4.37
CA ARG G 404 -33.09 27.51 3.25
C ARG G 404 -33.16 26.19 2.46
N ARG G 405 -32.04 25.47 2.35
CA ARG G 405 -32.03 24.20 1.66
C ARG G 405 -32.77 23.13 2.44
N VAL G 406 -32.60 23.09 3.77
CA VAL G 406 -33.31 22.16 4.65
C VAL G 406 -34.83 22.47 4.58
N GLN G 407 -35.20 23.73 4.68
CA GLN G 407 -36.59 24.13 4.55
C GLN G 407 -37.22 23.76 3.18
N PHE G 408 -36.46 23.88 2.09
CA PHE G 408 -36.90 23.45 0.76
C PHE G 408 -37.21 21.95 0.73
N GLY G 409 -36.45 21.16 1.47
CA GLY G 409 -36.71 19.72 1.56
C GLY G 409 -37.97 19.42 2.32
N ILE G 410 -38.24 20.15 3.43
CA ILE G 410 -39.45 20.01 4.24
C ILE G 410 -40.68 20.45 3.41
N GLU G 411 -40.59 21.61 2.74
CA GLU G 411 -41.67 22.13 1.88
C GLU G 411 -41.97 21.17 0.76
N SER G 412 -40.94 20.59 0.09
CA SER G 412 -41.17 19.61 -0.98
C SER G 412 -41.76 18.33 -0.39
N GLY G 413 -41.28 17.91 0.80
CA GLY G 413 -41.81 16.74 1.48
C GLY G 413 -43.28 16.92 1.81
N LYS G 414 -43.68 18.11 2.26
CA LYS G 414 -45.08 18.43 2.55
C LYS G 414 -45.96 18.43 1.31
N LEU G 415 -45.49 19.09 0.26
CA LEU G 415 -46.21 19.13 -1.01
C LEU G 415 -46.41 17.73 -1.60
N ARG G 416 -45.37 16.86 -1.50
CA ARG G 416 -45.45 15.53 -2.11
C ARG G 416 -46.09 14.45 -1.22
N GLY G 417 -46.48 14.79 0.00
CA GLY G 417 -47.09 13.82 0.91
C GLY G 417 -46.15 13.03 1.83
N PHE G 418 -44.85 13.27 1.78
CA PHE G 418 -43.89 12.59 2.66
C PHE G 418 -44.05 13.03 4.12
N LEU G 419 -44.42 14.30 4.35
CA LEU G 419 -44.43 14.90 5.68
C LEU G 419 -45.71 15.65 5.98
N ARG G 420 -46.00 15.80 7.28
CA ARG G 420 -47.13 16.56 7.80
C ARG G 420 -46.61 17.34 9.04
N VAL G 421 -47.32 18.39 9.43
CA VAL G 421 -47.02 19.16 10.65
C VAL G 421 -47.14 18.21 11.86
N GLY G 422 -46.16 18.22 12.74
CA GLY G 422 -46.14 17.29 13.86
C GLY G 422 -45.18 16.12 13.66
N ASP G 423 -44.79 15.84 12.42
CA ASP G 423 -43.83 14.75 12.14
C ASP G 423 -42.43 15.09 12.64
N LEU G 424 -41.59 14.06 12.87
CA LEU G 424 -40.20 14.29 13.23
C LEU G 424 -39.35 13.93 12.00
N VAL G 425 -38.35 14.75 11.70
CA VAL G 425 -37.40 14.46 10.64
C VAL G 425 -36.00 14.53 11.24
N ILE G 426 -35.04 13.84 10.59
CA ILE G 426 -33.63 13.89 10.95
C ILE G 426 -32.95 14.72 9.88
N VAL G 427 -32.14 15.70 10.23
CA VAL G 427 -31.47 16.55 9.25
C VAL G 427 -29.98 16.30 9.30
N VAL G 428 -29.37 15.96 8.18
CA VAL G 428 -27.94 15.67 8.12
C VAL G 428 -27.23 16.72 7.30
N THR G 429 -26.27 17.43 7.92
CA THR G 429 -25.46 18.48 7.30
C THR G 429 -23.95 18.39 7.76
N GLY G 430 -23.12 19.35 7.36
CA GLY G 430 -21.72 19.46 7.74
C GLY G 430 -21.42 20.79 8.36
N TRP G 431 -20.22 20.94 8.89
CA TRP G 431 -19.83 22.15 9.62
C TRP G 431 -19.33 23.29 8.75
N ARG G 432 -18.98 23.01 7.51
CA ARG G 432 -18.46 24.02 6.61
C ARG G 432 -18.86 23.67 5.18
N PRO G 433 -18.92 24.69 4.27
CA PRO G 433 -19.26 24.42 2.87
C PRO G 433 -18.23 23.50 2.24
N GLY G 434 -18.63 22.90 1.14
CA GLY G 434 -17.78 21.98 0.41
C GLY G 434 -18.19 20.55 0.71
N SER G 435 -18.00 19.70 -0.26
CA SER G 435 -18.25 18.29 -0.16
C SER G 435 -17.20 17.63 0.79
N GLY G 436 -17.59 16.52 1.43
CA GLY G 436 -16.71 15.74 2.30
C GLY G 436 -16.67 16.09 3.78
N TYR G 437 -17.53 17.02 4.25
CA TYR G 437 -17.50 17.47 5.64
C TYR G 437 -18.73 17.17 6.47
N THR G 438 -19.69 16.31 6.00
CA THR G 438 -20.90 15.98 6.77
C THR G 438 -20.52 15.48 8.15
N ASN G 439 -21.08 16.07 9.22
CA ASN G 439 -20.69 15.66 10.57
C ASN G 439 -21.78 15.99 11.62
N ILE G 440 -22.99 16.44 11.18
CA ILE G 440 -24.07 16.86 12.08
C ILE G 440 -25.40 16.11 11.76
N MET G 441 -26.12 15.74 12.81
CA MET G 441 -27.41 15.09 12.73
C MET G 441 -28.31 15.91 13.70
N ARG G 442 -29.48 16.40 13.23
CA ARG G 442 -30.39 17.17 14.07
C ARG G 442 -31.78 16.53 14.07
N VAL G 443 -32.50 16.64 15.20
CA VAL G 443 -33.88 16.13 15.28
C VAL G 443 -34.79 17.33 15.16
N LEU G 444 -35.63 17.38 14.14
CA LEU G 444 -36.47 18.52 13.90
C LEU G 444 -37.95 18.14 13.93
N SER G 445 -38.76 18.97 14.58
CA SER G 445 -40.20 18.77 14.56
C SER G 445 -40.77 19.59 13.41
N ILE G 446 -41.62 19.01 12.55
CA ILE G 446 -42.20 19.75 11.42
C ILE G 446 -43.29 20.70 11.91
N SER G 447 -43.15 21.98 11.58
CA SER G 447 -44.12 22.98 11.96
C SER G 447 -44.73 23.67 10.73
N GLY H 23 -3.80 1.02 16.06
CA GLY H 23 -2.76 0.04 16.39
C GLY H 23 -3.27 -1.22 17.07
N THR H 24 -2.46 -2.28 17.04
CA THR H 24 -2.80 -3.56 17.67
C THR H 24 -2.88 -3.44 19.20
N ALA H 25 -1.99 -2.61 19.78
CA ALA H 25 -1.94 -2.38 21.22
C ALA H 25 -3.25 -1.80 21.73
N PHE H 26 -3.89 -0.91 20.96
CA PHE H 26 -5.17 -0.31 21.33
C PHE H 26 -6.25 -1.39 21.45
N PHE H 27 -6.27 -2.32 20.48
CA PHE H 27 -7.28 -3.37 20.45
C PHE H 27 -7.01 -4.55 21.41
N GLN H 28 -5.89 -4.52 22.16
CA GLN H 28 -5.62 -5.54 23.17
C GLN H 28 -6.01 -5.06 24.60
N GLN H 29 -6.09 -3.72 24.80
CA GLN H 29 -6.49 -3.10 26.06
C GLN H 29 -8.03 -3.11 26.22
N GLN H 30 -8.52 -2.71 27.43
CA GLN H 30 -9.91 -2.59 27.84
C GLN H 30 -10.83 -3.73 27.38
N GLN H 31 -10.30 -4.98 27.40
CA GLN H 31 -11.00 -6.22 27.02
C GLN H 31 -11.64 -6.12 25.63
N LEU H 32 -10.97 -5.45 24.69
CA LEU H 32 -11.52 -5.29 23.33
C LEU H 32 -11.60 -6.63 22.57
N PRO H 33 -10.66 -7.61 22.71
CA PRO H 33 -10.89 -8.93 22.08
C PRO H 33 -12.17 -9.60 22.59
N ALA H 34 -12.45 -9.50 23.92
CA ALA H 34 -13.66 -10.07 24.52
C ALA H 34 -14.91 -9.30 24.10
N ALA H 35 -14.78 -7.99 23.87
CA ALA H 35 -15.88 -7.13 23.44
C ALA H 35 -16.35 -7.43 22.01
N MET H 36 -15.42 -7.89 21.14
CA MET H 36 -15.73 -8.23 19.75
C MET H 36 -16.35 -9.63 19.58
N ALA H 37 -16.46 -10.43 20.66
CA ALA H 37 -16.98 -11.80 20.57
C ALA H 37 -18.44 -11.89 20.11
N ASP H 38 -18.78 -12.97 19.40
CA ASP H 38 -20.12 -13.16 18.84
C ASP H 38 -21.13 -13.77 19.80
N THR H 39 -20.66 -14.38 20.89
CA THR H 39 -21.53 -14.95 21.91
C THR H 39 -21.01 -14.52 23.29
N PHE H 40 -21.87 -14.56 24.31
CA PHE H 40 -21.49 -14.25 25.67
C PHE H 40 -20.47 -15.29 26.19
N LEU H 41 -20.63 -16.56 25.80
CA LEU H 41 -19.71 -17.62 26.21
C LEU H 41 -18.31 -17.34 25.66
N GLU H 42 -18.20 -16.95 24.37
CA GLU H 42 -16.91 -16.62 23.76
C GLU H 42 -16.31 -15.35 24.40
N HIS H 43 -17.16 -14.38 24.76
CA HIS H 43 -16.76 -13.16 25.46
C HIS H 43 -16.09 -13.52 26.78
N LEU H 44 -16.70 -14.45 27.56
CA LEU H 44 -16.12 -14.89 28.84
C LEU H 44 -14.76 -15.54 28.61
N CYS H 45 -14.66 -16.46 27.62
CA CYS H 45 -13.43 -17.18 27.30
C CYS H 45 -12.30 -16.24 26.89
N LEU H 46 -12.62 -15.06 26.32
CA LEU H 46 -11.62 -14.10 25.87
C LEU H 46 -11.23 -13.05 26.92
N LEU H 47 -11.81 -13.09 28.14
CA LEU H 47 -11.43 -12.12 29.18
C LEU H 47 -9.97 -12.33 29.54
N ASP H 48 -9.20 -11.23 29.64
CA ASP H 48 -7.77 -11.31 29.84
C ASP H 48 -7.34 -10.48 31.04
N ILE H 49 -6.70 -11.10 32.03
CA ILE H 49 -6.18 -10.36 33.21
C ILE H 49 -5.06 -9.37 32.84
N ASP H 50 -4.40 -9.57 31.69
CA ASP H 50 -3.33 -8.70 31.21
C ASP H 50 -3.85 -7.54 30.36
N SER H 51 -5.15 -7.53 30.02
CA SER H 51 -5.76 -6.46 29.25
C SER H 51 -6.11 -5.33 30.23
N GLU H 52 -5.31 -4.24 30.23
CA GLU H 52 -5.50 -3.15 31.18
C GLU H 52 -6.62 -2.20 30.86
N PRO H 53 -7.38 -1.76 31.89
CA PRO H 53 -8.46 -0.80 31.62
C PRO H 53 -7.89 0.57 31.21
N VAL H 54 -8.48 1.20 30.20
CA VAL H 54 -8.02 2.51 29.70
C VAL H 54 -9.03 3.59 30.04
N ALA H 55 -10.33 3.29 29.89
CA ALA H 55 -11.39 4.24 30.16
C ALA H 55 -11.44 4.72 31.62
N ALA H 56 -11.97 5.92 31.85
CA ALA H 56 -12.16 6.42 33.20
C ALA H 56 -13.27 5.60 33.88
N ARG H 57 -13.18 5.47 35.21
CA ARG H 57 -14.14 4.71 35.98
C ARG H 57 -15.50 5.40 35.94
N SER H 58 -16.52 4.68 35.50
CA SER H 58 -17.82 5.25 35.29
C SER H 58 -18.87 5.00 36.39
N THR H 59 -18.71 3.97 37.23
CA THR H 59 -19.64 3.71 38.32
C THR H 59 -19.30 4.59 39.49
N SER H 60 -20.23 5.39 39.97
CA SER H 60 -19.94 6.32 41.07
C SER H 60 -19.80 5.64 42.39
N ILE H 61 -18.96 6.20 43.26
CA ILE H 61 -18.77 5.68 44.58
C ILE H 61 -19.47 6.61 45.56
N ILE H 62 -20.37 6.04 46.39
CA ILE H 62 -21.01 6.77 47.49
C ILE H 62 -20.29 6.37 48.79
N ALA H 63 -19.74 7.34 49.53
CA ALA H 63 -19.03 7.09 50.78
C ALA H 63 -19.81 7.74 51.92
N THR H 64 -20.24 6.94 52.91
CA THR H 64 -20.93 7.40 54.11
C THR H 64 -19.93 8.09 54.99
N ILE H 65 -20.31 9.28 55.47
CA ILE H 65 -19.48 10.15 56.28
C ILE H 65 -19.71 9.83 57.74
N GLY H 66 -18.61 9.75 58.47
CA GLY H 66 -18.62 9.50 59.90
C GLY H 66 -17.34 9.94 60.55
N PRO H 67 -17.09 9.47 61.80
CA PRO H 67 -15.84 9.84 62.50
C PRO H 67 -14.56 9.57 61.75
N ALA H 68 -14.51 8.51 60.95
CA ALA H 68 -13.31 8.15 60.19
C ALA H 68 -13.11 8.97 58.89
N SER H 69 -14.13 9.73 58.47
CA SER H 69 -14.07 10.46 57.21
C SER H 69 -14.56 11.89 57.31
N ARG H 70 -14.48 12.50 58.47
CA ARG H 70 -14.95 13.87 58.67
C ARG H 70 -13.88 14.95 58.57
N SER H 71 -12.60 14.63 58.66
CA SER H 71 -11.62 15.71 58.59
C SER H 71 -11.54 16.25 57.17
N VAL H 72 -11.35 17.54 57.03
CA VAL H 72 -11.21 18.18 55.73
C VAL H 72 -10.04 17.58 54.94
N GLU H 73 -8.95 17.22 55.63
CA GLU H 73 -7.77 16.60 55.01
C GLU H 73 -8.03 15.17 54.55
N ARG H 74 -8.78 14.41 55.34
CA ARG H 74 -9.14 13.04 54.99
C ARG H 74 -10.14 13.09 53.79
N LEU H 75 -11.11 14.01 53.82
CA LEU H 75 -12.08 14.20 52.73
C LEU H 75 -11.41 14.58 51.41
N LYS H 76 -10.33 15.37 51.44
CA LYS H 76 -9.56 15.70 50.24
C LYS H 76 -8.95 14.46 49.64
N GLU H 77 -8.43 13.56 50.50
CA GLU H 77 -7.85 12.30 50.06
C GLU H 77 -8.89 11.35 49.45
N MET H 78 -10.09 11.35 50.01
CA MET H 78 -11.18 10.52 49.51
CA MET H 78 -11.18 10.51 49.51
C MET H 78 -11.68 11.01 48.16
N ILE H 79 -11.66 12.33 47.93
CA ILE H 79 -12.06 12.91 46.64
C ILE H 79 -11.04 12.48 45.61
N LYS H 80 -9.72 12.53 45.96
CA LYS H 80 -8.67 12.09 45.03
C LYS H 80 -8.75 10.58 44.75
N ALA H 81 -9.17 9.77 45.72
CA ALA H 81 -9.31 8.30 45.58
C ALA H 81 -10.52 7.91 44.71
N GLY H 82 -11.47 8.82 44.54
CA GLY H 82 -12.62 8.59 43.69
C GLY H 82 -14.02 8.76 44.26
N MET H 83 -14.19 9.29 45.48
CA MET H 83 -15.51 9.51 46.08
C MET H 83 -16.28 10.54 45.25
N ASN H 84 -17.53 10.23 44.90
CA ASN H 84 -18.35 11.11 44.12
C ASN H 84 -19.54 11.65 44.88
N ILE H 85 -20.09 10.85 45.79
CA ILE H 85 -21.25 11.24 46.60
C ILE H 85 -20.93 10.96 48.05
N ALA H 86 -21.20 11.94 48.94
CA ALA H 86 -21.00 11.82 50.37
C ALA H 86 -22.39 11.55 50.98
N ARG H 87 -22.52 10.42 51.69
CA ARG H 87 -23.78 10.08 52.32
C ARG H 87 -23.80 10.43 53.80
N LEU H 88 -24.83 11.18 54.22
CA LEU H 88 -25.03 11.53 55.62
C LEU H 88 -26.13 10.63 56.15
N ASN H 89 -25.78 9.74 57.09
CA ASN H 89 -26.78 8.82 57.62
C ASN H 89 -27.50 9.49 58.79
N PHE H 90 -28.73 9.95 58.58
CA PHE H 90 -29.52 10.61 59.63
C PHE H 90 -30.10 9.64 60.67
N SER H 91 -29.74 8.34 60.59
CA SER H 91 -30.08 7.38 61.63
C SER H 91 -29.21 7.60 62.89
N HIS H 92 -28.06 8.30 62.75
CA HIS H 92 -27.13 8.63 63.81
C HIS H 92 -26.75 10.10 63.74
N GLY H 93 -26.45 10.71 64.88
CA GLY H 93 -25.99 12.09 64.93
C GLY H 93 -27.09 13.12 64.98
N SER H 94 -26.73 14.30 65.43
CA SER H 94 -27.65 15.43 65.53
C SER H 94 -27.60 16.29 64.24
N HIS H 95 -28.51 17.28 64.12
CA HIS H 95 -28.50 18.22 63.00
C HIS H 95 -27.19 19.03 63.02
N GLU H 96 -26.68 19.37 64.20
CA GLU H 96 -25.42 20.11 64.33
C GLU H 96 -24.27 19.26 63.79
N TYR H 97 -24.27 17.96 64.08
CA TYR H 97 -23.24 17.04 63.61
C TYR H 97 -23.27 16.97 62.07
N HIS H 98 -24.46 16.79 61.49
CA HIS H 98 -24.61 16.72 60.04
C HIS H 98 -24.29 18.04 59.33
N ALA H 99 -24.58 19.17 59.95
CA ALA H 99 -24.22 20.49 59.40
C ALA H 99 -22.70 20.64 59.31
N GLU H 100 -21.98 20.13 60.31
CA GLU H 100 -20.52 20.14 60.34
C GLU H 100 -19.98 19.23 59.26
N SER H 101 -20.59 18.06 59.05
CA SER H 101 -20.17 17.12 58.00
C SER H 101 -20.29 17.79 56.62
N ILE H 102 -21.44 18.47 56.38
CA ILE H 102 -21.72 19.17 55.15
C ILE H 102 -20.67 20.24 54.92
N ALA H 103 -20.37 21.03 55.96
CA ALA H 103 -19.39 22.11 55.85
C ALA H 103 -17.98 21.60 55.54
N ASN H 104 -17.58 20.46 56.12
CA ASN H 104 -16.27 19.85 55.88
C ASN H 104 -16.15 19.29 54.49
N VAL H 105 -17.24 18.68 54.00
CA VAL H 105 -17.26 18.16 52.63
C VAL H 105 -17.12 19.34 51.67
N ARG H 106 -17.94 20.37 51.82
CA ARG H 106 -17.86 21.56 50.97
C ARG H 106 -16.49 22.26 51.02
N GLU H 107 -15.85 22.35 52.20
CA GLU H 107 -14.54 22.93 52.31
C GLU H 107 -13.51 22.08 51.54
N ALA H 108 -13.52 20.76 51.69
CA ALA H 108 -12.60 19.89 50.94
C ALA H 108 -12.85 19.93 49.42
N VAL H 109 -14.11 19.92 49.00
CA VAL H 109 -14.45 20.01 47.59
C VAL H 109 -14.01 21.35 47.00
N GLU H 110 -14.25 22.47 47.70
CA GLU H 110 -13.87 23.80 47.21
C GLU H 110 -12.39 24.10 47.27
N SER H 111 -11.60 23.28 47.97
CA SER H 111 -10.16 23.48 48.03
C SER H 111 -9.48 23.19 46.67
N PHE H 112 -10.18 22.53 45.75
CA PHE H 112 -9.69 22.26 44.41
C PHE H 112 -10.33 23.21 43.37
N ALA H 113 -11.21 24.15 43.77
CA ALA H 113 -11.88 25.07 42.85
C ALA H 113 -10.96 26.08 42.16
N GLY H 114 -9.76 26.27 42.66
CA GLY H 114 -8.77 27.16 42.07
C GLY H 114 -8.31 26.72 40.70
N SER H 115 -8.46 25.42 40.38
CA SER H 115 -8.13 24.84 39.09
C SER H 115 -9.42 24.28 38.46
N PRO H 116 -10.16 25.15 37.73
CA PRO H 116 -11.46 24.75 37.16
C PRO H 116 -11.47 23.56 36.21
N LEU H 117 -10.38 23.34 35.48
CA LEU H 117 -10.29 22.20 34.56
C LEU H 117 -10.15 20.85 35.29
N SER H 118 -9.84 20.84 36.59
CA SER H 118 -9.69 19.58 37.32
C SER H 118 -10.67 19.43 38.53
N TYR H 119 -11.41 20.49 38.86
CA TYR H 119 -12.36 20.51 39.97
C TYR H 119 -13.38 19.36 39.89
N ARG H 120 -13.57 18.65 40.99
CA ARG H 120 -14.54 17.56 41.02
C ARG H 120 -15.69 17.86 41.94
N PRO H 121 -16.89 18.00 41.38
CA PRO H 121 -18.06 18.19 42.23
C PRO H 121 -18.36 16.92 43.02
N VAL H 122 -18.83 17.07 44.26
CA VAL H 122 -19.21 15.93 45.08
C VAL H 122 -20.64 16.18 45.58
N ALA H 123 -21.56 15.26 45.29
CA ALA H 123 -22.94 15.39 45.75
C ALA H 123 -23.07 15.08 47.22
N ILE H 124 -24.07 15.66 47.87
CA ILE H 124 -24.36 15.41 49.26
C ILE H 124 -25.72 14.78 49.32
N ALA H 125 -25.77 13.56 49.85
CA ALA H 125 -27.02 12.83 49.99
C ALA H 125 -27.42 12.67 51.45
N LEU H 126 -28.70 12.89 51.74
CA LEU H 126 -29.25 12.75 53.08
C LEU H 126 -29.97 11.41 53.14
N ASP H 127 -29.53 10.47 53.98
CA ASP H 127 -30.20 9.19 54.14
C ASP H 127 -31.10 9.30 55.37
N THR H 128 -32.42 9.20 55.20
CA THR H 128 -33.35 9.36 56.32
C THR H 128 -33.34 8.20 57.31
N LYS H 129 -33.78 8.46 58.55
CA LYS H 129 -33.89 7.50 59.64
C LYS H 129 -34.96 6.47 59.32
N GLY H 130 -36.08 6.90 58.76
CA GLY H 130 -37.15 5.98 58.38
C GLY H 130 -38.41 6.05 59.23
N PRO H 131 -39.42 5.28 58.81
CA PRO H 131 -40.72 5.30 59.53
C PRO H 131 -40.72 4.58 60.86
N GLY H 132 -39.83 3.60 61.03
CA GLY H 132 -39.74 2.80 62.25
C GLY H 132 -41.00 1.96 62.44
N SER H 133 -41.63 2.09 63.62
CA SER H 133 -42.88 1.37 63.93
C SER H 133 -44.11 1.97 63.19
N GLY H 134 -44.00 3.23 62.75
CA GLY H 134 -45.06 3.96 62.08
C GLY H 134 -45.43 3.50 60.68
N PRO H 135 -46.59 3.98 60.19
CA PRO H 135 -47.07 3.56 58.85
C PRO H 135 -46.51 4.35 57.65
N GLY H 136 -46.19 5.62 57.88
CA GLY H 136 -45.67 6.49 56.83
C GLY H 136 -44.56 7.40 57.33
N LEU H 137 -44.55 8.65 56.85
CA LEU H 137 -43.50 9.61 57.17
C LEU H 137 -43.49 10.03 58.64
N SER H 138 -42.39 9.76 59.34
CA SER H 138 -42.25 10.10 60.74
C SER H 138 -42.04 11.62 60.94
N GLU H 139 -42.22 12.12 62.17
CA GLU H 139 -42.00 13.53 62.47
C GLU H 139 -40.54 13.92 62.44
N GLN H 140 -39.64 12.99 62.81
CA GLN H 140 -38.21 13.25 62.73
C GLN H 140 -37.78 13.34 61.26
N ASP H 141 -38.37 12.51 60.39
CA ASP H 141 -38.08 12.59 58.95
C ASP H 141 -38.51 13.93 58.37
N VAL H 142 -39.65 14.49 58.80
CA VAL H 142 -40.09 15.81 58.34
C VAL H 142 -39.09 16.91 58.74
N ARG H 143 -38.56 16.85 59.96
CA ARG H 143 -37.56 17.81 60.43
C ARG H 143 -36.23 17.64 59.71
N ASP H 144 -35.81 16.41 59.46
CA ASP H 144 -34.56 16.10 58.75
C ASP H 144 -34.64 16.49 57.29
N LEU H 145 -35.78 16.25 56.64
CA LEU H 145 -35.97 16.65 55.25
C LEU H 145 -35.96 18.19 55.12
N ARG H 146 -36.55 18.90 56.10
CA ARG H 146 -36.52 20.36 56.11
C ARG H 146 -35.07 20.86 56.30
N PHE H 147 -34.28 20.15 57.15
CA PHE H 147 -32.88 20.46 57.38
C PHE H 147 -32.11 20.34 56.05
N GLY H 148 -32.39 19.28 55.28
CA GLY H 148 -31.75 19.03 54.01
C GLY H 148 -31.99 20.13 53.00
N VAL H 149 -33.24 20.61 52.92
CA VAL H 149 -33.57 21.71 52.01
C VAL H 149 -32.83 22.97 52.45
N GLU H 150 -32.83 23.28 53.77
CA GLU H 150 -32.16 24.45 54.30
C GLU H 150 -30.66 24.42 54.08
N HIS H 151 -30.06 23.22 54.05
CA HIS H 151 -28.63 23.09 53.86
C HIS H 151 -28.20 22.77 52.42
N GLY H 152 -29.14 22.74 51.49
CA GLY H 152 -28.86 22.52 50.08
C GLY H 152 -28.37 21.14 49.70
N VAL H 153 -28.96 20.06 50.29
CA VAL H 153 -28.54 18.69 49.90
C VAL H 153 -29.04 18.44 48.49
N ASP H 154 -28.38 17.54 47.76
CA ASP H 154 -28.73 17.26 46.37
C ASP H 154 -29.63 16.08 46.22
N ILE H 155 -29.50 15.09 47.10
CA ILE H 155 -30.20 13.82 46.99
C ILE H 155 -30.76 13.41 48.36
N VAL H 156 -31.89 12.70 48.34
CA VAL H 156 -32.46 12.12 49.53
C VAL H 156 -32.51 10.61 49.28
N PHE H 157 -31.90 9.81 50.17
CA PHE H 157 -32.03 8.36 50.10
C PHE H 157 -33.15 8.08 51.11
N ALA H 158 -34.37 7.91 50.63
CA ALA H 158 -35.53 7.73 51.49
C ALA H 158 -35.63 6.31 52.02
N SER H 159 -35.42 6.12 53.33
CA SER H 159 -35.50 4.80 53.96
C SER H 159 -36.90 4.15 53.97
N PHE H 160 -36.92 2.82 53.86
CA PHE H 160 -38.08 1.95 53.90
C PHE H 160 -39.28 2.42 53.06
N VAL H 161 -39.09 2.67 51.76
CA VAL H 161 -40.18 3.05 50.88
C VAL H 161 -40.96 1.80 50.55
N ARG H 162 -42.28 1.80 50.77
CA ARG H 162 -43.13 0.62 50.55
C ARG H 162 -44.20 0.82 49.48
N LYS H 163 -44.48 2.07 49.14
CA LYS H 163 -45.51 2.38 48.16
C LYS H 163 -45.28 3.76 47.58
N ALA H 164 -45.97 4.10 46.50
CA ALA H 164 -45.82 5.40 45.84
C ALA H 164 -46.16 6.56 46.75
N SER H 165 -47.13 6.40 47.66
CA SER H 165 -47.55 7.47 48.56
C SER H 165 -46.46 7.88 49.55
N ASP H 166 -45.51 6.97 49.86
CA ASP H 166 -44.35 7.27 50.72
C ASP H 166 -43.44 8.28 50.01
N VAL H 167 -43.24 8.13 48.70
CA VAL H 167 -42.41 9.02 47.90
C VAL H 167 -43.08 10.40 47.83
N ALA H 168 -44.42 10.43 47.65
CA ALA H 168 -45.19 11.69 47.61
C ALA H 168 -45.11 12.42 48.94
N ALA H 169 -45.07 11.68 50.06
CA ALA H 169 -44.93 12.29 51.39
C ALA H 169 -43.56 12.96 51.52
N VAL H 170 -42.48 12.30 51.03
CA VAL H 170 -41.13 12.85 51.05
C VAL H 170 -41.05 14.08 50.18
N ARG H 171 -41.65 14.03 49.00
N ARG H 171 -41.65 14.02 48.99
CA ARG H 171 -41.68 15.16 48.09
CA ARG H 171 -41.67 15.17 48.09
C ARG H 171 -42.38 16.37 48.75
C ARG H 171 -42.39 16.38 48.76
N ALA H 172 -43.52 16.13 49.42
CA ALA H 172 -44.27 17.20 50.12
C ALA H 172 -43.45 17.77 51.26
N ALA H 173 -42.74 16.92 52.03
CA ALA H 173 -41.92 17.41 53.13
C ALA H 173 -40.72 18.25 52.69
N LEU H 174 -40.26 18.07 51.45
CA LEU H 174 -39.18 18.87 50.90
C LEU H 174 -39.67 20.30 50.53
N GLY H 175 -40.98 20.47 50.32
CA GLY H 175 -41.62 21.75 50.02
C GLY H 175 -41.27 22.32 48.67
N PRO H 176 -41.74 23.54 48.41
CA PRO H 176 -41.46 24.19 47.11
C PRO H 176 -39.99 24.51 46.88
N GLU H 177 -39.23 24.76 47.93
CA GLU H 177 -37.80 25.06 47.80
C GLU H 177 -36.91 23.81 47.50
N GLY H 178 -37.43 22.61 47.76
CA GLY H 178 -36.70 21.37 47.51
C GLY H 178 -37.14 20.63 46.25
N HIS H 179 -37.72 21.36 45.26
CA HIS H 179 -38.21 20.74 44.02
CA HIS H 179 -38.22 20.75 44.02
C HIS H 179 -37.10 20.10 43.20
N GLY H 180 -35.90 20.65 43.26
CA GLY H 180 -34.77 20.13 42.51
C GLY H 180 -34.03 18.96 43.14
N ILE H 181 -34.35 18.60 44.41
CA ILE H 181 -33.71 17.49 45.10
C ILE H 181 -34.15 16.13 44.54
N LYS H 182 -33.19 15.21 44.26
CA LYS H 182 -33.53 13.90 43.74
C LYS H 182 -33.94 12.98 44.87
N ILE H 183 -35.02 12.22 44.67
CA ILE H 183 -35.45 11.26 45.69
C ILE H 183 -35.13 9.86 45.19
N ILE H 184 -34.20 9.18 45.86
CA ILE H 184 -33.80 7.81 45.53
C ILE H 184 -34.46 6.95 46.60
N SER H 185 -35.43 6.13 46.22
CA SER H 185 -36.17 5.29 47.16
C SER H 185 -35.40 4.04 47.56
N LYS H 186 -35.24 3.82 48.87
CA LYS H 186 -34.58 2.62 49.35
C LYS H 186 -35.59 1.50 49.47
N ILE H 187 -35.34 0.36 48.76
CA ILE H 187 -36.18 -0.81 48.86
C ILE H 187 -35.54 -1.73 49.88
N GLU H 188 -36.19 -1.89 51.05
CA GLU H 188 -35.62 -2.65 52.16
C GLU H 188 -36.49 -3.76 52.71
N ASN H 189 -37.66 -4.02 52.10
CA ASN H 189 -38.55 -5.07 52.60
C ASN H 189 -39.38 -5.70 51.50
N HIS H 190 -40.13 -6.77 51.85
CA HIS H 190 -40.95 -7.49 50.88
C HIS H 190 -41.95 -6.59 50.16
N GLU H 191 -42.61 -5.69 50.88
CA GLU H 191 -43.61 -4.81 50.27
C GLU H 191 -43.01 -3.87 49.23
N GLY H 192 -41.83 -3.31 49.51
CA GLY H 192 -41.13 -2.44 48.57
C GLY H 192 -40.78 -3.18 47.30
N VAL H 193 -40.35 -4.47 47.43
CA VAL H 193 -40.04 -5.31 46.27
C VAL H 193 -41.32 -5.60 45.46
N LYS H 194 -42.41 -5.90 46.15
CA LYS H 194 -43.68 -6.20 45.45
C LYS H 194 -44.32 -4.97 44.80
N ARG H 195 -44.18 -3.80 45.41
CA ARG H 195 -44.72 -2.58 44.83
C ARG H 195 -43.69 -1.78 44.06
N PHE H 196 -42.56 -2.43 43.66
CA PHE H 196 -41.43 -1.82 42.96
C PHE H 196 -41.82 -0.91 41.79
N ASP H 197 -42.66 -1.39 40.88
CA ASP H 197 -43.02 -0.62 39.68
C ASP H 197 -43.67 0.74 40.00
N GLU H 198 -44.59 0.79 40.98
CA GLU H 198 -45.24 2.03 41.34
C GLU H 198 -44.27 2.97 42.06
N ILE H 199 -43.33 2.44 42.83
CA ILE H 199 -42.33 3.24 43.53
C ILE H 199 -41.33 3.84 42.52
N LEU H 200 -40.81 3.02 41.60
CA LEU H 200 -39.86 3.48 40.58
C LEU H 200 -40.48 4.57 39.71
N GLU H 201 -41.75 4.41 39.35
CA GLU H 201 -42.47 5.39 38.53
C GLU H 201 -42.45 6.79 39.10
N VAL H 202 -42.59 6.93 40.42
CA VAL H 202 -42.62 8.25 41.06
C VAL H 202 -41.29 8.69 41.67
N SER H 203 -40.27 7.81 41.70
CA SER H 203 -38.96 8.15 42.25
C SER H 203 -37.98 8.57 41.14
N ASP H 204 -36.91 9.24 41.51
CA ASP H 204 -35.86 9.58 40.57
C ASP H 204 -34.88 8.38 40.35
N GLY H 205 -34.87 7.44 41.29
CA GLY H 205 -34.02 6.26 41.25
C GLY H 205 -34.25 5.38 42.45
N ILE H 206 -33.42 4.32 42.58
CA ILE H 206 -33.60 3.33 43.64
C ILE H 206 -32.28 2.97 44.32
N MET H 207 -32.37 2.58 45.58
CA MET H 207 -31.23 1.99 46.28
C MET H 207 -31.61 0.57 46.71
N VAL H 208 -30.80 -0.42 46.36
CA VAL H 208 -31.00 -1.78 46.81
C VAL H 208 -30.31 -1.82 48.19
N ALA H 209 -31.10 -1.58 49.25
CA ALA H 209 -30.62 -1.49 50.62
C ALA H 209 -30.56 -2.92 51.19
N ARG H 210 -29.51 -3.66 50.82
CA ARG H 210 -29.33 -5.06 51.14
C ARG H 210 -29.25 -5.40 52.64
N GLY H 211 -28.82 -4.47 53.50
CA GLY H 211 -28.76 -4.73 54.94
C GLY H 211 -30.11 -5.11 55.54
N ASP H 212 -31.08 -4.21 55.48
CA ASP H 212 -32.43 -4.48 55.97
C ASP H 212 -33.14 -5.50 55.09
N LEU H 213 -32.93 -5.44 53.77
CA LEU H 213 -33.56 -6.37 52.84
C LEU H 213 -33.19 -7.83 53.18
N GLY H 214 -31.94 -8.06 53.55
CA GLY H 214 -31.45 -9.37 53.96
C GLY H 214 -31.98 -9.88 55.29
N ILE H 215 -32.65 -9.02 56.06
CA ILE H 215 -33.29 -9.43 57.29
C ILE H 215 -34.82 -9.51 57.12
N GLU H 216 -35.40 -8.70 56.20
CA GLU H 216 -36.82 -8.75 55.89
C GLU H 216 -37.22 -9.93 55.00
N ILE H 217 -36.34 -10.31 54.08
CA ILE H 217 -36.54 -11.45 53.19
C ILE H 217 -35.40 -12.47 53.44
N PRO H 218 -35.55 -13.75 53.04
CA PRO H 218 -34.45 -14.72 53.27
C PRO H 218 -33.17 -14.24 52.63
N ALA H 219 -32.06 -14.36 53.33
CA ALA H 219 -30.77 -13.89 52.85
C ALA H 219 -30.39 -14.42 51.45
N GLU H 220 -30.74 -15.68 51.15
CA GLU H 220 -30.44 -16.32 49.87
C GLU H 220 -31.27 -15.79 48.70
N LYS H 221 -32.26 -14.90 48.96
CA LYS H 221 -33.08 -14.32 47.90
C LYS H 221 -32.68 -12.87 47.56
N VAL H 222 -31.77 -12.24 48.34
CA VAL H 222 -31.41 -10.84 48.11
C VAL H 222 -30.81 -10.62 46.73
N PHE H 223 -29.96 -11.54 46.27
CA PHE H 223 -29.37 -11.42 44.92
C PHE H 223 -30.44 -11.35 43.80
N LEU H 224 -31.59 -12.04 43.95
CA LEU H 224 -32.64 -12.00 42.95
C LEU H 224 -33.30 -10.62 42.96
N ALA H 225 -33.53 -10.04 44.16
CA ALA H 225 -34.12 -8.73 44.28
C ALA H 225 -33.16 -7.67 43.70
N GLN H 226 -31.87 -7.76 44.00
CA GLN H 226 -30.86 -6.84 43.48
C GLN H 226 -30.83 -6.87 41.92
N LYS H 227 -30.72 -8.08 41.33
CA LYS H 227 -30.66 -8.20 39.88
C LYS H 227 -31.96 -7.72 39.20
N MET H 228 -33.12 -7.99 39.82
CA MET H 228 -34.41 -7.56 39.25
C MET H 228 -34.49 -6.03 39.25
N MET H 229 -34.18 -5.39 40.38
CA MET H 229 -34.28 -3.94 40.49
C MET H 229 -33.29 -3.25 39.61
N ILE H 230 -32.05 -3.76 39.52
CA ILE H 230 -31.05 -3.17 38.62
C ILE H 230 -31.53 -3.24 37.17
N GLY H 231 -32.03 -4.41 36.75
CA GLY H 231 -32.55 -4.59 35.40
C GLY H 231 -33.69 -3.64 35.08
N ARG H 232 -34.65 -3.47 36.02
CA ARG H 232 -35.79 -2.60 35.83
C ARG H 232 -35.43 -1.16 35.79
N CYS H 233 -34.43 -0.75 36.59
CA CYS H 233 -33.92 0.62 36.59
C CYS H 233 -33.21 0.91 35.31
N ASN H 234 -32.42 -0.04 34.80
CA ASN H 234 -31.72 0.09 33.52
C ASN H 234 -32.74 0.25 32.39
N LEU H 235 -33.83 -0.51 32.45
CA LEU H 235 -34.87 -0.46 31.43
C LEU H 235 -35.59 0.92 31.50
N ALA H 236 -35.88 1.43 32.73
CA ALA H 236 -36.51 2.72 32.93
C ALA H 236 -35.54 3.92 32.72
N GLY H 237 -34.23 3.66 32.64
CA GLY H 237 -33.23 4.71 32.48
C GLY H 237 -33.10 5.58 33.71
N LYS H 238 -33.30 4.98 34.90
CA LYS H 238 -33.22 5.68 36.17
C LYS H 238 -32.09 5.13 37.02
N PRO H 239 -31.38 5.98 37.79
CA PRO H 239 -30.23 5.46 38.57
C PRO H 239 -30.56 4.41 39.61
N VAL H 240 -29.66 3.44 39.78
CA VAL H 240 -29.80 2.40 40.78
C VAL H 240 -28.49 2.27 41.54
N VAL H 241 -28.58 2.23 42.85
CA VAL H 241 -27.42 2.14 43.74
C VAL H 241 -27.40 0.75 44.36
N CYS H 242 -26.22 0.09 44.38
CA CYS H 242 -26.09 -1.16 45.10
C CYS H 242 -25.43 -0.81 46.43
N ALA H 243 -26.05 -1.22 47.54
CA ALA H 243 -25.55 -0.85 48.84
C ALA H 243 -25.39 -2.00 49.82
N THR H 244 -24.50 -1.81 50.83
CA THR H 244 -24.30 -2.52 52.09
C THR H 244 -23.46 -3.80 52.03
N GLN H 245 -22.40 -3.80 52.85
CA GLN H 245 -21.43 -4.87 53.09
C GLN H 245 -20.63 -5.26 51.88
N MET H 246 -20.50 -4.34 50.90
CA MET H 246 -19.73 -4.64 49.70
C MET H 246 -18.28 -4.95 50.00
N LEU H 247 -17.64 -4.20 50.91
CA LEU H 247 -16.23 -4.43 51.31
C LEU H 247 -16.16 -4.44 52.84
N GLU H 248 -17.15 -5.01 53.52
CA GLU H 248 -17.30 -5.04 54.97
C GLU H 248 -16.04 -5.37 55.79
N SER H 249 -15.28 -6.39 55.40
CA SER H 249 -14.06 -6.76 56.10
C SER H 249 -13.02 -5.64 56.11
N MET H 250 -13.09 -4.68 55.15
CA MET H 250 -12.16 -3.52 55.12
C MET H 250 -12.46 -2.49 56.18
N ILE H 251 -13.46 -2.72 57.04
CA ILE H 251 -13.66 -1.87 58.21
C ILE H 251 -12.44 -2.06 59.16
N THR H 252 -11.94 -3.29 59.27
CA THR H 252 -10.82 -3.60 60.16
C THR H 252 -9.56 -4.11 59.45
N LYS H 253 -9.68 -4.69 58.25
CA LYS H 253 -8.54 -5.26 57.52
C LYS H 253 -8.11 -4.44 56.30
N PRO H 254 -6.80 -4.42 55.96
CA PRO H 254 -6.35 -3.58 54.83
C PRO H 254 -6.73 -4.07 53.41
N ARG H 255 -7.10 -5.36 53.27
CA ARG H 255 -7.49 -5.96 52.00
C ARG H 255 -8.83 -6.69 52.14
N PRO H 256 -9.68 -6.66 51.11
CA PRO H 256 -10.99 -7.34 51.22
C PRO H 256 -10.91 -8.85 50.96
N THR H 257 -12.01 -9.56 51.21
CA THR H 257 -12.08 -11.00 50.93
C THR H 257 -12.37 -11.23 49.44
N ARG H 258 -12.22 -12.47 48.95
CA ARG H 258 -12.51 -12.81 47.58
C ARG H 258 -14.01 -12.65 47.25
N ALA H 259 -14.91 -12.84 48.23
CA ALA H 259 -16.32 -12.65 48.01
C ALA H 259 -16.67 -11.16 47.84
N GLU H 260 -15.97 -10.28 48.57
CA GLU H 260 -16.18 -8.84 48.53
C GLU H 260 -15.78 -8.22 47.19
N THR H 261 -14.60 -8.57 46.67
CA THR H 261 -14.19 -8.04 45.36
C THR H 261 -15.14 -8.56 44.27
N SER H 262 -15.53 -9.81 44.37
CA SER H 262 -16.46 -10.42 43.44
C SER H 262 -17.84 -9.70 43.49
N ASP H 263 -18.31 -9.38 44.69
CA ASP H 263 -19.57 -8.67 44.90
C ASP H 263 -19.57 -7.32 44.19
N VAL H 264 -18.48 -6.51 44.35
CA VAL H 264 -18.37 -5.21 43.72
C VAL H 264 -18.38 -5.38 42.20
N ALA H 265 -17.56 -6.30 41.69
CA ALA H 265 -17.49 -6.56 40.26
C ALA H 265 -18.85 -6.97 39.68
N ASN H 266 -19.56 -7.86 40.38
CA ASN H 266 -20.86 -8.30 39.92
C ASN H 266 -21.94 -7.23 40.00
N ALA H 267 -21.88 -6.30 40.95
CA ALA H 267 -22.84 -5.20 41.02
C ALA H 267 -22.66 -4.29 39.77
N VAL H 268 -21.40 -4.03 39.35
CA VAL H 268 -21.13 -3.29 38.13
C VAL H 268 -21.61 -4.07 36.90
N LEU H 269 -21.31 -5.36 36.82
CA LEU H 269 -21.76 -6.20 35.71
C LEU H 269 -23.29 -6.35 35.66
N ASP H 270 -23.98 -6.32 36.81
CA ASP H 270 -25.45 -6.37 36.85
C ASP H 270 -26.04 -5.12 36.19
N GLY H 271 -25.35 -3.96 36.33
CA GLY H 271 -25.80 -2.73 35.72
C GLY H 271 -25.98 -1.58 36.69
N ALA H 272 -25.44 -1.68 37.93
CA ALA H 272 -25.57 -0.62 38.93
C ALA H 272 -24.92 0.66 38.47
N ASP H 273 -25.58 1.80 38.70
CA ASP H 273 -25.01 3.09 38.37
C ASP H 273 -24.03 3.50 39.47
N CYS H 274 -24.35 3.21 40.75
CA CYS H 274 -23.55 3.56 41.90
C CYS H 274 -23.28 2.36 42.78
N ILE H 275 -22.16 2.41 43.49
CA ILE H 275 -21.81 1.44 44.50
C ILE H 275 -21.56 2.22 45.81
N MET H 276 -21.85 1.59 46.97
CA MET H 276 -21.76 2.30 48.22
C MET H 276 -20.85 1.65 49.28
N LEU H 277 -20.25 2.52 50.12
CA LEU H 277 -19.45 2.17 51.30
C LEU H 277 -20.15 2.83 52.48
N SER H 278 -20.41 2.02 53.56
CA SER H 278 -21.07 2.48 54.80
C SER H 278 -20.06 2.48 55.92
N GLY H 279 -19.94 1.41 56.71
CA GLY H 279 -18.97 1.34 57.79
C GLY H 279 -17.56 1.46 57.30
N GLU H 280 -17.27 0.97 56.06
CA GLU H 280 -15.95 1.04 55.43
C GLU H 280 -15.43 2.47 55.41
N THR H 281 -16.30 3.49 55.15
CA THR H 281 -15.83 4.88 55.16
C THR H 281 -16.25 5.65 56.38
N ALA H 282 -17.35 5.26 57.02
CA ALA H 282 -17.86 5.98 58.17
C ALA H 282 -17.09 5.77 59.45
N LYS H 283 -16.72 4.53 59.76
CA LYS H 283 -16.12 4.24 61.04
C LYS H 283 -14.88 3.34 61.02
N GLY H 284 -14.53 2.76 59.89
CA GLY H 284 -13.40 1.83 59.79
C GLY H 284 -12.03 2.46 59.77
N ASN H 285 -10.96 1.63 59.64
CA ASN H 285 -9.59 2.17 59.65
C ASN H 285 -8.98 2.36 58.24
N PHE H 286 -9.73 2.00 57.21
CA PHE H 286 -9.26 2.12 55.84
C PHE H 286 -10.27 2.88 54.93
N PRO H 287 -10.82 4.06 55.34
CA PRO H 287 -11.77 4.74 54.43
C PRO H 287 -11.22 5.09 53.04
N VAL H 288 -9.98 5.53 52.94
CA VAL H 288 -9.40 5.92 51.66
C VAL H 288 -9.11 4.71 50.83
N GLU H 289 -8.58 3.64 51.44
CA GLU H 289 -8.28 2.42 50.71
C GLU H 289 -9.56 1.71 50.26
N ALA H 290 -10.65 1.82 51.02
CA ALA H 290 -11.90 1.17 50.64
C ALA H 290 -12.42 1.85 49.34
N VAL H 291 -12.26 3.20 49.23
CA VAL H 291 -12.64 3.97 48.06
C VAL H 291 -11.74 3.56 46.90
N LYS H 292 -10.43 3.44 47.16
CA LYS H 292 -9.47 3.03 46.13
C LYS H 292 -9.76 1.64 45.60
N MET H 293 -10.20 0.72 46.45
CA MET H 293 -10.54 -0.66 46.09
C MET H 293 -11.78 -0.69 45.22
N GLN H 294 -12.83 0.04 45.60
CA GLN H 294 -14.04 0.11 44.77
C GLN H 294 -13.73 0.71 43.42
N HIS H 295 -12.86 1.73 43.39
CA HIS H 295 -12.44 2.37 42.15
C HIS H 295 -11.74 1.36 41.24
N ALA H 296 -10.77 0.60 41.79
CA ALA H 296 -10.01 -0.37 41.01
C ALA H 296 -10.85 -1.52 40.46
N ILE H 297 -11.78 -2.08 41.27
CA ILE H 297 -12.65 -3.16 40.82
C ILE H 297 -13.63 -2.67 39.73
N ALA H 298 -14.28 -1.49 39.97
CA ALA H 298 -15.23 -0.93 39.02
C ALA H 298 -14.61 -0.70 37.64
N ARG H 299 -13.40 -0.16 37.56
CA ARG H 299 -12.72 0.04 36.27
C ARG H 299 -12.49 -1.28 35.56
N GLU H 300 -12.09 -2.36 36.29
CA GLU H 300 -11.88 -3.66 35.68
C GLU H 300 -13.19 -4.22 35.17
N ALA H 301 -14.26 -4.14 35.97
CA ALA H 301 -15.57 -4.69 35.63
C ALA H 301 -16.22 -3.94 34.48
N GLU H 302 -16.03 -2.61 34.39
CA GLU H 302 -16.58 -1.82 33.29
C GLU H 302 -15.95 -2.21 31.95
N ALA H 303 -14.65 -2.53 31.93
CA ALA H 303 -14.01 -2.96 30.70
C ALA H 303 -14.52 -4.36 30.26
N ALA H 304 -14.97 -5.20 31.21
CA ALA H 304 -15.50 -6.55 30.94
C ALA H 304 -16.98 -6.58 30.56
N VAL H 305 -17.65 -5.43 30.49
CA VAL H 305 -19.07 -5.36 30.10
C VAL H 305 -19.20 -5.78 28.61
N TYR H 306 -20.19 -6.64 28.31
CA TYR H 306 -20.42 -7.13 26.96
C TYR H 306 -21.35 -6.16 26.22
N HIS H 307 -20.81 -4.99 25.82
CA HIS H 307 -21.58 -3.93 25.16
C HIS H 307 -22.34 -4.39 23.93
N ARG H 308 -21.83 -5.38 23.21
CA ARG H 308 -22.49 -5.89 22.02
C ARG H 308 -23.93 -6.33 22.28
N GLN H 309 -24.14 -7.14 23.32
CA GLN H 309 -25.50 -7.57 23.66
C GLN H 309 -26.24 -6.51 24.48
N LEU H 310 -25.54 -5.89 25.43
CA LEU H 310 -26.13 -4.85 26.27
C LEU H 310 -26.76 -3.71 25.46
N PHE H 311 -26.01 -3.12 24.52
CA PHE H 311 -26.55 -2.02 23.71
C PHE H 311 -27.72 -2.48 22.86
N GLU H 312 -27.61 -3.67 22.23
CA GLU H 312 -28.70 -4.24 21.43
C GLU H 312 -29.96 -4.41 22.25
N GLU H 313 -29.85 -4.92 23.47
CA GLU H 313 -31.00 -5.12 24.34
C GLU H 313 -31.57 -3.82 24.88
N LEU H 314 -30.74 -2.83 25.20
CA LEU H 314 -31.24 -1.54 25.68
C LEU H 314 -31.99 -0.86 24.52
N ARG H 315 -31.50 -0.98 23.25
CA ARG H 315 -32.25 -0.34 22.16
C ARG H 315 -33.55 -1.12 21.86
N ARG H 316 -33.50 -2.43 21.86
CA ARG H 316 -34.68 -3.27 21.58
C ARG H 316 -35.75 -3.06 22.64
N ALA H 317 -35.36 -2.96 23.92
CA ALA H 317 -36.31 -2.82 25.02
C ALA H 317 -36.88 -1.44 25.17
N ALA H 318 -36.09 -0.40 24.83
CA ALA H 318 -36.55 0.97 24.99
C ALA H 318 -37.65 1.24 23.96
N PRO H 319 -38.79 1.79 24.41
CA PRO H 319 -39.88 2.08 23.47
C PRO H 319 -39.52 3.21 22.51
N LEU H 320 -40.28 3.33 21.41
CA LEU H 320 -40.10 4.43 20.47
C LEU H 320 -40.37 5.76 21.20
N SER H 321 -39.76 6.84 20.73
CA SER H 321 -39.92 8.12 21.38
C SER H 321 -40.02 9.23 20.41
N ARG H 322 -40.87 10.20 20.73
CA ARG H 322 -40.94 11.42 19.93
C ARG H 322 -40.24 12.62 20.65
N ASP H 323 -39.45 12.35 21.73
CA ASP H 323 -38.74 13.37 22.44
C ASP H 323 -37.38 13.55 21.77
N PRO H 324 -37.06 14.77 21.28
CA PRO H 324 -35.79 14.97 20.57
C PRO H 324 -34.54 14.70 21.40
N THR H 325 -34.61 14.89 22.73
CA THR H 325 -33.47 14.61 23.59
C THR H 325 -33.18 13.09 23.57
N GLU H 326 -34.22 12.29 23.69
CA GLU H 326 -34.18 10.83 23.66
C GLU H 326 -33.68 10.32 22.29
N VAL H 327 -34.18 10.91 21.20
CA VAL H 327 -33.77 10.56 19.86
C VAL H 327 -32.30 10.94 19.58
N THR H 328 -31.85 12.14 20.04
CA THR H 328 -30.47 12.58 19.85
C THR H 328 -29.51 11.70 20.66
N ALA H 329 -29.90 11.33 21.90
CA ALA H 329 -29.11 10.46 22.76
C ALA H 329 -28.79 9.09 22.14
N ILE H 330 -29.78 8.40 21.56
CA ILE H 330 -29.51 7.11 20.94
C ILE H 330 -28.65 7.25 19.67
N GLY H 331 -28.87 8.31 18.89
CA GLY H 331 -28.07 8.57 17.72
C GLY H 331 -26.62 8.86 18.10
N ALA H 332 -26.40 9.62 19.18
CA ALA H 332 -25.06 9.96 19.65
C ALA H 332 -24.33 8.74 20.21
N VAL H 333 -25.04 7.81 20.92
CA VAL H 333 -24.41 6.61 21.45
C VAL H 333 -24.04 5.69 20.31
N GLU H 334 -24.92 5.56 19.31
CA GLU H 334 -24.65 4.76 18.11
C GLU H 334 -23.41 5.31 17.37
N ALA H 335 -23.31 6.62 17.21
CA ALA H 335 -22.17 7.27 16.57
C ALA H 335 -20.88 7.06 17.37
N ALA H 336 -20.94 7.19 18.69
CA ALA H 336 -19.78 6.96 19.55
C ALA H 336 -19.22 5.51 19.40
N PHE H 337 -20.11 4.49 19.30
CA PHE H 337 -19.67 3.12 19.10
C PHE H 337 -19.05 2.91 17.71
N LYS H 338 -19.58 3.57 16.69
CA LYS H 338 -19.12 3.45 15.32
C LYS H 338 -17.66 3.89 15.15
N CYS H 339 -17.24 4.95 15.83
CA CYS H 339 -15.89 5.48 15.68
C CYS H 339 -14.98 5.24 16.89
N CYS H 340 -15.45 4.48 17.92
CA CYS H 340 -14.71 4.31 19.18
C CYS H 340 -14.36 5.68 19.77
N ALA H 341 -15.36 6.60 19.81
CA ALA H 341 -15.19 7.97 20.33
C ALA H 341 -14.63 7.92 21.74
N ALA H 342 -13.67 8.79 22.06
CA ALA H 342 -13.10 8.87 23.39
C ALA H 342 -14.14 9.44 24.39
N ALA H 343 -15.06 10.29 23.92
CA ALA H 343 -16.05 10.91 24.80
C ALA H 343 -17.26 11.44 24.02
N ILE H 344 -18.36 11.69 24.74
CA ILE H 344 -19.54 12.36 24.26
C ILE H 344 -19.60 13.60 25.15
N ILE H 345 -19.42 14.81 24.59
CA ILE H 345 -19.51 16.03 25.35
C ILE H 345 -20.92 16.56 25.23
N VAL H 346 -21.62 16.75 26.34
CA VAL H 346 -23.01 17.21 26.34
C VAL H 346 -23.19 18.46 27.18
N LEU H 347 -23.95 19.41 26.66
CA LEU H 347 -24.29 20.61 27.41
C LEU H 347 -25.61 20.29 28.11
N THR H 348 -25.67 20.51 29.42
CA THR H 348 -26.90 20.19 30.14
C THR H 348 -27.17 21.21 31.26
N THR H 349 -28.47 21.57 31.49
CA THR H 349 -28.88 22.53 32.52
C THR H 349 -29.31 21.78 33.75
N THR H 350 -30.13 20.73 33.59
CA THR H 350 -30.67 19.94 34.69
C THR H 350 -29.98 18.57 34.85
N GLY H 351 -29.18 18.15 33.86
CA GLY H 351 -28.56 16.83 33.84
C GLY H 351 -29.29 15.81 32.98
N ARG H 352 -30.52 16.12 32.55
CA ARG H 352 -31.34 15.19 31.81
C ARG H 352 -30.72 14.68 30.51
N SER H 353 -30.11 15.57 29.71
CA SER H 353 -29.50 15.12 28.43
C SER H 353 -28.35 14.14 28.68
N ALA H 354 -27.61 14.31 29.76
CA ALA H 354 -26.53 13.40 30.11
C ALA H 354 -27.12 12.06 30.61
N GLN H 355 -28.24 12.09 31.33
CA GLN H 355 -28.91 10.88 31.84
C GLN H 355 -29.40 10.02 30.69
N LEU H 356 -29.97 10.64 29.64
CA LEU H 356 -30.48 9.91 28.50
C LEU H 356 -29.36 9.29 27.67
N LEU H 357 -28.15 9.88 27.69
CA LEU H 357 -27.00 9.28 27.01
C LEU H 357 -26.56 8.04 27.83
N SER H 358 -26.45 8.23 29.15
CA SER H 358 -26.04 7.23 30.13
C SER H 358 -26.91 5.94 30.10
N ARG H 359 -28.20 6.06 29.83
CA ARG H 359 -29.11 4.89 29.81
C ARG H 359 -28.76 3.86 28.73
N TYR H 360 -28.04 4.28 27.68
CA TYR H 360 -27.63 3.34 26.61
C TYR H 360 -26.26 2.71 26.85
N ARG H 361 -25.63 3.01 27.98
CA ARG H 361 -24.36 2.47 28.41
C ARG H 361 -23.26 2.57 27.36
N PRO H 362 -22.95 3.78 26.88
CA PRO H 362 -21.83 3.90 25.94
C PRO H 362 -20.50 3.54 26.61
N ARG H 363 -19.54 3.10 25.81
CA ARG H 363 -18.17 2.90 26.30
C ARG H 363 -17.49 4.31 26.44
N ALA H 364 -17.85 5.26 25.56
CA ALA H 364 -17.31 6.61 25.60
C ALA H 364 -17.77 7.33 26.87
N ALA H 365 -16.87 8.07 27.51
CA ALA H 365 -17.21 8.84 28.69
C ALA H 365 -18.22 9.95 28.32
N VAL H 366 -19.19 10.25 29.19
CA VAL H 366 -20.13 11.33 28.94
C VAL H 366 -19.68 12.52 29.75
N ILE H 367 -19.01 13.46 29.10
CA ILE H 367 -18.54 14.67 29.74
C ILE H 367 -19.65 15.71 29.72
N ALA H 368 -20.27 15.96 30.87
CA ALA H 368 -21.40 16.87 30.98
C ALA H 368 -20.97 18.24 31.44
N VAL H 369 -21.08 19.24 30.56
CA VAL H 369 -20.71 20.61 30.93
C VAL H 369 -21.96 21.37 31.35
N THR H 370 -21.98 21.90 32.57
CA THR H 370 -23.13 22.60 33.11
C THR H 370 -22.74 23.80 33.92
N ARG H 371 -23.63 24.78 34.02
CA ARG H 371 -23.43 25.92 34.92
C ARG H 371 -24.16 25.68 36.25
N SER H 372 -25.06 24.68 36.33
CA SER H 372 -25.77 24.41 37.54
C SER H 372 -24.87 23.54 38.45
N ALA H 373 -24.45 24.07 39.59
CA ALA H 373 -23.64 23.36 40.57
C ALA H 373 -24.41 22.15 41.11
N GLN H 374 -25.72 22.29 41.31
CA GLN H 374 -26.56 21.18 41.77
C GLN H 374 -26.64 20.07 40.73
N ALA H 375 -26.85 20.41 39.44
CA ALA H 375 -26.89 19.40 38.39
C ALA H 375 -25.55 18.69 38.27
N ALA H 376 -24.46 19.42 38.38
CA ALA H 376 -23.10 18.85 38.31
C ALA H 376 -22.91 17.80 39.43
N ARG H 377 -23.45 18.06 40.61
CA ARG H 377 -23.37 17.11 41.71
C ARG H 377 -24.32 15.91 41.49
N GLN H 378 -25.54 16.17 41.07
CA GLN H 378 -26.54 15.12 40.88
C GLN H 378 -26.27 14.14 39.75
N VAL H 379 -25.56 14.54 38.68
CA VAL H 379 -25.33 13.60 37.56
C VAL H 379 -24.37 12.47 37.93
N HIS H 380 -23.74 12.52 39.11
CA HIS H 380 -22.92 11.40 39.60
C HIS H 380 -23.84 10.16 39.81
N LEU H 381 -25.17 10.34 39.91
CA LEU H 381 -26.09 9.21 40.05
C LEU H 381 -26.11 8.36 38.77
N CYS H 382 -25.76 8.93 37.59
CA CYS H 382 -25.79 8.23 36.32
C CYS H 382 -24.46 7.72 35.90
N ARG H 383 -24.38 6.43 35.62
CA ARG H 383 -23.13 5.80 35.22
C ARG H 383 -22.51 6.41 33.94
N GLY H 384 -21.21 6.67 34.02
CA GLY H 384 -20.47 7.17 32.88
C GLY H 384 -20.57 8.66 32.64
N VAL H 385 -21.16 9.42 33.61
CA VAL H 385 -21.28 10.87 33.46
C VAL H 385 -20.24 11.55 34.31
N PHE H 386 -19.38 12.33 33.70
CA PHE H 386 -18.28 13.08 34.34
C PHE H 386 -18.65 14.54 34.27
N PRO H 387 -19.14 15.09 35.39
CA PRO H 387 -19.61 16.49 35.36
C PRO H 387 -18.52 17.54 35.43
N LEU H 388 -18.65 18.61 34.63
CA LEU H 388 -17.73 19.75 34.68
C LEU H 388 -18.56 20.98 34.96
N LEU H 389 -18.22 21.72 36.01
CA LEU H 389 -18.93 22.94 36.34
C LEU H 389 -18.28 24.12 35.60
N TYR H 390 -19.03 24.76 34.71
CA TYR H 390 -18.57 25.90 33.93
C TYR H 390 -18.94 27.17 34.70
N ARG H 391 -17.95 28.06 34.93
CA ARG H 391 -18.20 29.21 35.81
C ARG H 391 -18.28 30.56 35.14
N GLU H 392 -17.89 30.65 33.88
CA GLU H 392 -17.93 31.91 33.15
C GLU H 392 -19.33 32.43 32.90
N PRO H 393 -19.51 33.76 33.00
CA PRO H 393 -20.83 34.32 32.69
C PRO H 393 -21.09 34.21 31.17
N PRO H 394 -22.36 34.07 30.78
CA PRO H 394 -22.67 33.89 29.36
C PRO H 394 -22.12 34.93 28.41
N GLU H 395 -21.66 34.51 27.22
CA GLU H 395 -21.25 35.37 26.12
C GLU H 395 -22.51 36.06 25.58
N ALA H 396 -22.34 37.19 24.90
CA ALA H 396 -23.45 37.95 24.29
C ALA H 396 -24.08 37.14 23.12
N ILE H 397 -23.23 36.46 22.31
CA ILE H 397 -23.68 35.61 21.22
C ILE H 397 -23.82 34.18 21.74
N TRP H 398 -25.05 33.62 21.68
CA TRP H 398 -25.34 32.32 22.24
C TRP H 398 -24.52 31.20 21.64
N ALA H 399 -24.33 31.18 20.32
CA ALA H 399 -23.52 30.16 19.68
C ALA H 399 -22.06 30.18 20.16
N ASP H 400 -21.52 31.36 20.50
CA ASP H 400 -20.17 31.47 21.03
C ASP H 400 -20.10 30.94 22.45
N ASP H 401 -21.16 31.17 23.26
CA ASP H 401 -21.22 30.65 24.62
C ASP H 401 -21.25 29.11 24.59
N VAL H 402 -22.00 28.53 23.63
CA VAL H 402 -22.04 27.11 23.43
C VAL H 402 -20.65 26.59 23.03
N ASP H 403 -19.97 27.20 22.04
CA ASP H 403 -18.62 26.80 21.66
C ASP H 403 -17.63 26.90 22.82
N ARG H 404 -17.71 27.95 23.65
CA ARG H 404 -16.80 28.08 24.78
C ARG H 404 -16.95 26.96 25.78
N ARG H 405 -18.19 26.51 26.02
CA ARG H 405 -18.45 25.41 26.93
C ARG H 405 -17.97 24.07 26.39
N VAL H 406 -18.11 23.86 25.08
CA VAL H 406 -17.64 22.64 24.42
C VAL H 406 -16.09 22.61 24.50
N GLN H 407 -15.42 23.77 24.31
CA GLN H 407 -13.97 23.86 24.44
C GLN H 407 -13.52 23.63 25.86
N PHE H 408 -14.29 24.11 26.86
CA PHE H 408 -13.98 23.85 28.26
C PHE H 408 -14.03 22.31 28.55
N GLY H 409 -14.97 21.61 27.92
CA GLY H 409 -15.10 20.15 28.00
C GLY H 409 -13.93 19.44 27.33
N ILE H 410 -13.46 19.94 26.18
CA ILE H 410 -12.31 19.37 25.48
C ILE H 410 -11.00 19.59 26.27
N GLU H 411 -10.81 20.81 26.82
CA GLU H 411 -9.62 21.12 27.60
C GLU H 411 -9.56 20.36 28.91
N SER H 412 -10.69 20.19 29.61
CA SER H 412 -10.70 19.39 30.85
C SER H 412 -10.43 17.93 30.52
N GLY H 413 -10.98 17.44 29.42
CA GLY H 413 -10.79 16.09 28.98
C GLY H 413 -9.34 15.81 28.65
N LYS H 414 -8.66 16.76 28.00
CA LYS H 414 -7.24 16.63 27.67
C LYS H 414 -6.40 16.63 28.94
N LEU H 415 -6.66 17.57 29.85
CA LEU H 415 -5.96 17.64 31.13
C LEU H 415 -6.12 16.38 31.97
N ARG H 416 -7.35 15.83 32.01
CA ARG H 416 -7.61 14.64 32.85
C ARG H 416 -7.29 13.31 32.20
N GLY H 417 -6.84 13.29 30.95
CA GLY H 417 -6.48 12.06 30.27
C GLY H 417 -7.57 11.40 29.47
N PHE H 418 -8.77 11.98 29.43
CA PHE H 418 -9.87 11.41 28.64
C PHE H 418 -9.60 11.53 27.13
N LEU H 419 -8.94 12.60 26.71
CA LEU H 419 -8.79 12.91 25.30
C LEU H 419 -7.38 13.25 24.93
N ARG H 420 -7.05 13.05 23.66
CA ARG H 420 -5.77 13.37 23.06
C ARG H 420 -6.04 13.94 21.66
N VAL H 421 -5.10 14.70 21.10
CA VAL H 421 -5.19 15.20 19.73
C VAL H 421 -5.31 14.03 18.76
N GLY H 422 -6.28 14.10 17.86
CA GLY H 422 -6.55 13.01 16.92
C GLY H 422 -7.74 12.17 17.29
N ASP H 423 -8.20 12.26 18.53
CA ASP H 423 -9.38 11.50 18.99
C ASP H 423 -10.66 12.06 18.35
N LEU H 424 -11.71 11.24 18.29
CA LEU H 424 -13.01 11.69 17.83
C LEU H 424 -13.91 11.82 19.07
N VAL H 425 -14.74 12.85 19.13
CA VAL H 425 -15.73 13.02 20.19
C VAL H 425 -17.08 13.32 19.51
N ILE H 426 -18.14 13.05 20.24
CA ILE H 426 -19.51 13.33 19.81
C ILE H 426 -19.96 14.49 20.68
N VAL H 427 -20.45 15.58 20.07
CA VAL H 427 -20.88 16.75 20.83
C VAL H 427 -22.38 16.89 20.76
N VAL H 428 -23.05 16.95 21.92
CA VAL H 428 -24.51 16.98 22.00
C VAL H 428 -24.96 18.29 22.55
N THR H 429 -25.74 19.08 21.74
CA THR H 429 -26.22 20.40 22.11
C THR H 429 -27.73 20.56 21.70
N GLY H 430 -28.32 21.74 21.93
CA GLY H 430 -29.69 22.04 21.57
C GLY H 430 -29.79 23.21 20.61
N TRP H 431 -31.01 23.54 20.22
CA TRP H 431 -31.24 24.59 19.23
C TRP H 431 -31.55 25.95 19.86
N ARG H 432 -31.84 26.02 21.16
CA ARG H 432 -32.11 27.28 21.83
C ARG H 432 -31.65 27.18 23.29
N PRO H 433 -31.40 28.33 23.96
CA PRO H 433 -31.06 28.27 25.40
C PRO H 433 -32.20 27.71 26.22
N GLY H 434 -31.89 27.31 27.43
CA GLY H 434 -32.86 26.71 28.32
C GLY H 434 -32.93 25.22 28.11
N SER H 435 -33.32 24.56 29.15
CA SER H 435 -33.46 23.15 29.33
C SER H 435 -34.55 22.59 28.46
N GLY H 436 -34.38 21.34 28.03
CA GLY H 436 -35.36 20.58 27.28
C GLY H 436 -35.30 20.66 25.78
N TYR H 437 -34.25 21.30 25.23
CA TYR H 437 -34.18 21.48 23.77
C TYR H 437 -32.97 20.86 23.06
N THR H 438 -32.34 19.81 23.68
CA THR H 438 -31.24 19.08 23.05
C THR H 438 -31.77 18.42 21.82
N ASN H 439 -31.08 18.53 20.69
CA ASN H 439 -31.54 17.96 19.44
C ASN H 439 -30.40 17.83 18.39
N ILE H 440 -29.13 18.14 18.74
CA ILE H 440 -28.06 18.09 17.78
C ILE H 440 -26.91 17.19 18.28
N MET H 441 -26.34 16.37 17.38
CA MET H 441 -25.13 15.62 17.67
C MET H 441 -24.09 15.92 16.52
N ARG H 442 -22.84 16.25 16.89
CA ARG H 442 -21.76 16.56 15.93
CA ARG H 442 -21.81 16.48 15.88
C ARG H 442 -20.59 15.61 16.13
N VAL H 443 -19.96 15.18 15.04
CA VAL H 443 -18.76 14.35 15.11
C VAL H 443 -17.58 15.34 15.00
N LEU H 444 -16.72 15.39 16.00
CA LEU H 444 -15.63 16.37 16.08
C LEU H 444 -14.28 15.71 16.25
N SER H 445 -13.28 16.21 15.55
CA SER H 445 -11.92 15.71 15.68
C SER H 445 -11.16 16.60 16.66
N ILE H 446 -10.47 16.00 17.65
CA ILE H 446 -9.74 16.79 18.63
C ILE H 446 -8.44 17.34 18.04
N SER H 447 -8.24 18.65 18.17
CA SER H 447 -7.03 19.32 17.69
C SER H 447 -6.30 20.07 18.84
#